data_4F0X
#
_entry.id   4F0X
#
_cell.length_a   80.420
_cell.length_b   103.310
_cell.length_c   134.240
_cell.angle_alpha   95.32
_cell.angle_beta   90.22
_cell.angle_gamma   94.46
#
_symmetry.space_group_name_H-M   'P 1'
#
loop_
_entity.id
_entity.type
_entity.pdbx_description
1 polymer 'Malonyl-CoA decarboxylase, mitochondrial'
2 non-polymer N~3~-[(2R)-2-hydroxy-4-{[(S)-hydroxy(phosphonooxy)phosphoryl]oxy}-3,3-dimethylbutanoyl]-beta-alaninamide
#
_entity_poly.entity_id   1
_entity_poly.type   'polypeptide(L)'
_entity_poly.pdbx_seq_one_letter_code
;GSGAMDELLRRAVPPTPAYELREKTPAPAEGQCADFVSFYGGLAETAQRAELLGRLARGFGVDHGQVAEQSAGVLHLRQQ
QREAAVLLQAEDRLRYALVPRYRGLFHHISKLDGGVRFLVQLRADLLEAQALKLVEGPDVREMNGVLKGMLSEWFSSGFL
NLERVTWHSPCEVLQKISEAEAVHPVKNWMDMKRRVGPYRRCYFFSHCSTPGEPLVVLHVALTGDISSNIQAIVKEHPPS
ETEEKNKITAAIFYSISLTQQGLQGVELGTFLIKRVVKELQREFPHLGVFSSLSPIPGFTKWLLGLLNSQTKEHGRNELF
TDSECKEISEITGGPINETLKLLLSSSEWVQSEKLVRALQTPLMRLCAWYLYGEKHRGYALNPVANFHLQNGAVLWRINW
MADVSLRGITGSCGLMANYRYFLEETGPNSTSYLGSKIIKASEQVLSLVAQFQKNSKL
;
_entity_poly.pdbx_strand_id   A,B,C,D,E,F,G,H
#
# COMPACT_ATOMS: atom_id res chain seq x y z
N GLY A 3 2.84 54.61 -1.37
CA GLY A 3 1.56 55.31 -1.40
C GLY A 3 0.41 54.44 -0.88
N ALA A 4 0.36 53.15 -1.31
CA ALA A 4 -0.60 52.15 -0.82
C ALA A 4 -0.02 51.60 0.49
N MET A 5 1.19 52.10 0.78
CA MET A 5 2.05 51.90 1.95
C MET A 5 1.23 52.36 3.14
N ASP A 6 0.60 53.56 3.00
CA ASP A 6 -0.27 54.20 3.97
C ASP A 6 -1.44 53.30 4.33
N GLU A 7 -2.10 52.72 3.31
CA GLU A 7 -3.25 51.84 3.47
C GLU A 7 -2.93 50.67 4.40
N LEU A 8 -1.92 49.84 4.04
CA LEU A 8 -1.50 48.68 4.83
C LEU A 8 -1.35 49.05 6.32
N LEU A 9 -0.59 50.13 6.60
CA LEU A 9 -0.34 50.65 7.95
C LEU A 9 -1.60 50.86 8.79
N ARG A 10 -2.66 51.39 8.17
CA ARG A 10 -3.94 51.71 8.83
C ARG A 10 -4.82 50.48 9.11
N ARG A 11 -4.49 49.31 8.52
CA ARG A 11 -5.21 48.06 8.70
C ARG A 11 -4.30 46.94 9.25
N ALA A 12 -2.99 47.24 9.41
CA ALA A 12 -1.98 46.30 9.91
C ALA A 12 -1.44 46.61 11.30
N VAL A 13 -1.25 47.90 11.65
CA VAL A 13 -0.77 48.27 12.99
C VAL A 13 -2.01 48.11 13.88
N PRO A 14 -2.00 47.12 14.80
CA PRO A 14 -3.17 46.93 15.66
C PRO A 14 -3.57 48.20 16.42
N PRO A 15 -4.87 48.45 16.58
CA PRO A 15 -5.29 49.67 17.29
C PRO A 15 -5.14 49.60 18.80
N THR A 16 -4.84 50.75 19.43
CA THR A 16 -4.68 50.84 20.88
C THR A 16 -5.97 50.41 21.58
N PRO A 17 -5.90 49.35 22.41
CA PRO A 17 -7.11 48.92 23.11
C PRO A 17 -7.52 49.88 24.24
N ALA A 18 -8.81 49.84 24.62
CA ALA A 18 -9.51 50.66 25.62
C ALA A 18 -8.74 51.14 26.87
N TYR A 19 -8.08 50.23 27.60
CA TYR A 19 -7.32 50.41 28.88
C TYR A 19 -7.74 49.29 29.84
N GLU A 20 -9.05 48.99 29.86
CA GLU A 20 -9.64 47.94 30.68
C GLU A 20 -9.26 46.62 30.03
N LEU A 21 -9.26 46.61 28.67
CA LEU A 21 -8.87 45.48 27.84
C LEU A 21 -7.36 45.54 27.50
N ARG A 22 -6.57 46.33 28.28
CA ARG A 22 -5.14 46.51 28.03
C ARG A 22 -4.22 45.30 28.29
N GLU A 23 -4.60 44.40 29.21
CA GLU A 23 -3.75 43.25 29.54
C GLU A 23 -4.19 41.99 28.81
N LYS A 24 -5.09 42.15 27.84
CA LYS A 24 -5.66 41.05 27.07
C LYS A 24 -5.47 41.26 25.59
N THR A 25 -4.86 40.26 24.93
CA THR A 25 -4.65 40.36 23.49
C THR A 25 -5.96 40.26 22.75
N PRO A 26 -6.23 41.19 21.83
CA PRO A 26 -7.43 41.05 20.99
C PRO A 26 -7.16 39.94 19.96
N ALA A 27 -8.21 39.28 19.44
CA ALA A 27 -8.02 38.22 18.45
C ALA A 27 -7.36 38.70 17.12
N PRO A 28 -7.90 39.73 16.39
CA PRO A 28 -7.26 40.16 15.12
C PRO A 28 -5.81 40.60 15.13
N ALA A 29 -5.18 40.73 16.32
CA ALA A 29 -3.78 41.13 16.49
C ALA A 29 -2.83 40.20 15.76
N GLU A 30 -3.10 38.86 15.82
CA GLU A 30 -2.31 37.84 15.12
C GLU A 30 -2.31 38.07 13.61
N GLY A 31 -3.51 38.24 13.04
CA GLY A 31 -3.73 38.50 11.62
C GLY A 31 -3.11 39.80 11.14
N GLN A 32 -3.44 40.92 11.83
CA GLN A 32 -2.97 42.28 11.54
C GLN A 32 -1.44 42.39 11.44
N CYS A 33 -0.71 41.68 12.35
CA CYS A 33 0.76 41.63 12.39
C CYS A 33 1.34 40.89 11.20
N ALA A 34 0.86 39.65 10.95
CA ALA A 34 1.29 38.80 9.83
C ALA A 34 1.22 39.55 8.50
N ASP A 35 0.19 40.43 8.37
CA ASP A 35 -0.01 41.29 7.21
C ASP A 35 1.12 42.31 7.08
N PHE A 36 1.53 42.90 8.23
CA PHE A 36 2.64 43.85 8.32
C PHE A 36 3.97 43.17 7.96
N VAL A 37 4.21 41.95 8.50
CA VAL A 37 5.40 41.12 8.26
C VAL A 37 5.46 40.74 6.78
N SER A 38 4.29 40.33 6.22
CA SER A 38 4.11 39.94 4.83
C SER A 38 4.49 41.08 3.92
N PHE A 39 3.91 42.27 4.17
CA PHE A 39 4.16 43.47 3.38
C PHE A 39 5.60 43.95 3.44
N TYR A 40 6.11 44.23 4.65
CA TYR A 40 7.49 44.71 4.87
C TYR A 40 8.50 43.74 4.22
N GLY A 41 8.19 42.44 4.27
CA GLY A 41 8.95 41.37 3.65
C GLY A 41 8.96 41.51 2.14
N GLY A 42 7.80 41.83 1.58
CA GLY A 42 7.57 42.04 0.15
C GLY A 42 8.33 43.21 -0.45
N LEU A 43 8.64 44.24 0.37
CA LEU A 43 9.39 45.42 -0.06
C LEU A 43 10.87 45.09 -0.27
N ALA A 44 11.30 45.11 -1.55
CA ALA A 44 12.66 44.79 -1.98
C ALA A 44 13.71 45.89 -1.73
N GLU A 45 13.68 47.02 -2.48
CA GLU A 45 14.63 48.14 -2.30
C GLU A 45 14.44 48.76 -0.92
N THR A 46 15.54 48.97 -0.16
CA THR A 46 15.57 49.52 1.21
C THR A 46 14.83 50.85 1.40
N ALA A 47 15.00 51.80 0.45
CA ALA A 47 14.40 53.13 0.52
C ALA A 47 12.90 53.13 0.80
N GLN A 48 12.19 52.09 0.32
CA GLN A 48 10.76 51.86 0.56
C GLN A 48 10.57 51.51 2.02
N ARG A 49 11.36 50.52 2.54
CA ARG A 49 11.37 50.07 3.94
C ARG A 49 11.63 51.26 4.86
N ALA A 50 12.57 52.15 4.47
CA ALA A 50 12.93 53.38 5.20
C ALA A 50 11.74 54.35 5.27
N GLU A 51 11.00 54.52 4.15
CA GLU A 51 9.83 55.41 4.11
C GLU A 51 8.68 54.88 4.96
N LEU A 52 8.41 53.57 4.87
CA LEU A 52 7.39 52.88 5.64
C LEU A 52 7.66 53.02 7.14
N LEU A 53 8.95 52.91 7.54
CA LEU A 53 9.36 53.08 8.93
C LEU A 53 9.10 54.51 9.40
N GLY A 54 9.29 55.46 8.48
CA GLY A 54 9.03 56.88 8.70
C GLY A 54 7.55 57.13 8.93
N ARG A 55 6.72 56.51 8.08
CA ARG A 55 5.25 56.53 8.09
C ARG A 55 4.72 55.98 9.41
N LEU A 56 5.33 54.89 9.91
CA LEU A 56 4.98 54.22 11.16
C LEU A 56 5.28 55.09 12.39
N ALA A 57 6.53 55.60 12.51
CA ALA A 57 6.99 56.45 13.62
C ALA A 57 6.15 57.72 13.77
N ARG A 58 5.76 58.33 12.63
CA ARG A 58 4.95 59.55 12.59
C ARG A 58 3.51 59.30 13.00
N GLY A 59 2.81 58.44 12.26
CA GLY A 59 1.41 58.17 12.48
C GLY A 59 1.00 57.33 13.67
N PHE A 60 1.90 56.46 14.16
CA PHE A 60 1.57 55.47 15.19
C PHE A 60 2.36 55.55 16.51
N GLY A 61 2.68 56.77 16.92
CA GLY A 61 3.37 56.99 18.17
C GLY A 61 2.37 57.25 19.28
N VAL A 62 2.74 58.15 20.21
CA VAL A 62 1.90 58.56 21.34
C VAL A 62 0.71 59.35 20.80
N ASP A 63 -0.46 59.16 21.41
CA ASP A 63 -1.63 59.95 21.06
C ASP A 63 -1.44 61.23 21.88
N HIS A 64 -1.03 62.32 21.21
CA HIS A 64 -0.75 63.62 21.82
C HIS A 64 -1.95 64.31 22.48
N GLY A 65 -3.15 64.01 21.98
CA GLY A 65 -4.41 64.54 22.50
C GLY A 65 -4.74 63.94 23.86
N GLN A 66 -4.78 62.59 23.92
CA GLN A 66 -5.05 61.78 25.11
C GLN A 66 -4.07 62.05 26.26
N VAL A 67 -2.78 62.36 25.94
CA VAL A 67 -1.72 62.68 26.89
C VAL A 67 -2.01 63.97 27.64
N ALA A 68 -2.16 65.09 26.89
CA ALA A 68 -2.44 66.43 27.41
C ALA A 68 -3.69 66.43 28.26
N GLU A 69 -4.69 65.62 27.87
CA GLU A 69 -5.96 65.44 28.57
C GLU A 69 -5.75 64.78 29.94
N GLN A 70 -5.08 63.60 29.99
CA GLN A 70 -4.77 62.87 31.23
C GLN A 70 -3.83 63.64 32.18
N SER A 71 -2.97 64.52 31.62
CA SER A 71 -2.04 65.37 32.38
C SER A 71 -2.87 66.36 33.18
N ALA A 72 -3.88 67.00 32.52
CA ALA A 72 -4.84 67.91 33.12
C ALA A 72 -5.66 67.13 34.15
N GLY A 73 -5.93 65.86 33.85
CA GLY A 73 -6.63 64.91 34.72
C GLY A 73 -5.93 64.78 36.06
N VAL A 74 -4.61 64.48 36.05
CA VAL A 74 -3.74 64.33 37.23
C VAL A 74 -3.61 65.68 37.98
N LEU A 75 -3.58 66.81 37.23
CA LEU A 75 -3.49 68.15 37.82
C LEU A 75 -4.77 68.57 38.50
N HIS A 76 -5.93 68.42 37.81
CA HIS A 76 -7.26 68.75 38.31
C HIS A 76 -7.64 68.01 39.58
N LEU A 77 -6.97 66.87 39.87
CA LEU A 77 -7.20 66.07 41.07
C LEU A 77 -6.31 66.47 42.25
N ARG A 78 -5.09 66.94 41.96
CA ARG A 78 -4.15 67.40 42.98
C ARG A 78 -4.50 68.79 43.55
N GLN A 79 -5.49 69.47 42.95
CA GLN A 79 -6.01 70.77 43.38
C GLN A 79 -7.07 70.54 44.47
N GLN A 80 -7.53 69.29 44.59
CA GLN A 80 -8.59 68.87 45.49
C GLN A 80 -8.22 67.64 46.32
N GLN A 81 -6.92 67.45 46.61
CA GLN A 81 -6.32 66.37 47.41
C GLN A 81 -7.21 65.16 47.55
N ARG A 82 -7.29 64.35 46.49
CA ARG A 82 -8.14 63.17 46.53
C ARG A 82 -7.32 61.98 47.05
N GLU A 83 -8.01 60.91 47.44
CA GLU A 83 -7.44 59.66 47.96
C GLU A 83 -6.43 59.07 46.98
N ALA A 84 -5.37 58.43 47.52
CA ALA A 84 -4.29 57.77 46.75
C ALA A 84 -4.94 56.82 45.75
N ALA A 85 -6.01 56.11 46.19
CA ALA A 85 -6.84 55.18 45.41
C ALA A 85 -7.19 55.78 44.04
N VAL A 86 -7.62 57.06 44.02
CA VAL A 86 -8.01 57.84 42.84
C VAL A 86 -6.81 58.40 42.06
N LEU A 87 -5.84 59.03 42.75
CA LEU A 87 -4.66 59.64 42.13
C LEU A 87 -3.84 58.65 41.31
N LEU A 88 -3.62 57.44 41.86
CA LEU A 88 -2.87 56.36 41.20
C LEU A 88 -3.56 55.90 39.92
N GLN A 89 -4.90 55.80 39.94
CA GLN A 89 -5.74 55.42 38.80
C GLN A 89 -5.57 56.39 37.64
N ALA A 90 -5.65 57.71 37.93
CA ALA A 90 -5.46 58.80 36.96
C ALA A 90 -4.03 58.86 36.43
N GLU A 91 -3.04 58.55 37.30
CA GLU A 91 -1.62 58.51 36.95
C GLU A 91 -1.34 57.38 35.96
N ASP A 92 -1.93 56.20 36.23
CA ASP A 92 -1.78 54.98 35.42
C ASP A 92 -2.32 55.13 33.99
N ARG A 93 -3.51 55.74 33.82
CA ARG A 93 -4.13 55.99 32.52
C ARG A 93 -3.26 56.91 31.69
N LEU A 94 -2.55 57.84 32.37
CA LEU A 94 -1.60 58.78 31.76
C LEU A 94 -0.33 58.02 31.32
N ARG A 95 0.10 57.03 32.13
CA ARG A 95 1.26 56.19 31.84
C ARG A 95 0.97 55.29 30.64
N TYR A 96 -0.26 54.72 30.59
CA TYR A 96 -0.73 53.89 29.50
C TYR A 96 -0.89 54.77 28.26
N ALA A 97 -1.53 55.95 28.41
CA ALA A 97 -1.71 56.91 27.31
C ALA A 97 -0.38 57.38 26.69
N LEU A 98 0.74 57.24 27.45
CA LEU A 98 2.10 57.60 27.01
C LEU A 98 2.84 56.50 26.24
N VAL A 99 2.41 55.23 26.39
CA VAL A 99 2.99 54.10 25.65
C VAL A 99 2.58 54.25 24.17
N PRO A 100 3.53 54.41 23.23
CA PRO A 100 3.15 54.59 21.82
C PRO A 100 2.51 53.34 21.19
N ARG A 101 1.71 53.57 20.14
CA ARG A 101 0.99 52.52 19.40
C ARG A 101 1.91 51.48 18.75
N TYR A 102 3.08 51.87 18.21
CA TYR A 102 4.00 50.89 17.59
C TYR A 102 4.55 49.82 18.52
N ARG A 103 4.44 50.01 19.86
CA ARG A 103 4.88 49.00 20.83
C ARG A 103 4.03 47.73 20.71
N GLY A 104 2.71 47.92 20.51
CA GLY A 104 1.74 46.86 20.29
C GLY A 104 2.06 46.02 19.08
N LEU A 105 2.46 46.70 17.97
CA LEU A 105 2.85 46.09 16.70
C LEU A 105 4.04 45.15 16.96
N PHE A 106 5.14 45.70 17.53
CA PHE A 106 6.37 45.00 17.90
C PHE A 106 6.12 43.84 18.84
N HIS A 107 5.30 44.07 19.88
CA HIS A 107 4.96 43.05 20.87
C HIS A 107 4.18 41.91 20.20
N HIS A 108 3.15 42.26 19.43
CA HIS A 108 2.34 41.27 18.72
C HIS A 108 3.06 40.57 17.58
N ILE A 109 4.17 41.15 17.04
CA ILE A 109 4.99 40.53 16.01
C ILE A 109 5.91 39.51 16.69
N SER A 110 6.37 39.81 17.93
CA SER A 110 7.24 38.92 18.70
C SER A 110 6.69 37.51 18.89
N LYS A 111 5.36 37.40 19.11
CA LYS A 111 4.62 36.14 19.31
C LYS A 111 4.54 35.29 18.03
N LEU A 112 4.65 35.94 16.84
CA LEU A 112 4.60 35.28 15.54
C LEU A 112 5.63 34.18 15.33
N ASP A 113 5.42 33.37 14.28
CA ASP A 113 6.24 32.20 13.94
C ASP A 113 7.72 32.46 13.60
N GLY A 114 8.08 33.71 13.29
CA GLY A 114 9.45 34.10 12.96
C GLY A 114 9.75 35.54 13.35
N GLY A 115 8.86 36.09 14.18
CA GLY A 115 8.82 37.45 14.71
C GLY A 115 10.08 38.10 15.26
N VAL A 116 10.71 37.53 16.31
CA VAL A 116 11.92 38.09 16.94
C VAL A 116 13.06 38.25 15.94
N ARG A 117 13.22 37.26 15.04
CA ARG A 117 14.18 37.27 13.93
C ARG A 117 13.84 38.50 13.09
N PHE A 118 12.59 38.56 12.58
CA PHE A 118 12.03 39.67 11.78
C PHE A 118 12.31 41.04 12.41
N LEU A 119 12.03 41.20 13.72
CA LEU A 119 12.21 42.44 14.46
C LEU A 119 13.65 42.91 14.53
N VAL A 120 14.60 41.94 14.59
CA VAL A 120 16.05 42.20 14.60
C VAL A 120 16.40 42.82 13.25
N GLN A 121 16.01 42.14 12.15
CA GLN A 121 16.21 42.58 10.77
C GLN A 121 15.60 43.96 10.54
N LEU A 122 14.43 44.23 11.16
CA LEU A 122 13.74 45.51 11.08
C LEU A 122 14.58 46.62 11.71
N ARG A 123 15.19 46.36 12.89
CA ARG A 123 16.06 47.30 13.60
C ARG A 123 17.26 47.65 12.74
N ALA A 124 17.93 46.62 12.15
CA ALA A 124 19.07 46.77 11.26
C ALA A 124 18.77 47.82 10.18
N ASP A 125 17.57 47.72 9.56
CA ASP A 125 17.08 48.65 8.54
C ASP A 125 16.90 50.06 9.07
N LEU A 126 16.34 50.20 10.29
CA LEU A 126 16.11 51.48 10.97
C LEU A 126 17.44 52.20 11.30
N LEU A 127 18.48 51.43 11.61
CA LEU A 127 19.82 51.96 11.89
C LEU A 127 20.51 52.38 10.61
N GLU A 128 20.27 51.61 9.52
CA GLU A 128 20.79 51.87 8.17
C GLU A 128 20.10 53.12 7.62
N ALA A 129 18.75 53.16 7.70
CA ALA A 129 17.91 54.27 7.25
C ALA A 129 18.32 55.58 7.93
N GLN A 130 18.86 55.51 9.15
CA GLN A 130 19.35 56.69 9.85
C GLN A 130 20.76 57.04 9.36
N ALA A 131 21.70 56.06 9.36
CA ALA A 131 23.10 56.22 8.91
C ALA A 131 23.26 56.61 7.42
N LEU A 132 22.14 56.72 6.69
CA LEU A 132 22.07 57.08 5.28
C LEU A 132 21.12 58.28 5.11
N LYS A 133 20.91 59.05 6.21
CA LYS A 133 20.01 60.22 6.32
C LYS A 133 18.75 60.02 5.44
N LEU A 134 18.19 58.78 5.49
CA LEU A 134 17.00 58.39 4.74
C LEU A 134 15.75 58.67 5.53
N VAL A 135 15.89 58.74 6.88
CA VAL A 135 14.84 59.04 7.85
C VAL A 135 15.45 59.83 9.01
N GLU A 136 15.11 61.12 9.08
CA GLU A 136 15.54 62.01 10.14
C GLU A 136 14.32 62.26 11.02
N GLY A 137 14.52 62.86 12.18
CA GLY A 137 13.40 63.20 13.05
C GLY A 137 13.36 62.57 14.43
N PRO A 138 12.78 63.29 15.39
CA PRO A 138 12.63 62.76 16.77
C PRO A 138 11.67 61.56 16.89
N ASP A 139 10.76 61.38 15.91
CA ASP A 139 9.78 60.30 15.89
C ASP A 139 10.45 58.96 15.64
N VAL A 140 11.38 58.91 14.65
CA VAL A 140 12.18 57.71 14.32
C VAL A 140 13.15 57.43 15.48
N ARG A 141 13.61 58.51 16.14
CA ARG A 141 14.51 58.47 17.29
C ARG A 141 13.79 57.86 18.47
N GLU A 142 12.51 58.25 18.68
CA GLU A 142 11.61 57.71 19.71
C GLU A 142 11.39 56.23 19.43
N MET A 143 10.96 55.89 18.19
CA MET A 143 10.71 54.53 17.71
C MET A 143 11.92 53.61 17.79
N ASN A 144 13.13 54.16 17.59
CA ASN A 144 14.38 53.37 17.67
C ASN A 144 14.62 52.93 19.11
N GLY A 145 14.55 53.89 20.03
CA GLY A 145 14.73 53.69 21.47
C GLY A 145 13.76 52.70 22.09
N VAL A 146 12.52 52.63 21.54
CA VAL A 146 11.46 51.72 21.99
C VAL A 146 11.76 50.30 21.51
N LEU A 147 12.29 50.16 20.28
CA LEU A 147 12.62 48.85 19.70
C LEU A 147 13.83 48.23 20.37
N LYS A 148 14.86 49.05 20.67
CA LYS A 148 16.10 48.66 21.35
C LYS A 148 15.76 48.05 22.71
N GLY A 149 14.99 48.80 23.52
CA GLY A 149 14.50 48.42 24.84
C GLY A 149 13.79 47.07 24.85
N MET A 150 12.90 46.85 23.86
CA MET A 150 12.17 45.59 23.68
C MET A 150 13.15 44.48 23.38
N LEU A 151 14.07 44.71 22.42
CA LEU A 151 15.12 43.77 22.03
C LEU A 151 16.14 43.48 23.15
N SER A 152 16.29 44.41 24.12
CA SER A 152 17.21 44.25 25.26
C SER A 152 16.69 43.19 26.24
N GLU A 153 15.36 43.07 26.36
CA GLU A 153 14.74 42.09 27.25
C GLU A 153 14.70 40.69 26.66
N TRP A 154 14.72 40.57 25.33
CA TRP A 154 14.69 39.30 24.60
C TRP A 154 16.06 38.67 24.35
N PHE A 155 17.13 39.45 24.53
CA PHE A 155 18.50 39.01 24.29
C PHE A 155 19.27 39.35 25.55
N SER A 156 18.86 38.69 26.63
CA SER A 156 19.37 38.91 27.97
C SER A 156 19.81 37.62 28.64
N SER A 157 21.07 37.19 28.40
CA SER A 157 21.70 35.99 28.99
C SER A 157 20.77 34.78 29.15
N GLY A 158 19.83 34.88 30.09
CA GLY A 158 18.80 33.87 30.39
C GLY A 158 17.92 33.45 29.22
N PHE A 159 18.08 34.11 28.06
CA PHE A 159 17.36 33.84 26.81
C PHE A 159 18.28 33.26 25.74
N LEU A 160 19.54 32.97 26.11
CA LEU A 160 20.55 32.49 25.17
C LEU A 160 21.19 31.18 25.61
N ASN A 161 21.55 30.33 24.63
CA ASN A 161 22.20 29.05 24.90
C ASN A 161 23.66 29.20 24.65
N LEU A 162 24.46 28.39 25.34
CA LEU A 162 25.90 28.40 25.11
C LEU A 162 26.20 27.09 24.41
N GLU A 163 26.38 27.16 23.09
CA GLU A 163 26.67 25.99 22.29
C GLU A 163 28.14 25.92 21.97
N ARG A 164 28.68 24.70 21.97
CA ARG A 164 30.09 24.48 21.66
C ARG A 164 30.22 23.85 20.28
N VAL A 165 31.22 24.33 19.53
CA VAL A 165 31.56 23.81 18.22
C VAL A 165 32.81 22.97 18.42
N THR A 166 32.79 21.77 17.86
CA THR A 166 33.91 20.85 17.86
C THR A 166 33.93 20.23 16.46
N TRP A 167 34.77 19.22 16.25
CA TRP A 167 34.82 18.51 14.98
C TRP A 167 33.67 17.49 14.88
N HIS A 168 32.96 17.26 16.00
CA HIS A 168 31.80 16.38 16.04
C HIS A 168 30.54 17.14 15.61
N SER A 169 30.61 18.48 15.62
CA SER A 169 29.49 19.33 15.19
C SER A 169 29.20 19.14 13.69
N PRO A 170 27.93 19.36 13.24
CA PRO A 170 27.61 19.19 11.81
C PRO A 170 28.37 20.18 10.95
N CYS A 171 28.58 19.85 9.68
CA CYS A 171 29.28 20.71 8.72
C CYS A 171 28.50 22.01 8.52
N GLU A 172 27.15 21.92 8.43
CA GLU A 172 26.22 23.06 8.32
C GLU A 172 26.61 24.16 9.32
N VAL A 173 26.86 23.75 10.59
CA VAL A 173 27.30 24.58 11.72
C VAL A 173 28.67 25.21 11.48
N LEU A 174 29.65 24.42 10.99
CA LEU A 174 31.01 24.90 10.72
C LEU A 174 31.03 25.89 9.57
N GLN A 175 30.14 25.67 8.57
CA GLN A 175 29.99 26.58 7.44
C GLN A 175 29.42 27.92 7.90
N LYS A 176 28.46 27.90 8.86
CA LYS A 176 27.87 29.11 9.43
C LYS A 176 28.92 29.95 10.18
N ILE A 177 29.79 29.29 11.00
CA ILE A 177 30.87 29.93 11.75
C ILE A 177 31.95 30.53 10.84
N SER A 178 32.30 29.82 9.75
CA SER A 178 33.28 30.27 8.77
C SER A 178 32.79 31.57 8.13
N GLU A 179 31.52 31.56 7.67
CA GLU A 179 30.84 32.69 7.01
C GLU A 179 30.77 33.91 7.93
N ALA A 180 30.23 33.73 9.15
CA ALA A 180 30.08 34.80 10.16
C ALA A 180 31.40 35.21 10.86
N GLU A 181 32.56 34.69 10.37
CA GLU A 181 33.89 35.03 10.91
C GLU A 181 34.27 36.48 10.57
N ALA A 182 34.37 37.34 11.61
CA ALA A 182 34.60 38.79 11.49
C ALA A 182 35.93 39.43 11.90
N VAL A 183 36.76 38.76 12.75
CA VAL A 183 38.03 39.36 13.20
C VAL A 183 39.26 38.93 12.36
N HIS A 184 39.44 37.61 12.17
CA HIS A 184 40.52 37.03 11.39
C HIS A 184 39.99 35.91 10.45
N PRO A 185 39.57 36.22 9.19
CA PRO A 185 39.06 35.18 8.27
C PRO A 185 39.79 33.82 8.24
N VAL A 186 39.01 32.73 8.32
CA VAL A 186 39.50 31.35 8.31
C VAL A 186 40.10 31.00 6.93
N LYS A 187 41.40 30.61 6.94
CA LYS A 187 42.19 30.26 5.76
C LYS A 187 41.68 29.09 4.89
N ASN A 188 41.70 27.84 5.41
CA ASN A 188 41.24 26.65 4.69
C ASN A 188 40.52 25.71 5.65
N TRP A 189 40.04 24.54 5.19
CA TRP A 189 39.32 23.60 6.06
C TRP A 189 40.26 22.96 7.07
N MET A 190 41.48 22.56 6.63
CA MET A 190 42.53 21.98 7.49
C MET A 190 42.78 22.94 8.65
N ASP A 191 42.58 24.26 8.39
CA ASP A 191 42.66 25.34 9.39
C ASP A 191 41.45 25.29 10.32
N MET A 192 40.20 25.26 9.78
CA MET A 192 39.00 25.20 10.62
C MET A 192 39.07 24.07 11.65
N LYS A 193 39.58 22.86 11.25
CA LYS A 193 39.80 21.73 12.15
C LYS A 193 40.69 22.11 13.34
N ARG A 194 41.78 22.87 13.09
CA ARG A 194 42.72 23.34 14.11
C ARG A 194 42.05 24.27 15.13
N ARG A 195 41.22 25.22 14.65
CA ARG A 195 40.52 26.22 15.46
C ARG A 195 39.47 25.69 16.46
N VAL A 196 39.06 24.42 16.29
CA VAL A 196 38.08 23.71 17.13
C VAL A 196 38.72 22.40 17.67
N GLY A 197 40.05 22.34 17.63
CA GLY A 197 40.81 21.17 18.05
C GLY A 197 41.49 21.29 19.40
N PRO A 198 42.60 20.54 19.61
CA PRO A 198 43.32 20.63 20.89
C PRO A 198 43.88 22.04 21.11
N TYR A 199 43.75 22.55 22.36
CA TYR A 199 44.19 23.86 22.83
C TYR A 199 43.39 25.06 22.29
N ARG A 200 42.22 24.78 21.67
CA ARG A 200 41.35 25.81 21.11
C ARG A 200 39.91 25.47 21.40
N ARG A 201 39.14 26.46 21.84
CA ARG A 201 37.71 26.31 22.12
C ARG A 201 36.92 27.33 21.31
N CYS A 202 35.80 26.87 20.74
CA CYS A 202 34.93 27.70 19.91
C CYS A 202 33.50 27.58 20.38
N TYR A 203 32.92 28.72 20.78
CA TYR A 203 31.55 28.81 21.29
C TYR A 203 30.72 29.83 20.59
N PHE A 204 29.39 29.69 20.72
CA PHE A 204 28.43 30.64 20.23
C PHE A 204 27.20 30.66 21.10
N PHE A 205 26.50 31.80 21.05
CA PHE A 205 25.26 31.98 21.77
C PHE A 205 24.14 32.00 20.77
N SER A 206 23.10 31.23 21.05
CA SER A 206 21.94 31.12 20.19
C SER A 206 20.72 31.48 20.99
N HIS A 207 19.67 31.99 20.34
CA HIS A 207 18.44 32.27 21.08
C HIS A 207 17.79 30.92 21.35
N CYS A 208 17.31 30.70 22.58
CA CYS A 208 16.67 29.46 23.03
C CYS A 208 15.62 28.96 22.03
N SER A 209 14.79 29.90 21.50
CA SER A 209 13.72 29.64 20.53
C SER A 209 14.24 29.14 19.17
N THR A 210 15.37 29.69 18.70
CA THR A 210 16.03 29.27 17.47
C THR A 210 17.42 28.70 17.83
N PRO A 211 17.51 27.51 18.49
CA PRO A 211 18.84 26.98 18.82
C PRO A 211 19.54 26.50 17.55
N GLY A 212 20.85 26.68 17.52
CA GLY A 212 21.64 26.31 16.36
C GLY A 212 21.93 27.48 15.44
N GLU A 213 21.05 28.52 15.44
CA GLU A 213 21.24 29.74 14.68
C GLU A 213 22.08 30.66 15.54
N PRO A 214 23.40 30.82 15.23
CA PRO A 214 24.28 31.63 16.09
C PRO A 214 24.14 33.15 15.98
N LEU A 215 24.35 33.83 17.10
CA LEU A 215 24.23 35.28 17.18
C LEU A 215 25.57 35.92 17.45
N VAL A 216 26.49 35.18 18.10
CA VAL A 216 27.81 35.64 18.49
C VAL A 216 28.81 34.48 18.69
N VAL A 217 29.91 34.49 17.91
CA VAL A 217 30.96 33.46 17.90
C VAL A 217 32.21 33.90 18.69
N LEU A 218 32.59 33.12 19.70
CA LEU A 218 33.75 33.41 20.55
C LEU A 218 34.79 32.31 20.33
N HIS A 219 35.99 32.70 19.89
CA HIS A 219 37.11 31.78 19.71
C HIS A 219 38.05 31.97 20.87
N VAL A 220 38.50 30.86 21.47
CA VAL A 220 39.37 30.86 22.66
C VAL A 220 40.64 30.02 22.47
N ALA A 221 41.80 30.59 22.82
CA ALA A 221 43.09 29.91 22.78
C ALA A 221 43.55 29.59 24.21
N LEU A 222 43.65 28.29 24.53
CA LEU A 222 44.09 27.78 25.84
C LEU A 222 45.62 27.76 25.82
N THR A 223 46.23 28.45 26.78
CA THR A 223 47.67 28.73 26.78
C THR A 223 48.42 28.65 28.13
N GLY A 224 49.74 28.89 28.05
CA GLY A 224 50.68 28.95 29.16
C GLY A 224 50.96 30.36 29.68
N ASP A 225 50.53 31.42 28.94
CA ASP A 225 50.72 32.83 29.29
C ASP A 225 49.72 33.75 28.57
N ILE A 226 49.74 35.05 28.88
CA ILE A 226 48.89 36.02 28.17
C ILE A 226 49.52 36.28 26.79
N SER A 227 48.87 35.79 25.72
CA SER A 227 49.32 35.94 24.33
C SER A 227 49.53 37.40 23.90
N SER A 228 50.48 37.59 22.97
CA SER A 228 50.86 38.92 22.48
C SER A 228 50.98 38.96 20.96
N ASN A 229 50.82 37.81 20.29
CA ASN A 229 50.93 37.72 18.85
C ASN A 229 49.81 36.83 18.29
N ILE A 230 49.04 37.37 17.34
CA ILE A 230 47.93 36.65 16.70
C ILE A 230 48.40 35.49 15.82
N GLN A 231 49.51 35.70 15.06
CA GLN A 231 50.08 34.68 14.16
C GLN A 231 50.49 33.46 14.97
N ALA A 232 51.10 33.70 16.15
CA ALA A 232 51.52 32.67 17.11
C ALA A 232 50.36 31.77 17.57
N ILE A 233 49.09 32.17 17.28
CA ILE A 233 47.90 31.37 17.63
C ILE A 233 47.41 30.56 16.42
N VAL A 234 47.04 31.24 15.33
CA VAL A 234 46.46 30.65 14.12
C VAL A 234 47.43 29.79 13.32
N LYS A 235 48.72 30.17 13.30
CA LYS A 235 49.72 29.45 12.51
C LYS A 235 50.44 28.32 13.31
N GLU A 236 49.83 27.88 14.42
CA GLU A 236 50.35 26.80 15.27
C GLU A 236 49.63 25.48 15.02
N HIS A 237 50.40 24.43 14.76
CA HIS A 237 49.88 23.08 14.63
C HIS A 237 50.48 22.37 15.84
N PRO A 238 49.67 21.98 16.84
CA PRO A 238 50.23 21.28 18.02
C PRO A 238 50.58 19.83 17.69
N PRO A 239 51.10 19.00 18.63
CA PRO A 239 51.42 17.61 18.25
C PRO A 239 50.17 16.72 18.24
N SER A 240 48.94 17.32 18.21
CA SER A 240 47.61 16.66 18.22
C SER A 240 47.31 15.88 19.51
N GLU A 241 48.35 15.60 20.32
CA GLU A 241 48.27 14.88 21.58
C GLU A 241 47.25 15.57 22.48
N THR A 242 46.20 14.81 22.90
CA THR A 242 45.09 15.32 23.73
C THR A 242 45.61 16.24 24.80
N GLU A 243 45.05 17.46 24.81
CA GLU A 243 45.36 18.57 25.70
C GLU A 243 45.99 18.14 27.01
N GLU A 244 47.26 18.52 27.22
CA GLU A 244 47.94 18.28 28.49
C GLU A 244 47.22 19.29 29.35
N LYS A 245 46.40 18.84 30.31
CA LYS A 245 45.60 19.71 31.18
C LYS A 245 46.49 20.61 32.05
N ASN A 246 47.63 20.06 32.49
CA ASN A 246 48.61 20.70 33.35
C ASN A 246 49.23 21.97 32.79
N LYS A 247 49.57 21.98 31.47
CA LYS A 247 50.19 23.12 30.78
C LYS A 247 49.23 24.28 30.36
N ILE A 248 48.03 24.34 30.94
CA ILE A 248 47.06 25.40 30.64
C ILE A 248 46.93 26.37 31.82
N THR A 249 47.62 27.51 31.72
CA THR A 249 47.62 28.56 32.73
C THR A 249 46.46 29.55 32.54
N ALA A 250 46.25 30.01 31.29
CA ALA A 250 45.30 31.06 30.95
C ALA A 250 44.41 30.77 29.74
N ALA A 251 43.37 31.60 29.56
CA ALA A 251 42.45 31.55 28.43
C ALA A 251 42.47 32.91 27.71
N ILE A 252 42.66 32.89 26.39
CA ILE A 252 42.72 34.08 25.55
C ILE A 252 41.59 34.10 24.51
N PHE A 253 40.90 35.25 24.40
CA PHE A 253 39.82 35.49 23.44
C PHE A 253 40.39 36.23 22.21
N TYR A 254 40.63 35.49 21.12
CA TYR A 254 41.24 36.08 19.91
C TYR A 254 40.31 36.55 18.78
N SER A 255 39.02 36.19 18.85
CA SER A 255 37.98 36.59 17.88
C SER A 255 36.64 36.59 18.57
N ILE A 256 35.85 37.63 18.31
CA ILE A 256 34.48 37.81 18.78
C ILE A 256 33.72 38.40 17.59
N SER A 257 32.67 37.70 17.17
CA SER A 257 31.85 38.08 16.03
C SER A 257 30.39 38.21 16.35
N LEU A 258 29.81 39.38 16.08
CA LEU A 258 28.36 39.57 16.20
C LEU A 258 27.81 39.17 14.82
N THR A 259 26.92 38.16 14.79
CA THR A 259 26.33 37.59 13.56
C THR A 259 25.20 38.42 12.96
N GLN A 260 24.44 39.11 13.83
CA GLN A 260 23.30 39.87 13.35
C GLN A 260 23.44 41.33 13.68
N GLN A 261 23.47 42.17 12.63
CA GLN A 261 23.60 43.62 12.77
C GLN A 261 22.40 44.32 13.41
N GLY A 262 21.27 43.61 13.51
CA GLY A 262 20.06 44.11 14.15
C GLY A 262 20.22 44.27 15.65
N LEU A 263 21.07 43.42 16.27
CA LEU A 263 21.37 43.41 17.70
C LEU A 263 22.57 44.24 18.18
N GLN A 264 23.02 45.22 17.37
CA GLN A 264 24.14 46.11 17.71
C GLN A 264 23.93 46.88 19.02
N GLY A 265 24.71 46.52 20.03
CA GLY A 265 24.70 47.14 21.36
C GLY A 265 23.37 47.19 22.10
N VAL A 266 22.61 46.08 22.09
CA VAL A 266 21.34 45.95 22.84
C VAL A 266 21.71 45.29 24.17
N GLU A 267 22.58 44.27 24.06
CA GLU A 267 23.15 43.46 25.12
C GLU A 267 24.22 44.28 25.87
N LEU A 268 24.95 43.66 26.80
CA LEU A 268 26.01 44.33 27.53
C LEU A 268 27.35 43.77 27.08
N GLY A 269 27.53 42.47 27.28
CA GLY A 269 28.75 41.76 26.91
C GLY A 269 29.29 40.88 28.00
N THR A 270 29.24 41.37 29.26
CA THR A 270 29.72 40.72 30.50
C THR A 270 29.44 39.22 30.56
N PHE A 271 28.16 38.82 30.36
CA PHE A 271 27.73 37.43 30.39
C PHE A 271 28.35 36.62 29.27
N LEU A 272 28.56 37.20 28.06
CA LEU A 272 29.20 36.49 26.95
C LEU A 272 30.54 35.93 27.45
N ILE A 273 31.39 36.79 28.06
CA ILE A 273 32.69 36.40 28.63
C ILE A 273 32.54 35.48 29.83
N LYS A 274 32.01 35.99 30.96
CA LYS A 274 31.85 35.29 32.24
C LYS A 274 31.11 33.96 32.20
N ARG A 275 30.26 33.76 31.19
CA ARG A 275 29.53 32.50 31.02
C ARG A 275 30.42 31.45 30.39
N VAL A 276 31.29 31.86 29.44
CA VAL A 276 32.26 31.01 28.75
C VAL A 276 33.34 30.65 29.77
N VAL A 277 33.62 31.60 30.69
CA VAL A 277 34.61 31.46 31.75
C VAL A 277 34.24 30.31 32.69
N LYS A 278 33.01 30.35 33.29
CA LYS A 278 32.46 29.30 34.18
C LYS A 278 32.44 27.96 33.45
N GLU A 279 32.06 28.02 32.14
CA GLU A 279 32.02 26.90 31.21
C GLU A 279 33.39 26.24 31.09
N LEU A 280 34.45 27.07 30.86
CA LEU A 280 35.84 26.59 30.77
C LEU A 280 36.28 26.01 32.10
N GLN A 281 36.21 26.84 33.18
CA GLN A 281 36.56 26.52 34.58
C GLN A 281 36.11 25.14 35.07
N ARG A 282 34.96 24.65 34.57
CA ARG A 282 34.42 23.34 34.90
C ARG A 282 35.37 22.22 34.45
N GLU A 283 35.98 22.38 33.27
CA GLU A 283 36.94 21.46 32.66
C GLU A 283 38.34 21.71 33.21
N PHE A 284 38.70 22.99 33.46
CA PHE A 284 40.02 23.38 33.99
C PHE A 284 39.83 24.18 35.29
N PRO A 285 39.59 23.49 36.43
CA PRO A 285 39.35 24.21 37.71
C PRO A 285 40.42 25.22 38.09
N HIS A 286 41.70 24.83 37.98
CA HIS A 286 42.88 25.62 38.34
C HIS A 286 43.30 26.67 37.29
N LEU A 287 42.42 26.96 36.33
CA LEU A 287 42.59 27.96 35.29
C LEU A 287 42.12 29.29 35.89
N GLY A 288 42.98 30.30 35.89
CA GLY A 288 42.64 31.58 36.53
C GLY A 288 42.95 32.88 35.81
N VAL A 289 43.70 32.84 34.69
CA VAL A 289 44.06 34.06 33.95
C VAL A 289 43.17 34.20 32.70
N PHE A 290 42.57 35.38 32.48
CA PHE A 290 41.67 35.61 31.34
C PHE A 290 41.92 36.94 30.69
N SER A 291 41.99 36.93 29.35
CA SER A 291 42.19 38.12 28.53
C SER A 291 41.82 37.88 27.09
N SER A 292 41.64 38.97 26.36
CA SER A 292 41.37 38.94 24.94
C SER A 292 42.64 39.37 24.23
N LEU A 293 42.74 39.07 22.94
CA LEU A 293 43.79 39.54 22.05
C LEU A 293 43.02 40.13 20.91
N SER A 294 42.66 41.41 21.11
CA SER A 294 41.81 42.19 20.24
C SER A 294 42.55 43.01 19.18
N PRO A 295 41.89 43.30 18.03
CA PRO A 295 42.55 44.17 17.03
C PRO A 295 42.28 45.63 17.39
N ILE A 296 42.89 46.57 16.66
CA ILE A 296 42.66 48.00 16.86
C ILE A 296 42.14 48.63 15.53
N PRO A 297 40.93 48.24 15.02
CA PRO A 297 40.45 48.86 13.77
C PRO A 297 40.20 50.36 13.95
N GLY A 298 40.53 51.14 12.93
CA GLY A 298 40.38 52.59 12.94
C GLY A 298 41.62 53.32 13.39
N PHE A 299 42.71 52.57 13.73
CA PHE A 299 43.97 53.17 14.17
C PHE A 299 44.76 53.85 13.05
N THR A 300 45.26 53.09 12.05
CA THR A 300 46.05 53.62 10.93
C THR A 300 45.39 54.82 10.26
N LYS A 301 44.05 54.78 10.08
CA LYS A 301 43.28 55.88 9.49
C LYS A 301 43.37 57.12 10.36
N TRP A 302 43.19 56.96 11.69
CA TRP A 302 43.29 58.04 12.68
C TRP A 302 44.67 58.69 12.65
N LEU A 303 45.73 57.89 12.42
CA LEU A 303 47.10 58.39 12.32
C LEU A 303 47.25 59.26 11.09
N LEU A 304 46.91 58.72 9.91
CA LEU A 304 46.97 59.41 8.61
C LEU A 304 46.12 60.66 8.58
N GLY A 305 44.97 60.62 9.25
CA GLY A 305 44.05 61.74 9.41
C GLY A 305 44.72 62.91 10.09
N LEU A 306 45.50 62.61 11.14
CA LEU A 306 46.26 63.61 11.89
C LEU A 306 47.50 63.99 11.13
N LEU A 307 48.16 63.01 10.48
CA LEU A 307 49.36 63.28 9.68
C LEU A 307 49.15 64.32 8.58
N ASN A 308 47.91 64.81 8.44
CA ASN A 308 47.49 65.87 7.54
C ASN A 308 47.37 67.13 8.39
N SER A 309 46.21 67.33 9.09
CA SER A 309 45.92 68.49 9.96
C SER A 309 46.96 68.78 11.05
N GLN A 310 47.72 67.77 11.49
CA GLN A 310 48.76 67.91 12.52
C GLN A 310 50.19 67.91 11.98
N THR A 311 50.45 68.66 10.90
CA THR A 311 51.80 68.87 10.37
C THR A 311 52.30 70.03 11.26
N LYS A 312 53.48 70.61 10.99
CA LYS A 312 53.96 71.78 11.71
C LYS A 312 55.09 72.47 10.93
N GLU A 313 55.78 73.41 11.59
CA GLU A 313 56.89 74.20 11.06
C GLU A 313 58.08 73.33 10.63
N HIS A 314 59.15 73.97 10.09
CA HIS A 314 60.42 73.40 9.62
C HIS A 314 60.60 71.88 9.75
N GLY A 315 59.74 71.13 9.03
CA GLY A 315 59.73 69.68 9.02
C GLY A 315 59.03 68.97 10.17
N ARG A 316 59.34 69.36 11.44
CA ARG A 316 58.77 68.75 12.66
C ARG A 316 57.24 68.89 12.78
N ASN A 317 56.62 68.19 13.77
CA ASN A 317 55.18 68.19 14.07
C ASN A 317 54.86 67.54 15.44
N GLU A 318 53.68 67.84 15.98
CA GLU A 318 53.13 67.39 17.27
C GLU A 318 53.24 65.91 17.65
N LEU A 319 53.29 64.99 16.66
CA LEU A 319 53.32 63.54 16.92
C LEU A 319 54.69 62.89 17.18
N PHE A 320 55.78 63.56 16.79
CA PHE A 320 57.13 63.01 16.91
C PHE A 320 58.08 63.97 17.60
N THR A 321 59.19 63.43 18.09
CA THR A 321 60.28 64.15 18.72
C THR A 321 61.12 64.70 17.56
N ASP A 322 62.10 65.57 17.86
CA ASP A 322 63.05 66.07 16.87
C ASP A 322 64.02 64.93 16.56
N SER A 323 64.53 64.23 17.62
CA SER A 323 65.43 63.08 17.50
C SER A 323 64.81 61.95 16.68
N GLU A 324 63.48 61.77 16.77
CA GLU A 324 62.74 60.76 15.98
C GLU A 324 62.51 61.29 14.57
N CYS A 325 62.20 62.60 14.44
CA CYS A 325 61.97 63.29 13.16
C CYS A 325 63.24 63.21 12.31
N LYS A 326 64.40 63.52 12.92
CA LYS A 326 65.73 63.47 12.30
C LYS A 326 66.06 62.06 11.81
N GLU A 327 65.69 61.05 12.61
CA GLU A 327 65.91 59.63 12.35
C GLU A 327 65.08 59.06 11.19
N ILE A 328 63.72 59.09 11.29
CA ILE A 328 62.80 58.57 10.25
C ILE A 328 63.24 59.05 8.86
N SER A 329 63.43 60.38 8.73
CA SER A 329 63.86 61.06 7.51
C SER A 329 65.23 60.58 7.03
N GLU A 330 66.19 60.33 7.97
CA GLU A 330 67.52 59.80 7.65
C GLU A 330 67.38 58.38 7.07
N ILE A 331 66.38 57.60 7.53
CA ILE A 331 66.09 56.25 7.04
C ILE A 331 65.44 56.31 5.66
N THR A 332 64.37 57.11 5.53
CA THR A 332 63.60 57.25 4.29
C THR A 332 64.32 58.03 3.18
N GLY A 333 64.71 59.26 3.47
CA GLY A 333 65.39 60.17 2.53
C GLY A 333 64.66 61.49 2.31
N GLY A 334 63.37 61.50 2.64
CA GLY A 334 62.50 62.67 2.48
C GLY A 334 62.01 63.38 3.72
N PRO A 335 61.39 64.58 3.56
CA PRO A 335 60.88 65.36 4.72
C PRO A 335 60.51 64.65 6.01
N ILE A 336 59.30 64.05 6.13
CA ILE A 336 58.72 63.34 7.31
C ILE A 336 57.19 63.35 7.24
N ASN A 337 56.59 64.55 7.20
CA ASN A 337 55.14 64.70 7.16
C ASN A 337 54.50 64.46 5.80
N GLU A 338 55.35 64.22 4.79
CA GLU A 338 54.99 63.81 3.44
C GLU A 338 55.46 62.37 3.35
N THR A 339 56.61 62.06 4.01
CA THR A 339 57.19 60.73 4.06
C THR A 339 56.26 59.72 4.72
N LEU A 340 56.06 59.81 6.07
CA LEU A 340 55.19 58.92 6.85
C LEU A 340 53.86 58.69 6.18
N LYS A 341 53.17 59.79 5.80
CA LYS A 341 51.89 59.82 5.10
C LYS A 341 51.82 58.74 4.00
N LEU A 342 52.84 58.69 3.11
CA LEU A 342 52.97 57.76 2.01
C LEU A 342 53.14 56.29 2.42
N LEU A 343 54.31 55.95 3.01
CA LEU A 343 54.63 54.58 3.45
C LEU A 343 53.71 53.97 4.51
N LEU A 344 53.05 54.80 5.34
CA LEU A 344 52.09 54.29 6.33
C LEU A 344 50.79 53.88 5.65
N SER A 345 50.34 54.68 4.65
CA SER A 345 49.16 54.39 3.83
C SER A 345 49.66 53.62 2.60
N SER A 346 50.26 52.44 2.84
CA SER A 346 50.82 51.59 1.79
C SER A 346 50.98 50.15 2.25
N SER A 347 51.27 49.95 3.57
CA SER A 347 51.55 48.67 4.24
C SER A 347 52.88 48.05 3.75
N GLU A 348 53.78 48.91 3.23
CA GLU A 348 55.08 48.51 2.71
C GLU A 348 56.24 48.82 3.64
N TRP A 349 56.05 49.78 4.58
CA TRP A 349 57.06 50.23 5.57
C TRP A 349 57.66 49.11 6.40
N VAL A 350 56.87 48.04 6.64
CA VAL A 350 57.21 46.85 7.44
C VAL A 350 58.45 46.10 6.96
N GLN A 351 58.73 46.20 5.65
CA GLN A 351 59.85 45.55 4.98
C GLN A 351 61.22 46.04 5.43
N SER A 352 61.32 47.32 5.86
CA SER A 352 62.58 47.86 6.35
C SER A 352 62.66 47.70 7.86
N GLU A 353 63.48 46.73 8.33
CA GLU A 353 63.71 46.43 9.75
C GLU A 353 64.24 47.67 10.50
N LYS A 354 65.06 48.49 9.80
CA LYS A 354 65.65 49.78 10.25
C LYS A 354 64.51 50.70 10.71
N LEU A 355 63.48 50.82 9.85
CA LEU A 355 62.28 51.61 10.00
C LEU A 355 61.30 51.04 11.05
N VAL A 356 61.10 49.69 11.07
CA VAL A 356 60.24 48.97 12.03
C VAL A 356 60.64 49.33 13.48
N ARG A 357 61.96 49.29 13.74
CA ARG A 357 62.58 49.58 15.03
C ARG A 357 62.43 51.03 15.49
N ALA A 358 62.72 52.00 14.59
CA ALA A 358 62.64 53.43 14.89
C ALA A 358 61.19 53.87 15.12
N LEU A 359 60.24 53.36 14.30
CA LEU A 359 58.81 53.67 14.39
C LEU A 359 58.15 53.12 15.66
N GLN A 360 58.77 52.12 16.32
CA GLN A 360 58.24 51.45 17.53
C GLN A 360 57.81 52.36 18.68
N THR A 361 58.78 52.94 19.44
CA THR A 361 58.55 53.85 20.60
C THR A 361 57.40 54.83 20.32
N PRO A 362 57.43 55.64 19.23
CA PRO A 362 56.36 56.62 19.02
C PRO A 362 54.98 56.09 18.67
N LEU A 363 54.90 55.01 17.85
CA LEU A 363 53.63 54.41 17.45
C LEU A 363 52.92 53.81 18.63
N MET A 364 53.66 53.12 19.51
CA MET A 364 53.14 52.53 20.75
C MET A 364 52.56 53.64 21.61
N ARG A 365 53.31 54.75 21.74
CA ARG A 365 52.93 55.97 22.45
C ARG A 365 51.63 56.58 21.87
N LEU A 366 51.57 56.72 20.51
CA LEU A 366 50.42 57.26 19.77
C LEU A 366 49.16 56.43 19.95
N CYS A 367 49.31 55.09 19.87
CA CYS A 367 48.26 54.08 20.05
C CYS A 367 47.69 54.15 21.46
N ALA A 368 48.57 54.19 22.50
CA ALA A 368 48.21 54.29 23.91
C ALA A 368 47.28 55.48 24.17
N TRP A 369 47.47 56.59 23.43
CA TRP A 369 46.61 57.76 23.51
C TRP A 369 45.29 57.42 22.84
N TYR A 370 45.33 57.01 21.55
CA TYR A 370 44.18 56.63 20.74
C TYR A 370 43.11 55.79 21.48
N LEU A 371 43.54 54.87 22.37
CA LEU A 371 42.62 54.02 23.14
C LEU A 371 42.10 54.71 24.40
N TYR A 372 43.04 55.20 25.23
CA TYR A 372 42.84 55.81 26.55
C TYR A 372 42.49 57.31 26.59
N GLY A 373 43.09 58.11 25.70
CA GLY A 373 42.89 59.56 25.66
C GLY A 373 41.83 60.06 24.69
N GLU A 374 41.75 59.43 23.50
CA GLU A 374 40.78 59.78 22.46
C GLU A 374 39.40 59.25 22.79
N LYS A 375 38.42 60.16 22.87
CA LYS A 375 37.05 59.83 23.25
C LYS A 375 36.03 60.20 22.17
N HIS A 376 34.82 59.63 22.28
CA HIS A 376 33.66 59.93 21.45
C HIS A 376 32.51 60.01 22.43
N ARG A 377 32.10 61.26 22.78
CA ARG A 377 31.07 61.57 23.76
C ARG A 377 31.54 61.03 25.14
N GLY A 378 32.86 61.15 25.36
CA GLY A 378 33.59 60.71 26.54
C GLY A 378 33.57 59.22 26.80
N TYR A 379 33.40 58.39 25.75
CA TYR A 379 33.29 56.93 25.92
C TYR A 379 34.27 56.05 25.18
N ALA A 380 35.49 56.52 24.86
CA ALA A 380 36.52 55.80 24.08
C ALA A 380 36.09 55.76 22.62
N LEU A 381 36.93 56.30 21.74
CA LEU A 381 36.66 56.38 20.30
C LEU A 381 36.59 54.99 19.66
N ASN A 382 37.54 54.10 20.03
CA ASN A 382 37.63 52.75 19.49
C ASN A 382 36.50 51.78 19.93
N PRO A 383 35.70 51.28 18.96
CA PRO A 383 34.59 50.36 19.29
C PRO A 383 34.98 49.12 20.09
N VAL A 384 36.06 48.40 19.68
CA VAL A 384 36.54 47.18 20.35
C VAL A 384 36.86 47.51 21.80
N ALA A 385 37.59 48.65 22.03
CA ALA A 385 37.95 49.16 23.35
C ALA A 385 36.70 49.34 24.17
N ASN A 386 35.69 50.09 23.64
CA ASN A 386 34.40 50.33 24.31
C ASN A 386 33.80 49.02 24.79
N PHE A 387 33.63 48.02 23.89
CA PHE A 387 33.06 46.71 24.16
C PHE A 387 33.68 46.03 25.39
N HIS A 388 35.01 45.88 25.42
CA HIS A 388 35.72 45.24 26.52
C HIS A 388 35.70 46.09 27.79
N LEU A 389 35.82 47.43 27.62
CA LEU A 389 35.76 48.40 28.72
C LEU A 389 34.42 48.35 29.43
N GLN A 390 33.33 48.25 28.64
CA GLN A 390 31.94 48.13 29.08
C GLN A 390 31.78 46.96 30.03
N ASN A 391 32.39 45.82 29.66
CA ASN A 391 32.31 44.56 30.38
C ASN A 391 33.12 44.52 31.68
N GLY A 392 34.02 45.50 31.85
CA GLY A 392 34.85 45.63 33.04
C GLY A 392 36.28 45.17 32.86
N ALA A 393 36.70 44.96 31.60
CA ALA A 393 38.07 44.53 31.29
C ALA A 393 39.07 45.68 31.48
N VAL A 394 40.30 45.34 31.86
CA VAL A 394 41.38 46.30 32.06
C VAL A 394 42.10 46.42 30.72
N LEU A 395 42.43 47.67 30.33
CA LEU A 395 43.23 47.93 29.13
C LEU A 395 44.64 47.54 29.59
N TRP A 396 44.90 46.24 29.53
CA TRP A 396 46.10 45.62 30.05
C TRP A 396 47.44 45.85 29.36
N ARG A 397 47.55 45.62 28.05
CA ARG A 397 48.86 45.76 27.40
C ARG A 397 48.73 46.03 25.91
N ILE A 398 49.60 46.91 25.41
CA ILE A 398 49.69 47.24 23.99
C ILE A 398 50.85 46.39 23.43
N ASN A 399 50.62 45.73 22.29
CA ASN A 399 51.58 44.83 21.67
C ASN A 399 52.12 45.29 20.31
N TRP A 400 53.46 45.36 20.19
CA TRP A 400 54.16 45.71 18.96
C TRP A 400 54.20 44.51 18.02
N MET A 401 54.21 44.74 16.68
CA MET A 401 54.19 43.72 15.62
C MET A 401 53.42 42.48 16.06
N ALA A 402 52.21 42.72 16.59
CA ALA A 402 51.35 41.68 17.11
C ALA A 402 50.63 40.97 15.97
N ASP A 403 50.22 41.73 14.95
CA ASP A 403 49.56 41.22 13.76
C ASP A 403 50.27 41.67 12.48
N VAL A 404 51.13 40.80 11.94
CA VAL A 404 51.91 41.06 10.73
C VAL A 404 51.23 40.62 9.43
N SER A 405 49.90 40.41 9.46
CA SER A 405 49.16 40.06 8.25
C SER A 405 48.94 41.36 7.50
N LEU A 406 48.58 41.29 6.21
CA LEU A 406 48.33 42.50 5.41
C LEU A 406 47.17 43.31 6.01
N ARG A 407 46.14 42.61 6.53
CA ARG A 407 44.94 43.20 7.16
C ARG A 407 45.27 43.97 8.44
N GLY A 408 46.15 43.39 9.27
CA GLY A 408 46.61 43.95 10.53
C GLY A 408 47.42 45.22 10.36
N ILE A 409 48.48 45.18 9.52
CA ILE A 409 49.38 46.30 9.20
C ILE A 409 48.60 47.52 8.68
N THR A 410 47.60 47.26 7.83
CA THR A 410 46.75 48.30 7.26
C THR A 410 45.89 48.94 8.31
N GLY A 411 45.01 48.17 8.94
CA GLY A 411 44.08 48.63 9.96
C GLY A 411 44.68 49.27 11.21
N SER A 412 45.76 48.65 11.78
CA SER A 412 46.37 49.16 13.01
C SER A 412 47.90 48.96 13.11
N CYS A 413 48.66 49.22 12.03
CA CYS A 413 50.13 49.09 11.98
C CYS A 413 50.69 47.89 12.80
N GLY A 414 50.02 46.76 12.71
CA GLY A 414 50.38 45.54 13.42
C GLY A 414 50.28 45.57 14.94
N LEU A 415 49.50 46.51 15.49
CA LEU A 415 49.32 46.62 16.95
C LEU A 415 48.05 45.90 17.34
N MET A 416 48.08 45.25 18.51
CA MET A 416 46.93 44.52 19.08
C MET A 416 46.94 44.77 20.58
N ALA A 417 45.80 45.15 21.13
CA ALA A 417 45.67 45.44 22.56
C ALA A 417 45.21 44.22 23.33
N ASN A 418 45.57 44.15 24.62
CA ASN A 418 45.19 43.07 25.51
C ASN A 418 44.18 43.59 26.50
N TYR A 419 42.93 43.14 26.39
CA TYR A 419 41.90 43.53 27.34
C TYR A 419 41.80 42.40 28.31
N ARG A 420 42.29 42.64 29.54
CA ARG A 420 42.33 41.64 30.59
C ARG A 420 41.15 41.68 31.55
N TYR A 421 40.44 40.55 31.63
CA TYR A 421 39.28 40.39 32.50
C TYR A 421 39.68 39.85 33.85
N PHE A 422 39.45 40.65 34.90
CA PHE A 422 39.73 40.21 36.25
C PHE A 422 38.38 39.88 36.85
N LEU A 423 37.99 38.58 36.76
CA LEU A 423 36.76 37.95 37.25
C LEU A 423 36.15 38.75 38.40
N GLU A 424 36.99 38.97 39.44
CA GLU A 424 36.69 39.65 40.71
C GLU A 424 36.34 41.14 40.57
N GLU A 425 37.16 41.96 39.86
CA GLU A 425 36.90 43.41 39.72
C GLU A 425 36.01 43.88 38.53
N THR A 426 35.44 42.95 37.73
CA THR A 426 34.56 43.27 36.57
C THR A 426 33.32 44.14 36.86
N GLY A 427 32.67 43.92 38.00
CA GLY A 427 31.50 44.68 38.42
C GLY A 427 31.86 46.13 38.68
N PRO A 428 32.77 46.41 39.66
CA PRO A 428 33.18 47.81 39.91
C PRO A 428 33.76 48.50 38.67
N ASN A 429 34.65 47.80 37.92
CA ASN A 429 35.30 48.30 36.70
C ASN A 429 34.28 48.73 35.67
N SER A 430 33.18 47.95 35.52
CA SER A 430 32.07 48.25 34.62
C SER A 430 31.38 49.55 35.03
N THR A 431 30.94 49.65 36.33
CA THR A 431 30.33 50.85 36.93
C THR A 431 31.19 52.08 36.66
N SER A 432 32.50 51.98 37.00
CA SER A 432 33.49 53.04 36.82
C SER A 432 33.48 53.52 35.38
N TYR A 433 33.55 52.57 34.43
CA TYR A 433 33.51 52.87 33.01
C TYR A 433 32.19 53.45 32.51
N LEU A 434 31.06 52.88 32.93
CA LEU A 434 29.77 53.35 32.43
C LEU A 434 29.24 54.61 33.09
N GLY A 435 29.20 54.62 34.42
CA GLY A 435 28.72 55.76 35.19
C GLY A 435 29.62 56.97 35.12
N SER A 436 30.91 56.78 35.48
CA SER A 436 31.93 57.83 35.56
C SER A 436 32.87 58.00 34.34
N LYS A 437 32.68 57.20 33.26
CA LYS A 437 33.49 57.25 32.02
C LYS A 437 35.02 57.03 32.26
N ILE A 438 35.36 56.27 33.33
CA ILE A 438 36.72 55.95 33.78
C ILE A 438 37.27 54.66 33.17
N ILE A 439 38.54 54.68 32.72
CA ILE A 439 39.22 53.52 32.15
C ILE A 439 40.32 53.00 33.08
N LYS A 440 40.21 51.74 33.52
CA LYS A 440 41.25 51.10 34.32
C LYS A 440 42.32 50.62 33.33
N ALA A 441 43.56 51.12 33.48
CA ALA A 441 44.67 50.79 32.57
C ALA A 441 45.93 50.35 33.32
N SER A 442 46.71 49.45 32.70
CA SER A 442 47.97 48.92 33.23
C SER A 442 49.02 50.00 33.37
N GLU A 443 50.09 49.73 34.15
CA GLU A 443 51.21 50.65 34.30
C GLU A 443 51.85 50.79 32.92
N GLN A 444 51.94 49.68 32.14
CA GLN A 444 52.49 49.64 30.77
C GLN A 444 51.78 50.64 29.85
N VAL A 445 50.45 50.77 30.01
CA VAL A 445 49.63 51.69 29.22
C VAL A 445 49.78 53.10 29.74
N LEU A 446 49.50 53.34 31.04
CA LEU A 446 49.61 54.64 31.72
C LEU A 446 50.92 55.33 31.42
N SER A 447 52.03 54.55 31.42
CA SER A 447 53.40 54.98 31.11
C SER A 447 53.45 55.66 29.74
N LEU A 448 52.92 54.98 28.71
CA LEU A 448 52.88 55.45 27.33
C LEU A 448 52.03 56.69 27.13
N VAL A 449 50.88 56.78 27.84
CA VAL A 449 49.99 57.94 27.80
C VAL A 449 50.77 59.13 28.35
N ALA A 450 51.41 58.95 29.55
CA ALA A 450 52.25 59.96 30.20
C ALA A 450 53.35 60.43 29.26
N GLN A 451 53.91 59.52 28.41
CA GLN A 451 54.93 59.85 27.40
C GLN A 451 54.34 60.75 26.33
N PHE A 452 53.10 60.42 25.86
CA PHE A 452 52.35 61.18 24.86
C PHE A 452 52.06 62.59 25.37
N GLN A 453 51.59 62.70 26.63
CA GLN A 453 51.26 63.94 27.34
C GLN A 453 52.46 64.87 27.45
N LYS A 454 53.67 64.30 27.69
CA LYS A 454 54.94 65.02 27.81
C LYS A 454 55.28 65.79 26.53
N ASN A 455 54.84 65.28 25.37
CA ASN A 455 55.17 65.87 24.08
C ASN A 455 54.12 65.78 22.96
N SER A 456 52.86 66.22 23.22
CA SER A 456 51.77 66.24 22.23
C SER A 456 50.51 66.97 22.71
N LYS A 457 50.32 68.20 22.20
CA LYS A 457 49.14 69.01 22.44
C LYS A 457 48.29 68.78 21.22
N LEU A 458 47.19 68.06 21.43
CA LEU A 458 46.31 67.55 20.39
C LEU A 458 45.00 67.11 21.04
N GLY B 3 14.22 48.18 63.79
CA GLY B 3 15.58 48.48 63.33
C GLY B 3 15.77 48.38 61.81
N ALA B 4 16.21 47.20 61.28
CA ALA B 4 16.53 46.87 59.87
C ALA B 4 15.42 47.14 58.82
N MET B 5 15.09 46.14 57.95
CA MET B 5 14.10 46.20 56.85
C MET B 5 14.21 47.45 55.95
N ASP B 6 13.96 48.65 56.53
CA ASP B 6 14.05 49.97 55.90
C ASP B 6 15.48 50.29 55.50
N GLU B 7 16.47 50.01 56.40
CA GLU B 7 17.89 50.26 56.16
C GLU B 7 18.38 49.54 54.91
N LEU B 8 17.92 48.29 54.70
CA LEU B 8 18.28 47.53 53.51
C LEU B 8 17.71 48.18 52.25
N LEU B 9 16.36 48.34 52.19
CA LEU B 9 15.61 48.93 51.08
C LEU B 9 16.29 50.17 50.51
N ARG B 10 16.70 51.09 51.39
CA ARG B 10 17.38 52.33 51.07
C ARG B 10 18.75 52.19 50.39
N ARG B 11 19.50 51.11 50.68
CA ARG B 11 20.82 50.88 50.08
C ARG B 11 20.77 49.89 48.90
N ALA B 12 19.66 49.12 48.79
CA ALA B 12 19.46 48.12 47.74
C ALA B 12 18.78 48.73 46.52
N VAL B 13 17.65 49.44 46.73
CA VAL B 13 16.91 50.13 45.65
C VAL B 13 17.78 51.30 45.22
N PRO B 14 18.27 51.30 43.96
CA PRO B 14 19.09 52.44 43.52
C PRO B 14 18.29 53.73 43.46
N PRO B 15 18.92 54.92 43.61
CA PRO B 15 18.16 56.17 43.48
C PRO B 15 17.76 56.41 42.03
N THR B 16 16.76 57.27 41.79
CA THR B 16 16.35 57.56 40.41
C THR B 16 17.36 58.50 39.76
N PRO B 17 18.11 58.03 38.74
CA PRO B 17 19.08 58.92 38.06
C PRO B 17 18.40 60.20 37.56
N ALA B 18 19.07 61.39 37.74
CA ALA B 18 18.61 62.75 37.39
C ALA B 18 17.55 62.77 36.29
N TYR B 19 17.92 62.25 35.10
CA TYR B 19 17.13 62.06 33.88
C TYR B 19 18.10 61.71 32.78
N GLU B 20 19.05 62.62 32.48
CA GLU B 20 20.08 62.51 31.44
C GLU B 20 20.83 61.19 31.51
N LEU B 21 21.51 60.96 32.65
CA LEU B 21 22.28 59.74 32.93
C LEU B 21 21.43 58.47 33.21
N ARG B 22 20.18 58.44 32.69
CA ARG B 22 19.21 57.32 32.82
C ARG B 22 19.56 56.05 32.00
N GLU B 23 20.50 56.14 31.06
CA GLU B 23 20.85 55.08 30.10
C GLU B 23 22.05 54.19 30.49
N ALA B 29 24.97 49.74 41.69
CA ALA B 29 23.64 49.12 41.49
C ALA B 29 23.48 47.74 40.79
N GLU B 30 24.55 46.93 40.69
CA GLU B 30 24.51 45.58 40.13
C GLU B 30 24.77 44.66 41.31
N GLY B 31 25.66 45.13 42.19
CA GLY B 31 26.04 44.49 43.45
C GLY B 31 25.14 44.87 44.59
N GLN B 32 24.13 45.72 44.30
CA GLN B 32 23.12 46.17 45.26
C GLN B 32 21.94 45.21 45.23
N CYS B 33 21.62 44.68 44.03
CA CYS B 33 20.52 43.74 43.79
C CYS B 33 20.71 42.45 44.55
N ALA B 34 21.92 41.84 44.45
CA ALA B 34 22.27 40.61 45.16
C ALA B 34 22.05 40.78 46.66
N ASP B 35 22.23 42.00 47.20
CA ASP B 35 22.00 42.34 48.61
C ASP B 35 20.51 42.21 48.98
N PHE B 36 19.60 42.53 48.03
CA PHE B 36 18.15 42.44 48.20
C PHE B 36 17.65 40.99 48.14
N VAL B 37 18.02 40.24 47.06
CA VAL B 37 17.64 38.84 46.80
C VAL B 37 18.11 37.96 47.96
N SER B 38 19.38 38.17 48.40
CA SER B 38 20.04 37.45 49.51
C SER B 38 19.23 37.58 50.79
N PHE B 39 18.75 38.82 51.07
CA PHE B 39 17.97 39.16 52.25
C PHE B 39 16.56 38.58 52.23
N TYR B 40 15.84 38.78 51.11
CA TYR B 40 14.47 38.31 50.89
C TYR B 40 14.38 36.79 51.05
N GLY B 41 15.42 36.10 50.59
CA GLY B 41 15.57 34.65 50.71
C GLY B 41 15.76 34.23 52.15
N GLY B 42 16.45 35.08 52.91
CA GLY B 42 16.75 34.91 54.32
C GLY B 42 15.54 34.94 55.25
N LEU B 43 14.40 35.51 54.80
CA LEU B 43 13.15 35.60 55.58
C LEU B 43 12.33 34.32 55.45
N ALA B 44 11.94 33.74 56.60
CA ALA B 44 11.17 32.50 56.65
C ALA B 44 9.65 32.72 56.46
N GLU B 45 8.99 33.45 57.38
CA GLU B 45 7.56 33.74 57.37
C GLU B 45 7.11 34.57 56.17
N THR B 46 5.87 34.32 55.68
CA THR B 46 5.27 35.08 54.58
C THR B 46 4.97 36.47 55.11
N ALA B 47 4.51 36.55 56.39
CA ALA B 47 4.19 37.79 57.11
C ALA B 47 5.34 38.80 57.02
N GLN B 48 6.59 38.31 57.05
CA GLN B 48 7.80 39.11 56.93
C GLN B 48 8.01 39.62 55.51
N ARG B 49 7.81 38.73 54.50
CA ARG B 49 7.92 39.07 53.07
C ARG B 49 6.87 40.09 52.68
N ALA B 50 5.70 40.07 53.37
CA ALA B 50 4.58 41.01 53.17
C ALA B 50 4.97 42.42 53.60
N GLU B 51 5.49 42.59 54.83
CA GLU B 51 5.95 43.89 55.37
C GLU B 51 7.05 44.47 54.47
N LEU B 52 8.02 43.63 54.03
CA LEU B 52 9.09 44.05 53.14
C LEU B 52 8.58 44.53 51.79
N LEU B 53 7.70 43.73 51.12
CA LEU B 53 7.09 44.09 49.83
C LEU B 53 6.17 45.29 49.96
N GLY B 54 5.50 45.39 51.11
CA GLY B 54 4.59 46.48 51.46
C GLY B 54 5.32 47.80 51.60
N ARG B 55 6.45 47.79 52.35
CA ARG B 55 7.29 48.97 52.56
C ARG B 55 7.96 49.42 51.27
N LEU B 56 8.46 48.44 50.47
CA LEU B 56 9.08 48.69 49.16
C LEU B 56 8.09 49.42 48.27
N ALA B 57 6.87 48.86 48.11
CA ALA B 57 5.77 49.40 47.31
C ALA B 57 5.39 50.82 47.72
N ARG B 58 5.37 51.10 49.04
CA ARG B 58 5.03 52.39 49.63
C ARG B 58 6.07 53.49 49.41
N GLY B 59 7.26 53.30 49.98
CA GLY B 59 8.35 54.28 49.93
C GLY B 59 9.11 54.44 48.63
N PHE B 60 8.91 53.52 47.66
CA PHE B 60 9.68 53.56 46.40
C PHE B 60 8.86 53.56 45.12
N GLY B 61 7.75 54.29 45.14
CA GLY B 61 6.91 54.43 43.97
C GLY B 61 7.38 55.62 43.16
N VAL B 62 6.43 56.31 42.54
CA VAL B 62 6.70 57.51 41.74
C VAL B 62 6.93 58.71 42.65
N ASP B 63 7.46 59.78 42.06
CA ASP B 63 7.62 61.05 42.76
C ASP B 63 6.46 61.88 42.24
N HIS B 64 5.31 61.84 42.96
CA HIS B 64 4.08 62.57 42.62
C HIS B 64 4.33 64.06 42.37
N GLY B 65 5.41 64.60 42.95
CA GLY B 65 5.86 65.97 42.78
C GLY B 65 6.28 66.26 41.36
N GLN B 66 7.26 65.48 40.86
CA GLN B 66 7.81 65.56 39.51
C GLN B 66 6.77 65.23 38.45
N VAL B 67 5.91 64.20 38.70
CA VAL B 67 4.81 63.78 37.82
C VAL B 67 3.90 64.98 37.60
N ALA B 68 3.53 65.68 38.70
CA ALA B 68 2.70 66.88 38.67
C ALA B 68 3.39 68.03 37.96
N GLU B 69 4.72 68.17 38.15
CA GLU B 69 5.54 69.21 37.55
C GLU B 69 5.66 69.03 36.03
N GLN B 70 6.07 67.83 35.58
CA GLN B 70 6.21 67.48 34.17
C GLN B 70 4.89 67.54 33.42
N SER B 71 3.77 67.20 34.12
CA SER B 71 2.40 67.28 33.58
C SER B 71 2.12 68.73 33.20
N ALA B 72 2.39 69.67 34.15
CA ALA B 72 2.22 71.12 33.97
C ALA B 72 3.04 71.64 32.79
N GLY B 73 4.28 71.15 32.68
CA GLY B 73 5.22 71.48 31.61
C GLY B 73 4.78 71.06 30.22
N VAL B 74 3.86 70.08 30.11
CA VAL B 74 3.31 69.59 28.83
C VAL B 74 2.18 70.54 28.39
N LEU B 75 1.39 71.01 29.36
CA LEU B 75 0.29 71.94 29.11
C LEU B 75 0.80 73.35 28.84
N HIS B 76 1.99 73.67 29.37
CA HIS B 76 2.72 74.93 29.17
C HIS B 76 3.14 75.04 27.70
N LEU B 77 3.49 73.88 27.09
CA LEU B 77 3.94 73.75 25.71
C LEU B 77 2.83 73.68 24.64
N ARG B 78 1.61 73.23 25.01
CA ARG B 78 0.48 73.13 24.08
C ARG B 78 -0.29 74.45 23.90
N GLN B 79 0.13 75.49 24.64
CA GLN B 79 -0.45 76.83 24.57
C GLN B 79 0.25 77.66 23.51
N GLN B 80 1.44 77.22 23.09
CA GLN B 80 2.26 77.88 22.08
C GLN B 80 2.60 76.98 20.90
N GLN B 81 2.26 75.67 20.99
CA GLN B 81 2.55 74.60 20.01
C GLN B 81 3.85 74.83 19.25
N ARG B 82 4.93 74.37 19.87
CA ARG B 82 6.28 74.49 19.34
C ARG B 82 6.69 73.12 18.89
N GLU B 83 7.57 73.06 17.87
CA GLU B 83 8.19 71.88 17.22
C GLU B 83 7.73 70.52 17.70
N ALA B 84 7.76 69.52 16.79
CA ALA B 84 7.47 68.14 17.17
C ALA B 84 8.51 67.77 18.24
N ALA B 85 9.81 68.06 17.92
CA ALA B 85 11.03 67.88 18.72
C ALA B 85 10.89 68.22 20.22
N VAL B 86 10.71 69.52 20.56
CA VAL B 86 10.63 70.02 21.94
C VAL B 86 9.37 69.57 22.73
N LEU B 87 8.24 69.34 22.02
CA LEU B 87 7.01 68.83 22.66
C LEU B 87 7.21 67.37 23.07
N LEU B 88 7.82 66.60 22.16
CA LEU B 88 8.12 65.20 22.36
C LEU B 88 9.06 64.93 23.55
N GLN B 89 10.02 65.83 23.83
CA GLN B 89 10.90 65.66 24.98
C GLN B 89 10.13 65.90 26.28
N ALA B 90 9.25 66.93 26.29
CA ALA B 90 8.39 67.25 27.43
C ALA B 90 7.50 66.05 27.79
N GLU B 91 7.11 65.26 26.76
CA GLU B 91 6.33 64.04 26.91
C GLU B 91 7.18 62.91 27.49
N ASP B 92 8.44 62.77 27.01
CA ASP B 92 9.36 61.74 27.49
C ASP B 92 9.79 61.99 28.93
N ARG B 93 9.95 63.28 29.32
CA ARG B 93 10.30 63.70 30.67
C ARG B 93 9.18 63.27 31.64
N LEU B 94 7.91 63.35 31.17
CA LEU B 94 6.74 62.92 31.92
C LEU B 94 6.67 61.39 32.02
N ARG B 95 6.96 60.71 30.88
CA ARG B 95 7.01 59.24 30.77
C ARG B 95 8.02 58.67 31.78
N TYR B 96 9.15 59.38 31.95
CA TYR B 96 10.21 59.03 32.88
C TYR B 96 9.79 59.18 34.35
N ALA B 97 9.27 60.38 34.73
CA ALA B 97 8.79 60.67 36.10
C ALA B 97 7.76 59.64 36.57
N LEU B 98 6.97 59.11 35.61
CA LEU B 98 5.94 58.09 35.83
C LEU B 98 6.52 56.69 36.08
N VAL B 99 7.78 56.44 35.67
CA VAL B 99 8.44 55.15 35.91
C VAL B 99 8.68 55.00 37.44
N PRO B 100 7.97 54.08 38.15
CA PRO B 100 8.23 53.95 39.59
C PRO B 100 9.66 53.47 39.89
N ARG B 101 10.16 53.88 41.06
CA ARG B 101 11.52 53.59 41.53
C ARG B 101 11.86 52.09 41.67
N TYR B 102 10.91 51.26 42.13
CA TYR B 102 11.15 49.81 42.28
C TYR B 102 11.29 49.07 40.95
N ARG B 103 10.81 49.66 39.83
CA ARG B 103 10.94 49.09 38.48
C ARG B 103 12.41 48.95 38.12
N GLY B 104 13.22 49.91 38.59
CA GLY B 104 14.67 49.93 38.45
C GLY B 104 15.32 48.76 39.15
N LEU B 105 14.78 48.39 40.34
CA LEU B 105 15.26 47.25 41.11
C LEU B 105 15.01 45.94 40.38
N PHE B 106 13.75 45.72 39.93
CA PHE B 106 13.32 44.52 39.21
C PHE B 106 14.06 44.35 37.90
N HIS B 107 14.11 45.42 37.08
CA HIS B 107 14.80 45.46 35.79
C HIS B 107 16.24 44.96 35.90
N HIS B 108 16.98 45.42 36.93
CA HIS B 108 18.34 44.97 37.20
C HIS B 108 18.40 43.53 37.66
N ILE B 109 17.54 43.13 38.65
CA ILE B 109 17.45 41.75 39.18
C ILE B 109 17.29 40.75 38.04
N SER B 110 16.37 41.02 37.10
CA SER B 110 16.08 40.21 35.92
C SER B 110 17.32 39.88 35.10
N LYS B 111 18.29 40.81 35.05
CA LYS B 111 19.54 40.65 34.30
C LYS B 111 20.66 40.01 35.16
N LEU B 112 20.30 39.45 36.32
CA LEU B 112 21.19 38.71 37.21
C LEU B 112 20.85 37.24 36.97
N ASP B 113 21.66 36.30 37.49
CA ASP B 113 21.49 34.85 37.25
C ASP B 113 20.13 34.19 37.53
N GLY B 114 19.84 33.83 38.77
CA GLY B 114 18.54 33.26 39.15
C GLY B 114 17.44 34.31 39.19
N GLY B 115 17.62 35.35 38.37
CA GLY B 115 16.81 36.55 38.18
C GLY B 115 15.32 36.41 37.97
N VAL B 116 14.86 36.16 36.71
CA VAL B 116 13.43 36.04 36.33
C VAL B 116 12.71 35.01 37.20
N ARG B 117 13.41 33.92 37.56
CA ARG B 117 12.91 32.87 38.45
C ARG B 117 12.53 33.47 39.81
N PHE B 118 13.42 34.31 40.37
CA PHE B 118 13.23 35.03 41.64
C PHE B 118 12.03 35.98 41.59
N LEU B 119 11.89 36.74 40.48
CA LEU B 119 10.78 37.69 40.31
C LEU B 119 9.43 37.01 40.18
N VAL B 120 9.39 35.85 39.47
CA VAL B 120 8.18 35.01 39.30
C VAL B 120 7.74 34.58 40.71
N GLN B 121 8.74 34.18 41.53
CA GLN B 121 8.55 33.74 42.91
C GLN B 121 8.04 34.87 43.78
N LEU B 122 8.72 36.03 43.74
CA LEU B 122 8.37 37.23 44.51
C LEU B 122 6.91 37.63 44.30
N ARG B 123 6.44 37.69 43.03
CA ARG B 123 5.07 38.07 42.70
C ARG B 123 4.06 37.10 43.33
N ALA B 124 4.37 35.78 43.30
CA ALA B 124 3.54 34.73 43.93
C ALA B 124 3.43 35.01 45.43
N ASP B 125 4.54 35.49 46.06
CA ASP B 125 4.58 35.88 47.47
C ASP B 125 3.66 37.06 47.70
N LEU B 126 3.63 38.03 46.76
CA LEU B 126 2.78 39.22 46.81
C LEU B 126 1.30 38.89 46.59
N LEU B 127 1.00 38.01 45.60
CA LEU B 127 -0.37 37.59 45.28
C LEU B 127 -1.05 36.90 46.45
N GLU B 128 -0.28 36.07 47.16
CA GLU B 128 -0.71 35.33 48.35
C GLU B 128 -0.97 36.28 49.52
N ALA B 129 -0.05 37.25 49.73
CA ALA B 129 -0.16 38.25 50.79
C ALA B 129 -1.34 39.20 50.56
N GLN B 130 -1.66 39.49 49.28
CA GLN B 130 -2.80 40.34 48.87
C GLN B 130 -4.11 39.65 49.24
N ALA B 131 -4.32 38.39 48.77
CA ALA B 131 -5.50 37.57 49.02
C ALA B 131 -5.71 37.25 50.51
N LEU B 132 -4.62 37.20 51.29
CA LEU B 132 -4.65 36.94 52.74
C LEU B 132 -4.88 38.21 53.57
N LYS B 133 -4.92 39.39 52.90
CA LYS B 133 -5.14 40.73 53.48
C LYS B 133 -3.97 41.18 54.40
N LEU B 134 -2.75 40.69 54.12
CA LEU B 134 -1.53 41.05 54.87
C LEU B 134 -1.01 42.39 54.36
N VAL B 135 -1.15 42.60 53.04
CA VAL B 135 -0.81 43.82 52.32
C VAL B 135 -2.09 44.36 51.71
N GLU B 136 -2.30 45.66 51.84
CA GLU B 136 -3.47 46.36 51.34
C GLU B 136 -3.06 47.57 50.51
N GLY B 137 -3.99 48.50 50.36
CA GLY B 137 -3.79 49.75 49.67
C GLY B 137 -3.58 49.71 48.16
N PRO B 138 -3.28 50.89 47.59
CA PRO B 138 -3.11 50.98 46.14
C PRO B 138 -1.66 50.87 45.64
N ASP B 139 -0.67 50.97 46.55
CA ASP B 139 0.75 50.89 46.21
C ASP B 139 1.19 49.45 45.93
N VAL B 140 0.49 48.46 46.54
CA VAL B 140 0.75 47.05 46.30
C VAL B 140 0.13 46.65 44.96
N ARG B 141 -1.06 47.23 44.66
CA ARG B 141 -1.81 46.98 43.42
C ARG B 141 -1.04 47.47 42.22
N GLU B 142 -0.29 48.58 42.40
CA GLU B 142 0.56 49.15 41.36
C GLU B 142 1.77 48.27 41.13
N MET B 143 2.52 47.91 42.22
CA MET B 143 3.70 47.05 42.18
C MET B 143 3.35 45.72 41.50
N ASN B 144 2.13 45.19 41.75
CA ASN B 144 1.58 43.97 41.15
C ASN B 144 1.58 44.07 39.62
N GLY B 145 0.90 45.10 39.09
CA GLY B 145 0.79 45.38 37.65
C GLY B 145 2.14 45.55 36.96
N VAL B 146 3.09 46.22 37.65
CA VAL B 146 4.47 46.46 37.19
C VAL B 146 5.14 45.09 36.94
N LEU B 147 5.15 44.23 37.97
CA LEU B 147 5.69 42.85 37.95
C LEU B 147 5.00 42.04 36.85
N LYS B 148 3.65 42.17 36.74
CA LYS B 148 2.81 41.50 35.75
C LYS B 148 3.21 41.88 34.32
N GLY B 149 3.42 43.17 34.09
CA GLY B 149 3.85 43.75 32.81
C GLY B 149 5.20 43.22 32.39
N MET B 150 6.16 43.22 33.33
CA MET B 150 7.53 42.73 33.17
C MET B 150 7.53 41.23 32.86
N LEU B 151 6.63 40.48 33.50
CA LEU B 151 6.49 39.03 33.32
C LEU B 151 5.82 38.67 32.00
N SER B 152 4.83 39.45 31.55
CA SER B 152 4.10 39.24 30.29
C SER B 152 4.95 39.43 29.02
N GLU B 153 6.08 40.14 29.15
CA GLU B 153 7.01 40.38 28.04
C GLU B 153 8.05 39.26 27.93
N TRP B 154 8.39 38.61 29.06
CA TRP B 154 9.33 37.48 29.10
C TRP B 154 8.61 36.16 28.89
N PHE B 155 7.26 36.17 29.03
CA PHE B 155 6.44 34.97 28.91
C PHE B 155 5.35 35.00 27.84
N SER B 156 5.50 35.88 26.83
CA SER B 156 4.55 35.93 25.73
C SER B 156 4.73 34.67 24.90
N SER B 157 3.60 34.08 24.46
CA SER B 157 3.43 32.84 23.68
C SER B 157 4.61 32.35 22.85
N GLY B 158 5.25 33.28 22.15
CA GLY B 158 6.38 33.05 21.26
C GLY B 158 7.58 32.32 21.85
N PHE B 159 7.76 32.42 23.17
CA PHE B 159 8.87 31.83 23.92
C PHE B 159 8.49 30.56 24.70
N LEU B 160 7.27 30.06 24.51
CA LEU B 160 6.81 28.86 25.22
C LEU B 160 6.72 27.68 24.28
N ASN B 161 7.37 26.56 24.66
CA ASN B 161 7.32 25.34 23.88
C ASN B 161 6.19 24.48 24.43
N LEU B 162 5.39 23.90 23.52
CA LEU B 162 4.28 23.03 23.87
C LEU B 162 4.81 21.60 24.01
N GLU B 163 4.86 21.09 25.25
CA GLU B 163 5.33 19.73 25.52
C GLU B 163 4.19 18.80 25.84
N ARG B 164 4.28 17.55 25.36
CA ARG B 164 3.28 16.51 25.61
C ARG B 164 3.78 15.50 26.64
N VAL B 165 2.92 15.14 27.60
CA VAL B 165 3.19 14.19 28.67
C VAL B 165 2.62 12.84 28.30
N THR B 166 3.47 11.82 28.41
CA THR B 166 3.17 10.42 28.15
C THR B 166 3.88 9.58 29.24
N TRP B 167 3.79 8.25 29.15
CA TRP B 167 4.46 7.35 30.08
C TRP B 167 5.97 7.25 29.78
N HIS B 168 6.39 7.77 28.61
CA HIS B 168 7.79 7.82 28.19
C HIS B 168 8.48 9.07 28.77
N SER B 169 7.70 9.98 29.38
CA SER B 169 8.18 11.22 29.99
C SER B 169 8.97 10.97 31.29
N PRO B 170 9.86 11.91 31.71
CA PRO B 170 10.63 11.71 32.97
C PRO B 170 9.71 11.69 34.18
N CYS B 171 10.08 10.91 35.23
CA CYS B 171 9.35 10.78 36.49
C CYS B 171 9.13 12.13 37.16
N GLU B 172 10.16 13.02 37.08
CA GLU B 172 10.15 14.39 37.62
C GLU B 172 8.94 15.18 37.09
N VAL B 173 8.60 14.97 35.80
CA VAL B 173 7.49 15.62 35.09
C VAL B 173 6.14 15.13 35.59
N LEU B 174 5.92 13.79 35.65
CA LEU B 174 4.67 13.21 36.14
C LEU B 174 4.38 13.67 37.57
N GLN B 175 5.43 13.62 38.44
CA GLN B 175 5.36 14.07 39.83
C GLN B 175 4.90 15.51 39.92
N LYS B 176 5.58 16.44 39.21
CA LYS B 176 5.25 17.88 39.14
C LYS B 176 3.82 18.13 38.64
N ILE B 177 3.39 17.35 37.62
CA ILE B 177 2.04 17.43 37.03
C ILE B 177 0.97 16.98 38.03
N SER B 178 1.26 15.97 38.86
CA SER B 178 0.32 15.47 39.86
C SER B 178 0.38 16.33 41.13
N GLU B 179 1.58 16.79 41.52
CA GLU B 179 1.78 17.62 42.71
C GLU B 179 1.10 18.97 42.66
N ALA B 180 1.38 19.79 41.63
CA ALA B 180 0.74 21.11 41.51
C ALA B 180 -0.61 21.02 40.78
N GLU B 181 -1.15 19.78 40.66
CA GLU B 181 -2.46 19.47 40.04
C GLU B 181 -3.48 20.19 40.89
N ALA B 182 -3.88 21.37 40.43
CA ALA B 182 -4.77 22.24 41.19
C ALA B 182 -6.22 22.21 40.69
N VAL B 183 -6.87 21.03 40.80
CA VAL B 183 -8.29 20.74 40.49
C VAL B 183 -8.65 19.41 41.16
N HIS B 184 -8.24 18.25 40.57
CA HIS B 184 -8.58 16.89 41.03
C HIS B 184 -7.41 15.96 41.42
N PRO B 185 -7.36 15.48 42.69
CA PRO B 185 -6.27 14.55 43.09
C PRO B 185 -6.29 13.21 42.37
N VAL B 186 -5.09 12.66 42.12
CA VAL B 186 -4.82 11.35 41.49
C VAL B 186 -4.47 10.41 42.67
N LYS B 187 -5.04 9.19 42.70
CA LYS B 187 -4.84 8.25 43.82
C LYS B 187 -3.56 7.40 43.92
N ASN B 188 -2.87 7.10 42.81
CA ASN B 188 -1.64 6.27 42.80
C ASN B 188 -0.93 6.33 41.44
N TRP B 189 0.27 5.70 41.30
CA TRP B 189 0.99 5.65 40.01
C TRP B 189 0.14 4.91 39.00
N MET B 190 -0.59 3.87 39.48
CA MET B 190 -1.50 2.99 38.74
C MET B 190 -2.50 3.84 37.95
N ASP B 191 -2.92 4.99 38.54
CA ASP B 191 -3.82 5.97 37.94
C ASP B 191 -3.11 6.93 36.97
N MET B 192 -2.00 7.58 37.39
CA MET B 192 -1.27 8.54 36.51
C MET B 192 -0.91 7.94 35.14
N LYS B 193 -0.69 6.59 35.08
CA LYS B 193 -0.45 5.85 33.84
C LYS B 193 -1.68 5.96 32.92
N ARG B 194 -2.90 5.81 33.50
CA ARG B 194 -4.20 5.93 32.82
C ARG B 194 -4.47 7.37 32.35
N ARG B 195 -4.18 8.36 33.22
CA ARG B 195 -4.38 9.80 33.00
C ARG B 195 -3.66 10.35 31.78
N VAL B 196 -2.48 9.78 31.46
CA VAL B 196 -1.63 10.15 30.33
C VAL B 196 -1.70 9.07 29.25
N GLY B 197 -2.38 7.98 29.58
CA GLY B 197 -2.53 6.81 28.72
C GLY B 197 -3.40 7.02 27.50
N PRO B 198 -3.85 5.91 26.87
CA PRO B 198 -4.73 6.04 25.70
C PRO B 198 -6.05 6.76 26.00
N TYR B 199 -6.57 7.50 25.00
CA TYR B 199 -7.80 8.31 25.04
C TYR B 199 -7.67 9.52 25.95
N ARG B 200 -6.43 9.90 26.26
CA ARG B 200 -6.12 11.02 27.13
C ARG B 200 -4.96 11.82 26.58
N ARG B 201 -5.00 13.14 26.78
CA ARG B 201 -3.94 14.04 26.37
C ARG B 201 -3.58 14.99 27.50
N CYS B 202 -2.30 15.00 27.86
CA CYS B 202 -1.79 15.88 28.89
C CYS B 202 -0.69 16.71 28.28
N TYR B 203 -1.00 17.99 28.04
CA TYR B 203 -0.09 18.96 27.44
C TYR B 203 0.29 20.04 28.44
N PHE B 204 1.51 20.54 28.33
CA PHE B 204 1.98 21.64 29.15
C PHE B 204 2.86 22.62 28.39
N PHE B 205 3.12 23.76 29.02
CA PHE B 205 3.95 24.82 28.48
C PHE B 205 5.18 24.99 29.32
N SER B 206 6.32 25.11 28.66
CA SER B 206 7.59 25.35 29.31
C SER B 206 8.21 26.52 28.60
N HIS B 207 9.07 27.28 29.30
CA HIS B 207 9.77 28.39 28.67
C HIS B 207 10.85 27.76 27.80
N CYS B 208 11.19 28.40 26.66
CA CYS B 208 12.22 27.87 25.76
C CYS B 208 13.62 27.85 26.43
N SER B 209 13.79 28.61 27.53
CA SER B 209 15.04 28.65 28.31
C SER B 209 15.12 27.39 29.18
N THR B 210 14.02 27.09 29.88
CA THR B 210 13.87 25.98 30.81
C THR B 210 12.87 24.90 30.32
N PRO B 211 13.32 23.92 29.51
CA PRO B 211 12.39 22.87 29.06
C PRO B 211 12.14 21.81 30.13
N GLY B 212 10.98 21.16 30.04
CA GLY B 212 10.56 20.14 30.99
C GLY B 212 10.16 20.69 32.34
N GLU B 213 10.09 22.02 32.46
CA GLU B 213 9.71 22.77 33.64
C GLU B 213 8.30 23.32 33.35
N PRO B 214 7.20 22.66 33.80
CA PRO B 214 5.86 23.13 33.44
C PRO B 214 5.42 24.40 34.14
N LEU B 215 4.87 25.34 33.36
CA LEU B 215 4.37 26.62 33.85
C LEU B 215 2.85 26.46 34.01
N VAL B 216 2.20 25.99 32.92
CA VAL B 216 0.76 25.73 32.86
C VAL B 216 0.49 24.31 32.33
N VAL B 217 -0.49 23.63 32.93
CA VAL B 217 -0.86 22.25 32.63
C VAL B 217 -2.34 22.09 32.21
N LEU B 218 -2.59 21.41 31.08
CA LEU B 218 -3.93 21.11 30.58
C LEU B 218 -4.12 19.60 30.38
N HIS B 219 -5.29 19.08 30.81
CA HIS B 219 -5.72 17.68 30.67
C HIS B 219 -6.89 17.57 29.68
N VAL B 220 -6.81 16.60 28.77
CA VAL B 220 -7.83 16.36 27.72
C VAL B 220 -8.34 14.92 27.71
N ALA B 221 -9.67 14.76 27.61
CA ALA B 221 -10.31 13.46 27.48
C ALA B 221 -10.81 13.33 26.03
N LEU B 222 -10.30 12.32 25.31
CA LEU B 222 -10.71 12.03 23.92
C LEU B 222 -11.93 11.16 24.07
N THR B 223 -13.11 11.74 23.74
CA THR B 223 -14.40 11.11 24.00
C THR B 223 -15.43 11.04 22.82
N GLY B 224 -16.51 10.29 23.07
CA GLY B 224 -17.65 10.12 22.18
C GLY B 224 -18.54 11.34 22.09
N ASP B 225 -18.98 11.87 23.24
CA ASP B 225 -19.85 13.05 23.32
C ASP B 225 -19.40 13.97 24.45
N ILE B 226 -19.95 15.20 24.52
CA ILE B 226 -19.63 16.17 25.58
C ILE B 226 -20.02 15.58 26.95
N SER B 227 -19.00 15.33 27.78
CA SER B 227 -19.10 14.76 29.12
C SER B 227 -19.91 15.64 30.07
N SER B 228 -20.79 14.98 30.84
CA SER B 228 -21.66 15.63 31.83
C SER B 228 -21.32 15.16 33.26
N ASN B 229 -20.15 14.50 33.43
CA ASN B 229 -19.70 13.97 34.72
C ASN B 229 -18.18 13.80 34.76
N ILE B 230 -17.57 14.22 35.88
CA ILE B 230 -16.13 14.12 36.10
C ILE B 230 -15.69 12.74 36.59
N GLN B 231 -16.54 12.06 37.39
CA GLN B 231 -16.24 10.73 37.92
C GLN B 231 -16.14 9.73 36.78
N ALA B 232 -16.92 9.99 35.70
CA ALA B 232 -16.93 9.20 34.46
C ALA B 232 -15.56 9.23 33.77
N ILE B 233 -14.80 10.35 33.89
CA ILE B 233 -13.47 10.53 33.31
C ILE B 233 -12.36 10.05 34.26
N VAL B 234 -12.32 10.62 35.48
CA VAL B 234 -11.31 10.32 36.51
C VAL B 234 -11.29 8.83 36.84
N LYS B 235 -12.47 8.28 37.18
CA LYS B 235 -12.64 6.88 37.58
C LYS B 235 -13.01 5.89 36.45
N GLU B 236 -12.54 6.14 35.23
CA GLU B 236 -12.76 5.22 34.10
C GLU B 236 -11.61 4.20 34.13
N HIS B 237 -11.66 3.22 33.21
CA HIS B 237 -10.62 2.25 32.93
C HIS B 237 -10.60 2.22 31.39
N PRO B 238 -10.12 3.35 30.78
CA PRO B 238 -10.11 3.45 29.31
C PRO B 238 -9.55 2.15 28.69
N PRO B 239 -10.32 1.51 27.77
CA PRO B 239 -9.94 0.19 27.24
C PRO B 239 -8.52 -0.32 27.23
N SER B 240 -7.56 0.51 26.77
CA SER B 240 -6.13 0.19 26.59
C SER B 240 -5.95 -0.52 25.25
N GLU B 241 -7.07 -0.73 24.52
CA GLU B 241 -7.07 -1.27 23.16
C GLU B 241 -6.80 0.00 22.41
N THR B 242 -5.50 0.27 22.11
CA THR B 242 -4.97 1.50 21.49
C THR B 242 -6.01 2.29 20.72
N GLU B 243 -5.94 3.62 20.81
CA GLU B 243 -6.90 4.52 20.16
C GLU B 243 -7.36 4.17 18.77
N GLU B 244 -8.68 4.08 18.63
CA GLU B 244 -9.36 3.92 17.37
C GLU B 244 -9.88 5.32 17.12
N LYS B 245 -9.51 5.88 15.96
CA LYS B 245 -9.88 7.25 15.57
C LYS B 245 -11.38 7.44 15.37
N ASN B 246 -12.07 6.36 14.94
CA ASN B 246 -13.51 6.28 14.64
C ASN B 246 -14.41 6.77 15.79
N LYS B 247 -14.05 6.46 17.05
CA LYS B 247 -14.82 6.85 18.23
C LYS B 247 -14.32 8.09 19.01
N ILE B 248 -13.36 8.85 18.43
CA ILE B 248 -12.86 10.11 19.03
C ILE B 248 -13.60 11.22 18.28
N THR B 249 -14.67 11.76 18.90
CA THR B 249 -15.51 12.80 18.29
C THR B 249 -15.50 14.08 19.12
N ALA B 250 -15.11 14.00 20.40
CA ALA B 250 -15.12 15.16 21.27
C ALA B 250 -13.89 15.25 22.16
N ALA B 251 -13.28 16.44 22.20
CA ALA B 251 -12.11 16.73 23.02
C ALA B 251 -12.64 17.50 24.24
N ILE B 252 -12.46 16.93 25.43
CA ILE B 252 -12.97 17.50 26.68
C ILE B 252 -11.83 17.94 27.59
N PHE B 253 -11.81 19.23 27.94
CA PHE B 253 -10.81 19.81 28.82
C PHE B 253 -11.29 19.61 30.25
N TYR B 254 -10.57 18.79 31.04
CA TYR B 254 -11.00 18.48 32.40
C TYR B 254 -10.20 19.04 33.59
N SER B 255 -8.89 19.27 33.42
CA SER B 255 -8.03 19.91 34.42
C SER B 255 -7.22 20.91 33.66
N ILE B 256 -7.16 22.12 34.19
CA ILE B 256 -6.42 23.25 33.63
C ILE B 256 -6.00 24.07 34.80
N SER B 257 -4.70 24.01 35.06
CA SER B 257 -4.10 24.60 36.25
C SER B 257 -2.72 25.19 36.02
N LEU B 258 -2.42 26.27 36.76
CA LEU B 258 -1.11 26.92 36.77
C LEU B 258 -0.24 26.20 37.80
N THR B 259 1.05 26.00 37.48
CA THR B 259 2.03 25.37 38.39
C THR B 259 2.76 26.49 39.13
N GLN B 260 2.87 27.65 38.48
CA GLN B 260 3.56 28.82 39.01
C GLN B 260 2.58 29.98 39.15
N GLN B 261 2.05 30.17 40.36
CA GLN B 261 1.08 31.23 40.70
C GLN B 261 1.55 32.63 40.33
N GLY B 262 2.87 32.82 40.23
CA GLY B 262 3.50 34.08 39.85
C GLY B 262 3.05 34.59 38.49
N LEU B 263 2.65 33.66 37.58
CA LEU B 263 2.22 33.95 36.20
C LEU B 263 0.72 34.11 35.91
N GLN B 264 -0.04 34.66 36.87
CA GLN B 264 -1.48 34.92 36.67
C GLN B 264 -1.69 36.10 35.72
N GLY B 265 -2.87 36.14 35.09
CA GLY B 265 -3.27 37.18 34.14
C GLY B 265 -2.30 37.45 33.00
N VAL B 266 -1.42 36.48 32.68
CA VAL B 266 -0.42 36.57 31.62
C VAL B 266 -0.93 35.76 30.40
N GLU B 267 -2.25 35.48 30.42
CA GLU B 267 -2.96 34.75 29.36
C GLU B 267 -2.37 33.36 29.04
N LEU B 268 -1.53 32.80 29.94
CA LEU B 268 -0.90 31.48 29.78
C LEU B 268 -1.91 30.41 29.43
N GLY B 269 -3.05 30.45 30.10
CA GLY B 269 -4.20 29.58 29.92
C GLY B 269 -4.75 29.57 28.50
N THR B 270 -5.25 30.74 28.01
CA THR B 270 -5.81 30.89 26.65
C THR B 270 -4.91 30.24 25.61
N PHE B 271 -3.66 30.73 25.48
CA PHE B 271 -2.66 30.25 24.54
C PHE B 271 -2.36 28.78 24.64
N LEU B 272 -2.54 28.17 25.83
CA LEU B 272 -2.37 26.73 25.96
C LEU B 272 -3.49 26.02 25.21
N ILE B 273 -4.75 26.49 25.35
CA ILE B 273 -5.92 25.94 24.64
C ILE B 273 -5.76 26.15 23.13
N LYS B 274 -5.54 27.42 22.70
CA LYS B 274 -5.35 27.83 21.29
C LYS B 274 -4.38 26.89 20.56
N ARG B 275 -3.16 26.72 21.14
CA ARG B 275 -2.10 25.87 20.63
C ARG B 275 -2.47 24.38 20.69
N VAL B 276 -3.10 23.91 21.81
CA VAL B 276 -3.55 22.51 21.99
C VAL B 276 -4.61 22.14 20.95
N VAL B 277 -5.49 23.10 20.57
CA VAL B 277 -6.53 22.89 19.56
C VAL B 277 -5.85 22.56 18.22
N LYS B 278 -5.02 23.49 17.69
CA LYS B 278 -4.26 23.37 16.45
C LYS B 278 -3.49 22.05 16.36
N GLU B 279 -3.11 21.49 17.53
CA GLU B 279 -2.44 20.20 17.65
C GLU B 279 -3.42 19.05 17.40
N LEU B 280 -4.54 19.04 18.16
CA LEU B 280 -5.60 18.03 18.04
C LEU B 280 -6.20 18.03 16.66
N GLN B 281 -6.41 19.24 16.07
CA GLN B 281 -6.91 19.41 14.72
C GLN B 281 -6.00 18.74 13.69
N ARG B 282 -4.67 18.83 13.91
CA ARG B 282 -3.65 18.22 13.06
C ARG B 282 -3.72 16.69 13.15
N GLU B 283 -3.78 16.14 14.38
CA GLU B 283 -3.85 14.71 14.65
C GLU B 283 -5.18 14.07 14.23
N PHE B 284 -6.30 14.73 14.54
CA PHE B 284 -7.64 14.22 14.24
C PHE B 284 -8.39 15.20 13.32
N PRO B 285 -8.22 15.09 11.98
CA PRO B 285 -8.90 16.03 11.06
C PRO B 285 -10.44 15.98 11.05
N HIS B 286 -11.05 14.90 11.57
CA HIS B 286 -12.53 14.78 11.63
C HIS B 286 -13.12 15.17 12.98
N LEU B 287 -12.32 15.84 13.82
CA LEU B 287 -12.69 16.31 15.15
C LEU B 287 -13.09 17.79 15.13
N GLY B 288 -14.37 18.05 15.41
CA GLY B 288 -14.93 19.41 15.41
C GLY B 288 -15.69 19.81 16.66
N VAL B 289 -15.64 18.99 17.73
CA VAL B 289 -16.34 19.28 19.00
C VAL B 289 -15.31 19.52 20.10
N PHE B 290 -15.17 20.78 20.51
CA PHE B 290 -14.21 21.19 21.55
C PHE B 290 -14.95 21.85 22.69
N SER B 291 -14.82 21.29 23.88
CA SER B 291 -15.49 21.82 25.07
C SER B 291 -14.71 21.50 26.32
N SER B 292 -15.03 22.22 27.40
CA SER B 292 -14.45 22.03 28.71
C SER B 292 -15.51 21.40 29.59
N LEU B 293 -15.07 20.83 30.70
CA LEU B 293 -15.89 20.32 31.78
C LEU B 293 -15.20 20.95 32.98
N SER B 294 -15.65 22.16 33.30
CA SER B 294 -15.06 23.00 34.34
C SER B 294 -15.83 23.06 35.66
N PRO B 295 -15.13 23.40 36.78
CA PRO B 295 -15.83 23.55 38.06
C PRO B 295 -16.43 24.96 38.14
N ILE B 296 -17.06 25.29 39.29
CA ILE B 296 -17.67 26.59 39.56
C ILE B 296 -17.17 27.01 40.99
N PRO B 297 -15.85 27.27 41.19
CA PRO B 297 -15.39 27.65 42.54
C PRO B 297 -15.89 29.01 43.06
N GLY B 298 -16.45 28.97 44.26
CA GLY B 298 -17.00 30.14 44.94
C GLY B 298 -18.51 30.19 44.96
N PHE B 299 -19.17 29.23 44.25
CA PHE B 299 -20.64 29.11 44.16
C PHE B 299 -21.28 28.89 45.52
N THR B 300 -20.77 27.92 46.33
CA THR B 300 -21.27 27.61 47.67
C THR B 300 -21.18 28.87 48.53
N LYS B 301 -19.99 29.51 48.55
CA LYS B 301 -19.66 30.73 49.29
C LYS B 301 -20.60 31.86 48.91
N TRP B 302 -21.00 31.93 47.63
CA TRP B 302 -21.96 32.91 47.12
C TRP B 302 -23.35 32.63 47.66
N LEU B 303 -23.82 31.37 47.49
CA LEU B 303 -25.12 30.89 47.95
C LEU B 303 -25.31 31.05 49.46
N LEU B 304 -24.33 30.56 50.26
CA LEU B 304 -24.32 30.66 51.72
C LEU B 304 -24.41 32.11 52.15
N GLY B 305 -23.57 32.95 51.53
CA GLY B 305 -23.53 34.40 51.75
C GLY B 305 -24.91 34.99 51.52
N LEU B 306 -25.55 34.60 50.39
CA LEU B 306 -26.90 35.02 50.04
C LEU B 306 -27.99 34.51 50.98
N LEU B 307 -27.69 33.47 51.78
CA LEU B 307 -28.63 32.98 52.79
C LEU B 307 -28.24 33.74 54.04
N ASN B 308 -28.53 35.07 54.04
CA ASN B 308 -28.24 36.01 55.12
C ASN B 308 -29.13 37.27 55.08
N SER B 309 -30.34 37.27 55.73
CA SER B 309 -31.01 36.19 56.49
C SER B 309 -32.45 36.60 56.82
N GLU B 318 -36.58 36.18 48.98
CA GLU B 318 -36.91 34.83 48.53
C GLU B 318 -36.10 34.39 47.31
N LEU B 319 -35.34 33.30 47.49
CA LEU B 319 -34.52 32.64 46.48
C LEU B 319 -35.24 31.32 46.25
N PHE B 320 -36.39 31.20 46.93
CA PHE B 320 -37.25 30.02 46.98
C PHE B 320 -38.72 30.38 46.95
N THR B 321 -39.49 29.65 46.13
CA THR B 321 -40.94 29.80 46.03
C THR B 321 -41.60 29.19 47.26
N ASP B 322 -42.89 29.51 47.49
CA ASP B 322 -43.72 29.01 48.58
C ASP B 322 -43.58 27.49 48.69
N SER B 323 -43.91 26.79 47.59
CA SER B 323 -43.86 25.34 47.41
C SER B 323 -42.47 24.78 47.77
N GLU B 324 -41.40 25.48 47.31
CA GLU B 324 -40.01 25.10 47.54
C GLU B 324 -39.54 25.20 48.99
N CYS B 325 -39.92 26.29 49.71
CA CYS B 325 -39.54 26.50 51.12
C CYS B 325 -40.16 25.47 52.06
N LYS B 326 -41.49 25.24 51.95
CA LYS B 326 -42.24 24.27 52.75
C LYS B 326 -41.68 22.85 52.64
N GLU B 327 -41.30 22.45 51.40
CA GLU B 327 -40.71 21.14 51.10
C GLU B 327 -39.35 20.97 51.79
N ILE B 328 -38.49 22.03 51.74
CA ILE B 328 -37.14 22.06 52.35
C ILE B 328 -37.19 21.86 53.86
N SER B 329 -37.89 22.75 54.59
CA SER B 329 -38.02 22.74 56.05
C SER B 329 -38.62 21.44 56.58
N GLU B 330 -39.56 20.82 55.84
CA GLU B 330 -40.13 19.53 56.23
C GLU B 330 -39.15 18.36 55.88
N ILE B 331 -37.85 18.67 55.78
CA ILE B 331 -36.77 17.72 55.51
C ILE B 331 -35.52 18.07 56.37
N THR B 332 -35.50 19.28 56.97
CA THR B 332 -34.33 19.72 57.75
C THR B 332 -34.54 20.02 59.26
N GLY B 333 -35.78 19.93 59.74
CA GLY B 333 -36.13 20.11 61.15
C GLY B 333 -36.23 21.51 61.73
N GLY B 334 -35.95 22.54 60.94
CA GLY B 334 -35.99 23.91 61.44
C GLY B 334 -36.24 24.94 60.36
N PRO B 335 -35.87 26.24 60.59
CA PRO B 335 -36.05 27.27 59.55
C PRO B 335 -35.26 26.96 58.28
N ILE B 336 -35.39 27.77 57.23
CA ILE B 336 -34.67 27.49 55.98
C ILE B 336 -33.18 27.92 55.99
N ASN B 337 -32.93 29.21 56.26
CA ASN B 337 -31.64 29.89 56.22
C ASN B 337 -30.58 29.32 57.15
N GLU B 338 -30.92 29.09 58.43
CA GLU B 338 -29.99 28.55 59.43
C GLU B 338 -29.66 27.07 59.21
N THR B 339 -30.68 26.26 58.83
CA THR B 339 -30.50 24.83 58.59
C THR B 339 -29.58 24.58 57.40
N LEU B 340 -29.91 25.17 56.23
CA LEU B 340 -29.13 25.01 54.99
C LEU B 340 -27.72 25.54 55.10
N LYS B 341 -27.56 26.73 55.72
CA LYS B 341 -26.27 27.37 55.99
C LYS B 341 -25.31 26.38 56.66
N LEU B 342 -25.87 25.60 57.61
CA LEU B 342 -25.16 24.59 58.39
C LEU B 342 -24.73 23.37 57.54
N LEU B 343 -25.71 22.66 56.92
CA LEU B 343 -25.42 21.44 56.16
C LEU B 343 -24.87 21.58 54.74
N LEU B 344 -25.09 22.74 54.08
CA LEU B 344 -24.57 23.00 52.73
C LEU B 344 -23.06 23.24 52.69
N SER B 345 -22.44 23.41 53.88
CA SER B 345 -21.01 23.62 54.03
C SER B 345 -20.32 22.37 54.64
N SER B 346 -21.10 21.30 54.88
CA SER B 346 -20.58 20.07 55.49
C SER B 346 -20.69 18.75 54.69
N SER B 347 -21.07 18.81 53.38
CA SER B 347 -21.18 17.66 52.46
C SER B 347 -21.98 16.41 52.96
N GLU B 348 -22.81 16.58 54.00
CA GLU B 348 -23.64 15.50 54.56
C GLU B 348 -24.94 15.36 53.79
N TRP B 349 -25.47 16.50 53.29
CA TRP B 349 -26.74 16.64 52.56
C TRP B 349 -26.95 15.75 51.33
N VAL B 350 -25.87 15.14 50.82
CA VAL B 350 -25.87 14.26 49.65
C VAL B 350 -26.47 12.87 49.91
N GLN B 351 -26.22 12.31 51.10
CA GLN B 351 -26.72 11.00 51.51
C GLN B 351 -28.20 10.99 51.95
N SER B 352 -28.85 12.17 51.92
CA SER B 352 -30.27 12.35 52.21
C SER B 352 -30.93 12.67 50.86
N GLU B 353 -31.20 11.63 50.05
CA GLU B 353 -31.78 11.70 48.70
C GLU B 353 -33.07 12.53 48.55
N LYS B 354 -33.82 12.73 49.66
CA LYS B 354 -35.03 13.54 49.67
C LYS B 354 -34.62 15.01 49.45
N LEU B 355 -33.60 15.47 50.22
CA LEU B 355 -33.04 16.81 50.15
C LEU B 355 -32.31 17.08 48.82
N VAL B 356 -31.78 16.03 48.17
CA VAL B 356 -31.11 16.19 46.87
C VAL B 356 -32.13 16.53 45.79
N ARG B 357 -33.12 15.61 45.54
CA ARG B 357 -34.18 15.82 44.54
C ARG B 357 -34.93 17.11 44.76
N ALA B 358 -35.12 17.51 46.04
CA ALA B 358 -35.76 18.76 46.47
C ALA B 358 -34.97 19.97 45.93
N LEU B 359 -33.63 19.97 46.17
CA LEU B 359 -32.69 21.03 45.77
C LEU B 359 -32.23 21.00 44.32
N GLN B 360 -32.80 20.15 43.45
CA GLN B 360 -32.36 20.11 42.05
C GLN B 360 -32.65 21.40 41.25
N THR B 361 -33.93 21.63 40.90
CA THR B 361 -34.44 22.76 40.11
C THR B 361 -34.00 24.16 40.65
N PRO B 362 -34.15 24.50 41.97
CA PRO B 362 -33.75 25.84 42.41
C PRO B 362 -32.25 26.11 42.30
N LEU B 363 -31.40 25.15 42.77
CA LEU B 363 -29.95 25.27 42.69
C LEU B 363 -29.50 25.51 41.27
N MET B 364 -29.88 24.60 40.34
CA MET B 364 -29.58 24.70 38.90
C MET B 364 -29.96 26.08 38.36
N ARG B 365 -31.16 26.59 38.75
CA ARG B 365 -31.63 27.91 38.32
C ARG B 365 -30.80 29.07 38.91
N LEU B 366 -30.46 29.00 40.23
CA LEU B 366 -29.63 30.00 40.92
C LEU B 366 -28.22 29.99 40.37
N CYS B 367 -27.71 28.77 40.05
CA CYS B 367 -26.39 28.51 39.46
C CYS B 367 -26.29 29.16 38.10
N ALA B 368 -27.35 29.00 37.25
CA ALA B 368 -27.43 29.60 35.92
C ALA B 368 -27.22 31.08 36.06
N TRP B 369 -27.98 31.69 37.00
CA TRP B 369 -27.90 33.09 37.37
C TRP B 369 -26.51 33.47 37.87
N TYR B 370 -25.93 32.67 38.79
CA TYR B 370 -24.60 32.93 39.37
C TYR B 370 -23.53 33.18 38.30
N LEU B 371 -23.56 32.40 37.21
CA LEU B 371 -22.62 32.51 36.10
C LEU B 371 -23.02 33.62 35.14
N TYR B 372 -24.29 33.59 34.69
CA TYR B 372 -24.86 34.53 33.73
C TYR B 372 -25.12 35.95 34.27
N GLY B 373 -26.01 36.06 35.26
CA GLY B 373 -26.48 37.33 35.82
C GLY B 373 -25.58 38.11 36.75
N GLU B 374 -24.87 37.43 37.68
CA GLU B 374 -23.99 38.10 38.63
C GLU B 374 -22.71 38.64 38.00
N LYS B 375 -22.38 39.91 38.29
CA LYS B 375 -21.26 40.61 37.68
C LYS B 375 -20.32 41.32 38.65
N HIS B 376 -19.01 41.29 38.33
CA HIS B 376 -17.93 41.97 39.05
C HIS B 376 -17.28 42.85 37.99
N ARG B 377 -17.69 44.13 37.93
CA ARG B 377 -17.28 45.15 36.95
C ARG B 377 -17.95 44.88 35.58
N GLY B 378 -19.03 44.08 35.62
CA GLY B 378 -19.84 43.68 34.47
C GLY B 378 -19.31 42.47 33.70
N TYR B 379 -18.27 41.81 34.23
CA TYR B 379 -17.64 40.68 33.57
C TYR B 379 -17.96 39.23 33.93
N ALA B 380 -18.58 38.93 35.10
CA ALA B 380 -18.98 37.56 35.53
C ALA B 380 -18.22 36.98 36.71
N LEU B 381 -18.35 37.60 37.88
CA LEU B 381 -17.79 37.18 39.18
C LEU B 381 -16.95 35.89 39.19
N ASN B 382 -17.54 34.73 38.76
CA ASN B 382 -16.88 33.44 38.64
C ASN B 382 -15.64 33.59 37.73
N PRO B 383 -14.42 33.53 38.30
CA PRO B 383 -13.19 33.75 37.49
C PRO B 383 -12.97 32.71 36.39
N VAL B 384 -13.47 31.48 36.59
CA VAL B 384 -13.41 30.38 35.62
C VAL B 384 -14.36 30.74 34.48
N ALA B 385 -15.55 31.35 34.80
CA ALA B 385 -16.51 31.80 33.80
C ALA B 385 -15.87 32.87 32.94
N ASN B 386 -15.26 33.91 33.58
CA ASN B 386 -14.54 34.98 32.89
C ASN B 386 -13.48 34.41 31.96
N PHE B 387 -12.72 33.39 32.42
CA PHE B 387 -11.66 32.72 31.67
C PHE B 387 -12.13 32.14 30.32
N HIS B 388 -13.08 31.18 30.34
CA HIS B 388 -13.58 30.56 29.11
C HIS B 388 -14.33 31.52 28.20
N LEU B 389 -15.00 32.54 28.79
CA LEU B 389 -15.74 33.54 28.02
C LEU B 389 -14.84 34.53 27.31
N GLN B 390 -13.72 34.92 27.97
CA GLN B 390 -12.66 35.80 27.43
C GLN B 390 -12.20 35.17 26.11
N ASN B 391 -12.05 33.83 26.13
CA ASN B 391 -11.61 32.97 25.03
C ASN B 391 -12.66 32.77 23.93
N GLY B 392 -13.84 33.35 24.13
CA GLY B 392 -14.93 33.26 23.17
C GLY B 392 -15.74 31.98 23.29
N ALA B 393 -15.66 31.30 24.46
CA ALA B 393 -16.44 30.08 24.67
C ALA B 393 -17.90 30.45 24.96
N VAL B 394 -18.80 29.47 24.82
CA VAL B 394 -20.22 29.65 25.06
C VAL B 394 -20.52 28.92 26.36
N LEU B 395 -21.24 29.60 27.27
CA LEU B 395 -21.74 28.95 28.48
C LEU B 395 -22.85 28.07 27.89
N TRP B 396 -22.49 26.81 27.66
CA TRP B 396 -23.33 25.86 26.94
C TRP B 396 -24.29 24.97 27.74
N ARG B 397 -23.90 24.45 28.92
CA ARG B 397 -24.77 23.55 29.69
C ARG B 397 -24.36 23.48 31.15
N ILE B 398 -25.36 23.43 32.05
CA ILE B 398 -25.17 23.26 33.50
C ILE B 398 -25.52 21.81 33.79
N ASN B 399 -24.62 21.12 34.51
CA ASN B 399 -24.76 19.71 34.86
C ASN B 399 -24.94 19.43 36.34
N TRP B 400 -26.14 18.92 36.71
CA TRP B 400 -26.50 18.53 38.08
C TRP B 400 -25.68 17.32 38.55
N MET B 401 -25.26 17.32 39.85
CA MET B 401 -24.46 16.28 40.51
C MET B 401 -23.42 15.70 39.55
N ALA B 402 -22.53 16.56 39.04
CA ALA B 402 -21.51 16.17 38.09
C ALA B 402 -20.17 16.00 38.80
N ASP B 403 -20.07 16.54 40.04
CA ASP B 403 -18.88 16.41 40.89
C ASP B 403 -19.27 16.07 42.34
N VAL B 404 -19.27 14.76 42.64
CA VAL B 404 -19.63 14.21 43.95
C VAL B 404 -18.49 14.17 44.97
N SER B 405 -17.27 14.58 44.58
CA SER B 405 -16.11 14.59 45.48
C SER B 405 -16.26 15.68 46.53
N LEU B 406 -15.54 15.54 47.67
CA LEU B 406 -15.58 16.48 48.79
C LEU B 406 -15.44 17.94 48.35
N ARG B 407 -14.28 18.34 47.74
CA ARG B 407 -14.10 19.72 47.27
C ARG B 407 -15.21 20.16 46.35
N GLY B 408 -15.66 19.25 45.46
CA GLY B 408 -16.75 19.46 44.52
C GLY B 408 -18.06 19.85 45.17
N ILE B 409 -18.56 19.01 46.11
CA ILE B 409 -19.80 19.21 46.87
C ILE B 409 -19.77 20.54 47.65
N THR B 410 -18.77 20.71 48.52
CA THR B 410 -18.63 21.93 49.34
C THR B 410 -18.18 23.15 48.54
N GLY B 411 -17.62 22.94 47.35
CA GLY B 411 -17.15 24.01 46.49
C GLY B 411 -18.27 24.63 45.68
N SER B 412 -19.09 23.77 45.03
CA SER B 412 -20.20 24.22 44.18
C SER B 412 -21.43 23.30 44.18
N CYS B 413 -21.74 22.66 45.33
CA CYS B 413 -22.89 21.76 45.51
C CYS B 413 -23.03 20.69 44.39
N GLY B 414 -21.89 20.12 43.96
CA GLY B 414 -21.80 19.11 42.92
C GLY B 414 -21.97 19.55 41.48
N LEU B 415 -22.27 20.85 41.27
CA LEU B 415 -22.50 21.42 39.93
C LEU B 415 -21.24 21.68 39.12
N MET B 416 -21.21 21.16 37.89
CA MET B 416 -20.15 21.39 36.93
C MET B 416 -20.78 22.03 35.70
N ALA B 417 -20.07 22.95 35.06
CA ALA B 417 -20.57 23.66 33.88
C ALA B 417 -19.78 23.32 32.63
N ASN B 418 -20.48 23.32 31.49
CA ASN B 418 -19.87 23.05 30.19
C ASN B 418 -19.69 24.32 29.39
N TYR B 419 -18.42 24.65 29.10
CA TYR B 419 -18.07 25.79 28.28
C TYR B 419 -17.64 25.23 26.95
N ARG B 420 -18.45 25.48 25.92
CA ARG B 420 -18.19 24.96 24.59
C ARG B 420 -17.41 25.93 23.71
N TYR B 421 -16.56 25.38 22.84
CA TYR B 421 -15.74 26.10 21.90
C TYR B 421 -16.17 25.77 20.48
N PHE B 422 -16.85 26.72 19.83
CA PHE B 422 -17.27 26.61 18.45
C PHE B 422 -16.21 27.42 17.74
N LEU B 423 -15.29 26.70 17.08
CA LEU B 423 -14.10 27.23 16.44
C LEU B 423 -14.18 28.43 15.52
N GLU B 424 -15.17 28.47 14.63
CA GLU B 424 -15.38 29.55 13.66
C GLU B 424 -16.10 30.80 14.21
N GLU B 425 -16.43 30.79 15.52
CA GLU B 425 -17.08 31.92 16.19
C GLU B 425 -16.43 32.27 17.56
N THR B 426 -15.18 31.81 17.82
CA THR B 426 -14.48 32.14 19.08
C THR B 426 -14.00 33.59 19.06
N GLY B 427 -13.42 34.00 17.92
CA GLY B 427 -12.89 35.33 17.65
C GLY B 427 -13.89 36.45 17.94
N PRO B 428 -15.11 36.45 17.34
CA PRO B 428 -16.07 37.53 17.64
C PRO B 428 -16.68 37.42 19.02
N ASN B 429 -16.89 36.18 19.53
CA ASN B 429 -17.42 35.93 20.88
C ASN B 429 -16.50 36.51 21.94
N SER B 430 -15.17 36.52 21.66
CA SER B 430 -14.14 37.12 22.51
C SER B 430 -14.34 38.64 22.53
N THR B 431 -14.47 39.27 21.33
CA THR B 431 -14.70 40.71 21.13
C THR B 431 -15.98 41.18 21.83
N SER B 432 -17.10 40.49 21.57
CA SER B 432 -18.42 40.80 22.14
C SER B 432 -18.39 40.74 23.64
N TYR B 433 -17.75 39.70 24.19
CA TYR B 433 -17.60 39.51 25.62
C TYR B 433 -16.73 40.59 26.26
N LEU B 434 -15.60 40.92 25.62
CA LEU B 434 -14.68 41.92 26.16
C LEU B 434 -15.13 43.35 25.91
N GLY B 435 -15.49 43.66 24.67
CA GLY B 435 -15.93 44.99 24.26
C GLY B 435 -17.28 45.39 24.81
N SER B 436 -18.33 44.61 24.49
CA SER B 436 -19.71 44.88 24.89
C SER B 436 -20.21 44.24 26.19
N LYS B 437 -19.39 43.37 26.86
CA LYS B 437 -19.72 42.67 28.11
C LYS B 437 -20.90 41.66 27.96
N ILE B 438 -21.07 41.10 26.74
CA ILE B 438 -22.12 40.14 26.39
C ILE B 438 -21.70 38.69 26.67
N ILE B 439 -22.63 37.87 27.18
CA ILE B 439 -22.39 36.44 27.36
C ILE B 439 -23.27 35.67 26.37
N LYS B 440 -22.64 34.79 25.59
CA LYS B 440 -23.34 33.92 24.67
C LYS B 440 -23.68 32.65 25.45
N ALA B 441 -24.98 32.34 25.57
CA ALA B 441 -25.44 31.16 26.30
C ALA B 441 -26.44 30.35 25.48
N SER B 442 -26.43 29.02 25.68
CA SER B 442 -27.32 28.08 25.01
C SER B 442 -28.75 28.20 25.54
N GLU B 443 -29.74 27.64 24.81
CA GLU B 443 -31.17 27.62 25.16
C GLU B 443 -31.46 27.03 26.53
N GLN B 444 -30.68 26.01 26.97
CA GLN B 444 -30.82 25.35 28.28
C GLN B 444 -30.52 26.33 29.43
N VAL B 445 -29.41 27.08 29.31
CA VAL B 445 -28.95 28.07 30.29
C VAL B 445 -29.92 29.26 30.37
N LEU B 446 -30.32 29.80 29.19
CA LEU B 446 -31.26 30.93 29.06
C LEU B 446 -32.61 30.60 29.69
N SER B 447 -33.01 29.31 29.64
CA SER B 447 -34.25 28.80 30.22
C SER B 447 -34.20 28.84 31.76
N LEU B 448 -33.06 28.44 32.34
CA LEU B 448 -32.83 28.44 33.79
C LEU B 448 -32.78 29.86 34.33
N VAL B 449 -32.16 30.80 33.55
CA VAL B 449 -32.09 32.23 33.87
C VAL B 449 -33.52 32.74 33.82
N ALA B 450 -34.30 32.32 32.79
CA ALA B 450 -35.71 32.67 32.61
C ALA B 450 -36.54 32.23 33.82
N GLN B 451 -36.34 30.97 34.32
CA GLN B 451 -37.00 30.41 35.51
C GLN B 451 -36.73 31.31 36.72
N PHE B 452 -35.44 31.65 36.95
CA PHE B 452 -34.95 32.50 38.03
C PHE B 452 -35.59 33.89 38.04
N GLN B 453 -35.90 34.44 36.84
CA GLN B 453 -36.49 35.76 36.68
C GLN B 453 -37.88 35.93 37.29
N LYS B 454 -38.52 34.82 37.71
CA LYS B 454 -39.81 34.86 38.37
C LYS B 454 -39.68 35.19 39.85
N ASN B 455 -38.42 35.20 40.34
CA ASN B 455 -38.07 35.56 41.72
C ASN B 455 -37.71 37.04 41.73
N GLY C 3 3.86 -34.39 13.25
CA GLY C 3 3.54 -34.77 11.88
C GLY C 3 4.12 -33.77 10.87
N ALA C 4 3.47 -32.59 10.71
CA ALA C 4 3.90 -31.51 9.81
C ALA C 4 5.13 -30.79 10.34
N MET C 5 5.33 -30.85 11.68
CA MET C 5 6.47 -30.30 12.42
C MET C 5 7.76 -30.68 11.69
N ASP C 6 7.83 -31.97 11.29
CA ASP C 6 8.90 -32.61 10.53
C ASP C 6 9.11 -31.95 9.18
N GLU C 7 8.01 -31.68 8.44
CA GLU C 7 8.05 -31.04 7.12
C GLU C 7 8.75 -29.70 7.17
N LEU C 8 8.27 -28.76 8.04
CA LEU C 8 8.86 -27.42 8.19
C LEU C 8 10.38 -27.50 8.35
N LEU C 9 10.85 -28.33 9.30
CA LEU C 9 12.26 -28.55 9.61
C LEU C 9 13.13 -28.88 8.41
N ARG C 10 12.61 -29.71 7.49
CA ARG C 10 13.32 -30.15 6.29
C ARG C 10 13.40 -29.11 5.16
N ARG C 11 12.60 -28.04 5.24
CA ARG C 11 12.59 -26.95 4.25
C ARG C 11 12.97 -25.60 4.89
N ALA C 12 13.14 -25.58 6.24
CA ALA C 12 13.50 -24.38 7.01
C ALA C 12 14.92 -24.35 7.54
N VAL C 13 15.46 -25.48 8.03
CA VAL C 13 16.84 -25.52 8.54
C VAL C 13 17.72 -25.47 7.28
N PRO C 14 18.42 -24.35 7.03
CA PRO C 14 19.25 -24.27 5.82
C PRO C 14 20.22 -25.44 5.68
N PRO C 15 20.40 -25.95 4.45
CA PRO C 15 21.32 -27.09 4.26
C PRO C 15 22.79 -26.72 4.35
N THR C 16 23.61 -27.67 4.87
CA THR C 16 25.05 -27.49 4.98
C THR C 16 25.66 -27.23 3.61
N PRO C 17 26.29 -26.06 3.41
CA PRO C 17 26.92 -25.79 2.12
C PRO C 17 28.17 -26.64 1.88
N ALA C 18 28.57 -26.79 0.60
CA ALA C 18 29.68 -27.58 0.05
C ALA C 18 31.01 -27.66 0.82
N TYR C 19 31.56 -26.51 1.30
CA TYR C 19 32.84 -26.30 2.02
C TYR C 19 33.59 -25.15 1.35
N GLU C 20 33.58 -25.15 0.00
CA GLU C 20 34.22 -24.13 -0.84
C GLU C 20 33.35 -22.88 -0.74
N LEU C 21 32.02 -23.10 -0.68
CA LEU C 21 31.00 -22.06 -0.50
C LEU C 21 30.67 -21.87 1.01
N ARG C 22 31.57 -22.28 1.92
CA ARG C 22 31.34 -22.19 3.37
C ARG C 22 31.40 -20.79 4.00
N GLU C 23 32.13 -19.84 3.41
CA GLU C 23 32.27 -18.49 3.97
C GLU C 23 31.34 -17.49 3.31
N LYS C 24 30.43 -18.01 2.47
CA LYS C 24 29.48 -17.20 1.72
C LYS C 24 28.06 -17.61 2.00
N THR C 25 27.22 -16.64 2.40
CA THR C 25 25.83 -16.93 2.68
C THR C 25 25.08 -17.23 1.40
N PRO C 26 24.33 -18.35 1.37
CA PRO C 26 23.50 -18.62 0.18
C PRO C 26 22.29 -17.68 0.24
N ALA C 27 21.66 -17.36 -0.91
CA ALA C 27 20.50 -16.47 -0.92
C ALA C 27 19.29 -17.00 -0.10
N PRO C 28 18.72 -18.22 -0.39
CA PRO C 28 17.55 -18.71 0.38
C PRO C 28 17.62 -18.79 1.90
N ALA C 29 18.82 -18.62 2.49
CA ALA C 29 19.06 -18.66 3.94
C ALA C 29 18.16 -17.68 4.69
N GLU C 30 18.02 -16.43 4.15
CA GLU C 30 17.15 -15.38 4.72
C GLU C 30 15.70 -15.87 4.82
N GLY C 31 15.16 -16.37 3.71
CA GLY C 31 13.81 -16.92 3.58
C GLY C 31 13.56 -18.11 4.48
N GLN C 32 14.41 -19.16 4.36
CA GLN C 32 14.35 -20.41 5.13
C GLN C 32 14.26 -20.19 6.64
N CYS C 33 15.03 -19.21 7.17
CA CYS C 33 15.08 -18.84 8.58
C CYS C 33 13.78 -18.20 9.07
N ALA C 34 13.30 -17.17 8.35
CA ALA C 34 12.06 -16.45 8.66
C ALA C 34 10.90 -17.43 8.79
N ASP C 35 10.91 -18.51 7.96
CA ASP C 35 9.92 -19.58 7.97
C ASP C 35 9.98 -20.35 9.29
N PHE C 36 11.21 -20.60 9.80
CA PHE C 36 11.44 -21.28 11.06
C PHE C 36 10.97 -20.41 12.22
N VAL C 37 11.33 -19.11 12.21
CA VAL C 37 10.94 -18.09 13.22
C VAL C 37 9.41 -17.96 13.21
N SER C 38 8.81 -17.87 12.00
CA SER C 38 7.36 -17.78 11.78
C SER C 38 6.65 -18.94 12.43
N PHE C 39 7.11 -20.17 12.13
CA PHE C 39 6.55 -21.41 12.64
C PHE C 39 6.67 -21.56 14.15
N TYR C 40 7.91 -21.49 14.68
CA TYR C 40 8.20 -21.61 16.12
C TYR C 40 7.39 -20.57 16.92
N GLY C 41 7.24 -19.38 16.33
CA GLY C 41 6.43 -18.28 16.87
C GLY C 41 4.96 -18.65 16.95
N GLY C 42 4.48 -19.33 15.90
CA GLY C 42 3.11 -19.81 15.76
C GLY C 42 2.72 -20.86 16.77
N LEU C 43 3.70 -21.65 17.28
CA LEU C 43 3.48 -22.70 18.28
C LEU C 43 3.23 -22.10 19.66
N ALA C 44 1.97 -22.22 20.14
CA ALA C 44 1.51 -21.68 21.42
C ALA C 44 1.93 -22.47 22.68
N GLU C 45 1.38 -23.69 22.90
CA GLU C 45 1.72 -24.53 24.05
C GLU C 45 3.19 -24.97 23.94
N THR C 46 3.98 -24.81 25.05
CA THR C 46 5.42 -25.12 25.13
C THR C 46 5.81 -26.53 24.69
N ALA C 47 5.03 -27.56 25.10
CA ALA C 47 5.32 -28.97 24.79
C ALA C 47 5.61 -29.23 23.31
N GLN C 48 4.95 -28.47 22.41
CA GLN C 48 5.15 -28.50 20.97
C GLN C 48 6.53 -27.96 20.64
N ARG C 49 6.87 -26.76 21.20
CA ARG C 49 8.18 -26.09 21.07
C ARG C 49 9.27 -27.04 21.53
N ALA C 50 9.04 -27.76 22.67
CA ALA C 50 9.95 -28.76 23.25
C ALA C 50 10.21 -29.92 22.30
N GLU C 51 9.14 -30.46 21.65
CA GLU C 51 9.27 -31.57 20.70
C GLU C 51 10.03 -31.15 19.44
N LEU C 52 9.69 -29.96 18.88
CA LEU C 52 10.34 -29.39 17.71
C LEU C 52 11.85 -29.20 17.95
N LEU C 53 12.22 -28.74 19.16
CA LEU C 53 13.62 -28.57 19.57
C LEU C 53 14.35 -29.92 19.59
N GLY C 54 13.62 -30.96 20.02
CA GLY C 54 14.08 -32.34 20.05
C GLY C 54 14.35 -32.86 18.65
N ARG C 55 13.39 -32.60 17.74
CA ARG C 55 13.40 -32.95 16.32
C ARG C 55 14.60 -32.32 15.63
N LEU C 56 14.91 -31.06 16.00
CA LEU C 56 16.02 -30.27 15.48
C LEU C 56 17.38 -30.84 15.92
N ALA C 57 17.59 -31.02 17.25
CA ALA C 57 18.83 -31.56 17.84
C ALA C 57 19.20 -32.94 17.29
N ARG C 58 18.17 -33.79 17.06
CA ARG C 58 18.31 -35.14 16.54
C ARG C 58 18.66 -35.18 15.06
N GLY C 59 17.81 -34.57 14.24
CA GLY C 59 17.97 -34.60 12.79
C GLY C 59 18.98 -33.66 12.17
N PHE C 60 19.35 -32.57 12.88
CA PHE C 60 20.19 -31.51 12.31
C PHE C 60 21.50 -31.19 13.04
N GLY C 61 22.14 -32.21 13.59
CA GLY C 61 23.41 -32.06 14.26
C GLY C 61 24.54 -32.33 13.29
N VAL C 62 25.63 -32.94 13.80
CA VAL C 62 26.80 -33.34 13.03
C VAL C 62 26.41 -34.46 12.09
N ASP C 63 26.98 -34.43 10.89
CA ASP C 63 26.78 -35.50 9.94
C ASP C 63 27.81 -36.55 10.37
N HIS C 64 27.34 -37.64 11.00
CA HIS C 64 28.17 -38.72 11.52
C HIS C 64 28.94 -39.52 10.48
N GLY C 65 28.39 -39.61 9.26
CA GLY C 65 29.00 -40.31 8.14
C GLY C 65 30.23 -39.59 7.61
N GLN C 66 30.06 -38.28 7.30
CA GLN C 66 31.10 -37.37 6.82
C GLN C 66 32.27 -37.25 7.79
N VAL C 67 32.00 -37.29 9.11
CA VAL C 67 32.99 -37.21 10.20
C VAL C 67 33.95 -38.41 10.17
N ALA C 68 33.38 -39.63 10.28
CA ALA C 68 34.11 -40.91 10.26
C ALA C 68 34.96 -41.04 9.01
N GLU C 69 34.44 -40.53 7.88
CA GLU C 69 35.10 -40.50 6.58
C GLU C 69 36.35 -39.61 6.62
N GLN C 70 36.19 -38.33 7.02
CA GLN C 70 37.28 -37.35 7.13
C GLN C 70 38.34 -37.71 8.17
N SER C 71 37.95 -38.50 9.20
CA SER C 71 38.83 -38.98 10.26
C SER C 71 39.79 -39.99 9.65
N ALA C 72 39.25 -40.91 8.81
CA ALA C 72 40.03 -41.89 8.05
C ALA C 72 40.92 -41.14 7.07
N GLY C 73 40.39 -40.04 6.52
CA GLY C 73 41.08 -39.12 5.63
C GLY C 73 42.39 -38.65 6.21
N VAL C 74 42.34 -38.03 7.42
CA VAL C 74 43.49 -37.53 8.20
C VAL C 74 44.46 -38.67 8.58
N LEU C 75 43.92 -39.86 8.89
CA LEU C 75 44.71 -41.03 9.26
C LEU C 75 45.46 -41.62 8.08
N HIS C 76 44.74 -41.84 6.96
CA HIS C 76 45.30 -42.36 5.71
C HIS C 76 46.42 -41.51 5.15
N LEU C 77 46.48 -40.21 5.53
CA LEU C 77 47.53 -39.28 5.09
C LEU C 77 48.75 -39.30 6.00
N ARG C 78 48.54 -39.52 7.31
CA ARG C 78 49.63 -39.59 8.28
C ARG C 78 50.44 -40.89 8.21
N GLN C 79 49.96 -41.87 7.40
CA GLN C 79 50.63 -43.15 7.16
C GLN C 79 51.65 -42.99 6.03
N GLN C 80 51.54 -41.86 5.31
CA GLN C 80 52.35 -41.52 4.16
C GLN C 80 52.92 -40.10 4.22
N GLN C 81 53.22 -39.62 5.46
CA GLN C 81 53.81 -38.32 5.79
C GLN C 81 53.75 -37.32 4.65
N ARG C 82 52.57 -36.73 4.43
CA ARG C 82 52.41 -35.78 3.34
C ARG C 82 52.70 -34.37 3.87
N GLU C 83 52.92 -33.42 2.96
CA GLU C 83 53.21 -32.02 3.22
C GLU C 83 52.14 -31.39 4.11
N ALA C 84 52.56 -30.46 5.02
CA ALA C 84 51.69 -29.72 5.94
C ALA C 84 50.54 -29.11 5.14
N ALA C 85 50.87 -28.59 3.93
CA ALA C 85 49.96 -28.03 2.94
C ALA C 85 48.70 -28.90 2.78
N VAL C 86 48.91 -30.24 2.63
CA VAL C 86 47.87 -31.27 2.46
C VAL C 86 47.21 -31.68 3.78
N LEU C 87 48.00 -31.94 4.84
CA LEU C 87 47.49 -32.38 6.14
C LEU C 87 46.52 -31.38 6.76
N LEU C 88 46.86 -30.08 6.68
CA LEU C 88 46.03 -28.98 7.19
C LEU C 88 44.68 -28.90 6.47
N GLN C 89 44.69 -29.10 5.14
CA GLN C 89 43.51 -29.11 4.28
C GLN C 89 42.53 -30.20 4.72
N ALA C 90 43.03 -31.44 4.89
CA ALA C 90 42.26 -32.60 5.35
C ALA C 90 41.75 -32.42 6.79
N GLU C 91 42.54 -31.76 7.64
CA GLU C 91 42.19 -31.47 9.03
C GLU C 91 41.04 -30.49 9.09
N ASP C 92 41.07 -29.45 8.22
CA ASP C 92 40.08 -28.40 8.14
C ASP C 92 38.70 -28.87 7.70
N ARG C 93 38.64 -29.77 6.69
CA ARG C 93 37.39 -30.35 6.20
C ARG C 93 36.73 -31.19 7.28
N LEU C 94 37.55 -31.83 8.13
CA LEU C 94 37.10 -32.61 9.28
C LEU C 94 36.51 -31.69 10.35
N ARG C 95 37.15 -30.51 10.57
CA ARG C 95 36.73 -29.49 11.52
C ARG C 95 35.40 -28.87 11.08
N TYR C 96 35.25 -28.64 9.75
CA TYR C 96 34.03 -28.11 9.16
C TYR C 96 32.95 -29.19 9.25
N ALA C 97 33.28 -30.43 8.87
CA ALA C 97 32.35 -31.57 8.94
C ALA C 97 31.85 -31.84 10.37
N LEU C 98 32.57 -31.34 11.40
CA LEU C 98 32.22 -31.46 12.83
C LEU C 98 31.28 -30.38 13.35
N VAL C 99 31.22 -29.23 12.66
CA VAL C 99 30.30 -28.15 13.01
C VAL C 99 28.86 -28.63 12.69
N PRO C 100 27.96 -28.72 13.69
CA PRO C 100 26.60 -29.21 13.39
C PRO C 100 25.77 -28.27 12.53
N ARG C 101 24.77 -28.83 11.83
CA ARG C 101 23.87 -28.10 10.93
C ARG C 101 23.06 -27.01 11.63
N TYR C 102 22.61 -27.22 12.89
CA TYR C 102 21.82 -26.19 13.60
C TYR C 102 22.55 -24.87 13.87
N ARG C 103 23.90 -24.86 13.76
CA ARG C 103 24.66 -23.61 13.94
C ARG C 103 24.33 -22.61 12.83
N GLY C 104 24.15 -23.12 11.61
CA GLY C 104 23.77 -22.36 10.43
C GLY C 104 22.42 -21.68 10.60
N LEU C 105 21.45 -22.42 11.17
CA LEU C 105 20.10 -21.95 11.48
C LEU C 105 20.20 -20.75 12.42
N PHE C 106 20.84 -20.96 13.59
CA PHE C 106 21.08 -19.97 14.63
C PHE C 106 21.80 -18.74 14.11
N HIS C 107 22.89 -18.95 13.35
CA HIS C 107 23.68 -17.88 12.75
C HIS C 107 22.84 -17.07 11.78
N HIS C 108 22.14 -17.76 10.86
CA HIS C 108 21.28 -17.10 9.89
C HIS C 108 20.05 -16.43 10.49
N ILE C 109 19.59 -16.89 11.69
CA ILE C 109 18.46 -16.28 12.41
C ILE C 109 18.95 -15.00 13.08
N SER C 110 20.22 -14.96 13.52
CA SER C 110 20.82 -13.78 14.17
C SER C 110 20.75 -12.51 13.31
N LYS C 111 20.97 -12.65 11.99
CA LYS C 111 20.95 -11.59 10.98
C LYS C 111 19.56 -11.00 10.77
N LEU C 112 18.50 -11.79 11.07
CA LEU C 112 17.10 -11.40 10.94
C LEU C 112 16.71 -10.15 11.72
N ASP C 113 15.56 -9.56 11.37
CA ASP C 113 15.02 -8.33 11.95
C ASP C 113 14.74 -8.32 13.46
N GLY C 114 14.61 -9.49 14.08
CA GLY C 114 14.39 -9.63 15.52
C GLY C 114 14.99 -10.90 16.08
N GLY C 115 15.91 -11.48 15.29
CA GLY C 115 16.65 -12.71 15.52
C GLY C 115 17.32 -12.97 16.86
N VAL C 116 18.24 -12.09 17.32
CA VAL C 116 18.96 -12.27 18.60
C VAL C 116 17.99 -12.34 19.79
N ARG C 117 16.93 -11.50 19.76
CA ARG C 117 15.86 -11.49 20.75
C ARG C 117 15.23 -12.89 20.72
N PHE C 118 14.74 -13.31 19.53
CA PHE C 118 14.15 -14.62 19.23
C PHE C 118 15.00 -15.78 19.78
N LEU C 119 16.33 -15.76 19.49
CA LEU C 119 17.28 -16.80 19.91
C LEU C 119 17.40 -16.92 21.41
N VAL C 120 17.30 -15.78 22.14
CA VAL C 120 17.33 -15.71 23.60
C VAL C 120 16.10 -16.47 24.14
N GLN C 121 14.89 -16.11 23.62
CA GLN C 121 13.62 -16.72 23.97
C GLN C 121 13.61 -18.22 23.67
N LEU C 122 14.29 -18.63 22.58
CA LEU C 122 14.43 -20.03 22.17
C LEU C 122 15.24 -20.81 23.21
N ARG C 123 16.37 -20.22 23.70
CA ARG C 123 17.22 -20.82 24.73
C ARG C 123 16.44 -21.03 26.01
N ALA C 124 15.66 -19.99 26.44
CA ALA C 124 14.81 -20.04 27.63
C ALA C 124 13.94 -21.31 27.60
N ASP C 125 13.28 -21.57 26.45
CA ASP C 125 12.44 -22.74 26.20
C ASP C 125 13.20 -24.05 26.31
N LEU C 126 14.43 -24.10 25.75
CA LEU C 126 15.31 -25.26 25.77
C LEU C 126 15.78 -25.61 27.20
N LEU C 127 15.97 -24.57 28.04
CA LEU C 127 16.35 -24.76 29.44
C LEU C 127 15.14 -25.19 30.27
N GLU C 128 13.94 -24.72 29.88
CA GLU C 128 12.66 -25.08 30.51
C GLU C 128 12.34 -26.52 30.15
N ALA C 129 12.38 -26.83 28.82
CA ALA C 129 12.14 -28.16 28.26
C ALA C 129 13.02 -29.23 28.91
N GLN C 130 14.23 -28.84 29.36
CA GLN C 130 15.11 -29.76 30.07
C GLN C 130 14.68 -29.88 31.54
N ALA C 131 14.52 -28.73 32.24
CA ALA C 131 14.09 -28.65 33.66
C ALA C 131 12.70 -29.24 33.96
N LEU C 132 12.00 -29.70 32.91
CA LEU C 132 10.67 -30.31 32.98
C LEU C 132 10.72 -31.68 32.31
N LYS C 133 11.93 -32.30 32.23
CA LYS C 133 12.24 -33.58 31.59
C LYS C 133 11.37 -33.81 30.34
N LEU C 134 11.17 -32.74 29.54
CA LEU C 134 10.36 -32.76 28.32
C LEU C 134 11.20 -33.17 27.12
N VAL C 135 12.54 -32.99 27.23
CA VAL C 135 13.55 -33.33 26.24
C VAL C 135 14.85 -33.76 26.93
N GLU C 136 15.11 -35.07 26.92
CA GLU C 136 16.33 -35.64 27.48
C GLU C 136 17.23 -35.99 26.31
N GLY C 137 18.48 -36.35 26.57
CA GLY C 137 19.39 -36.75 25.52
C GLY C 137 20.63 -35.92 25.28
N PRO C 138 21.73 -36.58 24.88
CA PRO C 138 22.98 -35.86 24.57
C PRO C 138 22.89 -34.90 23.37
N ASP C 139 21.92 -35.11 22.45
CA ASP C 139 21.71 -34.27 21.27
C ASP C 139 21.22 -32.90 21.66
N VAL C 140 20.23 -32.82 22.59
CA VAL C 140 19.70 -31.56 23.13
C VAL C 140 20.79 -30.89 23.96
N ARG C 141 21.62 -31.71 24.63
CA ARG C 141 22.74 -31.28 25.46
C ARG C 141 23.78 -30.62 24.57
N GLU C 142 24.07 -31.25 23.41
CA GLU C 142 24.99 -30.76 22.38
C GLU C 142 24.50 -29.42 21.83
N MET C 143 23.20 -29.36 21.43
CA MET C 143 22.53 -28.19 20.91
C MET C 143 22.47 -27.03 21.90
N ASN C 144 22.34 -27.33 23.20
CA ASN C 144 22.29 -26.32 24.25
C ASN C 144 23.60 -25.58 24.36
N GLY C 145 24.69 -26.33 24.46
CA GLY C 145 26.06 -25.82 24.54
C GLY C 145 26.49 -24.97 23.37
N VAL C 146 26.01 -25.33 22.15
CA VAL C 146 26.30 -24.62 20.90
C VAL C 146 25.57 -23.27 20.90
N LEU C 147 24.33 -23.24 21.42
CA LEU C 147 23.53 -22.02 21.48
C LEU C 147 24.06 -21.04 22.52
N LYS C 148 24.51 -21.56 23.68
CA LYS C 148 25.09 -20.80 24.79
C LYS C 148 26.34 -20.05 24.30
N GLY C 149 27.25 -20.81 23.66
CA GLY C 149 28.50 -20.31 23.06
C GLY C 149 28.28 -19.18 22.09
N MET C 150 27.26 -19.33 21.21
CA MET C 150 26.87 -18.31 20.23
C MET C 150 26.38 -17.08 20.98
N LEU C 151 25.46 -17.27 21.96
CA LEU C 151 24.93 -16.20 22.80
C LEU C 151 25.98 -15.51 23.67
N SER C 152 27.10 -16.20 23.97
CA SER C 152 28.21 -15.66 24.77
C SER C 152 28.98 -14.58 24.04
N GLU C 153 29.12 -14.72 22.72
CA GLU C 153 29.83 -13.74 21.90
C GLU C 153 29.00 -12.51 21.61
N TRP C 154 27.66 -12.66 21.55
CA TRP C 154 26.73 -11.56 21.27
C TRP C 154 26.38 -10.75 22.50
N PHE C 155 26.69 -11.27 23.69
CA PHE C 155 26.40 -10.58 24.95
C PHE C 155 27.68 -10.49 25.77
N SER C 156 28.75 -10.02 25.13
CA SER C 156 30.04 -9.85 25.77
C SER C 156 30.25 -8.38 25.96
N SER C 157 30.59 -7.97 27.20
CA SER C 157 30.89 -6.59 27.64
C SER C 157 30.81 -5.51 26.55
N GLY C 158 31.68 -5.62 25.54
CA GLY C 158 31.77 -4.73 24.38
C GLY C 158 30.52 -4.63 23.51
N PHE C 159 29.48 -5.43 23.83
CA PHE C 159 28.19 -5.48 23.16
C PHE C 159 27.08 -4.95 24.07
N LEU C 160 27.46 -4.41 25.23
CA LEU C 160 26.50 -3.93 26.22
C LEU C 160 26.75 -2.48 26.61
N ASN C 161 25.65 -1.75 26.89
CA ASN C 161 25.71 -0.35 27.31
C ASN C 161 25.56 -0.30 28.80
N LEU C 162 26.15 0.72 29.43
CA LEU C 162 25.99 0.91 30.86
C LEU C 162 25.08 2.12 31.03
N GLU C 163 23.79 1.86 31.27
CA GLU C 163 22.81 2.91 31.43
C GLU C 163 22.54 3.17 32.89
N ARG C 164 22.34 4.44 33.23
CA ARG C 164 22.06 4.85 34.58
C ARG C 164 20.61 5.26 34.71
N VAL C 165 19.99 4.86 35.83
CA VAL C 165 18.62 5.20 36.17
C VAL C 165 18.72 6.26 37.25
N THR C 166 17.98 7.34 37.06
CA THR C 166 17.85 8.43 38.01
C THR C 166 16.37 8.79 38.02
N TRP C 167 16.01 9.88 38.72
CA TRP C 167 14.64 10.37 38.73
C TRP C 167 14.32 11.12 37.43
N HIS C 168 15.37 11.46 36.66
CA HIS C 168 15.23 12.11 35.36
C HIS C 168 14.91 11.08 34.27
N SER C 169 15.14 9.78 34.56
CA SER C 169 14.83 8.69 33.64
C SER C 169 13.30 8.58 33.41
N PRO C 170 12.84 8.08 32.23
CA PRO C 170 11.39 7.96 32.00
C PRO C 170 10.74 6.99 32.98
N CYS C 171 9.41 7.13 33.20
CA CYS C 171 8.60 6.26 34.05
C CYS C 171 8.64 4.84 33.54
N GLU C 172 8.47 4.67 32.20
CA GLU C 172 8.53 3.38 31.48
C GLU C 172 9.72 2.55 31.98
N VAL C 173 10.91 3.18 32.05
CA VAL C 173 12.18 2.62 32.54
C VAL C 173 12.10 2.21 34.02
N LEU C 174 11.57 3.10 34.90
CA LEU C 174 11.43 2.83 36.33
C LEU C 174 10.48 1.66 36.59
N GLN C 175 9.40 1.57 35.78
CA GLN C 175 8.43 0.50 35.83
C GLN C 175 9.09 -0.83 35.45
N LYS C 176 10.00 -0.83 34.44
CA LYS C 176 10.74 -2.01 34.02
C LYS C 176 11.66 -2.52 35.15
N ILE C 177 12.40 -1.61 35.83
CA ILE C 177 13.29 -1.94 36.96
C ILE C 177 12.53 -2.48 38.17
N SER C 178 11.35 -1.90 38.47
CA SER C 178 10.51 -2.33 39.59
C SER C 178 10.07 -3.78 39.35
N GLU C 179 9.56 -4.06 38.14
CA GLU C 179 9.08 -5.37 37.71
C GLU C 179 10.19 -6.41 37.77
N ALA C 180 11.33 -6.16 37.10
CA ALA C 180 12.49 -7.07 37.06
C ALA C 180 13.32 -7.11 38.36
N GLU C 181 12.81 -6.48 39.45
CA GLU C 181 13.47 -6.48 40.77
C GLU C 181 13.39 -7.88 41.42
N ALA C 182 14.57 -8.54 41.57
CA ALA C 182 14.72 -9.93 42.03
C ALA C 182 15.28 -10.25 43.44
N VAL C 183 16.06 -9.35 44.08
CA VAL C 183 16.65 -9.67 45.40
C VAL C 183 15.80 -9.17 46.59
N HIS C 184 15.39 -7.88 46.55
CA HIS C 184 14.57 -7.24 47.58
C HIS C 184 13.43 -6.39 46.93
N PRO C 185 12.23 -6.97 46.68
CA PRO C 185 11.12 -6.21 46.07
C PRO C 185 10.87 -4.77 46.59
N VAL C 186 10.75 -3.81 45.64
CA VAL C 186 10.51 -2.39 45.90
C VAL C 186 9.13 -2.18 46.56
N LYS C 187 9.13 -1.56 47.76
CA LYS C 187 7.94 -1.28 48.59
C LYS C 187 6.87 -0.37 47.96
N ASN C 188 7.17 0.91 47.70
CA ASN C 188 6.22 1.87 47.11
C ASN C 188 6.98 2.82 46.17
N TRP C 189 6.29 3.81 45.56
CA TRP C 189 6.96 4.75 44.64
C TRP C 189 7.89 5.68 45.39
N MET C 190 7.43 6.23 46.55
CA MET C 190 8.21 7.11 47.43
C MET C 190 9.54 6.40 47.75
N ASP C 191 9.50 5.04 47.77
CA ASP C 191 10.67 4.18 47.95
C ASP C 191 11.55 4.17 46.71
N MET C 192 10.96 3.92 45.50
CA MET C 192 11.71 3.89 44.24
C MET C 192 12.55 5.17 44.07
N LYS C 193 11.99 6.36 44.38
CA LYS C 193 12.68 7.66 44.35
C LYS C 193 13.96 7.62 45.20
N ARG C 194 13.87 7.04 46.42
CA ARG C 194 15.00 6.90 47.35
C ARG C 194 16.12 6.02 46.78
N ARG C 195 15.77 4.90 46.12
CA ARG C 195 16.71 3.93 45.55
C ARG C 195 17.57 4.44 44.37
N VAL C 196 17.18 5.58 43.78
CA VAL C 196 17.85 6.22 42.63
C VAL C 196 18.22 7.69 43.00
N GLY C 197 18.20 8.00 44.29
CA GLY C 197 18.46 9.34 44.81
C GLY C 197 19.83 9.55 45.42
N PRO C 198 19.94 10.49 46.40
CA PRO C 198 21.24 10.72 47.04
C PRO C 198 21.71 9.50 47.81
N TYR C 199 23.02 9.19 47.67
CA TYR C 199 23.73 8.04 48.29
C TYR C 199 23.34 6.66 47.73
N ARG C 200 22.65 6.64 46.59
CA ARG C 200 22.23 5.39 45.93
C ARG C 200 22.40 5.52 44.43
N ARG C 201 22.99 4.50 43.80
CA ARG C 201 23.17 4.46 42.36
C ARG C 201 22.53 3.21 41.79
N CYS C 202 21.82 3.37 40.67
CA CYS C 202 21.13 2.29 40.00
C CYS C 202 21.51 2.25 38.53
N TYR C 203 22.05 1.10 38.11
CA TYR C 203 22.50 0.89 36.74
C TYR C 203 21.93 -0.39 36.16
N PHE C 204 22.01 -0.48 34.83
CA PHE C 204 21.64 -1.65 34.06
C PHE C 204 22.44 -1.72 32.79
N PHE C 205 22.58 -2.94 32.29
CA PHE C 205 23.27 -3.22 31.04
C PHE C 205 22.21 -3.57 30.02
N SER C 206 22.30 -2.95 28.85
CA SER C 206 21.38 -3.19 27.74
C SER C 206 22.20 -3.61 26.55
N HIS C 207 21.61 -4.41 25.64
CA HIS C 207 22.34 -4.75 24.42
C HIS C 207 22.37 -3.49 23.58
N CYS C 208 23.51 -3.20 22.92
CA CYS C 208 23.69 -2.01 22.09
C CYS C 208 22.58 -1.87 21.05
N SER C 209 22.18 -3.00 20.43
CA SER C 209 21.15 -3.10 19.40
C SER C 209 19.74 -2.75 19.91
N THR C 210 19.41 -3.16 21.14
CA THR C 210 18.15 -2.83 21.81
C THR C 210 18.48 -1.99 23.05
N PRO C 211 18.94 -0.72 22.91
CA PRO C 211 19.22 0.08 24.11
C PRO C 211 17.91 0.46 24.81
N GLY C 212 17.97 0.52 26.13
CA GLY C 212 16.79 0.82 26.93
C GLY C 212 16.10 -0.42 27.46
N GLU C 213 16.27 -1.58 26.78
CA GLU C 213 15.72 -2.85 27.21
C GLU C 213 16.78 -3.47 28.13
N PRO C 214 16.55 -3.46 29.47
CA PRO C 214 17.58 -3.96 30.41
C PRO C 214 17.72 -5.47 30.50
N LEU C 215 18.96 -5.91 30.76
CA LEU C 215 19.28 -7.32 30.87
C LEU C 215 19.70 -7.68 32.27
N VAL C 216 20.28 -6.71 33.00
CA VAL C 216 20.79 -6.87 34.35
C VAL C 216 20.81 -5.55 35.13
N VAL C 217 20.10 -5.52 36.28
CA VAL C 217 19.94 -4.35 37.16
C VAL C 217 20.85 -4.43 38.40
N LEU C 218 21.71 -3.43 38.58
CA LEU C 218 22.64 -3.38 39.70
C LEU C 218 22.29 -2.18 40.57
N HIS C 219 22.00 -2.41 41.85
CA HIS C 219 21.71 -1.35 42.81
C HIS C 219 22.94 -1.19 43.68
N VAL C 220 23.36 0.06 43.92
CA VAL C 220 24.57 0.38 44.69
C VAL C 220 24.29 1.40 45.81
N ALA C 221 24.78 1.09 47.03
CA ALA C 221 24.68 1.98 48.17
C ALA C 221 26.05 2.61 48.43
N LEU C 222 26.12 3.95 48.37
CA LEU C 222 27.34 4.74 48.63
C LEU C 222 27.38 5.00 50.13
N THR C 223 28.47 4.55 50.78
CA THR C 223 28.60 4.52 52.23
C THR C 223 29.95 4.94 52.87
N GLY C 224 29.96 4.93 54.21
CA GLY C 224 31.10 5.21 55.08
C GLY C 224 31.88 4.00 55.55
N ASP C 225 31.32 2.77 55.35
CA ASP C 225 31.93 1.48 55.75
C ASP C 225 31.34 0.31 54.97
N ILE C 226 31.85 -0.92 55.18
CA ILE C 226 31.28 -2.10 54.55
C ILE C 226 29.99 -2.47 55.31
N SER C 227 28.82 -2.27 54.66
CA SER C 227 27.50 -2.55 55.20
C SER C 227 27.32 -4.00 55.65
N SER C 228 26.50 -4.21 56.69
CA SER C 228 26.25 -5.51 57.31
C SER C 228 24.78 -5.77 57.57
N ASN C 229 23.92 -4.79 57.25
CA ASN C 229 22.48 -4.90 57.45
C ASN C 229 21.73 -4.32 56.26
N ILE C 230 20.86 -5.15 55.65
CA ILE C 230 20.07 -4.75 54.49
C ILE C 230 19.04 -3.67 54.81
N GLN C 231 18.33 -3.81 55.96
CA GLN C 231 17.30 -2.86 56.41
C GLN C 231 17.91 -1.48 56.57
N ALA C 232 19.15 -1.42 57.13
CA ALA C 232 19.93 -0.19 57.31
C ALA C 232 20.17 0.58 56.00
N ILE C 233 19.92 -0.07 54.83
CA ILE C 233 20.07 0.57 53.51
C ILE C 233 18.71 1.07 52.99
N VAL C 234 17.75 0.16 52.80
CA VAL C 234 16.42 0.43 52.21
C VAL C 234 15.52 1.31 53.09
N LYS C 235 15.58 1.14 54.41
CA LYS C 235 14.74 1.90 55.34
C LYS C 235 15.36 3.22 55.84
N GLU C 236 16.36 3.75 55.09
CA GLU C 236 17.02 5.02 55.39
C GLU C 236 16.51 6.13 54.49
N HIS C 237 16.12 7.25 55.09
CA HIS C 237 15.77 8.44 54.35
C HIS C 237 16.86 9.43 54.75
N PRO C 238 17.75 9.82 53.80
CA PRO C 238 18.81 10.78 54.16
C PRO C 238 18.24 12.21 54.31
N PRO C 239 19.05 13.26 54.63
CA PRO C 239 18.44 14.60 54.75
C PRO C 239 18.21 15.26 53.39
N SER C 240 18.25 14.47 52.27
CA SER C 240 18.10 14.89 50.86
C SER C 240 19.23 15.81 50.34
N GLU C 241 20.03 16.39 51.26
CA GLU C 241 21.16 17.28 50.95
C GLU C 241 22.06 16.57 49.96
N THR C 242 22.34 17.23 48.80
CA THR C 242 23.18 16.67 47.72
C THR C 242 24.42 16.03 48.31
N GLU C 243 24.60 14.73 47.98
CA GLU C 243 25.69 13.85 48.42
C GLU C 243 26.93 14.59 48.86
N GLU C 244 27.26 14.47 50.15
CA GLU C 244 28.50 15.04 50.69
C GLU C 244 29.51 14.07 50.11
N LYS C 245 30.33 14.54 49.13
CA LYS C 245 31.31 13.69 48.44
C LYS C 245 32.34 13.11 49.40
N ASN C 246 32.74 13.90 50.41
CA ASN C 246 33.74 13.58 51.42
C ASN C 246 33.42 12.36 52.29
N LYS C 247 32.14 12.21 52.71
CA LYS C 247 31.70 11.09 53.57
C LYS C 247 31.44 9.73 52.84
N ILE C 248 31.97 9.56 51.61
CA ILE C 248 31.82 8.32 50.84
C ILE C 248 33.14 7.52 50.79
N THR C 249 33.26 6.51 51.66
CA THR C 249 34.42 5.63 51.77
C THR C 249 34.34 4.44 50.81
N ALA C 250 33.18 3.77 50.76
CA ALA C 250 32.99 2.54 50.00
C ALA C 250 31.71 2.43 49.17
N ALA C 251 31.68 1.45 48.25
CA ALA C 251 30.53 1.14 47.41
C ALA C 251 30.04 -0.29 47.70
N ILE C 252 28.73 -0.43 47.99
CA ILE C 252 28.09 -1.70 48.31
C ILE C 252 27.05 -2.08 47.25
N PHE C 253 27.10 -3.32 46.76
CA PHE C 253 26.14 -3.88 45.81
C PHE C 253 25.11 -4.70 46.59
N TYR C 254 23.90 -4.16 46.77
CA TYR C 254 22.84 -4.81 47.55
C TYR C 254 21.78 -5.62 46.78
N SER C 255 21.71 -5.46 45.44
CA SER C 255 20.79 -6.19 44.56
C SER C 255 21.39 -6.30 43.16
N ILE C 256 21.31 -7.51 42.60
CA ILE C 256 21.74 -7.84 41.25
C ILE C 256 20.66 -8.73 40.66
N SER C 257 20.04 -8.26 39.57
CA SER C 257 18.95 -8.95 38.90
C SER C 257 19.20 -9.29 37.45
N LEU C 258 19.16 -10.58 37.10
CA LEU C 258 19.23 -11.00 35.71
C LEU C 258 17.77 -10.92 35.21
N THR C 259 17.52 -10.12 34.16
CA THR C 259 16.20 -9.85 33.57
C THR C 259 15.71 -10.96 32.63
N GLN C 260 16.63 -11.58 31.91
CA GLN C 260 16.23 -12.59 30.93
C GLN C 260 16.81 -13.94 31.26
N GLN C 261 15.93 -14.91 31.55
CA GLN C 261 16.33 -16.27 31.90
C GLN C 261 17.04 -17.03 30.78
N GLY C 262 16.93 -16.53 29.55
CA GLY C 262 17.60 -17.07 28.37
C GLY C 262 19.12 -16.96 28.44
N LEU C 263 19.61 -15.91 29.12
CA LEU C 263 21.06 -15.66 29.28
C LEU C 263 21.72 -16.19 30.56
N GLN C 264 21.11 -17.19 31.23
CA GLN C 264 21.63 -17.81 32.45
C GLN C 264 23.07 -18.37 32.28
N GLY C 265 24.03 -17.72 32.95
CA GLY C 265 25.44 -18.07 32.96
C GLY C 265 26.12 -18.27 31.62
N VAL C 266 25.89 -17.31 30.71
CA VAL C 266 26.47 -17.22 29.37
C VAL C 266 27.72 -16.33 29.52
N GLU C 267 27.49 -15.18 30.18
CA GLU C 267 28.43 -14.14 30.55
C GLU C 267 29.33 -14.65 31.68
N LEU C 268 30.18 -13.76 32.24
CA LEU C 268 31.06 -14.13 33.33
C LEU C 268 30.59 -13.46 34.61
N GLY C 269 30.51 -12.14 34.60
CA GLY C 269 30.05 -11.37 35.76
C GLY C 269 30.95 -10.21 36.10
N THR C 270 32.29 -10.43 36.06
CA THR C 270 33.32 -9.42 36.35
C THR C 270 32.97 -8.07 35.70
N PHE C 271 32.78 -8.07 34.37
CA PHE C 271 32.45 -6.86 33.61
C PHE C 271 31.16 -6.15 34.06
N LEU C 272 30.26 -6.85 34.79
CA LEU C 272 29.04 -6.23 35.33
C LEU C 272 29.54 -5.31 36.45
N ILE C 273 30.47 -5.83 37.29
CA ILE C 273 31.10 -5.14 38.42
C ILE C 273 32.15 -4.10 38.02
N LYS C 274 33.41 -4.53 37.69
CA LYS C 274 34.56 -3.68 37.37
C LYS C 274 34.29 -2.51 36.43
N ARG C 275 33.21 -2.60 35.64
CA ARG C 275 32.76 -1.55 34.75
C ARG C 275 31.97 -0.48 35.49
N VAL C 276 31.16 -0.89 36.49
CA VAL C 276 30.36 -0.01 37.37
C VAL C 276 31.34 0.68 38.31
N VAL C 277 32.44 -0.03 38.65
CA VAL C 277 33.51 0.46 39.53
C VAL C 277 34.20 1.68 38.91
N LYS C 278 34.75 1.53 37.67
CA LYS C 278 35.42 2.60 36.91
C LYS C 278 34.44 3.76 36.75
N GLU C 279 33.17 3.41 36.41
CA GLU C 279 32.04 4.32 36.26
C GLU C 279 31.86 5.18 37.51
N LEU C 280 31.81 4.54 38.71
CA LEU C 280 31.70 5.24 39.99
C LEU C 280 32.92 6.11 40.23
N GLN C 281 34.14 5.49 40.18
CA GLN C 281 35.47 6.10 40.37
C GLN C 281 35.67 7.44 39.67
N ARG C 282 35.03 7.64 38.51
CA ARG C 282 35.08 8.88 37.73
C ARG C 282 34.48 10.04 38.54
N GLU C 283 33.37 9.77 39.24
CA GLU C 283 32.64 10.72 40.08
C GLU C 283 33.27 10.83 41.47
N PHE C 284 33.79 9.72 42.01
CA PHE C 284 34.44 9.68 43.33
C PHE C 284 35.86 9.11 43.19
N PRO C 285 36.83 9.95 42.72
CA PRO C 285 38.21 9.44 42.50
C PRO C 285 38.84 8.72 43.69
N HIS C 286 38.70 9.30 44.90
CA HIS C 286 39.26 8.80 46.15
C HIS C 286 38.47 7.66 46.82
N LEU C 287 37.51 7.05 46.08
CA LEU C 287 36.70 5.92 46.52
C LEU C 287 37.50 4.65 46.22
N GLY C 288 37.78 3.85 47.25
CA GLY C 288 38.61 2.65 47.08
C GLY C 288 38.17 1.33 47.66
N VAL C 289 37.09 1.28 48.47
CA VAL C 289 36.62 0.03 49.08
C VAL C 289 35.37 -0.47 48.33
N PHE C 290 35.33 -1.76 47.94
CA PHE C 290 34.22 -2.33 47.17
C PHE C 290 33.83 -3.70 47.66
N SER C 291 32.52 -3.90 47.87
CA SER C 291 31.96 -5.16 48.32
C SER C 291 30.47 -5.24 48.02
N SER C 292 29.95 -6.46 48.09
CA SER C 292 28.54 -6.75 47.92
C SER C 292 28.00 -7.07 49.31
N LEU C 293 26.69 -7.00 49.46
CA LEU C 293 25.97 -7.42 50.64
C LEU C 293 24.93 -8.34 50.07
N SER C 294 25.35 -9.60 49.93
CA SER C 294 24.59 -10.67 49.29
C SER C 294 23.76 -11.54 50.21
N PRO C 295 22.66 -12.14 49.70
CA PRO C 295 21.89 -13.06 50.56
C PRO C 295 22.53 -14.45 50.52
N ILE C 296 22.01 -15.39 51.32
CA ILE C 296 22.47 -16.77 51.34
C ILE C 296 21.25 -17.71 51.05
N PRO C 297 20.62 -17.65 49.85
CA PRO C 297 19.48 -18.55 49.58
C PRO C 297 19.93 -20.01 49.54
N GLY C 298 19.11 -20.89 50.12
CA GLY C 298 19.42 -22.31 50.20
C GLY C 298 20.05 -22.72 51.52
N PHE C 299 20.27 -21.74 52.43
CA PHE C 299 20.86 -22.00 53.73
C PHE C 299 19.92 -22.71 54.71
N THR C 300 18.81 -22.07 55.15
CA THR C 300 17.84 -22.66 56.10
C THR C 300 17.37 -24.05 55.68
N LYS C 301 17.14 -24.27 54.36
CA LYS C 301 16.75 -25.58 53.83
C LYS C 301 17.85 -26.61 54.07
N TRP C 302 19.12 -26.24 53.78
CA TRP C 302 20.30 -27.09 53.99
C TRP C 302 20.45 -27.49 55.46
N LEU C 303 20.11 -26.56 56.39
CA LEU C 303 20.19 -26.83 57.82
C LEU C 303 19.14 -27.86 58.23
N LEU C 304 17.86 -27.60 57.87
CA LEU C 304 16.72 -28.48 58.15
C LEU C 304 16.91 -29.86 57.54
N GLY C 305 17.48 -29.90 56.33
CA GLY C 305 17.80 -31.12 55.61
C GLY C 305 18.72 -32.02 56.42
N LEU C 306 19.73 -31.40 57.07
CA LEU C 306 20.69 -32.11 57.92
C LEU C 306 20.16 -32.49 59.28
N LEU C 307 19.33 -31.61 59.91
CA LEU C 307 18.74 -31.82 61.25
C LEU C 307 17.86 -33.08 61.40
N ASN C 308 18.11 -34.08 60.54
CA ASN C 308 17.42 -35.36 60.49
C ASN C 308 18.38 -36.51 60.81
N SER C 309 18.35 -36.97 62.07
CA SER C 309 19.21 -38.06 62.57
C SER C 309 18.59 -38.69 63.81
N ASN C 317 22.97 -36.53 64.77
CA ASN C 317 24.15 -35.80 64.30
C ASN C 317 24.55 -34.78 65.36
N GLU C 318 25.87 -34.47 65.44
CA GLU C 318 26.47 -33.52 66.37
C GLU C 318 25.91 -32.10 66.17
N LEU C 319 26.58 -31.25 65.35
CA LEU C 319 26.23 -29.86 65.02
C LEU C 319 26.33 -28.86 66.18
N PHE C 320 25.73 -29.18 67.33
CA PHE C 320 25.73 -28.31 68.52
C PHE C 320 26.58 -28.89 69.62
N THR C 321 27.04 -28.02 70.54
CA THR C 321 27.80 -28.41 71.73
C THR C 321 26.77 -28.95 72.73
N ASP C 322 27.25 -29.51 73.85
CA ASP C 322 26.41 -29.96 74.94
C ASP C 322 25.91 -28.72 75.66
N SER C 323 26.83 -27.75 75.93
CA SER C 323 26.54 -26.47 76.58
C SER C 323 25.51 -25.65 75.80
N GLU C 324 25.51 -25.75 74.45
CA GLU C 324 24.55 -25.08 73.59
C GLU C 324 23.24 -25.87 73.55
N CYS C 325 23.34 -27.22 73.55
CA CYS C 325 22.20 -28.14 73.56
C CYS C 325 21.40 -27.96 74.84
N LYS C 326 22.10 -27.90 76.01
CA LYS C 326 21.53 -27.69 77.33
C LYS C 326 20.80 -26.34 77.41
N GLU C 327 21.38 -25.30 76.78
CA GLU C 327 20.87 -23.94 76.72
C GLU C 327 19.60 -23.76 75.86
N ILE C 328 19.65 -24.10 74.54
CA ILE C 328 18.52 -23.97 73.61
C ILE C 328 17.25 -24.56 74.22
N SER C 329 17.36 -25.82 74.69
CA SER C 329 16.29 -26.59 75.33
C SER C 329 15.79 -25.91 76.62
N GLU C 330 16.69 -25.30 77.41
CA GLU C 330 16.32 -24.57 78.63
C GLU C 330 15.47 -23.34 78.26
N ILE C 331 15.76 -22.73 77.08
CA ILE C 331 15.02 -21.56 76.57
C ILE C 331 13.65 -22.01 76.04
N THR C 332 13.62 -23.04 75.18
CA THR C 332 12.42 -23.54 74.54
C THR C 332 11.49 -24.34 75.46
N GLY C 333 12.03 -25.39 76.07
CA GLY C 333 11.30 -26.29 76.97
C GLY C 333 11.32 -27.74 76.52
N GLY C 334 11.57 -27.96 75.23
CA GLY C 334 11.60 -29.30 74.65
C GLY C 334 12.94 -29.88 74.23
N PRO C 335 12.98 -31.21 73.93
CA PRO C 335 14.24 -31.87 73.52
C PRO C 335 15.37 -31.04 72.92
N ILE C 336 15.37 -30.71 71.60
CA ILE C 336 16.37 -29.95 70.82
C ILE C 336 16.27 -30.30 69.33
N ASN C 337 16.44 -31.58 68.99
CA ASN C 337 16.38 -32.06 67.62
C ASN C 337 14.98 -32.18 67.03
N GLU C 338 13.97 -31.94 67.90
CA GLU C 338 12.55 -31.84 67.55
C GLU C 338 12.22 -30.37 67.72
N THR C 339 12.83 -29.72 68.74
CA THR C 339 12.66 -28.29 69.02
C THR C 339 13.11 -27.41 67.85
N LEU C 340 14.43 -27.34 67.58
CA LEU C 340 15.03 -26.53 66.50
C LEU C 340 14.27 -26.71 65.20
N LYS C 341 14.07 -27.97 64.80
CA LYS C 341 13.34 -28.39 63.60
C LYS C 341 12.08 -27.55 63.38
N LEU C 342 11.24 -27.45 64.43
CA LEU C 342 9.97 -26.69 64.45
C LEU C 342 10.13 -25.18 64.29
N LEU C 343 10.69 -24.49 65.31
CA LEU C 343 10.90 -23.02 65.30
C LEU C 343 11.78 -22.46 64.19
N LEU C 344 12.72 -23.26 63.66
CA LEU C 344 13.56 -22.82 62.54
C LEU C 344 12.76 -22.82 61.25
N SER C 345 11.93 -23.86 61.04
CA SER C 345 11.03 -23.97 59.88
C SER C 345 9.69 -23.34 60.27
N SER C 346 9.73 -22.06 60.66
CA SER C 346 8.55 -21.30 61.09
C SER C 346 8.75 -19.81 60.91
N SER C 347 10.01 -19.32 61.06
CA SER C 347 10.41 -17.91 61.01
C SER C 347 9.86 -17.11 62.22
N GLU C 348 9.56 -17.82 63.31
CA GLU C 348 9.00 -17.23 64.52
C GLU C 348 10.03 -17.10 65.64
N TRP C 349 11.10 -17.94 65.61
CA TRP C 349 12.19 -17.98 66.60
C TRP C 349 12.82 -16.61 66.89
N VAL C 350 12.83 -15.71 65.89
CA VAL C 350 13.41 -14.35 65.95
C VAL C 350 12.82 -13.44 67.02
N GLN C 351 11.58 -13.73 67.43
CA GLN C 351 10.83 -12.98 68.43
C GLN C 351 11.41 -13.09 69.83
N SER C 352 12.09 -14.20 70.14
CA SER C 352 12.71 -14.39 71.45
C SER C 352 14.17 -13.95 71.39
N GLU C 353 14.46 -12.77 71.98
CA GLU C 353 15.82 -12.21 72.03
C GLU C 353 16.78 -13.14 72.75
N LYS C 354 16.28 -13.85 73.78
CA LYS C 354 16.96 -14.88 74.60
C LYS C 354 17.55 -15.95 73.66
N LEU C 355 16.70 -16.40 72.72
CA LEU C 355 16.95 -17.40 71.69
C LEU C 355 17.84 -16.87 70.57
N VAL C 356 17.61 -15.63 70.10
CA VAL C 356 18.39 -14.95 69.04
C VAL C 356 19.88 -14.97 69.41
N ARG C 357 20.19 -14.59 70.66
CA ARG C 357 21.53 -14.53 71.24
C ARG C 357 22.24 -15.88 71.38
N ALA C 358 21.53 -16.91 71.89
CA ALA C 358 22.08 -18.25 72.08
C ALA C 358 22.35 -18.95 70.75
N LEU C 359 21.45 -18.78 69.76
CA LEU C 359 21.55 -19.37 68.42
C LEU C 359 22.69 -18.78 67.58
N GLN C 360 23.17 -17.57 67.92
CA GLN C 360 24.23 -16.84 67.20
C GLN C 360 25.51 -17.62 66.90
N THR C 361 26.33 -17.95 67.94
CA THR C 361 27.60 -18.71 67.81
C THR C 361 27.48 -19.94 66.87
N PRO C 362 26.56 -20.91 67.11
CA PRO C 362 26.52 -22.11 66.25
C PRO C 362 26.04 -21.93 64.83
N LEU C 363 25.03 -21.06 64.62
CA LEU C 363 24.46 -20.80 63.30
C LEU C 363 25.50 -20.16 62.41
N MET C 364 26.24 -19.16 62.95
CA MET C 364 27.33 -18.46 62.27
C MET C 364 28.37 -19.50 61.85
N ARG C 365 28.76 -20.38 62.78
CA ARG C 365 29.68 -21.49 62.59
C ARG C 365 29.18 -22.41 61.45
N LEU C 366 27.90 -22.86 61.53
CA LEU C 366 27.24 -23.72 60.54
C LEU C 366 27.23 -23.12 59.14
N CYS C 367 26.89 -21.81 59.05
CA CYS C 367 26.84 -21.02 57.81
C CYS C 367 28.21 -20.94 57.18
N ALA C 368 29.26 -20.66 57.99
CA ALA C 368 30.66 -20.56 57.57
C ALA C 368 31.14 -21.82 56.86
N TRP C 369 30.59 -22.99 57.26
CA TRP C 369 30.90 -24.26 56.62
C TRP C 369 30.16 -24.30 55.30
N TYR C 370 28.82 -24.16 55.33
CA TYR C 370 27.91 -24.16 54.18
C TYR C 370 28.43 -23.40 52.95
N LEU C 371 29.13 -22.27 53.14
CA LEU C 371 29.68 -21.47 52.04
C LEU C 371 31.04 -22.01 51.60
N TYR C 372 31.97 -22.12 52.55
CA TYR C 372 33.38 -22.50 52.39
C TYR C 372 33.70 -24.01 52.31
N GLY C 373 33.03 -24.82 53.11
CA GLY C 373 33.26 -26.27 53.18
C GLY C 373 32.38 -27.12 52.29
N GLU C 374 31.08 -26.76 52.18
CA GLU C 374 30.10 -27.48 51.35
C GLU C 374 30.30 -27.17 49.88
N LYS C 375 30.51 -28.23 49.07
CA LYS C 375 30.80 -28.11 47.63
C LYS C 375 29.78 -28.88 46.77
N HIS C 376 29.71 -28.52 45.48
CA HIS C 376 28.92 -29.20 44.45
C HIS C 376 29.87 -29.30 43.28
N ARG C 377 30.45 -30.52 43.07
CA ARG C 377 31.47 -30.82 42.05
C ARG C 377 32.70 -29.93 42.33
N GLY C 378 33.00 -29.79 43.62
CA GLY C 378 34.08 -28.98 44.18
C GLY C 378 34.03 -27.50 43.84
N TYR C 379 32.83 -26.93 43.62
CA TYR C 379 32.70 -25.52 43.22
C TYR C 379 31.79 -24.64 44.08
N ALA C 380 31.66 -24.89 45.40
CA ALA C 380 30.77 -24.17 46.32
C ALA C 380 29.31 -24.51 45.99
N LEU C 381 28.57 -25.01 46.99
CA LEU C 381 27.17 -25.42 46.84
C LEU C 381 26.27 -24.22 46.57
N ASN C 382 26.48 -23.10 47.29
CA ASN C 382 25.67 -21.89 47.16
C ASN C 382 25.89 -21.10 45.85
N PRO C 383 24.81 -20.93 45.05
CA PRO C 383 24.93 -20.20 43.77
C PRO C 383 25.49 -18.79 43.88
N VAL C 384 24.98 -17.97 44.84
CA VAL C 384 25.40 -16.57 45.06
C VAL C 384 26.91 -16.55 45.33
N ALA C 385 27.38 -17.45 46.23
CA ALA C 385 28.78 -17.65 46.59
C ALA C 385 29.58 -17.89 45.34
N ASN C 386 29.18 -18.90 44.52
CA ASN C 386 29.83 -19.25 43.26
C ASN C 386 30.04 -18.00 42.39
N PHE C 387 28.94 -17.27 42.09
CA PHE C 387 28.93 -16.04 41.29
C PHE C 387 30.03 -15.04 41.69
N HIS C 388 30.05 -14.62 42.97
CA HIS C 388 31.04 -13.67 43.48
C HIS C 388 32.43 -14.27 43.54
N LEU C 389 32.54 -15.56 43.92
CA LEU C 389 33.80 -16.29 43.97
C LEU C 389 34.46 -16.35 42.60
N GLN C 390 33.66 -16.62 41.56
CA GLN C 390 34.02 -16.68 40.14
C GLN C 390 34.72 -15.41 39.70
N ASN C 391 34.13 -14.26 40.08
CA ASN C 391 34.58 -12.93 39.72
C ASN C 391 35.87 -12.49 40.44
N GLY C 392 36.24 -13.23 41.48
CA GLY C 392 37.45 -12.97 42.26
C GLY C 392 37.22 -12.30 43.59
N ALA C 393 35.95 -12.26 44.06
CA ALA C 393 35.61 -11.66 45.35
C ALA C 393 36.08 -12.54 46.51
N VAL C 394 36.39 -11.91 47.64
CA VAL C 394 36.83 -12.59 48.86
C VAL C 394 35.58 -12.82 49.70
N LEU C 395 35.46 -14.04 50.26
CA LEU C 395 34.38 -14.37 51.19
C LEU C 395 34.79 -13.63 52.48
N TRP C 396 34.49 -12.33 52.49
CA TRP C 396 34.93 -11.40 53.52
C TRP C 396 34.33 -11.46 54.92
N ARG C 397 33.00 -11.52 55.07
CA ARG C 397 32.39 -11.50 56.40
C ARG C 397 30.98 -12.04 56.42
N ILE C 398 30.67 -12.85 57.44
CA ILE C 398 29.34 -13.40 57.68
C ILE C 398 28.66 -12.47 58.69
N ASN C 399 27.39 -12.12 58.43
CA ASN C 399 26.65 -11.19 59.26
C ASN C 399 25.42 -11.78 59.96
N TRP C 400 25.36 -11.60 61.30
CA TRP C 400 24.25 -12.05 62.14
C TRP C 400 23.09 -11.06 62.04
N MET C 401 21.82 -11.54 62.18
CA MET C 401 20.59 -10.74 62.06
C MET C 401 20.76 -9.62 61.04
N ALA C 402 21.28 -9.99 59.86
CA ALA C 402 21.57 -9.04 58.79
C ALA C 402 20.30 -8.72 58.03
N ASP C 403 19.45 -9.73 57.81
CA ASP C 403 18.15 -9.57 57.14
C ASP C 403 17.02 -10.12 58.01
N VAL C 404 16.34 -9.23 58.73
CA VAL C 404 15.24 -9.57 59.62
C VAL C 404 13.85 -9.56 58.97
N SER C 405 13.79 -9.55 57.62
CA SER C 405 12.52 -9.60 56.92
C SER C 405 12.05 -11.05 56.96
N LEU C 406 10.75 -11.30 56.72
CA LEU C 406 10.21 -12.65 56.72
C LEU C 406 10.94 -13.54 55.70
N ARG C 407 11.27 -12.96 54.52
CA ARG C 407 11.96 -13.62 53.41
C ARG C 407 13.38 -14.05 53.79
N GLY C 408 14.10 -13.18 54.49
CA GLY C 408 15.47 -13.41 54.96
C GLY C 408 15.57 -14.51 56.00
N ILE C 409 14.77 -14.41 57.09
CA ILE C 409 14.70 -15.38 58.20
C ILE C 409 14.43 -16.79 57.69
N THR C 410 13.47 -16.92 56.76
CA THR C 410 13.10 -18.18 56.14
C THR C 410 14.24 -18.77 55.36
N GLY C 411 14.66 -18.11 54.28
CA GLY C 411 15.73 -18.54 53.38
C GLY C 411 17.11 -18.78 53.99
N SER C 412 17.56 -17.88 54.90
CA SER C 412 18.90 -17.99 55.50
C SER C 412 19.00 -17.52 56.96
N CYS C 413 18.01 -17.82 57.82
CA CYS C 413 18.00 -17.43 59.26
C CYS C 413 18.57 -16.02 59.54
N GLY C 414 18.23 -15.07 58.66
CA GLY C 414 18.68 -13.68 58.74
C GLY C 414 20.16 -13.43 58.52
N LEU C 415 20.88 -14.39 57.92
CA LEU C 415 22.32 -14.24 57.64
C LEU C 415 22.53 -13.70 56.25
N MET C 416 23.55 -12.86 56.08
CA MET C 416 23.94 -12.27 54.80
C MET C 416 25.45 -12.25 54.77
N ALA C 417 26.02 -12.69 53.66
CA ALA C 417 27.46 -12.72 53.50
C ALA C 417 27.95 -11.45 52.82
N ASN C 418 29.23 -11.12 53.03
CA ASN C 418 29.88 -9.97 52.42
C ASN C 418 30.92 -10.51 51.46
N TYR C 419 30.72 -10.28 50.16
CA TYR C 419 31.68 -10.70 49.16
C TYR C 419 32.40 -9.44 48.78
N ARG C 420 33.65 -9.35 49.22
CA ARG C 420 34.49 -8.17 49.00
C ARG C 420 35.40 -8.25 47.79
N TYR C 421 35.24 -7.28 46.89
CA TYR C 421 36.03 -7.17 45.67
C TYR C 421 37.26 -6.32 45.88
N PHE C 422 38.43 -6.95 45.75
CA PHE C 422 39.68 -6.21 45.85
C PHE C 422 40.16 -6.04 44.44
N LEU C 423 39.82 -4.87 43.84
CA LEU C 423 40.14 -4.42 42.47
C LEU C 423 41.40 -5.07 41.95
N GLU C 424 42.49 -4.94 42.73
CA GLU C 424 43.84 -5.42 42.48
C GLU C 424 44.00 -6.94 42.41
N GLU C 425 43.50 -7.69 43.42
CA GLU C 425 43.64 -9.16 43.43
C GLU C 425 42.54 -10.00 42.72
N THR C 426 41.55 -9.37 42.04
CA THR C 426 40.47 -10.05 41.30
C THR C 426 40.88 -11.09 40.24
N GLY C 427 41.95 -10.79 39.49
CA GLY C 427 42.49 -11.67 38.46
C GLY C 427 43.03 -12.96 39.06
N PRO C 428 44.07 -12.88 39.94
CA PRO C 428 44.61 -14.10 40.58
C PRO C 428 43.56 -14.89 41.36
N ASN C 429 42.69 -14.19 42.14
CA ASN C 429 41.62 -14.78 42.94
C ASN C 429 40.65 -15.58 42.09
N SER C 430 40.34 -15.08 40.87
CA SER C 430 39.47 -15.74 39.90
C SER C 430 40.10 -17.05 39.43
N THR C 431 41.37 -17.00 38.97
CA THR C 431 42.18 -18.16 38.55
C THR C 431 42.20 -19.23 39.61
N SER C 432 42.55 -18.82 40.86
CA SER C 432 42.64 -19.68 42.03
C SER C 432 41.32 -20.41 42.18
N TYR C 433 40.20 -19.66 42.16
CA TYR C 433 38.86 -20.22 42.27
C TYR C 433 38.45 -21.12 41.12
N LEU C 434 38.71 -20.71 39.88
CA LEU C 434 38.27 -21.49 38.73
C LEU C 434 39.15 -22.68 38.38
N GLY C 435 40.45 -22.43 38.24
CA GLY C 435 41.43 -23.48 37.92
C GLY C 435 41.65 -24.47 39.03
N SER C 436 41.95 -23.97 40.24
CA SER C 436 42.28 -24.78 41.43
C SER C 436 41.15 -25.01 42.46
N LYS C 437 39.93 -24.47 42.22
CA LYS C 437 38.75 -24.61 43.10
C LYS C 437 39.00 -24.08 44.56
N ILE C 438 39.90 -23.08 44.69
CA ILE C 438 40.32 -22.42 45.94
C ILE C 438 39.45 -21.20 46.29
N ILE C 439 39.05 -21.07 47.57
CA ILE C 439 38.28 -19.93 48.08
C ILE C 439 39.13 -19.03 48.99
N LYS C 440 39.29 -17.75 48.61
CA LYS C 440 39.98 -16.79 49.46
C LYS C 440 38.94 -16.31 50.49
N ALA C 441 39.23 -16.51 51.78
CA ALA C 441 38.31 -16.15 52.87
C ALA C 441 39.01 -15.34 53.95
N SER C 442 38.25 -14.43 54.60
CA SER C 442 38.72 -13.58 55.70
C SER C 442 39.09 -14.41 56.92
N GLU C 443 39.82 -13.79 57.86
CA GLU C 443 40.18 -14.39 59.15
C GLU C 443 38.90 -14.69 59.91
N GLN C 444 37.89 -13.77 59.83
CA GLN C 444 36.56 -13.90 60.45
C GLN C 444 35.84 -15.18 59.99
N VAL C 445 35.97 -15.53 58.70
CA VAL C 445 35.37 -16.72 58.10
C VAL C 445 36.15 -17.97 58.48
N LEU C 446 37.49 -17.97 58.21
CA LEU C 446 38.42 -19.07 58.50
C LEU C 446 38.30 -19.55 59.93
N SER C 447 38.18 -18.59 60.88
CA SER C 447 38.00 -18.80 62.32
C SER C 447 36.79 -19.71 62.58
N LEU C 448 35.63 -19.35 61.99
CA LEU C 448 34.37 -20.08 62.13
C LEU C 448 34.40 -21.48 61.53
N VAL C 449 35.08 -21.66 60.37
CA VAL C 449 35.24 -22.95 59.70
C VAL C 449 36.04 -23.85 60.64
N ALA C 450 37.16 -23.31 61.19
CA ALA C 450 38.04 -24.00 62.15
C ALA C 450 37.25 -24.45 63.38
N GLN C 451 36.27 -23.64 63.82
CA GLN C 451 35.38 -23.94 64.94
C GLN C 451 34.46 -25.10 64.58
N PHE C 452 33.93 -25.10 63.33
CA PHE C 452 33.06 -26.15 62.80
C PHE C 452 33.81 -27.48 62.74
N GLN C 453 35.07 -27.43 62.26
CA GLN C 453 35.98 -28.57 62.09
C GLN C 453 36.14 -29.44 63.36
N LYS C 454 35.69 -28.93 64.53
CA LYS C 454 35.72 -29.64 65.81
C LYS C 454 34.72 -30.80 65.80
N ASN C 455 33.43 -30.50 65.52
CA ASN C 455 32.33 -31.46 65.52
C ASN C 455 31.84 -31.86 64.11
N GLY D 3 65.31 -15.28 18.99
CA GLY D 3 65.87 -14.95 20.31
C GLY D 3 64.78 -14.53 21.32
N ALA D 4 64.38 -13.22 21.32
CA ALA D 4 63.33 -12.66 22.18
C ALA D 4 62.01 -13.24 21.70
N MET D 5 61.29 -12.55 20.78
CA MET D 5 60.04 -12.91 20.07
C MET D 5 59.37 -14.23 20.53
N ASP D 6 60.13 -15.34 20.47
CA ASP D 6 59.75 -16.69 20.89
C ASP D 6 59.46 -16.77 22.38
N GLU D 7 60.34 -16.20 23.23
CA GLU D 7 60.21 -16.15 24.70
C GLU D 7 58.88 -15.54 25.11
N LEU D 8 58.46 -14.45 24.42
CA LEU D 8 57.18 -13.83 24.70
C LEU D 8 56.03 -14.78 24.39
N LEU D 9 55.92 -15.22 23.10
CA LEU D 9 54.91 -16.13 22.58
C LEU D 9 54.60 -17.28 23.53
N ARG D 10 55.65 -17.91 24.07
CA ARG D 10 55.58 -19.03 25.01
C ARG D 10 54.96 -18.71 26.36
N ARG D 11 55.06 -17.45 26.84
CA ARG D 11 54.50 -17.05 28.13
C ARG D 11 53.16 -16.30 27.96
N ALA D 12 52.88 -15.79 26.75
CA ALA D 12 51.66 -15.05 26.42
C ALA D 12 50.54 -15.98 26.00
N VAL D 13 50.81 -16.87 25.01
CA VAL D 13 49.84 -17.85 24.52
C VAL D 13 49.62 -18.88 25.63
N PRO D 14 48.40 -18.96 26.21
CA PRO D 14 48.19 -19.94 27.28
C PRO D 14 48.31 -21.37 26.76
N PRO D 15 48.68 -22.36 27.61
CA PRO D 15 48.73 -23.75 27.13
C PRO D 15 47.32 -24.29 26.88
N THR D 16 47.20 -25.37 26.10
CA THR D 16 45.88 -25.95 25.85
C THR D 16 45.42 -26.74 27.09
N PRO D 17 44.37 -26.28 27.80
CA PRO D 17 43.91 -27.04 28.99
C PRO D 17 43.60 -28.51 28.64
N ALA D 18 43.97 -29.46 29.55
CA ALA D 18 43.83 -30.92 29.42
C ALA D 18 42.71 -31.35 28.47
N TYR D 19 41.47 -30.93 28.79
CA TYR D 19 40.21 -31.11 28.05
C TYR D 19 39.10 -30.75 29.02
N GLU D 20 39.00 -31.47 30.16
CA GLU D 20 38.00 -31.31 31.22
C GLU D 20 37.86 -29.86 31.68
N LEU D 21 38.97 -29.30 32.20
CA LEU D 21 39.08 -27.93 32.70
C LEU D 21 39.09 -26.83 31.61
N ARG D 22 38.59 -27.16 30.38
CA ARG D 22 38.48 -26.27 29.20
C ARG D 22 37.45 -25.12 29.33
N GLU D 23 36.53 -25.18 30.31
CA GLU D 23 35.42 -24.26 30.48
C GLU D 23 35.63 -23.03 31.29
N ALA D 29 46.18 -16.30 32.38
CA ALA D 29 45.79 -16.08 30.98
C ALA D 29 44.86 -14.88 30.66
N GLU D 30 44.73 -13.91 31.58
CA GLU D 30 43.95 -12.69 31.37
C GLU D 30 44.95 -11.56 31.35
N GLY D 31 45.94 -11.69 32.24
CA GLY D 31 47.07 -10.78 32.39
C GLY D 31 48.24 -11.19 31.53
N GLN D 32 48.04 -12.23 30.70
CA GLN D 32 49.03 -12.76 29.75
C GLN D 32 48.80 -12.09 28.42
N CYS D 33 47.51 -11.83 28.06
CA CYS D 33 47.07 -11.20 26.82
C CYS D 33 47.63 -9.81 26.68
N ALA D 34 47.48 -8.98 27.75
CA ALA D 34 48.00 -7.60 27.78
C ALA D 34 49.50 -7.57 27.48
N ASP D 35 50.23 -8.63 27.87
CA ASP D 35 51.67 -8.81 27.60
C ASP D 35 51.93 -8.93 26.09
N PHE D 36 51.01 -9.61 25.36
CA PHE D 36 51.08 -9.80 23.91
C PHE D 36 50.77 -8.52 23.13
N VAL D 37 49.61 -7.87 23.44
CA VAL D 37 49.11 -6.64 22.80
C VAL D 37 50.13 -5.51 22.98
N SER D 38 50.63 -5.36 24.22
CA SER D 38 51.63 -4.36 24.63
C SER D 38 52.90 -4.47 23.79
N PHE D 39 53.33 -5.72 23.55
CA PHE D 39 54.52 -6.03 22.77
C PHE D 39 54.35 -5.79 21.28
N TYR D 40 53.26 -6.30 20.70
CA TYR D 40 52.91 -6.19 19.29
C TYR D 40 52.81 -4.72 18.87
N GLY D 41 52.29 -3.89 19.79
CA GLY D 41 52.17 -2.46 19.64
C GLY D 41 53.53 -1.80 19.62
N GLY D 42 54.46 -2.36 20.40
CA GLY D 42 55.83 -1.91 20.55
C GLY D 42 56.72 -2.07 19.32
N LEU D 43 56.29 -2.90 18.33
CA LEU D 43 57.02 -3.15 17.08
C LEU D 43 56.65 -2.10 16.03
N ALA D 44 57.67 -1.46 15.43
CA ALA D 44 57.48 -0.42 14.41
C ALA D 44 57.24 -0.99 13.01
N GLU D 45 58.25 -1.68 12.43
CA GLU D 45 58.22 -2.26 11.08
C GLU D 45 57.17 -3.35 10.92
N THR D 46 56.56 -3.44 9.72
CA THR D 46 55.58 -4.47 9.38
C THR D 46 56.31 -5.79 9.33
N ALA D 47 57.56 -5.79 8.79
CA ALA D 47 58.45 -6.95 8.67
C ALA D 47 58.58 -7.69 10.01
N GLN D 48 58.64 -6.93 11.12
CA GLN D 48 58.71 -7.45 12.49
C GLN D 48 57.40 -8.11 12.91
N ARG D 49 56.25 -7.46 12.58
CA ARG D 49 54.91 -7.97 12.88
C ARG D 49 54.64 -9.24 12.08
N ALA D 50 55.27 -9.37 10.88
CA ALA D 50 55.17 -10.54 10.01
C ALA D 50 55.85 -11.75 10.64
N GLU D 51 57.13 -11.62 11.09
CA GLU D 51 57.89 -12.68 11.76
C GLU D 51 57.16 -13.15 13.02
N LEU D 52 56.62 -12.20 13.83
CA LEU D 52 55.85 -12.51 15.04
C LEU D 52 54.57 -13.29 14.74
N LEU D 53 53.76 -12.83 13.76
CA LEU D 53 52.52 -13.50 13.36
C LEU D 53 52.82 -14.84 12.71
N GLY D 54 53.93 -14.90 11.97
CA GLY D 54 54.43 -16.10 11.30
C GLY D 54 54.79 -17.20 12.29
N ARG D 55 55.62 -16.85 13.31
CA ARG D 55 56.06 -17.75 14.38
C ARG D 55 54.88 -18.20 15.22
N LEU D 56 53.93 -17.29 15.51
CA LEU D 56 52.72 -17.60 16.28
C LEU D 56 51.92 -18.67 15.53
N ALA D 57 51.60 -18.41 14.24
CA ALA D 57 50.87 -19.28 13.33
C ALA D 57 51.50 -20.67 13.22
N ARG D 58 52.84 -20.74 13.18
CA ARG D 58 53.62 -21.98 13.06
C ARG D 58 53.65 -22.85 14.33
N GLY D 59 54.21 -22.31 15.42
CA GLY D 59 54.36 -23.04 16.68
C GLY D 59 53.12 -23.21 17.54
N PHE D 60 52.03 -22.51 17.22
CA PHE D 60 50.81 -22.55 18.06
C PHE D 60 49.51 -22.92 17.34
N GLY D 61 49.61 -23.87 16.42
CA GLY D 61 48.45 -24.39 15.71
C GLY D 61 47.88 -25.56 16.48
N VAL D 62 47.34 -26.52 15.73
CA VAL D 62 46.79 -27.74 16.31
C VAL D 62 47.88 -28.70 16.71
N ASP D 63 47.48 -29.69 17.47
CA ASP D 63 48.34 -30.76 17.86
C ASP D 63 47.95 -31.93 16.95
N HIS D 64 48.64 -32.06 15.79
CA HIS D 64 48.42 -33.10 14.79
C HIS D 64 48.41 -34.52 15.35
N GLY D 65 49.13 -34.72 16.44
CA GLY D 65 49.20 -35.99 17.17
C GLY D 65 47.86 -36.36 17.77
N GLN D 66 47.29 -35.46 18.61
CA GLN D 66 45.99 -35.62 19.26
C GLN D 66 44.84 -35.70 18.25
N VAL D 67 44.86 -34.84 17.20
CA VAL D 67 43.87 -34.82 16.10
C VAL D 67 43.83 -36.22 15.48
N ALA D 68 45.01 -36.80 15.18
CA ALA D 68 45.15 -38.14 14.62
C ALA D 68 44.67 -39.21 15.59
N GLU D 69 44.93 -39.01 16.90
CA GLU D 69 44.54 -39.93 17.96
C GLU D 69 43.03 -39.96 18.16
N GLN D 70 42.39 -38.79 18.32
CA GLN D 70 40.95 -38.65 18.50
C GLN D 70 40.17 -39.10 17.29
N SER D 71 40.77 -38.92 16.08
CA SER D 71 40.21 -39.37 14.80
C SER D 71 40.06 -40.89 14.86
N ALA D 72 41.15 -41.61 15.24
CA ALA D 72 41.20 -43.06 15.40
C ALA D 72 40.16 -43.56 16.40
N GLY D 73 40.00 -42.82 17.51
CA GLY D 73 39.05 -43.09 18.58
C GLY D 73 37.58 -43.02 18.17
N VAL D 74 37.27 -42.29 17.07
CA VAL D 74 35.91 -42.13 16.51
C VAL D 74 35.59 -43.37 15.65
N LEU D 75 36.59 -43.85 14.91
CA LEU D 75 36.47 -45.02 14.04
C LEU D 75 36.44 -46.30 14.85
N HIS D 76 37.09 -46.28 16.03
CA HIS D 76 37.14 -47.37 17.00
C HIS D 76 35.73 -47.61 17.54
N LEU D 77 34.94 -46.52 17.70
CA LEU D 77 33.57 -46.52 18.20
C LEU D 77 32.47 -46.85 17.20
N ARG D 78 32.70 -46.58 15.91
CA ARG D 78 31.71 -46.88 14.85
C ARG D 78 31.74 -48.34 14.40
N GLN D 79 32.67 -49.12 14.95
CA GLN D 79 32.80 -50.56 14.67
C GLN D 79 31.89 -51.35 15.59
N GLN D 80 31.51 -50.73 16.73
CA GLN D 80 30.63 -51.33 17.73
C GLN D 80 29.32 -50.59 17.94
N GLN D 81 29.16 -49.38 17.33
CA GLN D 81 28.04 -48.44 17.48
C GLN D 81 27.36 -48.51 18.85
N ARG D 82 27.94 -47.77 19.79
CA ARG D 82 27.51 -47.70 21.18
C ARG D 82 26.92 -46.33 21.39
N GLU D 83 25.80 -46.27 22.14
CA GLU D 83 25.04 -45.09 22.60
C GLU D 83 25.26 -43.80 21.82
N ALA D 84 24.23 -42.95 21.78
CA ALA D 84 24.37 -41.64 21.15
C ALA D 84 25.40 -40.89 22.01
N ALA D 85 25.21 -40.94 23.36
CA ALA D 85 26.02 -40.36 24.44
C ALA D 85 27.55 -40.49 24.28
N VAL D 86 28.09 -41.73 24.33
CA VAL D 86 29.54 -42.03 24.25
C VAL D 86 30.18 -41.75 22.88
N LEU D 87 29.42 -41.87 21.77
CA LEU D 87 29.92 -41.55 20.43
C LEU D 87 30.06 -40.04 20.30
N LEU D 88 29.07 -39.32 20.82
CA LEU D 88 29.02 -37.87 20.79
C LEU D 88 30.18 -37.21 21.56
N GLN D 89 30.66 -37.84 22.66
CA GLN D 89 31.80 -37.30 23.40
C GLN D 89 33.09 -37.50 22.59
N ALA D 90 33.24 -38.68 21.96
CA ALA D 90 34.38 -39.01 21.09
C ALA D 90 34.50 -37.99 19.96
N GLU D 91 33.35 -37.49 19.46
CA GLU D 91 33.26 -36.45 18.44
C GLU D 91 33.66 -35.08 19.00
N ASP D 92 33.22 -34.77 20.25
CA ASP D 92 33.55 -33.50 20.90
C ASP D 92 35.03 -33.41 21.27
N ARG D 93 35.64 -34.55 21.66
CA ARG D 93 37.06 -34.66 21.99
C ARG D 93 37.89 -34.34 20.75
N LEU D 94 37.40 -34.77 19.56
CA LEU D 94 38.01 -34.49 18.26
C LEU D 94 37.84 -33.02 17.89
N ARG D 95 36.61 -32.48 18.07
CA ARG D 95 36.26 -31.08 17.83
C ARG D 95 37.21 -30.16 18.61
N TYR D 96 37.52 -30.55 19.86
CA TYR D 96 38.44 -29.84 20.76
C TYR D 96 39.89 -29.87 20.27
N ALA D 97 40.45 -31.07 19.98
CA ALA D 97 41.83 -31.24 19.47
C ALA D 97 42.08 -30.39 18.21
N LEU D 98 41.02 -30.20 17.40
CA LEU D 98 41.02 -29.40 16.17
C LEU D 98 41.02 -27.89 16.43
N VAL D 99 40.65 -27.43 17.64
CA VAL D 99 40.68 -26.01 17.99
C VAL D 99 42.17 -25.56 18.08
N PRO D 100 42.69 -24.74 17.15
CA PRO D 100 44.11 -24.33 17.27
C PRO D 100 44.40 -23.52 18.55
N ARG D 101 45.66 -23.64 19.01
CA ARG D 101 46.14 -23.00 20.22
C ARG D 101 46.05 -21.47 20.26
N TYR D 102 46.31 -20.79 19.12
CA TYR D 102 46.21 -19.32 19.06
C TYR D 102 44.78 -18.79 19.18
N ARG D 103 43.75 -19.63 18.86
CA ARG D 103 42.33 -19.26 18.98
C ARG D 103 42.02 -18.85 20.42
N GLY D 104 42.65 -19.54 21.38
CA GLY D 104 42.58 -19.28 22.81
C GLY D 104 43.10 -17.89 23.14
N LEU D 105 44.19 -17.45 22.46
CA LEU D 105 44.78 -16.13 22.62
C LEU D 105 43.84 -15.04 22.15
N PHE D 106 43.29 -15.18 20.91
CA PHE D 106 42.37 -14.23 20.30
C PHE D 106 41.09 -14.11 21.08
N HIS D 107 40.49 -15.26 21.46
CA HIS D 107 39.26 -15.35 22.25
C HIS D 107 39.34 -14.52 23.53
N HIS D 108 40.45 -14.65 24.28
CA HIS D 108 40.70 -13.87 25.49
C HIS D 108 40.90 -12.40 25.21
N ILE D 109 41.79 -12.04 24.23
CA ILE D 109 42.07 -10.65 23.81
C ILE D 109 40.77 -9.88 23.52
N SER D 110 39.86 -10.51 22.77
CA SER D 110 38.55 -9.98 22.39
C SER D 110 37.72 -9.53 23.59
N LYS D 111 37.89 -10.21 24.74
CA LYS D 111 37.16 -9.91 25.97
C LYS D 111 37.92 -8.90 26.88
N LEU D 112 38.98 -8.28 26.32
CA LEU D 112 39.76 -7.23 26.97
C LEU D 112 39.29 -5.92 26.34
N ASP D 113 39.65 -4.76 26.92
CA ASP D 113 39.18 -3.43 26.47
C ASP D 113 39.30 -3.05 24.98
N GLY D 114 40.46 -2.59 24.53
CA GLY D 114 40.67 -2.27 23.12
C GLY D 114 40.87 -3.52 22.29
N GLY D 115 40.19 -4.60 22.72
CA GLY D 115 40.18 -5.95 22.19
C GLY D 115 39.87 -6.18 20.73
N VAL D 116 38.58 -6.18 20.33
CA VAL D 116 38.13 -6.42 18.93
C VAL D 116 38.80 -5.46 17.94
N ARG D 117 39.02 -4.20 18.38
CA ARG D 117 39.70 -3.16 17.60
C ARG D 117 41.11 -3.61 17.23
N PHE D 118 41.83 -4.18 18.23
CA PHE D 118 43.18 -4.71 18.11
C PHE D 118 43.26 -5.91 17.13
N LEU D 119 42.28 -6.83 17.21
CA LEU D 119 42.22 -8.02 16.36
C LEU D 119 41.91 -7.68 14.90
N VAL D 120 41.01 -6.68 14.68
CA VAL D 120 40.65 -6.16 13.34
C VAL D 120 41.95 -5.63 12.72
N GLN D 121 42.73 -4.88 13.54
CA GLN D 121 44.00 -4.29 13.16
C GLN D 121 45.03 -5.36 12.83
N LEU D 122 45.24 -6.31 13.77
CA LEU D 122 46.18 -7.41 13.61
C LEU D 122 45.96 -8.15 12.28
N ARG D 123 44.71 -8.54 11.96
CA ARG D 123 44.39 -9.23 10.71
C ARG D 123 44.82 -8.41 9.49
N ALA D 124 44.54 -7.08 9.50
CA ALA D 124 44.96 -6.17 8.44
C ALA D 124 46.49 -6.25 8.26
N ASP D 125 47.25 -6.32 9.39
CA ASP D 125 48.70 -6.48 9.39
C ASP D 125 49.09 -7.79 8.70
N LEU D 126 48.35 -8.87 8.98
CA LEU D 126 48.55 -10.20 8.39
C LEU D 126 48.21 -10.23 6.89
N LEU D 127 47.09 -9.60 6.50
CA LEU D 127 46.64 -9.53 5.10
C LEU D 127 47.66 -8.82 4.22
N GLU D 128 48.26 -7.75 4.76
CA GLU D 128 49.27 -6.96 4.09
C GLU D 128 50.58 -7.73 3.96
N ALA D 129 50.97 -8.48 5.02
CA ALA D 129 52.19 -9.29 5.02
C ALA D 129 52.05 -10.49 4.07
N GLN D 130 50.82 -11.05 3.93
CA GLN D 130 50.52 -12.16 3.03
C GLN D 130 50.72 -11.73 1.58
N ALA D 131 50.03 -10.64 1.13
CA ALA D 131 50.12 -10.07 -0.22
C ALA D 131 51.53 -9.58 -0.59
N LEU D 132 52.33 -9.17 0.41
CA LEU D 132 53.70 -8.69 0.22
C LEU D 132 54.73 -9.83 0.21
N LYS D 133 54.26 -11.08 0.43
CA LYS D 133 55.05 -12.32 0.45
C LYS D 133 56.10 -12.34 1.61
N LEU D 134 55.77 -11.68 2.74
CA LEU D 134 56.60 -11.62 3.95
C LEU D 134 56.34 -12.87 4.78
N VAL D 135 55.08 -13.32 4.77
CA VAL D 135 54.59 -14.54 5.38
C VAL D 135 54.04 -15.43 4.29
N GLU D 136 54.35 -16.72 4.37
CA GLU D 136 53.95 -17.72 3.39
C GLU D 136 53.34 -18.92 4.11
N GLY D 137 53.32 -20.05 3.44
CA GLY D 137 52.85 -21.32 3.96
C GLY D 137 51.37 -21.47 4.28
N PRO D 138 51.01 -22.65 4.82
CA PRO D 138 49.60 -22.93 5.12
C PRO D 138 49.16 -22.59 6.56
N ASP D 139 50.12 -22.32 7.46
CA ASP D 139 49.83 -21.99 8.86
C ASP D 139 49.34 -20.56 8.99
N VAL D 140 49.74 -19.67 8.06
CA VAL D 140 49.27 -18.28 8.03
C VAL D 140 47.86 -18.24 7.45
N ARG D 141 47.61 -19.08 6.42
CA ARG D 141 46.32 -19.20 5.74
C ARG D 141 45.25 -19.68 6.69
N GLU D 142 45.65 -20.55 7.65
CA GLU D 142 44.75 -21.07 8.67
C GLU D 142 44.41 -19.98 9.70
N MET D 143 45.45 -19.32 10.27
CA MET D 143 45.32 -18.23 11.23
C MET D 143 44.42 -17.13 10.68
N ASN D 144 44.54 -16.86 9.36
CA ASN D 144 43.72 -15.89 8.62
C ASN D 144 42.24 -16.22 8.77
N GLY D 145 41.85 -17.43 8.33
CA GLY D 145 40.48 -17.96 8.41
C GLY D 145 39.89 -17.92 9.80
N VAL D 146 40.71 -18.30 10.83
CA VAL D 146 40.36 -18.30 12.25
C VAL D 146 39.91 -16.88 12.66
N LEU D 147 40.77 -15.86 12.40
CA LEU D 147 40.51 -14.43 12.65
C LEU D 147 39.26 -13.97 11.91
N LYS D 148 39.13 -14.38 10.62
CA LYS D 148 38.01 -14.09 9.72
C LYS D 148 36.68 -14.59 10.29
N GLY D 149 36.68 -15.84 10.77
CA GLY D 149 35.54 -16.49 11.40
C GLY D 149 35.09 -15.74 12.64
N MET D 150 36.05 -15.45 13.53
CA MET D 150 35.88 -14.68 14.77
C MET D 150 35.30 -13.29 14.48
N LEU D 151 35.81 -12.63 13.42
CA LEU D 151 35.36 -11.31 12.98
C LEU D 151 33.97 -11.32 12.36
N SER D 152 33.65 -12.38 11.58
CA SER D 152 32.36 -12.54 10.92
C SER D 152 31.19 -12.75 11.90
N GLU D 153 31.46 -13.13 13.15
CA GLU D 153 30.43 -13.34 14.18
C GLU D 153 30.16 -12.06 14.97
N TRP D 154 31.17 -11.18 15.07
CA TRP D 154 31.06 -9.90 15.75
C TRP D 154 30.56 -8.80 14.82
N PHE D 155 30.68 -9.02 13.50
CA PHE D 155 30.31 -8.07 12.45
C PHE D 155 29.26 -8.60 11.47
N SER D 156 28.46 -9.59 11.91
CA SER D 156 27.41 -10.22 11.09
C SER D 156 26.13 -9.40 10.95
N SER D 157 25.94 -8.73 9.79
CA SER D 157 24.80 -7.88 9.36
C SER D 157 23.88 -7.35 10.47
N GLY D 158 23.27 -8.27 11.23
CA GLY D 158 22.40 -8.01 12.37
C GLY D 158 22.92 -7.01 13.38
N PHE D 159 24.26 -6.85 13.50
CA PHE D 159 24.91 -5.92 14.43
C PHE D 159 25.43 -4.62 13.80
N LEU D 160 25.13 -4.41 12.51
CA LEU D 160 25.60 -3.23 11.80
C LEU D 160 24.45 -2.26 11.54
N ASN D 161 24.61 -1.01 11.99
CA ASN D 161 23.60 0.01 11.74
C ASN D 161 23.93 0.69 10.43
N LEU D 162 22.91 0.94 9.60
CA LEU D 162 23.08 1.62 8.32
C LEU D 162 22.92 3.12 8.58
N GLU D 163 24.03 3.87 8.43
CA GLU D 163 24.03 5.32 8.64
C GLU D 163 24.09 6.07 7.32
N ARG D 164 23.42 7.23 7.25
CA ARG D 164 23.43 8.08 6.05
C ARG D 164 24.25 9.35 6.28
N VAL D 165 25.10 9.69 5.29
CA VAL D 165 25.96 10.88 5.31
C VAL D 165 25.32 12.00 4.52
N THR D 166 25.25 13.16 5.16
CA THR D 166 24.69 14.40 4.62
C THR D 166 25.59 15.55 5.11
N TRP D 167 25.27 16.81 4.73
CA TRP D 167 26.00 17.97 5.21
C TRP D 167 25.67 18.30 6.69
N HIS D 168 24.68 17.60 7.26
CA HIS D 168 24.31 17.73 8.68
C HIS D 168 25.12 16.73 9.53
N SER D 169 25.94 15.90 8.88
CA SER D 169 26.79 14.93 9.55
C SER D 169 28.04 15.55 10.20
N PRO D 170 28.66 14.89 11.21
CA PRO D 170 29.86 15.45 11.85
C PRO D 170 31.02 15.53 10.86
N CYS D 171 31.85 16.58 10.99
CA CYS D 171 33.03 16.83 10.16
C CYS D 171 34.00 15.63 10.20
N GLU D 172 34.11 14.96 11.37
CA GLU D 172 34.93 13.76 11.60
C GLU D 172 34.56 12.65 10.60
N VAL D 173 33.24 12.53 10.31
CA VAL D 173 32.66 11.55 9.40
C VAL D 173 33.03 11.87 7.96
N LEU D 174 32.81 13.12 7.50
CA LEU D 174 33.14 13.54 6.14
C LEU D 174 34.61 13.33 5.85
N GLN D 175 35.49 13.73 6.81
CA GLN D 175 36.93 13.56 6.73
C GLN D 175 37.31 12.10 6.54
N LYS D 176 36.80 11.19 7.43
CA LYS D 176 37.03 9.75 7.37
C LYS D 176 36.52 9.13 6.06
N ILE D 177 35.37 9.60 5.54
CA ILE D 177 34.80 9.15 4.27
C ILE D 177 35.66 9.55 3.07
N SER D 178 36.26 10.74 3.12
CA SER D 178 37.13 11.23 2.04
C SER D 178 38.55 10.63 2.17
N GLU D 179 39.06 10.51 3.42
CA GLU D 179 40.38 9.97 3.71
C GLU D 179 40.58 8.53 3.29
N ALA D 180 39.74 7.59 3.81
CA ALA D 180 39.85 6.18 3.44
C ALA D 180 39.13 5.87 2.12
N GLU D 181 38.73 6.94 1.37
CA GLU D 181 38.06 6.87 0.05
C GLU D 181 39.03 6.13 -0.85
N ALA D 182 38.80 4.83 -1.01
CA ALA D 182 39.69 3.96 -1.76
C ALA D 182 39.15 3.61 -3.15
N VAL D 183 38.96 4.64 -4.01
CA VAL D 183 38.54 4.60 -5.42
C VAL D 183 38.94 5.95 -6.08
N HIS D 184 38.13 7.02 -5.88
CA HIS D 184 38.30 8.35 -6.49
C HIS D 184 38.53 9.55 -5.56
N PRO D 185 39.70 10.24 -5.64
CA PRO D 185 39.94 11.42 -4.78
C PRO D 185 38.95 12.56 -4.99
N VAL D 186 38.65 13.30 -3.90
CA VAL D 186 37.79 14.49 -3.84
C VAL D 186 38.78 15.69 -3.77
N LYS D 187 38.53 16.77 -4.54
CA LYS D 187 39.44 17.91 -4.59
C LYS D 187 39.39 19.01 -3.49
N ASN D 188 38.26 19.20 -2.80
CA ASN D 188 38.11 20.25 -1.76
C ASN D 188 36.80 20.06 -0.97
N TRP D 189 36.58 20.87 0.10
CA TRP D 189 35.32 20.81 0.88
C TRP D 189 34.16 21.18 -0.04
N MET D 190 34.41 22.14 -0.96
CA MET D 190 33.49 22.67 -1.98
C MET D 190 32.87 21.51 -2.75
N ASP D 191 33.66 20.43 -2.98
CA ASP D 191 33.25 19.20 -3.65
C ASP D 191 32.52 18.24 -2.72
N MET D 192 33.07 17.90 -1.53
CA MET D 192 32.45 16.96 -0.58
C MET D 192 30.98 17.33 -0.25
N LYS D 193 30.63 18.65 -0.31
CA LYS D 193 29.26 19.16 -0.11
C LYS D 193 28.37 18.66 -1.25
N ARG D 194 28.89 18.66 -2.50
CA ARG D 194 28.20 18.17 -3.71
C ARG D 194 28.05 16.65 -3.70
N ARG D 195 29.09 15.92 -3.24
CA ARG D 195 29.16 14.46 -3.17
C ARG D 195 28.09 13.83 -2.29
N VAL D 196 27.68 14.54 -1.23
CA VAL D 196 26.67 14.13 -0.25
C VAL D 196 25.38 14.94 -0.43
N GLY D 197 25.46 15.93 -1.32
CA GLY D 197 24.37 16.85 -1.61
C GLY D 197 23.21 16.26 -2.37
N PRO D 198 22.39 17.12 -3.01
CA PRO D 198 21.25 16.60 -3.79
C PRO D 198 21.66 15.72 -4.98
N TYR D 199 20.83 14.70 -5.27
CA TYR D 199 20.99 13.70 -6.35
C TYR D 199 22.12 12.72 -6.06
N ARG D 200 22.54 12.66 -4.79
CA ARG D 200 23.62 11.81 -4.33
C ARG D 200 23.26 11.17 -3.01
N ARG D 201 23.73 9.93 -2.81
CA ARG D 201 23.53 9.21 -1.58
C ARG D 201 24.85 8.60 -1.12
N CYS D 202 25.21 8.87 0.13
CA CYS D 202 26.40 8.29 0.72
C CYS D 202 26.00 7.60 2.00
N TYR D 203 26.01 6.27 1.95
CA TYR D 203 25.63 5.41 3.05
C TYR D 203 26.83 4.63 3.57
N PHE D 204 26.84 4.34 4.86
CA PHE D 204 27.88 3.55 5.49
C PHE D 204 27.35 2.63 6.58
N PHE D 205 28.19 1.71 7.04
CA PHE D 205 27.88 0.74 8.07
C PHE D 205 28.77 0.96 9.26
N SER D 206 28.17 0.98 10.44
CA SER D 206 28.90 1.09 11.68
C SER D 206 28.46 -0.05 12.57
N HIS D 207 29.32 -0.48 13.48
CA HIS D 207 28.96 -1.53 14.43
C HIS D 207 28.00 -0.86 15.42
N CYS D 208 27.02 -1.62 15.94
CA CYS D 208 26.04 -1.10 16.91
C CYS D 208 26.72 -0.66 18.23
N SER D 209 27.97 -1.14 18.49
CA SER D 209 28.76 -0.78 19.66
C SER D 209 29.35 0.61 19.45
N THR D 210 29.98 0.81 18.26
CA THR D 210 30.65 2.02 17.84
C THR D 210 29.92 2.75 16.69
N PRO D 211 28.96 3.64 17.00
CA PRO D 211 28.27 4.37 15.92
C PRO D 211 29.10 5.55 15.41
N GLY D 212 28.85 5.94 14.16
CA GLY D 212 29.58 7.03 13.51
C GLY D 212 31.01 6.68 13.15
N GLU D 213 31.38 5.41 13.31
CA GLU D 213 32.68 4.83 13.00
C GLU D 213 32.47 3.96 11.74
N PRO D 214 32.76 4.47 10.52
CA PRO D 214 32.48 3.68 9.31
C PRO D 214 33.42 2.51 9.07
N LEU D 215 32.82 1.35 8.75
CA LEU D 215 33.54 0.11 8.47
C LEU D 215 33.63 -0.03 6.95
N VAL D 216 32.49 0.14 6.26
CA VAL D 216 32.34 0.10 4.81
C VAL D 216 31.55 1.31 4.34
N VAL D 217 31.95 1.88 3.19
CA VAL D 217 31.38 3.08 2.59
C VAL D 217 30.89 2.87 1.14
N LEU D 218 29.64 3.25 0.86
CA LEU D 218 29.04 3.18 -0.49
C LEU D 218 28.56 4.57 -0.95
N HIS D 219 28.84 4.90 -2.22
CA HIS D 219 28.43 6.13 -2.90
C HIS D 219 27.41 5.83 -4.01
N VAL D 220 26.32 6.63 -4.05
CA VAL D 220 25.21 6.46 -5.01
C VAL D 220 24.92 7.76 -5.78
N ALA D 221 24.77 7.65 -7.09
CA ALA D 221 24.36 8.74 -7.96
C ALA D 221 22.89 8.46 -8.36
N LEU D 222 21.99 9.42 -8.05
CA LEU D 222 20.57 9.32 -8.40
C LEU D 222 20.50 9.94 -9.79
N THR D 223 20.26 9.11 -10.81
CA THR D 223 20.36 9.52 -12.20
C THR D 223 19.17 9.19 -13.16
N GLY D 224 19.26 9.73 -14.38
CA GLY D 224 18.32 9.52 -15.48
C GLY D 224 18.46 8.15 -16.10
N ASP D 225 19.69 7.80 -16.54
CA ASP D 225 19.98 6.50 -17.16
C ASP D 225 21.28 5.92 -16.61
N ILE D 226 21.57 4.64 -16.90
CA ILE D 226 22.81 3.98 -16.48
C ILE D 226 24.02 4.73 -17.06
N SER D 227 24.81 5.32 -16.16
CA SER D 227 26.00 6.12 -16.46
C SER D 227 27.09 5.30 -17.14
N SER D 228 27.68 5.90 -18.18
CA SER D 228 28.75 5.31 -18.98
C SER D 228 30.05 6.11 -18.83
N ASN D 229 30.14 6.97 -17.79
CA ASN D 229 31.31 7.81 -17.53
C ASN D 229 31.35 8.27 -16.08
N ILE D 230 32.55 8.20 -15.46
CA ILE D 230 32.78 8.61 -14.08
C ILE D 230 32.98 10.12 -13.92
N GLN D 231 33.63 10.76 -14.91
CA GLN D 231 33.89 12.20 -14.90
C GLN D 231 32.57 12.95 -14.92
N ALA D 232 31.56 12.38 -15.61
CA ALA D 232 30.18 12.89 -15.70
C ALA D 232 29.53 12.97 -14.32
N ILE D 233 29.92 12.07 -13.38
CA ILE D 233 29.42 12.04 -12.00
C ILE D 233 30.27 12.90 -11.06
N VAL D 234 31.58 12.59 -10.96
CA VAL D 234 32.54 13.29 -10.09
C VAL D 234 32.58 14.78 -10.38
N LYS D 235 32.78 15.14 -11.67
CA LYS D 235 32.88 16.53 -12.11
C LYS D 235 31.57 17.19 -12.58
N GLU D 236 30.44 16.81 -11.98
CA GLU D 236 29.15 17.43 -12.29
C GLU D 236 28.99 18.65 -11.36
N HIS D 237 27.91 19.41 -11.55
CA HIS D 237 27.44 20.50 -10.71
C HIS D 237 25.93 20.23 -10.59
N PRO D 238 25.58 19.11 -9.87
CA PRO D 238 24.15 18.75 -9.74
C PRO D 238 23.30 19.97 -9.38
N PRO D 239 22.27 20.27 -10.20
CA PRO D 239 21.50 21.52 -10.06
C PRO D 239 21.38 22.27 -8.75
N SER D 240 21.10 21.60 -7.62
CA SER D 240 20.87 22.15 -6.27
C SER D 240 19.43 22.68 -6.17
N GLU D 241 18.63 22.40 -7.21
CA GLU D 241 17.20 22.72 -7.31
C GLU D 241 16.47 21.56 -6.65
N THR D 242 16.77 21.23 -5.35
CA THR D 242 16.23 20.09 -4.56
C THR D 242 15.66 18.96 -5.41
N GLU D 243 15.96 17.73 -5.05
CA GLU D 243 15.50 16.58 -5.82
C GLU D 243 14.06 16.57 -6.27
N GLU D 244 13.88 16.37 -7.56
CA GLU D 244 12.58 16.17 -8.17
C GLU D 244 12.61 14.67 -8.38
N LYS D 245 11.57 13.98 -7.91
CA LYS D 245 11.46 12.52 -8.00
C LYS D 245 11.28 12.01 -9.42
N ASN D 246 10.63 12.83 -10.28
CA ASN D 246 10.30 12.58 -11.68
C ASN D 246 11.49 12.17 -12.54
N LYS D 247 12.67 12.76 -12.27
CA LYS D 247 13.88 12.46 -13.04
C LYS D 247 14.89 11.51 -12.37
N ILE D 248 14.51 10.85 -11.26
CA ILE D 248 15.35 9.86 -10.60
C ILE D 248 14.82 8.51 -11.08
N THR D 249 15.52 7.90 -12.03
CA THR D 249 15.12 6.63 -12.64
C THR D 249 16.16 5.54 -12.44
N ALA D 250 17.40 5.93 -12.13
CA ALA D 250 18.46 4.95 -11.97
C ALA D 250 19.37 5.28 -10.79
N ALA D 251 19.68 4.25 -9.99
CA ALA D 251 20.57 4.37 -8.85
C ALA D 251 21.90 3.78 -9.32
N ILE D 252 22.97 4.59 -9.30
CA ILE D 252 24.30 4.17 -9.78
C ILE D 252 25.31 4.14 -8.64
N PHE D 253 25.91 2.95 -8.41
CA PHE D 253 26.91 2.76 -7.38
C PHE D 253 28.28 3.12 -7.96
N TYR D 254 28.89 4.22 -7.47
CA TYR D 254 30.16 4.69 -8.03
C TYR D 254 31.45 4.54 -7.20
N SER D 255 31.36 4.53 -5.88
CA SER D 255 32.48 4.29 -4.96
C SER D 255 31.94 3.34 -3.94
N ILE D 256 32.70 2.29 -3.67
CA ILE D 256 32.39 1.23 -2.72
C ILE D 256 33.72 0.74 -2.23
N SER D 257 34.03 1.12 -0.99
CA SER D 257 35.32 0.87 -0.37
C SER D 257 35.26 0.55 1.12
N LEU D 258 36.16 -0.33 1.56
CA LEU D 258 36.33 -0.71 2.97
C LEU D 258 37.20 0.35 3.64
N THR D 259 36.85 0.76 4.88
CA THR D 259 37.64 1.72 5.67
C THR D 259 38.61 0.92 6.53
N GLN D 260 38.21 -0.31 6.89
CA GLN D 260 38.99 -1.18 7.74
C GLN D 260 39.32 -2.45 6.99
N GLN D 261 40.56 -2.52 6.46
CA GLN D 261 41.07 -3.66 5.69
C GLN D 261 41.01 -4.99 6.43
N GLY D 262 40.96 -4.92 7.75
CA GLY D 262 40.87 -6.09 8.62
C GLY D 262 39.61 -6.93 8.38
N LEU D 263 38.55 -6.29 7.87
CA LEU D 263 37.24 -6.90 7.59
C LEU D 263 36.96 -7.39 6.17
N GLN D 264 38.00 -7.91 5.47
CA GLN D 264 37.83 -8.46 4.12
C GLN D 264 37.13 -9.82 4.19
N GLY D 265 36.49 -10.23 3.08
CA GLY D 265 35.77 -11.50 2.96
C GLY D 265 34.72 -11.77 4.03
N VAL D 266 34.23 -10.72 4.70
CA VAL D 266 33.20 -10.80 5.76
C VAL D 266 31.85 -10.34 5.17
N GLU D 267 31.75 -10.36 3.83
CA GLU D 267 30.57 -9.97 3.05
C GLU D 267 30.00 -8.59 3.41
N LEU D 268 30.83 -7.70 4.04
CA LEU D 268 30.42 -6.34 4.45
C LEU D 268 29.85 -5.55 3.29
N GLY D 269 30.55 -5.61 2.15
CA GLY D 269 30.17 -4.98 0.89
C GLY D 269 28.80 -5.45 0.43
N THR D 270 28.64 -6.78 0.22
CA THR D 270 27.41 -7.45 -0.21
C THR D 270 26.16 -6.91 0.50
N PHE D 271 26.10 -7.04 1.85
CA PHE D 271 24.99 -6.58 2.69
C PHE D 271 24.74 -5.10 2.62
N LEU D 272 25.79 -4.27 2.48
CA LEU D 272 25.61 -2.83 2.37
C LEU D 272 24.82 -2.47 1.11
N ILE D 273 25.11 -3.15 -0.03
CA ILE D 273 24.38 -2.95 -1.28
C ILE D 273 22.92 -3.38 -1.09
N LYS D 274 22.70 -4.60 -0.55
CA LYS D 274 21.39 -5.20 -0.24
C LYS D 274 20.52 -4.28 0.60
N ARG D 275 21.07 -3.79 1.73
CA ARG D 275 20.44 -2.88 2.69
C ARG D 275 20.18 -1.49 2.08
N VAL D 276 21.14 -0.94 1.28
CA VAL D 276 21.00 0.37 0.60
C VAL D 276 19.88 0.31 -0.43
N VAL D 277 19.69 -0.85 -1.09
CA VAL D 277 18.62 -1.04 -2.07
C VAL D 277 17.27 -0.88 -1.37
N LYS D 278 16.98 -1.74 -0.34
CA LYS D 278 15.76 -1.73 0.47
C LYS D 278 15.44 -0.32 1.00
N GLU D 279 16.50 0.51 1.18
CA GLU D 279 16.38 1.91 1.61
C GLU D 279 15.86 2.78 0.46
N LEU D 280 16.56 2.76 -0.70
CA LEU D 280 16.19 3.53 -1.89
C LEU D 280 14.81 3.14 -2.38
N GLN D 281 14.46 1.83 -2.31
CA GLN D 281 13.16 1.29 -2.68
C GLN D 281 12.04 1.92 -1.84
N ARG D 282 12.31 2.11 -0.54
CA ARG D 282 11.41 2.73 0.43
C ARG D 282 11.16 4.20 0.08
N GLU D 283 12.24 4.97 -0.15
CA GLU D 283 12.23 6.40 -0.50
C GLU D 283 11.64 6.68 -1.88
N PHE D 284 12.04 5.90 -2.89
CA PHE D 284 11.61 6.08 -4.28
C PHE D 284 10.86 4.83 -4.77
N PRO D 285 9.53 4.71 -4.52
CA PRO D 285 8.79 3.50 -4.94
C PRO D 285 8.69 3.27 -6.46
N HIS D 286 8.98 4.30 -7.29
CA HIS D 286 8.95 4.16 -8.76
C HIS D 286 10.34 3.94 -9.38
N LEU D 287 11.33 3.59 -8.54
CA LEU D 287 12.72 3.32 -8.92
C LEU D 287 12.97 1.80 -9.07
N GLY D 288 13.27 1.38 -10.30
CA GLY D 288 13.51 -0.01 -10.61
C GLY D 288 14.79 -0.32 -11.39
N VAL D 289 15.70 0.66 -11.55
CA VAL D 289 16.97 0.46 -12.27
C VAL D 289 18.12 0.64 -11.30
N PHE D 290 18.80 -0.47 -10.99
CA PHE D 290 19.92 -0.51 -10.07
C PHE D 290 21.14 -1.10 -10.72
N SER D 291 22.18 -0.28 -10.86
CA SER D 291 23.42 -0.70 -11.50
C SER D 291 24.61 0.02 -10.90
N SER D 292 25.79 -0.53 -11.16
CA SER D 292 27.06 0.04 -10.73
C SER D 292 27.75 0.63 -11.95
N LEU D 293 28.72 1.50 -11.70
CA LEU D 293 29.65 2.03 -12.68
C LEU D 293 30.97 1.80 -11.99
N SER D 294 31.53 0.62 -12.25
CA SER D 294 32.73 0.11 -11.60
C SER D 294 34.00 0.14 -12.44
N PRO D 295 35.19 0.19 -11.79
CA PRO D 295 36.44 0.12 -12.54
C PRO D 295 36.79 -1.33 -12.90
N ILE D 296 37.94 -1.54 -13.57
CA ILE D 296 38.46 -2.85 -13.97
C ILE D 296 39.95 -2.89 -13.53
N PRO D 297 40.28 -2.82 -12.21
CA PRO D 297 41.69 -2.83 -11.80
C PRO D 297 42.44 -4.13 -12.09
N GLY D 298 43.58 -3.98 -12.77
CA GLY D 298 44.45 -5.08 -13.16
C GLY D 298 44.43 -5.40 -14.63
N PHE D 299 43.51 -4.74 -15.39
CA PHE D 299 43.35 -4.92 -16.84
C PHE D 299 44.61 -4.55 -17.63
N THR D 300 45.22 -3.37 -17.34
CA THR D 300 46.46 -2.91 -17.99
C THR D 300 47.56 -3.93 -17.75
N LYS D 301 47.76 -4.32 -16.47
CA LYS D 301 48.75 -5.29 -16.01
C LYS D 301 48.57 -6.64 -16.71
N TRP D 302 47.31 -7.03 -16.97
CA TRP D 302 46.96 -8.25 -17.70
C TRP D 302 47.36 -8.11 -19.16
N LEU D 303 46.91 -7.02 -19.81
CA LEU D 303 47.19 -6.71 -21.22
C LEU D 303 48.69 -6.61 -21.51
N LEU D 304 49.43 -5.81 -20.71
CA LEU D 304 50.87 -5.62 -20.82
C LEU D 304 51.59 -6.96 -20.71
N GLY D 305 51.24 -7.72 -19.67
CA GLY D 305 51.75 -9.07 -19.40
C GLY D 305 51.59 -9.95 -20.62
N LEU D 306 50.36 -9.95 -21.20
CA LEU D 306 50.02 -10.71 -22.41
C LEU D 306 50.74 -10.27 -23.67
N LEU D 307 51.39 -9.06 -23.68
CA LEU D 307 52.15 -8.60 -24.84
C LEU D 307 53.51 -9.28 -24.87
N ASN D 308 53.42 -10.61 -24.85
CA ASN D 308 54.48 -11.60 -24.82
C ASN D 308 53.91 -12.98 -25.25
N SER D 309 54.66 -13.79 -26.04
CA SER D 309 55.97 -13.58 -26.68
C SER D 309 56.35 -14.82 -27.46
N GLN D 310 57.03 -15.78 -26.77
CA GLN D 310 57.53 -17.03 -27.31
C GLN D 310 56.47 -18.10 -27.51
N THR D 311 55.19 -17.79 -27.20
CA THR D 311 54.04 -18.66 -27.49
C THR D 311 53.79 -18.33 -28.98
N LYS D 312 54.78 -18.72 -29.81
CA LYS D 312 54.92 -18.44 -31.24
C LYS D 312 53.91 -19.20 -32.12
N ASN D 317 49.93 -16.59 -29.48
CA ASN D 317 48.99 -15.61 -28.92
C ASN D 317 48.84 -14.38 -29.83
N GLU D 318 47.84 -14.42 -30.75
CA GLU D 318 47.54 -13.33 -31.71
C GLU D 318 46.26 -12.60 -31.28
N LEU D 319 46.43 -11.36 -30.79
CA LEU D 319 45.37 -10.53 -30.22
C LEU D 319 44.89 -9.43 -31.17
N PHE D 320 45.44 -9.41 -32.39
CA PHE D 320 45.14 -8.37 -33.37
C PHE D 320 45.08 -8.96 -34.78
N THR D 321 44.06 -8.55 -35.54
CA THR D 321 43.89 -8.97 -36.93
C THR D 321 44.90 -8.24 -37.81
N ASP D 322 45.11 -8.74 -39.05
CA ASP D 322 46.01 -8.18 -40.06
C ASP D 322 45.81 -6.68 -40.16
N SER D 323 44.57 -6.27 -40.50
CA SER D 323 44.09 -4.90 -40.63
C SER D 323 44.42 -4.06 -39.39
N GLU D 324 44.23 -4.64 -38.18
CA GLU D 324 44.46 -3.98 -36.89
C GLU D 324 45.93 -3.72 -36.57
N CYS D 325 46.83 -4.68 -36.87
CA CYS D 325 48.27 -4.56 -36.63
C CYS D 325 48.93 -3.49 -37.50
N LYS D 326 48.67 -3.52 -38.83
CA LYS D 326 49.20 -2.56 -39.80
C LYS D 326 48.83 -1.12 -39.46
N GLU D 327 47.56 -0.90 -39.04
CA GLU D 327 47.05 0.42 -38.63
C GLU D 327 47.80 0.95 -37.40
N ILE D 328 48.02 0.09 -36.38
CA ILE D 328 48.72 0.41 -35.12
C ILE D 328 50.16 0.89 -35.34
N SER D 329 50.99 0.05 -36.00
CA SER D 329 52.40 0.33 -36.25
C SER D 329 52.62 1.57 -37.11
N GLU D 330 51.70 1.88 -38.04
CA GLU D 330 51.78 3.10 -38.84
C GLU D 330 51.28 4.33 -38.04
N ILE D 331 51.31 4.24 -36.69
CA ILE D 331 50.92 5.29 -35.76
C ILE D 331 51.91 5.32 -34.57
N THR D 332 52.76 4.28 -34.42
CA THR D 332 53.70 4.19 -33.31
C THR D 332 55.21 4.17 -33.63
N GLY D 333 55.57 4.12 -34.92
CA GLY D 333 56.94 4.16 -35.41
C GLY D 333 57.80 2.91 -35.33
N GLY D 334 57.28 1.81 -34.78
CA GLY D 334 58.05 0.58 -34.66
C GLY D 334 57.19 -0.67 -34.64
N PRO D 335 57.70 -1.81 -34.10
CA PRO D 335 56.87 -3.04 -34.03
C PRO D 335 55.63 -2.83 -33.16
N ILE D 336 54.78 -3.84 -33.02
CA ILE D 336 53.56 -3.69 -32.22
C ILE D 336 53.77 -3.86 -30.71
N ASN D 337 54.35 -5.00 -30.29
CA ASN D 337 54.54 -5.43 -28.91
C ASN D 337 55.40 -4.51 -28.09
N GLU D 338 56.58 -4.11 -28.59
CA GLU D 338 57.51 -3.22 -27.87
C GLU D 338 57.01 -1.78 -27.75
N THR D 339 56.41 -1.23 -28.84
CA THR D 339 55.87 0.13 -28.85
C THR D 339 54.75 0.29 -27.85
N LEU D 340 53.71 -0.56 -27.95
CA LEU D 340 52.54 -0.53 -27.07
C LEU D 340 52.87 -0.75 -25.62
N LYS D 341 53.68 -1.78 -25.31
CA LYS D 341 54.19 -2.12 -23.98
C LYS D 341 54.73 -0.86 -23.29
N LEU D 342 55.42 -0.01 -24.07
CA LEU D 342 56.02 1.23 -23.62
C LEU D 342 54.97 2.31 -23.30
N LEU D 343 54.14 2.70 -24.29
CA LEU D 343 53.17 3.79 -24.11
C LEU D 343 51.86 3.48 -23.39
N LEU D 344 51.43 2.19 -23.36
CA LEU D 344 50.23 1.76 -22.65
C LEU D 344 50.36 1.78 -21.13
N SER D 345 51.59 1.98 -20.63
CA SER D 345 51.91 2.06 -19.21
C SER D 345 52.31 3.49 -18.80
N SER D 346 52.21 4.44 -19.75
CA SER D 346 52.59 5.84 -19.52
C SER D 346 51.52 6.93 -19.75
N SER D 347 50.25 6.55 -19.96
CA SER D 347 49.09 7.46 -20.15
C SER D 347 49.25 8.61 -21.18
N GLU D 348 50.26 8.52 -22.07
CA GLU D 348 50.51 9.52 -23.12
C GLU D 348 49.59 9.29 -24.32
N TRP D 349 49.36 7.99 -24.66
CA TRP D 349 48.58 7.49 -25.79
C TRP D 349 47.17 8.08 -26.01
N VAL D 350 46.62 8.74 -24.96
CA VAL D 350 45.30 9.38 -24.97
C VAL D 350 45.22 10.66 -25.79
N GLN D 351 46.28 11.48 -25.75
CA GLN D 351 46.35 12.74 -26.50
C GLN D 351 46.64 12.56 -27.99
N SER D 352 46.84 11.30 -28.43
CA SER D 352 47.05 10.94 -29.83
C SER D 352 45.76 10.24 -30.28
N GLU D 353 44.74 11.06 -30.66
CA GLU D 353 43.40 10.62 -31.07
C GLU D 353 43.32 9.57 -32.20
N LYS D 354 44.40 9.45 -33.01
CA LYS D 354 44.48 8.45 -34.09
C LYS D 354 44.63 7.07 -33.45
N LEU D 355 45.51 6.96 -32.43
CA LEU D 355 45.77 5.75 -31.67
C LEU D 355 44.61 5.36 -30.75
N VAL D 356 43.78 6.33 -30.33
CA VAL D 356 42.60 6.06 -29.50
C VAL D 356 41.54 5.35 -30.34
N ARG D 357 41.05 6.00 -31.43
CA ARG D 357 40.04 5.43 -32.32
C ARG D 357 40.47 4.10 -32.89
N ALA D 358 41.78 3.92 -33.12
CA ALA D 358 42.41 2.68 -33.59
C ALA D 358 42.21 1.56 -32.56
N LEU D 359 42.54 1.85 -31.29
CA LEU D 359 42.46 0.91 -30.16
C LEU D 359 41.07 0.71 -29.55
N GLN D 360 39.99 1.25 -30.14
CA GLN D 360 38.65 1.08 -29.58
C GLN D 360 38.17 -0.38 -29.59
N THR D 361 37.86 -0.91 -30.79
CA THR D 361 37.36 -2.28 -31.03
C THR D 361 38.21 -3.41 -30.39
N PRO D 362 39.57 -3.53 -30.62
CA PRO D 362 40.30 -4.67 -30.03
C PRO D 362 40.32 -4.66 -28.51
N LEU D 363 40.65 -3.50 -27.88
CA LEU D 363 40.68 -3.36 -26.42
C LEU D 363 39.38 -3.78 -25.81
N MET D 364 38.26 -3.17 -26.24
CA MET D 364 36.91 -3.49 -25.80
C MET D 364 36.65 -5.00 -25.86
N ARG D 365 37.03 -5.64 -26.99
CA ARG D 365 36.88 -7.09 -27.18
C ARG D 365 37.74 -7.93 -26.23
N LEU D 366 39.03 -7.56 -26.05
CA LEU D 366 39.96 -8.22 -25.13
C LEU D 366 39.51 -8.05 -23.69
N CYS D 367 38.97 -6.84 -23.38
CA CYS D 367 38.42 -6.44 -22.08
C CYS D 367 37.26 -7.32 -21.74
N ALA D 368 36.33 -7.53 -22.71
CA ALA D 368 35.14 -8.39 -22.55
C ALA D 368 35.61 -9.75 -22.11
N TRP D 369 36.62 -10.28 -22.82
CA TRP D 369 37.26 -11.55 -22.53
C TRP D 369 37.94 -11.56 -21.18
N TYR D 370 38.65 -10.48 -20.82
CA TYR D 370 39.36 -10.37 -19.54
C TYR D 370 38.43 -10.64 -18.36
N LEU D 371 37.19 -10.08 -18.41
CA LEU D 371 36.19 -10.24 -17.37
C LEU D 371 35.46 -11.55 -17.47
N TYR D 372 34.96 -11.86 -18.68
CA TYR D 372 34.17 -13.06 -18.97
C TYR D 372 34.94 -14.37 -19.04
N GLY D 373 35.92 -14.43 -19.95
CA GLY D 373 36.69 -15.64 -20.24
C GLY D 373 37.82 -16.04 -19.31
N GLU D 374 38.61 -15.06 -18.83
CA GLU D 374 39.75 -15.35 -17.95
C GLU D 374 39.33 -15.75 -16.55
N LYS D 375 39.87 -16.89 -16.07
CA LYS D 375 39.49 -17.47 -14.77
C LYS D 375 40.65 -17.76 -13.81
N HIS D 376 40.39 -17.58 -12.51
CA HIS D 376 41.30 -17.88 -11.39
C HIS D 376 40.49 -18.83 -10.50
N ARG D 377 40.70 -20.15 -10.68
CA ARG D 377 39.98 -21.25 -10.01
C ARG D 377 38.55 -21.39 -10.59
N GLY D 378 38.34 -20.79 -11.77
CA GLY D 378 37.08 -20.77 -12.51
C GLY D 378 36.12 -19.67 -12.14
N TYR D 379 36.55 -18.72 -11.29
CA TYR D 379 35.70 -17.64 -10.80
C TYR D 379 35.75 -16.24 -11.40
N ALA D 380 36.80 -15.84 -12.14
CA ALA D 380 36.93 -14.51 -12.80
C ALA D 380 38.01 -13.61 -12.26
N LEU D 381 39.28 -13.99 -12.44
CA LEU D 381 40.48 -13.24 -12.08
C LEU D 381 40.24 -11.83 -11.48
N ASN D 382 39.57 -10.92 -12.24
CA ASN D 382 39.22 -9.56 -11.80
C ASN D 382 38.44 -9.65 -10.47
N PRO D 383 39.05 -9.22 -9.36
CA PRO D 383 38.38 -9.35 -8.03
C PRO D 383 37.10 -8.53 -7.90
N VAL D 384 37.00 -7.41 -8.62
CA VAL D 384 35.83 -6.52 -8.67
C VAL D 384 34.72 -7.29 -9.41
N ALA D 385 35.09 -8.02 -10.51
CA ALA D 385 34.15 -8.84 -11.28
C ALA D 385 33.58 -9.91 -10.38
N ASN D 386 34.45 -10.66 -9.64
CA ASN D 386 34.04 -11.68 -8.69
C ASN D 386 33.08 -11.11 -7.67
N PHE D 387 33.38 -9.89 -7.13
CA PHE D 387 32.55 -9.19 -6.14
C PHE D 387 31.09 -8.99 -6.58
N HIS D 388 30.86 -8.26 -7.69
CA HIS D 388 29.52 -7.99 -8.19
C HIS D 388 28.79 -9.24 -8.68
N LEU D 389 29.53 -10.24 -9.20
CA LEU D 389 28.94 -11.49 -9.67
C LEU D 389 28.50 -12.40 -8.54
N GLN D 390 29.30 -12.45 -7.44
CA GLN D 390 29.01 -13.18 -6.20
C GLN D 390 27.62 -12.77 -5.75
N ASN D 391 27.37 -11.43 -5.78
CA ASN D 391 26.14 -10.74 -5.41
C ASN D 391 24.96 -10.99 -6.35
N GLY D 392 25.22 -11.68 -7.44
CA GLY D 392 24.20 -12.00 -8.42
C GLY D 392 23.99 -10.91 -9.46
N ALA D 393 24.99 -10.02 -9.64
CA ALA D 393 24.90 -8.96 -10.64
C ALA D 393 25.16 -9.52 -12.03
N VAL D 394 24.77 -8.77 -13.06
CA VAL D 394 24.96 -9.14 -14.45
C VAL D 394 26.05 -8.25 -15.00
N LEU D 395 27.05 -8.86 -15.65
CA LEU D 395 28.06 -8.09 -16.37
C LEU D 395 27.24 -7.56 -17.56
N TRP D 396 26.78 -6.33 -17.41
CA TRP D 396 25.83 -5.71 -18.30
C TRP D 396 26.34 -4.88 -19.48
N ARG D 397 27.42 -4.08 -19.31
CA ARG D 397 27.94 -3.24 -20.39
C ARG D 397 29.38 -2.82 -20.14
N ILE D 398 30.18 -2.78 -21.21
CA ILE D 398 31.57 -2.31 -21.21
C ILE D 398 31.54 -0.92 -21.82
N ASN D 399 32.17 0.04 -21.13
CA ASN D 399 32.21 1.43 -21.56
C ASN D 399 33.60 1.95 -21.93
N TRP D 400 33.76 2.31 -23.22
CA TRP D 400 35.00 2.88 -23.76
C TRP D 400 35.24 4.29 -23.19
N MET D 401 36.52 4.64 -22.95
CA MET D 401 37.00 5.92 -22.39
C MET D 401 36.01 6.51 -21.39
N ALA D 402 35.76 5.76 -20.31
CA ALA D 402 34.82 6.15 -19.26
C ALA D 402 35.56 6.74 -18.07
N ASP D 403 36.86 6.41 -17.96
CA ASP D 403 37.75 6.92 -16.91
C ASP D 403 39.05 7.44 -17.54
N VAL D 404 39.10 8.76 -17.78
CA VAL D 404 40.25 9.44 -18.38
C VAL D 404 41.32 9.89 -17.38
N SER D 405 41.08 9.68 -16.07
CA SER D 405 42.02 10.06 -15.00
C SER D 405 43.27 9.18 -15.05
N LEU D 406 44.40 9.68 -14.49
CA LEU D 406 45.69 8.98 -14.48
C LEU D 406 45.56 7.53 -14.03
N ARG D 407 45.13 7.24 -12.76
CA ARG D 407 44.97 5.85 -12.30
C ARG D 407 44.10 5.06 -13.25
N GLY D 408 43.01 5.65 -13.75
CA GLY D 408 42.07 5.06 -14.69
C GLY D 408 42.71 4.56 -15.98
N ILE D 409 43.44 5.44 -16.70
CA ILE D 409 44.14 5.16 -17.96
C ILE D 409 45.20 4.06 -17.80
N THR D 410 46.10 4.22 -16.83
CA THR D 410 47.17 3.25 -16.57
C THR D 410 46.68 2.02 -15.82
N GLY D 411 45.49 2.11 -15.24
CA GLY D 411 44.90 1.02 -14.49
C GLY D 411 44.18 0.04 -15.39
N SER D 412 43.32 0.57 -16.29
CA SER D 412 42.53 -0.24 -17.22
C SER D 412 42.28 0.39 -18.59
N CYS D 413 43.23 1.22 -19.09
CA CYS D 413 43.14 1.90 -20.40
C CYS D 413 41.82 2.68 -20.63
N GLY D 414 41.34 3.33 -19.55
CA GLY D 414 40.12 4.12 -19.53
C GLY D 414 38.80 3.38 -19.51
N LEU D 415 38.84 2.04 -19.52
CA LEU D 415 37.65 1.18 -19.52
C LEU D 415 36.99 0.98 -18.17
N MET D 416 35.70 1.30 -18.11
CA MET D 416 34.87 1.07 -16.92
C MET D 416 33.78 0.09 -17.33
N ALA D 417 33.33 -0.72 -16.37
CA ALA D 417 32.31 -1.74 -16.64
C ALA D 417 31.06 -1.52 -15.82
N ASN D 418 29.91 -1.86 -16.39
CA ASN D 418 28.62 -1.74 -15.73
C ASN D 418 28.13 -3.09 -15.25
N TYR D 419 27.95 -3.21 -13.93
CA TYR D 419 27.41 -4.42 -13.32
C TYR D 419 26.04 -4.05 -12.84
N ARG D 420 25.04 -4.61 -13.52
CA ARG D 420 23.64 -4.33 -13.22
C ARG D 420 23.04 -5.29 -12.22
N TYR D 421 22.15 -4.76 -11.38
CA TYR D 421 21.43 -5.49 -10.35
C TYR D 421 19.94 -5.53 -10.68
N PHE D 422 19.48 -6.69 -11.15
CA PHE D 422 18.07 -6.93 -11.45
C PHE D 422 17.58 -7.63 -10.20
N LEU D 423 16.86 -6.88 -9.36
CA LEU D 423 16.42 -7.29 -8.03
C LEU D 423 15.78 -8.64 -7.83
N GLU D 424 14.86 -9.04 -8.70
CA GLU D 424 14.11 -10.30 -8.62
C GLU D 424 14.87 -11.54 -9.14
N GLU D 425 16.11 -11.34 -9.62
CA GLU D 425 16.96 -12.42 -10.10
C GLU D 425 18.41 -12.37 -9.55
N THR D 426 18.64 -11.66 -8.43
CA THR D 426 19.98 -11.61 -7.81
C THR D 426 20.28 -12.92 -7.09
N GLY D 427 19.28 -13.40 -6.34
CA GLY D 427 19.31 -14.65 -5.58
C GLY D 427 19.79 -15.85 -6.37
N PRO D 428 19.13 -16.22 -7.50
CA PRO D 428 19.58 -17.38 -8.29
C PRO D 428 20.89 -17.12 -9.04
N ASN D 429 21.12 -15.87 -9.49
CA ASN D 429 22.34 -15.47 -10.18
C ASN D 429 23.55 -15.64 -9.29
N SER D 430 23.37 -15.45 -7.97
CA SER D 430 24.38 -15.68 -6.94
C SER D 430 24.69 -17.18 -6.89
N THR D 431 23.64 -18.05 -6.77
CA THR D 431 23.73 -19.52 -6.74
C THR D 431 24.43 -20.06 -7.98
N SER D 432 23.96 -19.64 -9.18
CA SER D 432 24.50 -20.07 -10.47
C SER D 432 25.97 -19.72 -10.58
N TYR D 433 26.32 -18.49 -10.15
CA TYR D 433 27.68 -18.01 -10.17
C TYR D 433 28.60 -18.76 -9.20
N LEU D 434 28.13 -19.00 -7.97
CA LEU D 434 28.92 -19.69 -6.96
C LEU D 434 28.94 -21.21 -7.10
N GLY D 435 27.78 -21.80 -7.33
CA GLY D 435 27.61 -23.25 -7.48
C GLY D 435 28.17 -23.79 -8.77
N SER D 436 27.63 -23.30 -9.91
CA SER D 436 27.99 -23.74 -11.27
C SER D 436 29.10 -22.96 -11.98
N LYS D 437 29.61 -21.86 -11.38
CA LYS D 437 30.67 -21.00 -11.95
C LYS D 437 30.25 -20.29 -13.27
N ILE D 438 28.93 -19.99 -13.41
CA ILE D 438 28.32 -19.33 -14.57
C ILE D 438 28.31 -17.80 -14.44
N ILE D 439 28.59 -17.09 -15.54
CA ILE D 439 28.49 -15.63 -15.58
C ILE D 439 27.31 -15.25 -16.48
N LYS D 440 26.39 -14.43 -15.96
CA LYS D 440 25.28 -13.91 -16.73
C LYS D 440 25.74 -12.60 -17.36
N ALA D 441 25.75 -12.54 -18.70
CA ALA D 441 26.19 -11.36 -19.43
C ALA D 441 25.17 -10.91 -20.46
N SER D 442 25.08 -9.59 -20.70
CA SER D 442 24.17 -8.97 -21.67
C SER D 442 24.62 -9.26 -23.11
N GLU D 443 23.72 -9.04 -24.09
CA GLU D 443 23.98 -9.24 -25.52
C GLU D 443 25.19 -8.46 -26.05
N GLN D 444 25.45 -7.23 -25.51
CA GLN D 444 26.59 -6.38 -25.87
C GLN D 444 27.93 -7.05 -25.52
N VAL D 445 28.04 -7.57 -24.27
CA VAL D 445 29.23 -8.25 -23.76
C VAL D 445 29.50 -9.55 -24.50
N LEU D 446 28.44 -10.38 -24.68
CA LEU D 446 28.50 -11.67 -25.39
C LEU D 446 28.96 -11.50 -26.83
N SER D 447 28.60 -10.36 -27.47
CA SER D 447 29.00 -10.01 -28.84
C SER D 447 30.50 -9.73 -28.91
N LEU D 448 31.04 -9.02 -27.91
CA LEU D 448 32.47 -8.70 -27.83
C LEU D 448 33.29 -9.97 -27.60
N VAL D 449 32.77 -10.89 -26.74
CA VAL D 449 33.37 -12.20 -26.45
C VAL D 449 33.36 -12.97 -27.78
N ALA D 450 32.23 -12.89 -28.53
CA ALA D 450 32.04 -13.51 -29.84
C ALA D 450 33.08 -13.02 -30.85
N GLN D 451 33.33 -11.68 -30.88
CA GLN D 451 34.34 -11.02 -31.73
C GLN D 451 35.72 -11.59 -31.44
N PHE D 452 36.08 -11.63 -30.14
CA PHE D 452 37.35 -12.16 -29.62
C PHE D 452 37.60 -13.62 -30.02
N GLN D 453 36.54 -14.43 -30.08
CA GLN D 453 36.61 -15.85 -30.44
C GLN D 453 37.11 -16.10 -31.87
N LYS D 454 37.15 -15.04 -32.69
CA LYS D 454 37.66 -15.12 -34.06
C LYS D 454 39.18 -15.13 -34.10
N ASN D 455 39.86 -14.81 -32.95
CA ASN D 455 41.33 -14.72 -32.88
C ASN D 455 41.99 -14.72 -31.47
N SER D 456 42.85 -15.74 -31.19
CA SER D 456 43.67 -15.89 -29.98
C SER D 456 44.79 -16.96 -30.13
N ALA E 4 -47.40 -56.50 -27.83
CA ALA E 4 -47.74 -56.14 -26.45
C ALA E 4 -46.50 -56.22 -25.55
N MET E 5 -45.75 -55.09 -25.43
CA MET E 5 -44.53 -54.95 -24.62
C MET E 5 -43.38 -55.84 -25.15
N ASP E 6 -43.61 -57.16 -25.26
CA ASP E 6 -42.69 -58.18 -25.76
C ASP E 6 -42.39 -58.01 -27.24
N GLU E 7 -43.44 -57.73 -28.06
CA GLU E 7 -43.32 -57.53 -29.50
C GLU E 7 -42.35 -56.39 -29.82
N LEU E 8 -42.41 -55.29 -29.02
CA LEU E 8 -41.50 -54.17 -29.20
C LEU E 8 -40.06 -54.58 -28.92
N LEU E 9 -39.79 -55.08 -27.68
CA LEU E 9 -38.49 -55.53 -27.18
C LEU E 9 -37.73 -56.35 -28.22
N ARG E 10 -38.42 -57.32 -28.84
CA ARG E 10 -37.89 -58.20 -29.87
C ARG E 10 -37.46 -57.53 -31.17
N ARG E 11 -38.07 -56.40 -31.55
CA ARG E 11 -37.72 -55.67 -32.77
C ARG E 11 -36.82 -54.45 -32.50
N ALA E 12 -36.77 -53.99 -31.23
CA ALA E 12 -35.96 -52.84 -30.81
C ALA E 12 -34.56 -53.26 -30.40
N VAL E 13 -34.44 -54.29 -29.52
CA VAL E 13 -33.15 -54.81 -29.06
C VAL E 13 -32.54 -55.57 -30.24
N PRO E 14 -31.39 -55.09 -30.78
CA PRO E 14 -30.79 -55.80 -31.92
C PRO E 14 -30.31 -57.20 -31.52
N PRO E 15 -30.25 -58.16 -32.46
CA PRO E 15 -29.73 -59.50 -32.12
C PRO E 15 -28.22 -59.44 -31.87
N THR E 16 -27.66 -60.44 -31.17
CA THR E 16 -26.23 -60.44 -30.93
C THR E 16 -25.49 -60.86 -32.20
N PRO E 17 -24.72 -59.95 -32.85
CA PRO E 17 -23.98 -60.34 -34.06
C PRO E 17 -23.11 -61.58 -33.81
N ALA E 18 -23.05 -62.53 -34.81
CA ALA E 18 -22.33 -63.81 -34.78
C ALA E 18 -21.13 -63.83 -33.84
N TYR E 19 -20.17 -62.92 -34.08
CA TYR E 19 -18.93 -62.64 -33.34
C TYR E 19 -18.07 -61.75 -34.23
N GLU E 20 -17.71 -62.25 -35.43
CA GLU E 20 -16.86 -61.59 -36.44
C GLU E 20 -17.34 -60.19 -36.78
N LEU E 21 -18.58 -60.09 -37.28
CA LEU E 21 -19.24 -58.83 -37.65
C LEU E 21 -19.70 -57.99 -36.43
N ARG E 22 -19.06 -58.17 -35.25
CA ARG E 22 -19.35 -57.42 -34.02
C ARG E 22 -18.91 -55.92 -34.07
N GLU E 23 -18.18 -55.49 -35.12
CA GLU E 23 -17.53 -54.18 -35.25
C GLU E 23 -18.15 -52.93 -35.87
N ALA E 29 -30.15 -51.23 -36.82
CA ALA E 29 -30.18 -50.97 -35.38
C ALA E 29 -29.82 -49.54 -34.88
N GLU E 30 -30.11 -48.49 -35.66
CA GLU E 30 -29.91 -47.10 -35.28
C GLU E 30 -31.30 -46.50 -35.22
N GLY E 31 -32.13 -46.96 -36.14
CA GLY E 31 -33.54 -46.59 -36.27
C GLY E 31 -34.44 -47.49 -35.46
N GLN E 32 -33.83 -48.45 -34.74
CA GLN E 32 -34.50 -49.41 -33.85
C GLN E 32 -34.57 -48.82 -32.45
N CYS E 33 -33.51 -48.07 -32.05
CA CYS E 33 -33.35 -47.43 -30.74
C CYS E 33 -34.43 -46.39 -30.50
N ALA E 34 -34.66 -45.51 -31.50
CA ALA E 34 -35.69 -44.46 -31.45
C ALA E 34 -37.07 -45.07 -31.20
N ASP E 35 -37.29 -46.32 -31.69
CA ASP E 35 -38.54 -47.08 -31.49
C ASP E 35 -38.73 -47.44 -30.02
N PHE E 36 -37.62 -47.71 -29.29
CA PHE E 36 -37.61 -48.06 -27.86
C PHE E 36 -37.85 -46.82 -26.98
N VAL E 37 -37.04 -45.75 -27.18
CA VAL E 37 -37.08 -44.48 -26.43
C VAL E 37 -38.47 -43.84 -26.56
N SER E 38 -39.01 -43.83 -27.79
CA SER E 38 -40.33 -43.29 -28.16
C SER E 38 -41.42 -43.99 -27.35
N PHE E 39 -41.33 -45.32 -27.26
CA PHE E 39 -42.27 -46.17 -26.54
C PHE E 39 -42.23 -45.99 -25.03
N TYR E 40 -41.02 -46.07 -24.44
CA TYR E 40 -40.75 -45.94 -23.01
C TYR E 40 -41.26 -44.59 -22.47
N GLY E 41 -41.11 -43.55 -23.30
CA GLY E 41 -41.60 -42.21 -23.02
C GLY E 41 -43.11 -42.16 -23.00
N GLY E 42 -43.72 -42.96 -23.87
CA GLY E 42 -45.16 -43.12 -24.03
C GLY E 42 -45.90 -43.74 -22.85
N LEU E 43 -45.17 -44.45 -21.95
CA LEU E 43 -45.74 -45.08 -20.75
C LEU E 43 -45.84 -44.07 -19.60
N ALA E 44 -47.03 -43.97 -18.98
CA ALA E 44 -47.30 -43.04 -17.88
C ALA E 44 -46.87 -43.57 -16.50
N GLU E 45 -47.47 -44.68 -16.04
CA GLU E 45 -47.20 -45.32 -14.73
C GLU E 45 -45.80 -45.87 -14.61
N THR E 46 -45.24 -45.85 -13.38
CA THR E 46 -43.92 -46.41 -13.09
C THR E 46 -44.03 -47.92 -13.17
N ALA E 47 -45.19 -48.47 -12.70
CA ALA E 47 -45.53 -49.90 -12.71
C ALA E 47 -45.36 -50.50 -14.10
N GLN E 48 -45.68 -49.72 -15.16
CA GLN E 48 -45.54 -50.11 -16.56
C GLN E 48 -44.07 -50.13 -17.00
N ARG E 49 -43.28 -49.11 -16.58
CA ARG E 49 -41.85 -48.99 -16.86
C ARG E 49 -41.09 -50.12 -16.17
N ALA E 50 -41.58 -50.58 -15.00
CA ALA E 50 -41.02 -51.69 -14.22
C ALA E 50 -41.12 -53.01 -14.99
N GLU E 51 -42.34 -53.37 -15.46
CA GLU E 51 -42.59 -54.59 -16.25
C GLU E 51 -41.72 -54.58 -17.50
N LEU E 52 -41.66 -53.44 -18.23
CA LEU E 52 -40.83 -53.30 -19.44
C LEU E 52 -39.34 -53.52 -19.15
N LEU E 53 -38.78 -52.84 -18.12
CA LEU E 53 -37.38 -52.98 -17.71
C LEU E 53 -37.10 -54.38 -17.18
N GLY E 54 -38.10 -54.96 -16.50
CA GLY E 54 -38.05 -56.31 -15.94
C GLY E 54 -37.94 -57.38 -17.01
N ARG E 55 -38.81 -57.28 -18.05
CA ARG E 55 -38.84 -58.20 -19.19
C ARG E 55 -37.57 -58.07 -20.01
N LEU E 56 -37.11 -56.82 -20.24
CA LEU E 56 -35.87 -56.52 -20.97
C LEU E 56 -34.70 -57.21 -20.27
N ALA E 57 -34.55 -56.98 -18.94
CA ALA E 57 -33.51 -57.55 -18.08
C ALA E 57 -33.51 -59.07 -18.11
N ARG E 58 -34.71 -59.70 -18.13
CA ARG E 58 -34.91 -61.15 -18.14
C ARG E 58 -34.54 -61.82 -19.48
N GLY E 59 -35.29 -61.50 -20.53
CA GLY E 59 -35.13 -62.11 -21.85
C GLY E 59 -33.94 -61.70 -22.69
N PHE E 60 -33.22 -60.63 -22.29
CA PHE E 60 -32.11 -60.10 -23.10
C PHE E 60 -30.76 -59.97 -22.38
N GLY E 61 -30.45 -60.93 -21.53
CA GLY E 61 -29.18 -60.97 -20.85
C GLY E 61 -28.17 -61.72 -21.68
N VAL E 62 -27.30 -62.48 -21.01
CA VAL E 62 -26.28 -63.30 -21.65
C VAL E 62 -26.88 -64.61 -22.17
N ASP E 63 -26.12 -65.30 -23.02
CA ASP E 63 -26.50 -66.62 -23.49
C ASP E 63 -25.66 -67.58 -22.66
N HIS E 64 -26.22 -68.05 -21.52
CA HIS E 64 -25.58 -68.97 -20.58
C HIS E 64 -24.99 -70.22 -21.24
N GLY E 65 -25.55 -70.61 -22.40
CA GLY E 65 -25.09 -71.72 -23.21
C GLY E 65 -23.71 -71.47 -23.80
N GLN E 66 -23.57 -70.33 -24.52
CA GLN E 66 -22.32 -69.87 -25.14
C GLN E 66 -21.24 -69.56 -24.12
N VAL E 67 -21.62 -68.90 -22.99
CA VAL E 67 -20.73 -68.56 -21.86
C VAL E 67 -20.11 -69.85 -21.35
N ALA E 68 -20.94 -70.90 -21.15
CA ALA E 68 -20.52 -72.23 -20.70
C ALA E 68 -19.63 -72.90 -21.72
N GLU E 69 -19.98 -72.73 -23.02
CA GLU E 69 -19.24 -73.31 -24.12
C GLU E 69 -17.84 -72.70 -24.27
N GLN E 70 -17.75 -71.37 -24.35
CA GLN E 70 -16.50 -70.62 -24.47
C GLN E 70 -15.59 -70.84 -23.26
N SER E 71 -16.21 -71.01 -22.05
CA SER E 71 -15.51 -71.30 -20.79
C SER E 71 -14.75 -72.61 -20.97
N ALA E 72 -15.46 -73.68 -21.44
CA ALA E 72 -14.90 -75.01 -21.71
C ALA E 72 -13.75 -74.94 -22.71
N GLY E 73 -13.91 -74.12 -23.76
CA GLY E 73 -12.93 -73.89 -24.80
C GLY E 73 -11.62 -73.26 -24.32
N VAL E 74 -11.65 -72.54 -23.18
CA VAL E 74 -10.47 -71.88 -22.58
C VAL E 74 -9.66 -72.95 -21.82
N LEU E 75 -10.37 -73.86 -21.14
CA LEU E 75 -9.78 -74.95 -20.37
C LEU E 75 -9.24 -76.04 -21.28
N HIS E 76 -9.82 -76.17 -22.48
CA HIS E 76 -9.43 -77.10 -23.55
C HIS E 76 -8.04 -76.69 -24.06
N LEU E 77 -7.79 -75.37 -24.10
CA LEU E 77 -6.55 -74.75 -24.56
C LEU E 77 -5.40 -74.69 -23.55
N ARG E 78 -5.72 -74.69 -22.23
CA ARG E 78 -4.71 -74.65 -21.17
C ARG E 78 -4.12 -76.02 -20.83
N GLN E 79 -4.62 -77.08 -21.50
CA GLN E 79 -4.15 -78.45 -21.33
C GLN E 79 -3.00 -78.75 -22.29
N GLN E 80 -2.87 -77.92 -23.33
CA GLN E 80 -1.83 -78.04 -24.35
C GLN E 80 -0.95 -76.79 -24.47
N GLN E 81 -1.32 -75.68 -23.77
CA GLN E 81 -0.68 -74.35 -23.79
C GLN E 81 -0.05 -74.03 -25.13
N ARG E 82 -0.88 -73.48 -26.00
CA ARG E 82 -0.52 -73.09 -27.35
C ARG E 82 -0.48 -71.58 -27.37
N GLU E 83 0.40 -71.02 -28.23
CA GLU E 83 0.64 -69.60 -28.53
C GLU E 83 -0.11 -68.58 -27.68
N ALA E 84 0.51 -67.41 -27.45
CA ALA E 84 -0.15 -66.31 -26.75
C ALA E 84 -1.40 -65.98 -27.60
N ALA E 85 -1.19 -65.82 -28.94
CA ALA E 85 -2.15 -65.54 -30.01
C ALA E 85 -3.49 -66.30 -29.90
N VAL E 86 -3.49 -67.64 -30.08
CA VAL E 86 -4.69 -68.49 -30.06
C VAL E 86 -5.39 -68.63 -28.70
N LEU E 87 -4.63 -68.52 -27.58
CA LEU E 87 -5.22 -68.56 -26.23
C LEU E 87 -5.99 -67.25 -25.99
N LEU E 88 -5.38 -66.13 -26.40
CA LEU E 88 -5.95 -64.80 -26.26
C LEU E 88 -7.28 -64.62 -27.00
N GLN E 89 -7.45 -65.29 -28.16
CA GLN E 89 -8.72 -65.21 -28.90
C GLN E 89 -9.81 -65.98 -28.15
N ALA E 90 -9.46 -67.18 -27.63
CA ALA E 90 -10.37 -68.01 -26.82
C ALA E 90 -10.89 -67.22 -25.62
N GLU E 91 -10.05 -66.33 -25.06
CA GLU E 91 -10.39 -65.44 -23.96
C GLU E 91 -11.30 -64.31 -24.42
N ASP E 92 -11.06 -63.75 -25.62
CA ASP E 92 -11.88 -62.68 -26.18
C ASP E 92 -13.26 -63.19 -26.60
N ARG E 93 -13.33 -64.45 -27.09
CA ARG E 93 -14.58 -65.12 -27.48
C ARG E 93 -15.47 -65.29 -26.25
N LEU E 94 -14.85 -65.54 -25.07
CA LEU E 94 -15.53 -65.67 -23.79
C LEU E 94 -15.98 -64.28 -23.30
N ARG E 95 -15.09 -63.27 -23.44
CA ARG E 95 -15.33 -61.87 -23.07
C ARG E 95 -16.57 -61.35 -23.79
N TYR E 96 -16.73 -61.76 -25.07
CA TYR E 96 -17.86 -61.40 -25.93
C TYR E 96 -19.17 -62.06 -25.49
N ALA E 97 -19.18 -63.41 -25.32
CA ALA E 97 -20.37 -64.17 -24.87
C ALA E 97 -20.93 -63.62 -23.55
N LEU E 98 -20.05 -63.07 -22.70
CA LEU E 98 -20.38 -62.45 -21.43
C LEU E 98 -21.00 -61.06 -21.55
N VAL E 99 -20.84 -60.40 -22.70
CA VAL E 99 -21.45 -59.09 -22.92
C VAL E 99 -23.00 -59.29 -23.04
N PRO E 100 -23.81 -58.81 -22.06
CA PRO E 100 -25.26 -59.02 -22.19
C PRO E 100 -25.87 -58.29 -23.41
N ARG E 101 -26.96 -58.86 -23.93
CA ARG E 101 -27.65 -58.36 -25.12
C ARG E 101 -28.19 -56.92 -25.01
N TYR E 102 -28.72 -56.53 -23.84
CA TYR E 102 -29.24 -55.16 -23.64
C TYR E 102 -28.15 -54.07 -23.64
N ARG E 103 -26.87 -54.45 -23.38
CA ARG E 103 -25.73 -53.52 -23.43
C ARG E 103 -25.63 -52.89 -24.81
N GLY E 104 -25.91 -53.70 -25.84
CA GLY E 104 -25.96 -53.30 -27.23
C GLY E 104 -27.00 -52.21 -27.48
N LEU E 105 -28.17 -52.34 -26.80
CA LEU E 105 -29.26 -51.36 -26.89
C LEU E 105 -28.85 -50.02 -26.30
N PHE E 106 -28.30 -50.03 -25.07
CA PHE E 106 -27.86 -48.84 -24.34
C PHE E 106 -26.73 -48.13 -25.07
N HIS E 107 -25.69 -48.89 -25.46
CA HIS E 107 -24.53 -48.41 -26.21
C HIS E 107 -24.94 -47.57 -27.43
N HIS E 108 -25.92 -48.08 -28.21
CA HIS E 108 -26.46 -47.38 -29.37
C HIS E 108 -27.26 -46.15 -28.97
N ILE E 109 -28.21 -46.27 -28.00
CA ILE E 109 -29.04 -45.17 -27.47
C ILE E 109 -28.17 -43.96 -27.07
N SER E 110 -27.06 -44.23 -26.35
CA SER E 110 -26.09 -43.24 -25.88
C SER E 110 -25.55 -42.37 -27.02
N LYS E 111 -25.38 -42.97 -28.22
CA LYS E 111 -24.89 -42.29 -29.41
C LYS E 111 -26.00 -41.62 -30.26
N LEU E 112 -27.21 -41.52 -29.67
CA LEU E 112 -28.36 -40.84 -30.26
C LEU E 112 -28.45 -39.52 -29.50
N ASP E 113 -29.25 -38.55 -29.99
CA ASP E 113 -29.36 -37.19 -29.43
C ASP E 113 -29.63 -37.01 -27.92
N GLY E 114 -30.89 -37.12 -27.47
CA GLY E 114 -31.22 -37.03 -26.05
C GLY E 114 -30.87 -38.31 -25.31
N GLY E 115 -29.83 -38.98 -25.83
CA GLY E 115 -29.25 -40.25 -25.41
C GLY E 115 -28.88 -40.45 -23.95
N VAL E 116 -27.67 -40.01 -23.52
CA VAL E 116 -27.17 -40.15 -22.14
C VAL E 116 -28.15 -39.64 -21.10
N ARG E 117 -28.89 -38.56 -21.43
CA ARG E 117 -29.93 -37.97 -20.60
C ARG E 117 -31.03 -39.00 -20.34
N PHE E 118 -31.48 -39.71 -21.41
CA PHE E 118 -32.50 -40.75 -21.37
C PHE E 118 -32.08 -41.94 -20.51
N LEU E 119 -30.80 -42.38 -20.64
CA LEU E 119 -30.27 -43.51 -19.86
C LEU E 119 -30.14 -43.20 -18.39
N VAL E 120 -29.71 -41.95 -18.04
CA VAL E 120 -29.60 -41.46 -16.65
C VAL E 120 -31.00 -41.55 -16.04
N GLN E 121 -32.02 -41.13 -16.83
CA GLN E 121 -33.42 -41.14 -16.45
C GLN E 121 -33.94 -42.55 -16.25
N LEU E 122 -33.69 -43.43 -17.24
CA LEU E 122 -34.10 -44.84 -17.21
C LEU E 122 -33.62 -45.54 -15.95
N ARG E 123 -32.31 -45.38 -15.59
CA ARG E 123 -31.74 -46.01 -14.40
C ARG E 123 -32.45 -45.54 -13.14
N ALA E 124 -32.79 -44.22 -13.06
CA ALA E 124 -33.53 -43.66 -11.93
C ALA E 124 -34.90 -44.34 -11.82
N ASP E 125 -35.53 -44.67 -12.98
CA ASP E 125 -36.80 -45.39 -13.04
C ASP E 125 -36.62 -46.80 -12.49
N LEU E 126 -35.48 -47.46 -12.82
CA LEU E 126 -35.12 -48.79 -12.35
C LEU E 126 -34.81 -48.82 -10.85
N LEU E 127 -34.04 -47.83 -10.34
CA LEU E 127 -33.65 -47.72 -8.93
C LEU E 127 -34.87 -47.58 -8.03
N GLU E 128 -35.86 -46.80 -8.50
CA GLU E 128 -37.12 -46.54 -7.81
C GLU E 128 -37.99 -47.79 -7.76
N ALA E 129 -38.07 -48.53 -8.90
CA ALA E 129 -38.83 -49.77 -9.00
C ALA E 129 -38.22 -50.89 -8.16
N GLN E 130 -36.87 -50.90 -8.02
CA GLN E 130 -36.13 -51.88 -7.20
C GLN E 130 -36.49 -51.70 -5.73
N ALA E 131 -36.31 -50.46 -5.19
CA ALA E 131 -36.62 -50.09 -3.80
C ALA E 131 -38.09 -50.27 -3.42
N LEU E 132 -39.00 -50.12 -4.41
CA LEU E 132 -40.45 -50.28 -4.24
C LEU E 132 -40.90 -51.75 -4.35
N LYS E 133 -39.96 -52.66 -4.69
CA LYS E 133 -40.16 -54.11 -4.85
C LYS E 133 -41.08 -54.48 -6.04
N LEU E 134 -41.12 -53.62 -7.08
CA LEU E 134 -41.89 -53.84 -8.31
C LEU E 134 -41.13 -54.80 -9.22
N VAL E 135 -39.80 -54.67 -9.23
CA VAL E 135 -38.85 -55.53 -9.93
C VAL E 135 -37.96 -56.18 -8.90
N GLU E 136 -37.74 -57.48 -9.07
CA GLU E 136 -36.94 -58.31 -8.16
C GLU E 136 -35.89 -59.08 -8.95
N GLY E 137 -35.42 -60.16 -8.36
CA GLY E 137 -34.45 -61.07 -8.96
C GLY E 137 -33.06 -60.56 -9.23
N PRO E 138 -32.25 -61.42 -9.89
CA PRO E 138 -30.85 -61.07 -10.16
C PRO E 138 -30.60 -60.45 -11.54
N ASP E 139 -31.57 -60.55 -12.47
CA ASP E 139 -31.44 -60.01 -13.82
C ASP E 139 -31.58 -58.48 -13.82
N VAL E 140 -32.31 -57.92 -12.83
CA VAL E 140 -32.46 -56.47 -12.67
C VAL E 140 -31.19 -55.90 -12.06
N ARG E 141 -30.61 -56.64 -11.07
CA ARG E 141 -29.39 -56.28 -10.35
C ARG E 141 -28.21 -56.22 -11.30
N GLU E 142 -28.22 -57.09 -12.33
CA GLU E 142 -27.18 -57.11 -13.35
C GLU E 142 -27.33 -55.90 -14.28
N MET E 143 -28.55 -55.67 -14.83
CA MET E 143 -28.89 -54.53 -15.70
C MET E 143 -28.51 -53.22 -15.03
N ASN E 144 -28.72 -53.13 -13.71
CA ASN E 144 -28.37 -51.99 -12.86
C ASN E 144 -26.87 -51.66 -12.98
N GLY E 145 -26.02 -52.65 -12.64
CA GLY E 145 -24.56 -52.57 -12.72
C GLY E 145 -24.04 -52.15 -14.08
N VAL E 146 -24.64 -52.73 -15.16
CA VAL E 146 -24.31 -52.45 -16.56
C VAL E 146 -24.50 -50.95 -16.82
N LEU E 147 -25.71 -50.40 -16.51
CA LEU E 147 -26.06 -48.98 -16.63
C LEU E 147 -25.12 -48.11 -15.80
N LYS E 148 -24.83 -48.54 -14.56
CA LYS E 148 -23.93 -47.89 -13.60
C LYS E 148 -22.52 -47.75 -14.18
N GLY E 149 -21.99 -48.85 -14.72
CA GLY E 149 -20.68 -48.93 -15.36
C GLY E 149 -20.57 -47.96 -16.54
N MET E 150 -21.60 -47.97 -17.40
CA MET E 150 -21.75 -47.10 -18.58
C MET E 150 -21.80 -45.64 -18.17
N LEU E 151 -22.49 -45.34 -17.06
CA LEU E 151 -22.65 -43.99 -16.53
C LEU E 151 -21.37 -43.47 -15.86
N SER E 152 -20.64 -44.35 -15.14
CA SER E 152 -19.39 -44.00 -14.45
C SER E 152 -18.24 -43.61 -15.38
N GLU E 153 -18.31 -44.01 -16.67
CA GLU E 153 -17.32 -43.68 -17.68
C GLU E 153 -17.62 -42.34 -18.35
N TRP E 154 -18.91 -41.95 -18.42
CA TRP E 154 -19.35 -40.68 -18.98
C TRP E 154 -19.38 -39.58 -17.91
N PHE E 155 -19.33 -39.98 -16.63
CA PHE E 155 -19.39 -39.05 -15.50
C PHE E 155 -18.20 -39.07 -14.53
N SER E 156 -17.02 -39.50 -15.02
CA SER E 156 -15.80 -39.53 -14.22
C SER E 156 -15.30 -38.12 -13.99
N SER E 157 -14.94 -37.80 -12.73
CA SER E 157 -14.44 -36.52 -12.20
C SER E 157 -13.93 -35.50 -13.22
N GLY E 158 -13.06 -35.97 -14.12
CA GLY E 158 -12.43 -35.19 -15.19
C GLY E 158 -13.35 -34.37 -16.08
N PHE E 159 -14.62 -34.79 -16.21
CA PHE E 159 -15.64 -34.13 -17.05
C PHE E 159 -16.64 -33.28 -16.27
N LEU E 160 -16.45 -33.14 -14.96
CA LEU E 160 -17.36 -32.36 -14.11
C LEU E 160 -16.77 -31.02 -13.73
N ASN E 161 -17.50 -29.94 -13.96
CA ASN E 161 -17.07 -28.60 -13.59
C ASN E 161 -17.63 -28.28 -12.22
N LEU E 162 -16.78 -27.70 -11.35
CA LEU E 162 -17.19 -27.31 -10.00
C LEU E 162 -17.75 -25.88 -10.08
N GLU E 163 -19.06 -25.75 -9.86
CA GLU E 163 -19.73 -24.45 -9.89
C GLU E 163 -20.10 -23.99 -8.50
N ARG E 164 -20.00 -22.67 -8.25
CA ARG E 164 -20.35 -22.08 -6.96
C ARG E 164 -21.65 -21.29 -7.06
N VAL E 165 -22.54 -21.49 -6.08
CA VAL E 165 -23.84 -20.83 -5.99
C VAL E 165 -23.76 -19.66 -5.04
N THR E 166 -24.23 -18.51 -5.54
CA THR E 166 -24.28 -17.23 -4.84
C THR E 166 -25.64 -16.58 -5.20
N TRP E 167 -25.88 -15.36 -4.70
CA TRP E 167 -27.10 -14.63 -5.02
C TRP E 167 -27.05 -14.05 -6.45
N HIS E 168 -25.85 -14.06 -7.06
CA HIS E 168 -25.63 -13.61 -8.43
C HIS E 168 -25.96 -14.72 -9.44
N SER E 169 -26.21 -15.95 -8.94
CA SER E 169 -26.56 -17.12 -9.74
C SER E 169 -27.98 -17.03 -10.34
N PRO E 170 -28.28 -17.78 -11.44
CA PRO E 170 -29.64 -17.74 -12.02
C PRO E 170 -30.68 -18.31 -11.07
N CYS E 171 -31.94 -17.80 -11.14
CA CYS E 171 -33.08 -18.23 -10.32
C CYS E 171 -33.35 -19.73 -10.49
N GLU E 172 -33.18 -20.23 -11.74
CA GLU E 172 -33.35 -21.63 -12.12
C GLU E 172 -32.47 -22.55 -11.25
N VAL E 173 -31.23 -22.08 -10.92
CA VAL E 173 -30.25 -22.81 -10.12
C VAL E 173 -30.66 -22.88 -8.67
N LEU E 174 -31.03 -21.73 -8.05
CA LEU E 174 -31.46 -21.66 -6.66
C LEU E 174 -32.68 -22.54 -6.44
N GLN E 175 -33.66 -22.47 -7.37
CA GLN E 175 -34.88 -23.27 -7.35
C GLN E 175 -34.54 -24.76 -7.35
N LYS E 176 -33.71 -25.23 -8.31
CA LYS E 176 -33.25 -26.61 -8.44
C LYS E 176 -32.49 -27.09 -7.20
N ILE E 177 -31.66 -26.21 -6.58
CA ILE E 177 -30.89 -26.50 -5.36
C ILE E 177 -31.81 -26.69 -4.15
N SER E 178 -32.90 -25.92 -4.08
CA SER E 178 -33.85 -26.02 -2.97
C SER E 178 -34.85 -27.15 -3.21
N GLU E 179 -35.29 -27.34 -4.48
CA GLU E 179 -36.24 -28.36 -4.85
C GLU E 179 -35.77 -29.78 -4.63
N ALA E 180 -34.60 -30.14 -5.20
CA ALA E 180 -34.07 -31.49 -5.01
C ALA E 180 -33.22 -31.58 -3.75
N GLU E 181 -33.33 -30.55 -2.85
CA GLU E 181 -32.64 -30.46 -1.55
C GLU E 181 -33.14 -31.67 -0.76
N ALA E 182 -32.32 -32.73 -0.76
CA ALA E 182 -32.67 -33.99 -0.14
C ALA E 182 -32.00 -34.23 1.22
N VAL E 183 -32.31 -33.35 2.21
CA VAL E 183 -31.89 -33.40 3.63
C VAL E 183 -32.82 -32.47 4.43
N HIS E 184 -32.60 -31.12 4.35
CA HIS E 184 -33.35 -30.09 5.12
C HIS E 184 -34.12 -29.03 4.31
N PRO E 185 -35.46 -28.94 4.47
CA PRO E 185 -36.24 -27.90 3.74
C PRO E 185 -35.88 -26.46 4.12
N VAL E 186 -35.97 -25.56 3.13
CA VAL E 186 -35.74 -24.11 3.24
C VAL E 186 -37.14 -23.48 3.30
N LYS E 187 -37.38 -22.50 4.20
CA LYS E 187 -38.71 -21.91 4.35
C LYS E 187 -39.21 -20.80 3.41
N ASN E 188 -38.32 -20.02 2.76
CA ASN E 188 -38.70 -18.92 1.85
C ASN E 188 -37.48 -18.40 1.08
N TRP E 189 -37.67 -17.43 0.13
CA TRP E 189 -36.54 -16.83 -0.62
C TRP E 189 -35.64 -16.09 0.36
N MET E 190 -36.27 -15.48 1.41
CA MET E 190 -35.66 -14.72 2.49
C MET E 190 -34.55 -15.54 3.15
N ASP E 191 -34.75 -16.87 3.20
CA ASP E 191 -33.80 -17.86 3.73
C ASP E 191 -32.74 -18.28 2.72
N MET E 192 -33.12 -18.69 1.49
CA MET E 192 -32.16 -19.13 0.45
C MET E 192 -31.03 -18.10 0.23
N LYS E 193 -31.35 -16.79 0.39
CA LYS E 193 -30.38 -15.68 0.30
C LYS E 193 -29.31 -15.87 1.39
N ARG E 194 -29.73 -16.22 2.64
CA ARG E 194 -28.87 -16.50 3.80
C ARG E 194 -28.03 -17.77 3.60
N ARG E 195 -28.65 -18.85 3.07
CA ARG E 195 -28.03 -20.15 2.82
C ARG E 195 -26.83 -20.11 1.90
N VAL E 196 -26.83 -19.18 0.94
CA VAL E 196 -25.77 -18.98 -0.05
C VAL E 196 -24.98 -17.70 0.26
N GLY E 197 -25.48 -16.96 1.25
CA GLY E 197 -24.92 -15.69 1.69
C GLY E 197 -23.59 -15.78 2.41
N PRO E 198 -23.22 -14.71 3.14
CA PRO E 198 -21.94 -14.73 3.88
C PRO E 198 -21.87 -15.82 4.94
N TYR E 199 -20.65 -16.40 5.11
CA TYR E 199 -20.31 -17.49 6.05
C TYR E 199 -20.89 -18.83 5.61
N ARG E 200 -21.28 -18.91 4.34
CA ARG E 200 -21.88 -20.10 3.75
C ARG E 200 -21.30 -20.35 2.38
N ARG E 201 -21.15 -21.63 2.04
CA ARG E 201 -20.67 -22.05 0.73
C ARG E 201 -21.57 -23.12 0.15
N CYS E 202 -22.09 -22.88 -1.04
CA CYS E 202 -22.91 -23.85 -1.74
C CYS E 202 -22.27 -24.13 -3.07
N TYR E 203 -21.70 -25.33 -3.19
CA TYR E 203 -21.03 -25.79 -4.39
C TYR E 203 -21.74 -26.96 -5.01
N PHE E 204 -21.68 -27.06 -6.34
CA PHE E 204 -22.27 -28.17 -7.07
C PHE E 204 -21.39 -28.60 -8.23
N PHE E 205 -21.76 -29.75 -8.84
CA PHE E 205 -21.06 -30.34 -9.97
C PHE E 205 -22.00 -30.42 -11.15
N SER E 206 -21.51 -29.96 -12.30
CA SER E 206 -22.27 -30.05 -13.53
C SER E 206 -21.38 -30.76 -14.52
N HIS E 207 -21.97 -31.41 -15.52
CA HIS E 207 -21.19 -32.06 -16.57
C HIS E 207 -20.64 -30.94 -17.44
N CYS E 208 -19.46 -31.13 -18.07
CA CYS E 208 -18.86 -30.13 -18.94
C CYS E 208 -19.71 -29.87 -20.20
N SER E 209 -20.61 -30.83 -20.54
CA SER E 209 -21.51 -30.74 -21.68
C SER E 209 -22.65 -29.79 -21.32
N THR E 210 -23.27 -30.03 -20.15
CA THR E 210 -24.42 -29.32 -19.59
C THR E 210 -24.05 -28.48 -18.34
N PRO E 211 -23.63 -27.21 -18.52
CA PRO E 211 -23.31 -26.39 -17.34
C PRO E 211 -24.57 -25.79 -16.72
N GLY E 212 -24.49 -25.47 -15.43
CA GLY E 212 -25.61 -24.90 -14.67
C GLY E 212 -26.71 -25.90 -14.38
N GLU E 213 -26.47 -27.18 -14.71
CA GLU E 213 -27.36 -28.32 -14.50
C GLU E 213 -26.74 -29.13 -13.35
N PRO E 214 -27.19 -28.96 -12.08
CA PRO E 214 -26.55 -29.67 -10.96
C PRO E 214 -26.84 -31.16 -10.89
N LEU E 215 -25.78 -31.95 -10.70
CA LEU E 215 -25.84 -33.40 -10.58
C LEU E 215 -25.83 -33.72 -9.09
N VAL E 216 -24.82 -33.18 -8.37
CA VAL E 216 -24.63 -33.30 -6.93
C VAL E 216 -24.49 -31.92 -6.29
N VAL E 217 -25.04 -31.75 -5.08
CA VAL E 217 -25.07 -30.49 -4.34
C VAL E 217 -24.48 -30.63 -2.93
N LEU E 218 -23.54 -29.75 -2.55
CA LEU E 218 -22.92 -29.71 -1.22
C LEU E 218 -23.08 -28.31 -0.58
N HIS E 219 -23.47 -28.29 0.70
CA HIS E 219 -23.62 -27.10 1.54
C HIS E 219 -22.55 -27.06 2.62
N VAL E 220 -21.93 -25.88 2.82
CA VAL E 220 -20.84 -25.65 3.78
C VAL E 220 -21.13 -24.47 4.71
N ALA E 221 -20.90 -24.65 6.00
CA ALA E 221 -21.00 -23.59 7.00
C ALA E 221 -19.57 -23.22 7.40
N LEU E 222 -19.20 -21.94 7.22
CA LEU E 222 -17.89 -21.39 7.59
C LEU E 222 -18.07 -20.97 9.04
N THR E 223 -17.45 -21.74 9.96
CA THR E 223 -17.67 -21.60 11.39
C THR E 223 -16.42 -21.48 12.32
N GLY E 224 -16.70 -21.16 13.60
CA GLY E 224 -15.72 -21.06 14.68
C GLY E 224 -15.21 -22.42 15.13
N ASP E 225 -16.13 -23.33 15.51
CA ASP E 225 -15.78 -24.69 15.95
C ASP E 225 -16.70 -25.73 15.31
N ILE E 226 -16.36 -27.02 15.44
CA ILE E 226 -17.18 -28.12 14.91
C ILE E 226 -18.59 -28.07 15.53
N SER E 227 -19.59 -27.81 14.68
CA SER E 227 -21.00 -27.70 15.03
C SER E 227 -21.58 -28.99 15.60
N SER E 228 -22.35 -28.86 16.69
CA SER E 228 -23.03 -29.96 17.39
C SER E 228 -24.56 -29.83 17.31
N ASN E 229 -25.06 -28.97 16.40
CA ASN E 229 -26.49 -28.72 16.21
C ASN E 229 -26.78 -28.16 14.82
N ILE E 230 -27.82 -28.69 14.16
CA ILE E 230 -28.25 -28.26 12.83
C ILE E 230 -29.13 -27.01 12.86
N GLN E 231 -29.96 -26.85 13.91
CA GLN E 231 -30.84 -25.70 14.08
C GLN E 231 -30.01 -24.43 14.22
N ALA E 232 -28.81 -24.57 14.83
CA ALA E 232 -27.81 -23.50 15.01
C ALA E 232 -27.31 -22.95 13.66
N ILE E 233 -27.30 -23.79 12.60
CA ILE E 233 -26.86 -23.42 11.24
C ILE E 233 -28.05 -22.95 10.39
N VAL E 234 -29.09 -23.79 10.25
CA VAL E 234 -30.30 -23.53 9.45
C VAL E 234 -30.99 -22.26 9.92
N LYS E 235 -31.30 -22.19 11.22
CA LYS E 235 -32.00 -21.06 11.83
C LYS E 235 -31.12 -19.94 12.42
N GLU E 236 -29.96 -19.68 11.81
CA GLU E 236 -29.08 -18.59 12.22
C GLU E 236 -29.51 -17.34 11.43
N HIS E 237 -28.89 -16.20 11.73
CA HIS E 237 -29.01 -14.93 11.03
C HIS E 237 -27.55 -14.45 10.91
N PRO E 238 -26.74 -15.20 10.08
CA PRO E 238 -25.32 -14.86 9.95
C PRO E 238 -25.12 -13.34 9.78
N PRO E 239 -24.31 -12.71 10.67
CA PRO E 239 -24.18 -11.25 10.70
C PRO E 239 -24.51 -10.38 9.50
N SER E 240 -23.98 -10.73 8.30
CA SER E 240 -24.08 -10.00 7.02
C SER E 240 -23.02 -8.90 7.00
N GLU E 241 -22.20 -8.84 8.08
CA GLU E 241 -21.05 -7.95 8.18
C GLU E 241 -20.02 -8.82 7.50
N THR E 242 -19.88 -8.65 6.16
CA THR E 242 -19.02 -9.45 5.24
C THR E 242 -17.94 -10.25 5.94
N GLU E 243 -17.72 -11.48 5.49
CA GLU E 243 -16.74 -12.40 6.08
C GLU E 243 -15.42 -11.80 6.52
N GLU E 244 -15.13 -12.05 7.80
CA GLU E 244 -13.87 -11.72 8.41
C GLU E 244 -13.21 -13.08 8.45
N LYS E 245 -12.00 -13.18 7.87
CA LYS E 245 -11.24 -14.43 7.78
C LYS E 245 -10.80 -14.97 9.14
N ASN E 246 -10.55 -14.05 10.10
CA ASN E 246 -10.08 -14.27 11.47
C ASN E 246 -10.92 -15.30 12.25
N LYS E 247 -12.26 -15.26 12.08
CA LYS E 247 -13.17 -16.18 12.78
C LYS E 247 -13.67 -17.40 11.96
N ILE E 248 -13.07 -17.66 10.78
CA ILE E 248 -13.39 -18.84 9.97
C ILE E 248 -12.30 -19.86 10.29
N THR E 249 -12.61 -20.82 11.18
CA THR E 249 -11.64 -21.83 11.63
C THR E 249 -12.10 -23.24 11.26
N ALA E 250 -13.41 -23.41 11.01
CA ALA E 250 -13.94 -24.72 10.69
C ALA E 250 -14.93 -24.72 9.53
N ALA E 251 -14.75 -25.67 8.61
CA ALA E 251 -15.62 -25.86 7.46
C ALA E 251 -16.52 -27.03 7.79
N ILE E 252 -17.85 -26.80 7.86
CA ILE E 252 -18.82 -27.84 8.25
C ILE E 252 -19.75 -28.17 7.08
N PHE E 253 -19.77 -29.46 6.70
CA PHE E 253 -20.62 -29.96 5.63
C PHE E 253 -21.97 -30.32 6.23
N TYR E 254 -23.04 -29.60 5.84
CA TYR E 254 -24.36 -29.81 6.43
C TYR E 254 -25.48 -30.43 5.57
N SER E 255 -25.44 -30.23 4.24
CA SER E 255 -26.36 -30.84 3.27
C SER E 255 -25.47 -31.33 2.15
N ILE E 256 -25.70 -32.56 1.72
CA ILE E 256 -24.97 -33.24 0.66
C ILE E 256 -25.94 -34.22 0.09
N SER E 257 -26.43 -33.87 -1.10
CA SER E 257 -27.48 -34.58 -1.77
C SER E 257 -27.35 -34.67 -3.28
N LEU E 258 -27.78 -35.80 -3.85
CA LEU E 258 -27.82 -36.02 -5.30
C LEU E 258 -29.10 -35.41 -5.83
N THR E 259 -29.03 -34.78 -7.03
CA THR E 259 -30.20 -34.19 -7.70
C THR E 259 -30.71 -35.22 -8.71
N GLN E 260 -29.80 -36.08 -9.20
CA GLN E 260 -30.12 -37.09 -10.18
C GLN E 260 -29.81 -38.46 -9.62
N GLN E 261 -30.86 -39.13 -9.09
CA GLN E 261 -30.78 -40.46 -8.49
C GLN E 261 -30.14 -41.51 -9.40
N GLY E 262 -30.20 -41.29 -10.71
CA GLY E 262 -29.61 -42.16 -11.72
C GLY E 262 -28.11 -42.38 -11.54
N LEU E 263 -27.44 -41.40 -10.88
CA LEU E 263 -25.99 -41.39 -10.66
C LEU E 263 -25.46 -41.86 -9.28
N GLN E 264 -26.08 -42.87 -8.68
CA GLN E 264 -25.63 -43.43 -7.41
C GLN E 264 -24.40 -44.30 -7.62
N GLY E 265 -23.61 -44.51 -6.55
CA GLY E 265 -22.39 -45.32 -6.56
C GLY E 265 -21.37 -44.98 -7.64
N VAL E 266 -21.43 -43.74 -8.18
CA VAL E 266 -20.52 -43.24 -9.22
C VAL E 266 -19.51 -42.29 -8.54
N GLU E 267 -19.39 -42.41 -7.20
CA GLU E 267 -18.48 -41.64 -6.35
C GLU E 267 -18.59 -40.11 -6.51
N LEU E 268 -19.72 -39.62 -7.08
CA LEU E 268 -20.00 -38.20 -7.32
C LEU E 268 -19.80 -37.38 -6.06
N GLY E 269 -20.28 -37.91 -4.93
CA GLY E 269 -20.16 -37.35 -3.59
C GLY E 269 -18.73 -37.14 -3.12
N THR E 270 -17.93 -38.24 -3.01
CA THR E 270 -16.51 -38.23 -2.59
C THR E 270 -15.71 -37.12 -3.26
N PHE E 271 -15.79 -37.03 -4.61
CA PHE E 271 -15.05 -36.05 -5.40
C PHE E 271 -15.45 -34.63 -5.13
N LEU E 272 -16.78 -34.33 -5.03
CA LEU E 272 -17.23 -32.96 -4.73
C LEU E 272 -16.61 -32.51 -3.41
N ILE E 273 -16.50 -33.39 -2.40
CA ILE E 273 -15.86 -33.04 -1.14
C ILE E 273 -14.37 -32.77 -1.38
N LYS E 274 -13.66 -33.69 -2.07
CA LYS E 274 -12.24 -33.59 -2.44
C LYS E 274 -11.92 -32.26 -3.11
N ARG E 275 -12.67 -31.92 -4.19
CA ARG E 275 -12.56 -30.70 -4.98
C ARG E 275 -12.92 -29.44 -4.15
N VAL E 276 -14.01 -29.50 -3.33
CA VAL E 276 -14.45 -28.38 -2.46
C VAL E 276 -13.39 -28.06 -1.41
N VAL E 277 -12.65 -29.09 -0.91
CA VAL E 277 -11.58 -28.90 0.06
C VAL E 277 -10.49 -28.04 -0.57
N LYS E 278 -9.87 -28.52 -1.69
CA LYS E 278 -8.82 -27.85 -2.45
C LYS E 278 -9.18 -26.39 -2.78
N GLU E 279 -10.49 -26.10 -2.89
CA GLU E 279 -11.03 -24.75 -3.10
C GLU E 279 -10.92 -23.92 -1.84
N LEU E 280 -11.48 -24.43 -0.71
CA LEU E 280 -11.46 -23.76 0.59
C LEU E 280 -10.03 -23.55 1.07
N GLN E 281 -9.14 -24.53 0.81
CA GLN E 281 -7.72 -24.45 1.15
C GLN E 281 -7.05 -23.30 0.43
N ARG E 282 -7.44 -23.07 -0.85
CA ARG E 282 -6.94 -21.99 -1.69
C ARG E 282 -7.38 -20.63 -1.12
N GLU E 283 -8.68 -20.48 -0.83
CA GLU E 283 -9.29 -19.26 -0.28
C GLU E 283 -8.85 -18.94 1.15
N PHE E 284 -8.81 -19.95 2.03
CA PHE E 284 -8.44 -19.79 3.44
C PHE E 284 -7.19 -20.65 3.78
N PRO E 285 -5.97 -20.11 3.54
CA PRO E 285 -4.75 -20.91 3.82
C PRO E 285 -4.52 -21.29 5.28
N HIS E 286 -5.17 -20.62 6.25
CA HIS E 286 -5.03 -20.92 7.68
C HIS E 286 -6.15 -21.82 8.23
N LEU E 287 -6.89 -22.48 7.32
CA LEU E 287 -8.01 -23.37 7.62
C LEU E 287 -7.56 -24.85 7.55
N GLY E 288 -7.55 -25.51 8.70
CA GLY E 288 -7.14 -26.91 8.81
C GLY E 288 -8.12 -27.86 9.49
N VAL E 289 -9.36 -27.39 9.77
CA VAL E 289 -10.37 -28.23 10.43
C VAL E 289 -11.52 -28.46 9.45
N PHE E 290 -11.66 -29.71 8.97
CA PHE E 290 -12.69 -30.09 8.01
C PHE E 290 -13.50 -31.23 8.57
N SER E 291 -14.80 -31.02 8.72
CA SER E 291 -15.69 -32.03 9.27
C SER E 291 -17.09 -31.87 8.73
N SER E 292 -17.89 -32.93 8.89
CA SER E 292 -19.29 -32.96 8.50
C SER E 292 -20.11 -32.93 9.77
N LEU E 293 -21.38 -32.55 9.64
CA LEU E 293 -22.40 -32.64 10.65
C LEU E 293 -23.51 -33.35 9.89
N SER E 294 -23.46 -34.68 9.96
CA SER E 294 -24.34 -35.57 9.21
C SER E 294 -25.46 -36.23 10.01
N PRO E 295 -26.56 -36.64 9.33
CA PRO E 295 -27.63 -37.35 10.03
C PRO E 295 -27.28 -38.84 10.15
N ILE E 296 -28.18 -39.64 10.75
CA ILE E 296 -28.04 -41.08 10.94
C ILE E 296 -29.37 -41.74 10.44
N PRO E 297 -29.72 -41.65 9.13
CA PRO E 297 -30.99 -42.26 8.68
C PRO E 297 -31.07 -43.79 8.76
N GLY E 298 -32.12 -44.24 9.42
CA GLY E 298 -32.41 -45.66 9.62
C GLY E 298 -32.16 -46.14 11.03
N PHE E 299 -31.65 -45.25 11.92
CA PHE E 299 -31.37 -45.54 13.32
C PHE E 299 -32.63 -45.89 14.12
N THR E 300 -33.71 -45.08 13.99
CA THR E 300 -34.99 -45.32 14.66
C THR E 300 -35.51 -46.70 14.24
N LYS E 301 -35.58 -46.94 12.91
CA LYS E 301 -36.03 -48.17 12.27
C LYS E 301 -35.25 -49.38 12.78
N TRP E 302 -33.94 -49.20 13.04
CA TRP E 302 -33.07 -50.23 13.59
C TRP E 302 -33.44 -50.51 15.04
N LEU E 303 -33.50 -49.44 15.86
CA LEU E 303 -33.85 -49.48 17.29
C LEU E 303 -35.23 -50.10 17.53
N LEU E 304 -36.27 -49.62 16.82
CA LEU E 304 -37.64 -50.12 16.91
C LEU E 304 -37.67 -51.60 16.57
N GLY E 305 -37.03 -51.96 15.46
CA GLY E 305 -36.87 -53.32 14.98
C GLY E 305 -36.30 -54.20 16.08
N LEU E 306 -35.21 -53.72 16.71
CA LEU E 306 -34.54 -54.39 17.83
C LEU E 306 -35.39 -54.54 19.10
N LEU E 307 -36.52 -53.83 19.18
CA LEU E 307 -37.43 -54.00 20.32
C LEU E 307 -38.23 -55.29 20.19
N ASN E 308 -38.14 -55.93 19.00
CA ASN E 308 -38.73 -57.23 18.69
C ASN E 308 -37.66 -58.30 18.90
N SER E 309 -37.73 -59.08 20.03
CA SER E 309 -38.75 -59.05 21.10
C SER E 309 -38.44 -60.10 22.18
N GLU E 318 -30.69 -57.83 27.14
CA GLU E 318 -31.00 -56.48 27.62
C GLU E 318 -30.21 -55.40 26.85
N LEU E 319 -30.90 -54.32 26.49
CA LEU E 319 -30.32 -53.16 25.81
C LEU E 319 -30.35 -52.07 26.86
N PHE E 320 -30.85 -52.45 28.05
CA PHE E 320 -31.06 -51.59 29.20
C PHE E 320 -30.69 -52.29 30.50
N THR E 321 -29.96 -51.58 31.36
CA THR E 321 -29.59 -52.07 32.69
C THR E 321 -30.81 -52.03 33.62
N ASP E 322 -30.72 -52.73 34.77
CA ASP E 322 -31.76 -52.81 35.80
C ASP E 322 -32.28 -51.41 36.14
N SER E 323 -31.35 -50.53 36.55
CA SER E 323 -31.56 -49.13 36.91
C SER E 323 -32.27 -48.35 35.79
N GLU E 324 -31.87 -48.62 34.52
CA GLU E 324 -32.41 -47.96 33.33
C GLU E 324 -33.85 -48.38 32.98
N CYS E 325 -34.20 -49.67 33.09
CA CYS E 325 -35.54 -50.19 32.79
C CYS E 325 -36.60 -49.69 33.76
N LYS E 326 -36.32 -49.77 35.08
CA LYS E 326 -37.21 -49.32 36.16
C LYS E 326 -37.55 -47.84 36.06
N GLU E 327 -36.55 -47.00 35.69
CA GLU E 327 -36.71 -45.55 35.50
C GLU E 327 -37.62 -45.25 34.30
N ILE E 328 -37.45 -45.99 33.17
CA ILE E 328 -38.25 -45.85 31.94
C ILE E 328 -39.74 -46.11 32.17
N SER E 329 -40.08 -47.34 32.64
CA SER E 329 -41.46 -47.78 32.88
C SER E 329 -42.21 -46.92 33.90
N GLU E 330 -41.49 -46.36 34.90
CA GLU E 330 -42.11 -45.44 35.86
C GLU E 330 -42.26 -44.01 35.25
N ILE E 331 -42.30 -43.93 33.91
CA ILE E 331 -42.46 -42.69 33.14
C ILE E 331 -43.41 -42.94 31.94
N THR E 332 -43.65 -44.22 31.59
CA THR E 332 -44.47 -44.56 30.42
C THR E 332 -45.79 -45.34 30.65
N GLY E 333 -46.08 -45.70 31.91
CA GLY E 333 -47.32 -46.38 32.30
C GLY E 333 -47.50 -47.86 32.02
N GLY E 334 -46.51 -48.50 31.41
CA GLY E 334 -46.62 -49.93 31.09
C GLY E 334 -45.28 -50.62 30.93
N PRO E 335 -45.23 -51.79 30.22
CA PRO E 335 -43.94 -52.47 29.99
C PRO E 335 -42.94 -51.61 29.23
N ILE E 336 -41.71 -52.08 29.02
CA ILE E 336 -40.71 -51.28 28.30
C ILE E 336 -40.84 -51.30 26.75
N ASN E 337 -40.83 -52.51 26.16
CA ASN E 337 -40.83 -52.77 24.73
C ASN E 337 -42.03 -52.23 23.98
N GLU E 338 -43.25 -52.48 24.47
CA GLU E 338 -44.50 -52.02 23.83
C GLU E 338 -44.71 -50.52 23.94
N THR E 339 -44.43 -49.93 25.12
CA THR E 339 -44.59 -48.48 25.35
C THR E 339 -43.69 -47.67 24.45
N LEU E 340 -42.37 -47.95 24.46
CA LEU E 340 -41.37 -47.24 23.67
C LEU E 340 -41.56 -47.40 22.18
N LYS E 341 -41.87 -48.63 21.72
CA LYS E 341 -42.16 -48.97 20.33
C LYS E 341 -43.23 -48.01 19.77
N LEU E 342 -44.24 -47.72 20.61
CA LEU E 342 -45.35 -46.83 20.31
C LEU E 342 -44.93 -45.36 20.21
N LEU E 343 -44.35 -44.79 21.29
CA LEU E 343 -44.00 -43.36 21.32
C LEU E 343 -42.70 -42.92 20.64
N LEU E 344 -41.75 -43.86 20.43
CA LEU E 344 -40.49 -43.56 19.73
C LEU E 344 -40.65 -43.39 18.22
N SER E 345 -41.85 -43.71 17.70
CA SER E 345 -42.18 -43.58 16.28
C SER E 345 -43.18 -42.44 16.04
N SER E 346 -43.56 -41.72 17.12
CA SER E 346 -44.54 -40.63 17.05
C SER E 346 -44.10 -39.21 17.49
N SER E 347 -42.78 -38.98 17.70
CA SER E 347 -42.18 -37.68 18.06
C SER E 347 -42.83 -36.89 19.23
N GLU E 348 -43.64 -37.57 20.07
CA GLU E 348 -44.32 -36.95 21.23
C GLU E 348 -43.38 -36.92 22.43
N TRP E 349 -42.57 -37.99 22.58
CA TRP E 349 -41.62 -38.24 23.69
C TRP E 349 -40.64 -37.10 24.03
N VAL E 350 -40.49 -36.12 23.13
CA VAL E 350 -39.60 -34.97 23.30
C VAL E 350 -40.10 -33.92 24.30
N GLN E 351 -41.43 -33.68 24.32
CA GLN E 351 -42.06 -32.72 25.23
C GLN E 351 -42.21 -33.22 26.67
N SER E 352 -41.77 -34.47 26.93
CA SER E 352 -41.76 -35.09 28.25
C SER E 352 -40.28 -35.17 28.64
N GLU E 353 -39.75 -34.03 29.16
CA GLU E 353 -38.34 -33.85 29.56
C GLU E 353 -37.77 -34.90 30.54
N LYS E 354 -38.65 -35.59 31.30
CA LYS E 354 -38.26 -36.67 32.23
C LYS E 354 -37.74 -37.86 31.40
N LEU E 355 -38.50 -38.22 30.34
CA LEU E 355 -38.19 -39.30 29.41
C LEU E 355 -36.99 -38.98 28.51
N VAL E 356 -36.72 -37.68 28.26
CA VAL E 356 -35.57 -37.26 27.46
C VAL E 356 -34.28 -37.51 28.23
N ARG E 357 -34.12 -36.87 29.42
CA ARG E 357 -32.94 -37.03 30.27
C ARG E 357 -32.68 -38.49 30.63
N ALA E 358 -33.76 -39.27 30.79
CA ALA E 358 -33.75 -40.70 31.06
C ALA E 358 -33.07 -41.46 29.91
N LEU E 359 -33.51 -41.18 28.66
CA LEU E 359 -33.02 -41.80 27.43
C LEU E 359 -31.71 -41.25 26.86
N GLN E 360 -31.01 -40.34 27.57
CA GLN E 360 -29.76 -39.79 27.04
C GLN E 360 -28.65 -40.84 26.86
N THR E 361 -28.09 -41.33 27.98
CA THR E 361 -27.01 -42.31 28.05
C THR E 361 -27.23 -43.61 27.24
N PRO E 362 -28.38 -44.35 27.38
CA PRO E 362 -28.52 -45.61 26.61
C PRO E 362 -28.58 -45.41 25.11
N LEU E 363 -29.40 -44.44 24.62
CA LEU E 363 -29.53 -44.12 23.20
C LEU E 363 -28.19 -43.83 22.59
N MET E 364 -27.46 -42.85 23.16
CA MET E 364 -26.11 -42.44 22.73
C MET E 364 -25.18 -43.65 22.62
N ARG E 365 -25.22 -44.55 23.64
CA ARG E 365 -24.42 -45.78 23.65
C ARG E 365 -24.82 -46.78 22.55
N LEU E 366 -26.14 -47.02 22.38
CA LEU E 366 -26.70 -47.90 21.34
C LEU E 366 -26.40 -47.34 19.95
N CYS E 367 -26.45 -45.99 19.81
CA CYS E 367 -26.17 -45.25 18.59
C CYS E 367 -24.71 -45.43 18.19
N ALA E 368 -23.78 -45.32 19.17
CA ALA E 368 -22.33 -45.51 18.95
C ALA E 368 -22.15 -46.86 18.31
N TRP E 369 -22.77 -47.88 18.92
CA TRP E 369 -22.79 -49.25 18.45
C TRP E 369 -23.41 -49.38 17.07
N TYR E 370 -24.56 -48.71 16.81
CA TYR E 370 -25.25 -48.77 15.53
C TYR E 370 -24.34 -48.40 14.37
N LEU E 371 -23.50 -47.37 14.56
CA LEU E 371 -22.55 -46.91 13.55
C LEU E 371 -21.30 -47.78 13.52
N TYR E 372 -20.67 -47.95 14.68
CA TYR E 372 -19.44 -48.71 14.87
C TYR E 372 -19.56 -50.22 14.71
N GLY E 373 -20.33 -50.86 15.60
CA GLY E 373 -20.46 -52.31 15.68
C GLY E 373 -21.29 -53.04 14.65
N GLU E 374 -22.48 -52.52 14.30
CA GLU E 374 -23.37 -53.16 13.33
C GLU E 374 -22.84 -53.13 11.90
N LYS E 375 -22.82 -54.30 11.24
CA LYS E 375 -22.24 -54.47 9.91
C LYS E 375 -23.16 -55.14 8.88
N HIS E 376 -23.04 -54.69 7.62
CA HIS E 376 -23.72 -55.22 6.44
C HIS E 376 -22.59 -55.53 5.47
N ARG E 377 -22.15 -56.81 5.46
CA ARG E 377 -21.01 -57.36 4.70
C ARG E 377 -19.67 -56.88 5.31
N GLY E 378 -19.74 -56.43 6.58
CA GLY E 378 -18.61 -55.95 7.38
C GLY E 378 -18.27 -54.48 7.20
N TYR E 379 -19.10 -53.74 6.42
CA TYR E 379 -18.86 -52.33 6.11
C TYR E 379 -19.53 -51.20 6.89
N ALA E 380 -20.61 -51.45 7.67
CA ALA E 380 -21.33 -50.43 8.47
C ALA E 380 -22.69 -50.05 7.94
N LEU E 381 -23.66 -50.94 8.10
CA LEU E 381 -25.07 -50.80 7.75
C LEU E 381 -25.53 -49.38 7.35
N ASN E 382 -25.30 -48.36 8.23
CA ASN E 382 -25.63 -46.96 7.98
C ASN E 382 -24.92 -46.49 6.69
N PRO E 383 -25.69 -46.27 5.59
CA PRO E 383 -25.06 -45.91 4.31
C PRO E 383 -24.30 -44.58 4.32
N VAL E 384 -24.71 -43.65 5.19
CA VAL E 384 -24.06 -42.35 5.39
C VAL E 384 -22.73 -42.60 6.09
N ALA E 385 -22.72 -43.58 7.06
CA ALA E 385 -21.49 -43.96 7.78
C ALA E 385 -20.51 -44.52 6.77
N ASN E 386 -20.94 -45.49 5.92
CA ASN E 386 -20.14 -46.08 4.85
C ASN E 386 -19.56 -45.02 3.93
N PHE E 387 -20.38 -43.99 3.58
CA PHE E 387 -19.98 -42.87 2.72
C PHE E 387 -18.77 -42.09 3.24
N HIS E 388 -18.89 -41.47 4.44
CA HIS E 388 -17.81 -40.67 5.02
C HIS E 388 -16.57 -41.50 5.36
N LEU E 389 -16.76 -42.78 5.74
CA LEU E 389 -15.66 -43.69 6.07
C LEU E 389 -14.88 -44.14 4.86
N GLN E 390 -15.58 -44.41 3.74
CA GLN E 390 -15.00 -44.76 2.43
C GLN E 390 -13.97 -43.70 2.10
N ASN E 391 -14.36 -42.42 2.32
CA ASN E 391 -13.59 -41.19 2.10
C ASN E 391 -12.43 -41.00 3.07
N GLY E 392 -12.30 -41.92 4.02
CA GLY E 392 -11.23 -41.86 5.01
C GLY E 392 -11.53 -40.94 6.17
N ALA E 393 -12.82 -40.60 6.39
CA ALA E 393 -13.21 -39.76 7.52
C ALA E 393 -13.16 -40.56 8.81
N VAL E 394 -13.15 -39.87 9.95
CA VAL E 394 -13.12 -40.47 11.27
C VAL E 394 -14.49 -40.28 11.88
N LEU E 395 -15.07 -41.34 12.44
CA LEU E 395 -16.31 -41.23 13.20
C LEU E 395 -15.80 -40.55 14.47
N TRP E 396 -15.95 -39.23 14.51
CA TRP E 396 -15.36 -38.39 15.54
C TRP E 396 -16.20 -38.03 16.78
N ARG E 397 -17.52 -37.82 16.66
CA ARG E 397 -18.36 -37.43 17.81
C ARG E 397 -19.83 -37.69 17.54
N ILE E 398 -20.54 -38.16 18.56
CA ILE E 398 -21.99 -38.36 18.54
C ILE E 398 -22.58 -37.19 19.32
N ASN E 399 -23.60 -36.54 18.76
CA ASN E 399 -24.24 -35.38 19.36
C ASN E 399 -25.72 -35.58 19.73
N TRP E 400 -26.01 -35.56 21.05
CA TRP E 400 -27.36 -35.69 21.61
C TRP E 400 -28.23 -34.49 21.22
N MET E 401 -29.54 -34.75 20.95
CA MET E 401 -30.56 -33.78 20.53
C MET E 401 -29.96 -32.67 19.64
N ALA E 402 -29.39 -33.09 18.51
CA ALA E 402 -28.74 -32.19 17.56
C ALA E 402 -29.66 -31.88 16.39
N ASP E 403 -30.75 -32.67 16.24
CA ASP E 403 -31.76 -32.49 15.21
C ASP E 403 -33.16 -32.71 15.82
N VAL E 404 -33.79 -31.59 16.22
CA VAL E 404 -35.11 -31.58 16.85
C VAL E 404 -36.30 -31.52 15.88
N SER E 405 -36.02 -31.45 14.56
CA SER E 405 -37.05 -31.40 13.52
C SER E 405 -37.77 -32.74 13.41
N LEU E 406 -39.01 -32.75 12.86
CA LEU E 406 -39.83 -33.95 12.70
C LEU E 406 -39.06 -35.12 12.09
N ARG E 407 -38.58 -35.00 10.80
CA ARG E 407 -37.80 -36.09 10.17
C ARG E 407 -36.64 -36.52 11.03
N GLY E 408 -35.94 -35.55 11.66
CA GLY E 408 -34.82 -35.77 12.56
C GLY E 408 -35.14 -36.67 13.74
N ILE E 409 -36.17 -36.30 14.54
CA ILE E 409 -36.65 -37.04 15.73
C ILE E 409 -37.08 -38.48 15.37
N THR E 410 -38.00 -38.62 14.41
CA THR E 410 -38.49 -39.93 13.97
C THR E 410 -37.50 -40.71 13.11
N GLY E 411 -36.51 -40.03 12.56
CA GLY E 411 -35.49 -40.65 11.73
C GLY E 411 -34.37 -41.28 12.54
N SER E 412 -33.84 -40.53 13.53
CA SER E 412 -32.73 -41.00 14.38
C SER E 412 -32.78 -40.49 15.83
N CYS E 413 -33.99 -40.31 16.41
CA CYS E 413 -34.21 -39.83 17.79
C CYS E 413 -33.40 -38.56 18.16
N GLY E 414 -33.30 -37.63 17.21
CA GLY E 414 -32.59 -36.37 17.34
C GLY E 414 -31.06 -36.40 17.26
N LEU E 415 -30.49 -37.61 17.14
CA LEU E 415 -29.04 -37.81 17.07
C LEU E 415 -28.39 -37.49 15.73
N MET E 416 -27.36 -36.66 15.77
CA MET E 416 -26.54 -36.31 14.61
C MET E 416 -25.12 -36.72 14.93
N ALA E 417 -24.35 -37.15 13.92
CA ALA E 417 -22.98 -37.60 14.10
C ALA E 417 -21.99 -36.72 13.37
N ASN E 418 -20.79 -36.58 13.94
CA ASN E 418 -19.72 -35.79 13.35
C ASN E 418 -18.66 -36.68 12.73
N TYR E 419 -18.50 -36.56 11.41
CA TYR E 419 -17.49 -37.29 10.68
C TYR E 419 -16.43 -36.28 10.32
N ARG E 420 -15.27 -36.42 10.95
CA ARG E 420 -14.16 -35.50 10.76
C ARG E 420 -13.21 -35.92 9.65
N TYR E 421 -12.65 -34.94 8.95
CA TYR E 421 -11.69 -35.12 7.87
C TYR E 421 -10.36 -34.52 8.28
N PHE E 422 -9.39 -35.40 8.59
CA PHE E 422 -8.02 -35.00 8.91
C PHE E 422 -7.31 -35.24 7.61
N LEU E 423 -7.02 -34.13 6.90
CA LEU E 423 -6.45 -34.11 5.55
C LEU E 423 -5.27 -34.99 5.21
N GLU E 424 -4.25 -35.03 6.07
CA GLU E 424 -3.01 -35.80 5.86
C GLU E 424 -3.13 -37.30 6.20
N GLU E 425 -4.32 -37.75 6.63
CA GLU E 425 -4.57 -39.17 6.93
C GLU E 425 -5.90 -39.70 6.32
N THR E 426 -6.44 -39.03 5.29
CA THR E 426 -7.68 -39.49 4.60
C THR E 426 -7.37 -40.68 3.69
N GLY E 427 -6.27 -40.57 2.95
CA GLY E 427 -5.75 -41.58 2.04
C GLY E 427 -5.59 -42.97 2.65
N PRO E 428 -4.83 -43.12 3.77
CA PRO E 428 -4.69 -44.45 4.37
C PRO E 428 -5.96 -44.93 5.08
N ASN E 429 -6.71 -43.99 5.72
CA ASN E 429 -7.97 -44.31 6.40
C ASN E 429 -8.97 -44.88 5.43
N SER E 430 -8.93 -44.43 4.16
CA SER E 430 -9.74 -44.95 3.06
C SER E 430 -9.34 -46.41 2.81
N THR E 431 -8.01 -46.68 2.62
CA THR E 431 -7.42 -48.01 2.39
C THR E 431 -7.79 -48.98 3.51
N SER E 432 -7.50 -48.58 4.78
CA SER E 432 -7.78 -49.38 5.98
C SER E 432 -9.24 -49.76 6.05
N TYR E 433 -10.13 -48.78 5.80
CA TYR E 433 -11.57 -48.98 5.82
C TYR E 433 -12.06 -49.92 4.72
N LEU E 434 -11.52 -49.77 3.51
CA LEU E 434 -11.95 -50.58 2.38
C LEU E 434 -11.26 -51.94 2.31
N GLY E 435 -9.95 -51.95 2.51
CA GLY E 435 -9.13 -53.16 2.48
C GLY E 435 -9.34 -54.08 3.66
N SER E 436 -9.10 -53.56 4.88
CA SER E 436 -9.20 -54.30 6.15
C SER E 436 -10.53 -54.21 6.93
N LYS E 437 -11.51 -53.40 6.46
CA LYS E 437 -12.83 -53.21 7.09
C LYS E 437 -12.76 -52.55 8.50
N ILE E 438 -11.71 -51.73 8.74
CA ILE E 438 -11.45 -51.02 10.01
C ILE E 438 -12.13 -49.65 10.06
N ILE E 439 -12.67 -49.28 11.23
CA ILE E 439 -13.25 -47.95 11.46
C ILE E 439 -12.35 -47.21 12.45
N LYS E 440 -11.93 -46.00 12.07
CA LYS E 440 -11.17 -45.12 12.94
C LYS E 440 -12.17 -44.27 13.70
N ALA E 441 -12.19 -44.40 15.04
CA ALA E 441 -13.12 -43.66 15.89
C ALA E 441 -12.38 -42.94 17.03
N SER E 442 -12.90 -41.77 17.43
CA SER E 442 -12.36 -40.94 18.49
C SER E 442 -12.60 -41.60 19.86
N GLU E 443 -11.88 -41.13 20.90
CA GLU E 443 -12.00 -41.62 22.29
C GLU E 443 -13.43 -41.54 22.83
N GLN E 444 -14.20 -40.50 22.47
CA GLN E 444 -15.60 -40.32 22.89
C GLN E 444 -16.50 -41.47 22.40
N VAL E 445 -16.39 -41.83 21.10
CA VAL E 445 -17.15 -42.90 20.45
C VAL E 445 -16.76 -44.27 21.01
N LEU E 446 -15.44 -44.53 21.13
CA LEU E 446 -14.88 -45.78 21.67
C LEU E 446 -15.34 -46.03 23.11
N SER E 447 -15.57 -44.95 23.88
CA SER E 447 -16.06 -44.99 25.27
C SER E 447 -17.53 -45.43 25.33
N LEU E 448 -18.36 -44.93 24.38
CA LEU E 448 -19.78 -45.28 24.29
C LEU E 448 -19.94 -46.74 23.86
N VAL E 449 -19.06 -47.20 22.93
CA VAL E 449 -19.01 -48.57 22.44
C VAL E 449 -18.61 -49.44 23.65
N ALA E 450 -17.61 -48.96 24.44
CA ALA E 450 -17.12 -49.61 25.65
C ALA E 450 -18.25 -49.78 26.67
N GLN E 451 -19.07 -48.72 26.85
CA GLN E 451 -20.26 -48.73 27.72
C GLN E 451 -21.24 -49.80 27.25
N PHE E 452 -21.55 -49.82 25.95
CA PHE E 452 -22.46 -50.79 25.36
C PHE E 452 -22.03 -52.26 25.57
N GLN E 453 -20.70 -52.53 25.55
CA GLN E 453 -20.11 -53.86 25.73
C GLN E 453 -20.36 -54.48 27.10
N LYS E 454 -20.72 -53.63 28.08
CA LYS E 454 -21.06 -54.02 29.45
C LYS E 454 -22.27 -54.97 29.44
N ASN E 455 -23.18 -54.78 28.46
CA ASN E 455 -24.36 -55.60 28.25
C ASN E 455 -24.06 -56.69 27.19
N SER F 2 16.90 -49.21 -20.07
CA SER F 2 15.45 -49.09 -19.91
C SER F 2 14.72 -50.46 -20.17
N GLY F 3 14.77 -51.46 -19.24
CA GLY F 3 15.32 -51.54 -17.87
C GLY F 3 14.56 -50.64 -16.89
N ALA F 4 14.99 -49.37 -16.66
CA ALA F 4 14.29 -48.39 -15.81
C ALA F 4 12.82 -48.25 -16.21
N MET F 5 12.55 -48.54 -17.50
CA MET F 5 11.26 -48.57 -18.18
C MET F 5 10.36 -49.56 -17.44
N ASP F 6 10.87 -50.80 -17.21
CA ASP F 6 10.18 -51.89 -16.51
C ASP F 6 9.80 -51.50 -15.10
N GLU F 7 10.73 -50.84 -14.36
CA GLU F 7 10.53 -50.41 -12.98
C GLU F 7 9.32 -49.49 -12.87
N LEU F 8 9.33 -48.36 -13.62
CA LEU F 8 8.24 -47.38 -13.63
C LEU F 8 6.88 -48.07 -13.79
N LEU F 9 6.75 -48.95 -14.82
CA LEU F 9 5.53 -49.70 -15.12
C LEU F 9 4.96 -50.47 -13.94
N ARG F 10 5.83 -51.07 -13.12
CA ARG F 10 5.46 -51.88 -11.97
C ARG F 10 5.02 -51.09 -10.73
N ARG F 11 5.25 -49.76 -10.72
CA ARG F 11 4.88 -48.87 -9.63
C ARG F 11 3.95 -47.74 -10.12
N ALA F 12 3.72 -47.67 -11.47
CA ALA F 12 2.86 -46.66 -12.10
C ALA F 12 1.52 -47.17 -12.60
N VAL F 13 1.46 -48.38 -13.18
CA VAL F 13 0.20 -48.95 -13.67
C VAL F 13 -0.53 -49.38 -12.39
N PRO F 14 -1.66 -48.72 -12.04
CA PRO F 14 -2.36 -49.08 -10.81
C PRO F 14 -2.75 -50.57 -10.77
N PRO F 15 -2.64 -51.21 -9.60
CA PRO F 15 -2.99 -52.63 -9.52
C PRO F 15 -4.48 -52.92 -9.57
N THR F 16 -4.86 -54.09 -10.13
CA THR F 16 -6.24 -54.51 -10.21
C THR F 16 -6.83 -54.64 -8.80
N PRO F 17 -7.89 -53.87 -8.49
CA PRO F 17 -8.50 -53.99 -7.15
C PRO F 17 -9.29 -55.30 -7.00
N ALA F 18 -9.48 -55.73 -5.73
CA ALA F 18 -10.15 -56.94 -5.25
C ALA F 18 -11.35 -57.51 -6.05
N TYR F 19 -12.37 -56.66 -6.35
CA TYR F 19 -13.65 -56.96 -7.05
C TYR F 19 -14.77 -56.29 -6.25
N GLU F 20 -14.70 -56.41 -4.91
CA GLU F 20 -15.66 -55.83 -3.98
C GLU F 20 -15.38 -54.33 -3.95
N LEU F 21 -14.08 -53.96 -4.06
CA LEU F 21 -13.59 -52.60 -4.14
C LEU F 21 -13.44 -52.16 -5.61
N ARG F 22 -14.16 -52.82 -6.55
CA ARG F 22 -14.06 -52.52 -7.99
C ARG F 22 -14.72 -51.22 -8.48
N GLU F 23 -15.78 -50.74 -7.78
CA GLU F 23 -16.49 -49.53 -8.20
C GLU F 23 -16.03 -48.30 -7.45
N LYS F 24 -14.92 -48.45 -6.70
CA LYS F 24 -14.37 -47.39 -5.88
C LYS F 24 -12.93 -47.13 -6.22
N THR F 25 -12.60 -45.88 -6.51
CA THR F 25 -11.23 -45.52 -6.84
C THR F 25 -10.35 -45.59 -5.61
N PRO F 26 -9.21 -46.31 -5.70
CA PRO F 26 -8.28 -46.30 -4.58
C PRO F 26 -7.57 -44.93 -4.57
N ALA F 27 -7.08 -44.46 -3.42
CA ALA F 27 -6.40 -43.16 -3.34
C ALA F 27 -5.11 -43.10 -4.23
N PRO F 28 -4.08 -43.98 -4.07
CA PRO F 28 -2.85 -43.87 -4.88
C PRO F 28 -2.95 -43.85 -6.41
N ALA F 29 -4.15 -44.13 -6.97
CA ALA F 29 -4.43 -44.14 -8.41
C ALA F 29 -4.08 -42.81 -9.06
N GLU F 30 -4.40 -41.67 -8.38
CA GLU F 30 -4.09 -40.31 -8.85
C GLU F 30 -2.58 -40.14 -9.02
N GLY F 31 -1.83 -40.45 -7.96
CA GLY F 31 -0.37 -40.38 -7.91
C GLY F 31 0.31 -41.27 -8.93
N GLN F 32 -0.02 -42.58 -8.92
CA GLN F 32 0.51 -43.63 -9.81
C GLN F 32 0.40 -43.28 -11.30
N CYS F 33 -0.73 -42.67 -11.71
CA CYS F 33 -1.00 -42.24 -13.09
C CYS F 33 -0.12 -41.08 -13.51
N ALA F 34 -0.10 -39.98 -12.71
CA ALA F 34 0.73 -38.79 -12.95
C ALA F 34 2.18 -39.17 -13.20
N ASP F 35 2.67 -40.20 -12.48
CA ASP F 35 4.02 -40.75 -12.61
C ASP F 35 4.20 -41.35 -14.00
N PHE F 36 3.18 -42.08 -14.50
CA PHE F 36 3.16 -42.68 -15.83
C PHE F 36 3.15 -41.58 -16.91
N VAL F 37 2.31 -40.53 -16.72
CA VAL F 37 2.18 -39.39 -17.63
C VAL F 37 3.50 -38.61 -17.65
N SER F 38 4.11 -38.43 -16.46
CA SER F 38 5.38 -37.73 -16.25
C SER F 38 6.47 -38.43 -17.04
N PHE F 39 6.59 -39.76 -16.84
CA PHE F 39 7.59 -40.58 -17.49
C PHE F 39 7.45 -40.67 -18.99
N TYR F 40 6.26 -41.06 -19.49
CA TYR F 40 5.97 -41.18 -20.93
C TYR F 40 6.25 -39.84 -21.62
N GLY F 41 5.91 -38.75 -20.94
CA GLY F 41 6.16 -37.37 -21.36
C GLY F 41 7.65 -37.10 -21.51
N GLY F 42 8.42 -37.58 -20.53
CA GLY F 42 9.88 -37.46 -20.46
C GLY F 42 10.63 -38.15 -21.59
N LEU F 43 10.03 -39.23 -22.17
CA LEU F 43 10.61 -39.99 -23.27
C LEU F 43 10.52 -39.22 -24.59
N ALA F 44 11.70 -38.78 -25.10
CA ALA F 44 11.83 -37.99 -26.33
C ALA F 44 11.69 -38.80 -27.63
N GLU F 45 12.70 -39.62 -28.02
CA GLU F 45 12.64 -40.42 -29.25
C GLU F 45 11.49 -41.44 -29.16
N THR F 46 10.67 -41.52 -30.22
CA THR F 46 9.49 -42.41 -30.33
C THR F 46 9.75 -43.88 -30.02
N ALA F 47 10.86 -44.47 -30.55
CA ALA F 47 11.21 -45.88 -30.36
C ALA F 47 11.13 -46.36 -28.91
N GLN F 48 11.45 -45.46 -27.95
CA GLN F 48 11.35 -45.71 -26.51
C GLN F 48 9.89 -45.82 -26.11
N ARG F 49 9.05 -44.85 -26.56
CA ARG F 49 7.60 -44.79 -26.35
C ARG F 49 6.95 -46.06 -26.89
N ALA F 50 7.40 -46.53 -28.08
CA ALA F 50 6.95 -47.75 -28.74
C ALA F 50 7.26 -48.99 -27.91
N GLU F 51 8.48 -49.08 -27.33
CA GLU F 51 8.90 -50.22 -26.50
C GLU F 51 8.11 -50.27 -25.18
N LEU F 52 7.94 -49.11 -24.53
CA LEU F 52 7.17 -48.97 -23.28
C LEU F 52 5.72 -49.41 -23.48
N LEU F 53 5.13 -49.06 -24.65
CA LEU F 53 3.77 -49.47 -25.00
C LEU F 53 3.69 -50.98 -25.13
N GLY F 54 4.75 -51.57 -25.71
CA GLY F 54 4.92 -53.01 -25.87
C GLY F 54 4.97 -53.72 -24.53
N ARG F 55 5.77 -53.15 -23.61
CA ARG F 55 5.97 -53.60 -22.22
C ARG F 55 4.65 -53.60 -21.46
N LEU F 56 3.83 -52.54 -21.66
CA LEU F 56 2.51 -52.34 -21.06
C LEU F 56 1.49 -53.40 -21.54
N ALA F 57 1.30 -53.53 -22.87
CA ALA F 57 0.37 -54.48 -23.49
C ALA F 57 0.66 -55.92 -23.06
N ARG F 58 1.95 -56.28 -22.96
CA ARG F 58 2.41 -57.61 -22.56
C ARG F 58 2.18 -57.90 -21.08
N GLY F 59 2.77 -57.08 -20.22
CA GLY F 59 2.71 -57.30 -18.78
C GLY F 59 1.43 -56.94 -18.06
N PHE F 60 0.60 -56.05 -18.64
CA PHE F 60 -0.58 -55.51 -17.96
C PHE F 60 -1.94 -55.70 -18.65
N GLY F 61 -2.12 -56.85 -19.28
CA GLY F 61 -3.38 -57.19 -19.92
C GLY F 61 -4.25 -57.99 -18.97
N VAL F 62 -4.99 -58.97 -19.53
CA VAL F 62 -5.85 -59.88 -18.78
C VAL F 62 -4.96 -60.80 -17.94
N ASP F 63 -5.40 -61.10 -16.71
CA ASP F 63 -4.71 -62.08 -15.89
C ASP F 63 -5.24 -63.43 -16.40
N HIS F 64 -4.40 -64.14 -17.16
CA HIS F 64 -4.73 -65.41 -17.79
C HIS F 64 -5.04 -66.56 -16.81
N GLY F 65 -4.45 -66.50 -15.62
CA GLY F 65 -4.66 -67.48 -14.55
C GLY F 65 -6.06 -67.38 -13.98
N GLN F 66 -6.41 -66.17 -13.49
CA GLN F 66 -7.71 -65.80 -12.93
C GLN F 66 -8.88 -66.09 -13.87
N VAL F 67 -8.67 -65.93 -15.19
CA VAL F 67 -9.67 -66.18 -16.25
C VAL F 67 -10.06 -67.65 -16.33
N ALA F 68 -9.05 -68.53 -16.55
CA ALA F 68 -9.21 -69.98 -16.66
C ALA F 68 -9.86 -70.55 -15.42
N GLU F 69 -9.55 -69.94 -14.27
CA GLU F 69 -10.07 -70.29 -12.96
C GLU F 69 -11.58 -70.02 -12.87
N GLN F 70 -12.00 -68.77 -13.15
CA GLN F 70 -13.41 -68.35 -13.13
C GLN F 70 -14.27 -69.04 -14.18
N SER F 71 -13.64 -69.49 -15.31
CA SER F 71 -14.30 -70.23 -16.39
C SER F 71 -14.71 -71.58 -15.84
N ALA F 72 -13.77 -72.26 -15.12
CA ALA F 72 -14.01 -73.53 -14.44
C ALA F 72 -15.07 -73.30 -13.37
N GLY F 73 -15.03 -72.12 -12.73
CA GLY F 73 -15.99 -71.67 -11.74
C GLY F 73 -17.41 -71.73 -12.26
N VAL F 74 -17.67 -71.08 -13.43
CA VAL F 74 -18.96 -71.03 -14.14
C VAL F 74 -19.39 -72.44 -14.62
N LEU F 75 -18.41 -73.27 -15.05
CA LEU F 75 -18.67 -74.64 -15.52
C LEU F 75 -19.03 -75.58 -14.38
N HIS F 76 -18.24 -75.57 -13.28
CA HIS F 76 -18.47 -76.38 -12.10
C HIS F 76 -19.82 -76.13 -11.43
N LEU F 77 -20.45 -74.97 -11.71
CA LEU F 77 -21.76 -74.62 -11.16
C LEU F 77 -22.91 -75.07 -12.05
N ARG F 78 -22.70 -75.07 -13.38
CA ARG F 78 -23.70 -75.50 -14.34
C ARG F 78 -23.89 -77.03 -14.40
N GLN F 79 -23.01 -77.77 -13.69
CA GLN F 79 -23.04 -79.24 -13.58
C GLN F 79 -23.98 -79.61 -12.43
N GLN F 80 -24.32 -78.61 -11.61
CA GLN F 80 -25.14 -78.75 -10.41
C GLN F 80 -26.27 -77.73 -10.32
N GLN F 81 -26.78 -77.27 -11.50
CA GLN F 81 -27.88 -76.32 -11.69
C GLN F 81 -28.20 -75.50 -10.45
N ARG F 82 -27.35 -74.50 -10.19
CA ARG F 82 -27.57 -73.66 -9.01
C ARG F 82 -28.46 -72.48 -9.39
N GLU F 83 -28.96 -71.76 -8.37
CA GLU F 83 -29.85 -70.61 -8.50
C GLU F 83 -29.19 -69.51 -9.33
N ALA F 84 -30.01 -68.79 -10.14
CA ALA F 84 -29.58 -67.67 -10.99
C ALA F 84 -28.76 -66.69 -10.15
N ALA F 85 -29.19 -66.48 -8.89
CA ALA F 85 -28.54 -65.65 -7.86
C ALA F 85 -27.03 -65.92 -7.82
N VAL F 86 -26.64 -67.22 -7.81
CA VAL F 86 -25.27 -67.74 -7.75
C VAL F 86 -24.54 -67.72 -9.11
N LEU F 87 -25.22 -68.19 -10.19
CA LEU F 87 -24.64 -68.26 -11.53
C LEU F 87 -24.20 -66.91 -12.06
N LEU F 88 -25.04 -65.88 -11.87
CA LEU F 88 -24.77 -64.50 -12.28
C LEU F 88 -23.55 -63.92 -11.58
N GLN F 89 -23.39 -64.23 -10.27
CA GLN F 89 -22.27 -63.80 -9.44
C GLN F 89 -20.95 -64.33 -9.99
N ALA F 90 -20.90 -65.65 -10.30
CA ALA F 90 -19.73 -66.33 -10.87
C ALA F 90 -19.43 -65.84 -12.30
N GLU F 91 -20.48 -65.49 -13.07
CA GLU F 91 -20.38 -64.96 -14.44
C GLU F 91 -19.77 -63.56 -14.42
N ASP F 92 -20.16 -62.74 -13.44
CA ASP F 92 -19.68 -61.36 -13.28
C ASP F 92 -18.21 -61.26 -12.91
N ARG F 93 -17.74 -62.13 -11.99
CA ARG F 93 -16.33 -62.19 -11.57
C ARG F 93 -15.44 -62.59 -12.73
N LEU F 94 -15.98 -63.41 -13.65
CA LEU F 94 -15.31 -63.85 -14.87
C LEU F 94 -15.23 -62.69 -15.86
N ARG F 95 -16.29 -61.87 -15.93
CA ARG F 95 -16.38 -60.69 -16.78
C ARG F 95 -15.39 -59.61 -16.30
N TYR F 96 -15.32 -59.42 -14.96
CA TYR F 96 -14.39 -58.49 -14.35
C TYR F 96 -12.96 -59.01 -14.55
N ALA F 97 -12.72 -60.31 -14.25
CA ALA F 97 -11.41 -60.95 -14.44
C ALA F 97 -10.91 -60.89 -15.90
N LEU F 98 -11.82 -60.63 -16.87
CA LEU F 98 -11.52 -60.50 -18.30
C LEU F 98 -11.12 -59.08 -18.72
N VAL F 99 -11.54 -58.06 -17.94
CA VAL F 99 -11.18 -56.66 -18.19
C VAL F 99 -9.66 -56.51 -17.94
N PRO F 100 -8.84 -56.13 -18.96
CA PRO F 100 -7.40 -56.02 -18.72
C PRO F 100 -7.00 -54.88 -17.78
N ARG F 101 -5.80 -55.02 -17.17
CA ARG F 101 -5.24 -54.07 -16.22
C ARG F 101 -4.97 -52.67 -16.80
N TYR F 102 -4.59 -52.57 -18.10
CA TYR F 102 -4.34 -51.24 -18.70
C TYR F 102 -5.56 -50.34 -18.84
N ARG F 103 -6.79 -50.91 -18.70
CA ARG F 103 -8.02 -50.10 -18.74
C ARG F 103 -8.07 -49.15 -17.55
N GLY F 104 -7.64 -49.63 -16.38
CA GLY F 104 -7.55 -48.87 -15.15
C GLY F 104 -6.60 -47.69 -15.26
N LEU F 105 -5.43 -47.92 -15.90
CA LEU F 105 -4.40 -46.92 -16.17
C LEU F 105 -5.06 -45.80 -16.98
N PHE F 106 -5.62 -46.15 -18.17
CA PHE F 106 -6.32 -45.27 -19.09
C PHE F 106 -7.43 -44.49 -18.44
N HIS F 107 -8.31 -45.20 -17.69
CA HIS F 107 -9.44 -44.61 -16.97
C HIS F 107 -8.95 -43.60 -15.95
N HIS F 108 -7.99 -44.00 -15.10
CA HIS F 108 -7.43 -43.14 -14.08
C HIS F 108 -6.59 -41.96 -14.63
N ILE F 109 -6.09 -42.06 -15.89
CA ILE F 109 -5.35 -40.99 -16.57
C ILE F 109 -6.37 -39.98 -17.10
N SER F 110 -7.57 -40.44 -17.49
CA SER F 110 -8.63 -39.58 -18.02
C SER F 110 -9.08 -38.48 -17.05
N LYS F 111 -9.12 -38.81 -15.74
CA LYS F 111 -9.51 -37.91 -14.64
C LYS F 111 -8.47 -36.81 -14.40
N LEU F 112 -7.20 -37.05 -14.78
CA LEU F 112 -6.08 -36.13 -14.62
C LEU F 112 -6.28 -34.75 -15.26
N ASP F 113 -5.44 -33.79 -14.86
CA ASP F 113 -5.49 -32.39 -15.32
C ASP F 113 -5.31 -32.13 -16.82
N GLY F 114 -4.77 -33.11 -17.57
CA GLY F 114 -4.56 -33.00 -19.01
C GLY F 114 -4.65 -34.34 -19.71
N GLY F 115 -5.17 -35.33 -18.96
CA GLY F 115 -5.35 -36.73 -19.31
C GLY F 115 -5.91 -37.13 -20.66
N VAL F 116 -7.15 -36.68 -21.03
CA VAL F 116 -7.79 -37.04 -22.30
C VAL F 116 -6.95 -36.61 -23.50
N ARG F 117 -6.36 -35.40 -23.42
CA ARG F 117 -5.44 -34.85 -24.41
C ARG F 117 -4.28 -35.86 -24.53
N PHE F 118 -3.58 -36.13 -23.40
CA PHE F 118 -2.49 -37.09 -23.27
C PHE F 118 -2.82 -38.44 -23.92
N LEU F 119 -4.00 -39.02 -23.58
CA LEU F 119 -4.46 -40.32 -24.09
C LEU F 119 -4.60 -40.35 -25.59
N VAL F 120 -5.02 -39.21 -26.20
CA VAL F 120 -5.15 -39.03 -27.65
C VAL F 120 -3.76 -39.15 -28.26
N GLN F 121 -2.80 -38.35 -27.74
CA GLN F 121 -1.39 -38.34 -28.15
C GLN F 121 -0.75 -39.72 -28.00
N LEU F 122 -1.15 -40.46 -26.95
CA LEU F 122 -0.68 -41.83 -26.69
C LEU F 122 -1.15 -42.78 -27.81
N ARG F 123 -2.44 -42.69 -28.20
CA ARG F 123 -3.03 -43.50 -29.28
C ARG F 123 -2.29 -43.27 -30.59
N ALA F 124 -2.04 -41.98 -30.95
CA ALA F 124 -1.30 -41.57 -32.15
C ALA F 124 0.02 -42.35 -32.25
N ASP F 125 0.78 -42.39 -31.14
CA ASP F 125 2.04 -43.11 -31.01
C ASP F 125 1.88 -44.59 -31.24
N LEU F 126 0.81 -45.20 -30.67
CA LEU F 126 0.49 -46.63 -30.80
C LEU F 126 0.17 -47.01 -32.26
N LEU F 127 -0.50 -46.11 -33.00
CA LEU F 127 -0.84 -46.31 -34.41
C LEU F 127 0.38 -46.14 -35.29
N GLU F 128 1.31 -45.24 -34.88
CA GLU F 128 2.58 -44.97 -35.55
C GLU F 128 3.49 -46.17 -35.33
N ALA F 129 3.65 -46.59 -34.05
CA ALA F 129 4.45 -47.72 -33.61
C ALA F 129 4.06 -49.01 -34.35
N GLN F 130 2.78 -49.13 -34.74
CA GLN F 130 2.31 -50.27 -35.53
C GLN F 130 2.67 -50.06 -37.00
N ALA F 131 2.30 -48.90 -37.60
CA ALA F 131 2.57 -48.53 -39.00
C ALA F 131 4.06 -48.43 -39.37
N LEU F 132 4.95 -48.67 -38.39
CA LEU F 132 6.40 -48.65 -38.53
C LEU F 132 6.97 -49.96 -37.99
N LYS F 133 6.14 -51.04 -37.98
CA LYS F 133 6.45 -52.38 -37.47
C LYS F 133 7.42 -52.32 -36.27
N LEU F 134 7.16 -51.35 -35.36
CA LEU F 134 7.98 -51.12 -34.17
C LEU F 134 7.45 -51.94 -33.01
N VAL F 135 6.16 -52.33 -33.08
CA VAL F 135 5.43 -53.16 -32.13
C VAL F 135 4.40 -54.02 -32.85
N GLU F 136 4.68 -55.32 -32.92
CA GLU F 136 3.80 -56.31 -33.54
C GLU F 136 3.22 -57.11 -32.39
N GLY F 137 2.21 -57.92 -32.67
CA GLY F 137 1.63 -58.77 -31.64
C GLY F 137 0.16 -58.56 -31.31
N PRO F 138 -0.53 -59.65 -30.94
CA PRO F 138 -1.95 -59.55 -30.55
C PRO F 138 -2.21 -58.76 -29.26
N ASP F 139 -1.18 -58.59 -28.39
CA ASP F 139 -1.29 -57.86 -27.13
C ASP F 139 -1.45 -56.38 -27.37
N VAL F 140 -0.65 -55.81 -28.30
CA VAL F 140 -0.72 -54.41 -28.72
C VAL F 140 -2.04 -54.18 -29.47
N ARG F 141 -2.47 -55.22 -30.22
CA ARG F 141 -3.72 -55.24 -30.99
C ARG F 141 -4.89 -55.17 -30.04
N GLU F 142 -4.81 -55.94 -28.92
CA GLU F 142 -5.82 -55.98 -27.84
C GLU F 142 -5.87 -54.61 -27.17
N MET F 143 -4.68 -54.07 -26.80
CA MET F 143 -4.49 -52.76 -26.16
C MET F 143 -4.97 -51.59 -27.02
N ASN F 144 -4.82 -51.70 -28.35
CA ASN F 144 -5.27 -50.66 -29.30
C ASN F 144 -6.78 -50.55 -29.29
N GLY F 145 -7.46 -51.68 -29.46
CA GLY F 145 -8.91 -51.82 -29.47
C GLY F 145 -9.60 -51.35 -28.20
N VAL F 146 -8.93 -51.54 -27.04
CA VAL F 146 -9.42 -51.12 -25.71
C VAL F 146 -9.34 -49.58 -25.60
N LEU F 147 -8.26 -48.98 -26.12
CA LEU F 147 -8.04 -47.54 -26.09
C LEU F 147 -8.99 -46.79 -27.02
N LYS F 148 -9.25 -47.37 -28.21
CA LYS F 148 -10.16 -46.82 -29.23
C LYS F 148 -11.57 -46.71 -28.64
N GLY F 149 -12.05 -47.83 -28.07
CA GLY F 149 -13.35 -47.96 -27.40
C GLY F 149 -13.57 -46.93 -26.31
N MET F 150 -12.54 -46.69 -25.46
CA MET F 150 -12.57 -45.68 -24.39
C MET F 150 -12.68 -44.30 -25.01
N LEU F 151 -11.82 -43.99 -26.01
CA LEU F 151 -11.81 -42.73 -26.75
C LEU F 151 -13.10 -42.48 -27.54
N SER F 152 -13.83 -43.55 -27.93
CA SER F 152 -15.11 -43.45 -28.65
C SER F 152 -16.24 -42.89 -27.78
N GLU F 153 -16.20 -43.17 -26.47
CA GLU F 153 -17.21 -42.69 -25.52
C GLU F 153 -16.96 -41.25 -25.05
N TRP F 154 -15.70 -40.77 -25.16
CA TRP F 154 -15.30 -39.42 -24.76
C TRP F 154 -15.40 -38.42 -25.90
N PHE F 155 -15.49 -38.93 -27.14
CA PHE F 155 -15.60 -38.11 -28.34
C PHE F 155 -16.86 -38.53 -29.09
N SER F 156 -17.98 -38.54 -28.35
CA SER F 156 -19.28 -38.89 -28.85
C SER F 156 -20.14 -37.64 -28.78
N SER F 157 -20.47 -37.06 -29.95
CA SER F 157 -21.33 -35.87 -30.15
C SER F 157 -21.64 -35.05 -28.89
N GLY F 158 -22.37 -35.67 -27.96
CA GLY F 158 -22.77 -35.12 -26.67
C GLY F 158 -21.65 -34.63 -25.78
N PHE F 159 -20.38 -34.81 -26.22
CA PHE F 159 -19.17 -34.38 -25.51
C PHE F 159 -18.43 -33.30 -26.29
N LEU F 160 -19.04 -32.82 -27.40
CA LEU F 160 -18.42 -31.83 -28.26
C LEU F 160 -19.28 -30.58 -28.44
N ASN F 161 -18.62 -29.43 -28.60
CA ASN F 161 -19.30 -28.16 -28.81
C ASN F 161 -19.25 -27.84 -30.28
N LEU F 162 -20.23 -27.10 -30.77
CA LEU F 162 -20.23 -26.66 -32.15
C LEU F 162 -19.96 -25.18 -32.09
N GLU F 163 -18.71 -24.79 -32.36
CA GLU F 163 -18.31 -23.40 -32.34
C GLU F 163 -18.24 -22.85 -33.74
N ARG F 164 -18.62 -21.58 -33.89
CA ARG F 164 -18.60 -20.90 -35.16
C ARG F 164 -17.48 -19.89 -35.21
N VAL F 165 -16.78 -19.84 -36.35
CA VAL F 165 -15.73 -18.89 -36.61
C VAL F 165 -16.31 -17.84 -37.53
N THR F 166 -16.11 -16.59 -37.19
CA THR F 166 -16.51 -15.43 -37.99
C THR F 166 -15.33 -14.47 -37.92
N TRP F 167 -15.51 -13.25 -38.43
CA TRP F 167 -14.51 -12.21 -38.34
C TRP F 167 -14.49 -11.58 -36.95
N HIS F 168 -15.53 -11.87 -36.14
CA HIS F 168 -15.62 -11.40 -34.75
C HIS F 168 -14.85 -12.33 -33.81
N SER F 169 -14.47 -13.52 -34.31
CA SER F 169 -13.68 -14.48 -33.54
C SER F 169 -12.26 -13.96 -33.30
N PRO F 170 -11.59 -14.32 -32.18
CA PRO F 170 -10.22 -13.85 -31.94
C PRO F 170 -9.26 -14.32 -33.01
N CYS F 171 -8.15 -13.57 -33.19
CA CYS F 171 -7.11 -13.88 -34.16
C CYS F 171 -6.47 -15.23 -33.84
N GLU F 172 -6.20 -15.50 -32.54
CA GLU F 172 -5.65 -16.77 -32.01
C GLU F 172 -6.39 -17.96 -32.65
N VAL F 173 -7.74 -17.88 -32.67
CA VAL F 173 -8.67 -18.87 -33.26
C VAL F 173 -8.48 -19.00 -34.78
N LEU F 174 -8.40 -17.86 -35.50
CA LEU F 174 -8.21 -17.84 -36.96
C LEU F 174 -6.85 -18.43 -37.35
N GLN F 175 -5.82 -18.16 -36.52
CA GLN F 175 -4.48 -18.70 -36.69
C GLN F 175 -4.49 -20.22 -36.50
N LYS F 176 -5.29 -20.74 -35.55
CA LYS F 176 -5.42 -22.18 -35.31
C LYS F 176 -6.07 -22.88 -36.52
N ILE F 177 -7.15 -22.29 -37.09
CA ILE F 177 -7.86 -22.82 -38.26
C ILE F 177 -7.00 -22.81 -39.52
N SER F 178 -6.20 -21.74 -39.72
CA SER F 178 -5.29 -21.61 -40.87
C SER F 178 -4.27 -22.75 -40.83
N GLU F 179 -3.62 -22.94 -39.65
CA GLU F 179 -2.61 -23.96 -39.40
C GLU F 179 -3.15 -25.37 -39.63
N ALA F 180 -4.28 -25.72 -38.97
CA ALA F 180 -4.92 -27.04 -39.08
C ALA F 180 -5.70 -27.26 -40.40
N GLU F 181 -5.57 -26.33 -41.38
CA GLU F 181 -6.22 -26.45 -42.70
C GLU F 181 -5.56 -27.57 -43.52
N ALA F 182 -6.35 -28.63 -43.82
CA ALA F 182 -5.89 -29.87 -44.47
C ALA F 182 -6.34 -30.22 -45.91
N VAL F 183 -7.43 -29.63 -46.45
CA VAL F 183 -7.91 -29.98 -47.80
C VAL F 183 -7.43 -29.00 -48.90
N HIS F 184 -7.59 -27.68 -48.66
CA HIS F 184 -7.16 -26.62 -49.58
C HIS F 184 -6.49 -25.45 -48.81
N PRO F 185 -5.14 -25.49 -48.61
CA PRO F 185 -4.44 -24.41 -47.86
C PRO F 185 -4.88 -22.97 -48.15
N VAL F 186 -5.10 -22.19 -47.07
CA VAL F 186 -5.52 -20.78 -47.13
C VAL F 186 -4.39 -19.91 -47.71
N LYS F 187 -4.70 -19.19 -48.82
CA LYS F 187 -3.79 -18.32 -49.57
C LYS F 187 -3.18 -17.13 -48.78
N ASN F 188 -3.99 -16.14 -48.37
CA ASN F 188 -3.53 -14.96 -47.62
C ASN F 188 -4.58 -14.58 -46.57
N TRP F 189 -4.40 -13.48 -45.81
CA TRP F 189 -5.36 -13.07 -44.80
C TRP F 189 -6.64 -12.55 -45.41
N MET F 190 -6.52 -11.70 -46.48
CA MET F 190 -7.64 -11.13 -47.25
C MET F 190 -8.54 -12.30 -47.69
N ASP F 191 -7.91 -13.48 -47.92
CA ASP F 191 -8.59 -14.73 -48.25
C ASP F 191 -9.32 -15.28 -47.03
N MET F 192 -8.63 -15.44 -45.87
CA MET F 192 -9.25 -15.96 -44.64
C MET F 192 -10.54 -15.19 -44.29
N LYS F 193 -10.55 -13.84 -44.49
CA LYS F 193 -11.73 -12.99 -44.27
C LYS F 193 -12.91 -13.45 -45.13
N ARG F 194 -12.64 -13.80 -46.42
CA ARG F 194 -13.64 -14.27 -47.38
C ARG F 194 -14.26 -15.61 -46.97
N ARG F 195 -13.43 -16.55 -46.46
CA ARG F 195 -13.84 -17.90 -46.06
C ARG F 195 -14.77 -17.98 -44.83
N VAL F 196 -14.88 -16.88 -44.07
CA VAL F 196 -15.72 -16.74 -42.86
C VAL F 196 -16.68 -15.54 -43.05
N GLY F 197 -16.84 -15.11 -44.30
CA GLY F 197 -17.66 -13.96 -44.66
C GLY F 197 -19.02 -14.28 -45.24
N PRO F 198 -19.59 -13.36 -46.05
CA PRO F 198 -20.89 -13.61 -46.68
C PRO F 198 -20.84 -14.81 -47.63
N TYR F 199 -21.86 -15.69 -47.54
CA TYR F 199 -22.04 -16.92 -48.32
C TYR F 199 -21.10 -18.08 -47.96
N ARG F 200 -20.39 -17.96 -46.83
CA ARG F 200 -19.46 -18.98 -46.34
C ARG F 200 -19.61 -19.14 -44.85
N ARG F 201 -19.66 -20.39 -44.37
CA ARG F 201 -19.75 -20.71 -42.96
C ARG F 201 -18.61 -21.63 -42.55
N CYS F 202 -17.99 -21.31 -41.42
CA CYS F 202 -16.86 -22.05 -40.88
C CYS F 202 -17.12 -22.44 -39.44
N TYR F 203 -17.11 -23.77 -39.19
CA TYR F 203 -17.36 -24.34 -37.87
C TYR F 203 -16.28 -25.30 -37.43
N PHE F 204 -16.27 -25.59 -36.14
CA PHE F 204 -15.39 -26.57 -35.53
C PHE F 204 -16.01 -27.19 -34.31
N PHE F 205 -15.58 -28.40 -34.01
CA PHE F 205 -16.02 -29.14 -32.85
C PHE F 205 -14.89 -29.17 -31.86
N SER F 206 -15.18 -28.78 -30.63
CA SER F 206 -14.22 -28.75 -29.55
C SER F 206 -14.73 -29.64 -28.44
N HIS F 207 -13.81 -30.23 -27.66
CA HIS F 207 -14.26 -31.02 -26.51
C HIS F 207 -14.78 -30.02 -25.49
N CYS F 208 -15.92 -30.34 -24.84
CA CYS F 208 -16.56 -29.48 -23.84
C CYS F 208 -15.58 -29.03 -22.75
N SER F 209 -14.70 -29.96 -22.29
CA SER F 209 -13.67 -29.73 -21.27
C SER F 209 -12.59 -28.73 -21.69
N THR F 210 -12.17 -28.78 -22.98
CA THR F 210 -11.21 -27.86 -23.56
C THR F 210 -11.93 -27.07 -24.66
N PRO F 211 -12.88 -26.14 -24.35
CA PRO F 211 -13.52 -25.38 -25.42
C PRO F 211 -12.53 -24.38 -26.02
N GLY F 212 -12.66 -24.16 -27.32
CA GLY F 212 -11.76 -23.27 -28.02
C GLY F 212 -10.63 -24.01 -28.72
N GLU F 213 -10.26 -25.21 -28.21
CA GLU F 213 -9.26 -26.06 -28.83
C GLU F 213 -9.99 -26.93 -29.86
N PRO F 214 -9.84 -26.63 -31.16
CA PRO F 214 -10.58 -27.39 -32.18
C PRO F 214 -10.07 -28.79 -32.48
N LEU F 215 -11.00 -29.67 -32.85
CA LEU F 215 -10.68 -31.05 -33.16
C LEU F 215 -10.95 -31.36 -34.62
N VAL F 216 -11.90 -30.63 -35.23
CA VAL F 216 -12.33 -30.81 -36.60
C VAL F 216 -12.98 -29.55 -37.18
N VAL F 217 -12.41 -29.03 -38.29
CA VAL F 217 -12.83 -27.80 -38.99
C VAL F 217 -13.66 -28.10 -40.24
N LEU F 218 -14.89 -27.58 -40.28
CA LEU F 218 -15.80 -27.79 -41.41
C LEU F 218 -16.05 -26.44 -42.11
N HIS F 219 -15.69 -26.35 -43.40
CA HIS F 219 -15.92 -25.15 -44.20
C HIS F 219 -17.12 -25.43 -45.09
N VAL F 220 -18.08 -24.48 -45.14
CA VAL F 220 -19.34 -24.60 -45.87
C VAL F 220 -19.57 -23.42 -46.82
N ALA F 221 -19.92 -23.71 -48.08
CA ALA F 221 -20.26 -22.71 -49.08
C ALA F 221 -21.77 -22.72 -49.30
N LEU F 222 -22.44 -21.58 -49.02
CA LEU F 222 -23.88 -21.38 -49.20
C LEU F 222 -24.11 -20.97 -50.64
N THR F 223 -24.92 -21.75 -51.37
CA THR F 223 -25.07 -21.62 -52.82
C THR F 223 -26.50 -21.74 -53.43
N GLY F 224 -26.56 -21.57 -54.75
CA GLY F 224 -27.74 -21.69 -55.59
C GLY F 224 -27.92 -23.07 -56.24
N ASP F 225 -26.87 -23.92 -56.21
CA ASP F 225 -26.88 -25.29 -56.80
C ASP F 225 -25.80 -26.19 -56.17
N ILE F 226 -25.75 -27.47 -56.57
CA ILE F 226 -24.70 -28.37 -56.10
C ILE F 226 -23.42 -28.04 -56.88
N SER F 227 -22.42 -27.45 -56.18
CA SER F 227 -21.14 -27.05 -56.74
C SER F 227 -20.36 -28.20 -57.39
N SER F 228 -19.58 -27.87 -58.43
CA SER F 228 -18.83 -28.84 -59.23
C SER F 228 -17.38 -28.40 -59.47
N ASN F 229 -17.02 -27.21 -59.00
CA ASN F 229 -15.69 -26.65 -59.18
C ASN F 229 -15.23 -25.98 -57.89
N ILE F 230 -14.05 -26.40 -57.38
CA ILE F 230 -13.47 -25.86 -56.15
C ILE F 230 -13.01 -24.41 -56.31
N GLN F 231 -12.39 -24.08 -57.48
CA GLN F 231 -11.89 -22.73 -57.77
C GLN F 231 -13.04 -21.75 -57.72
N ALA F 232 -14.20 -22.13 -58.32
CA ALA F 232 -15.44 -21.35 -58.34
C ALA F 232 -15.94 -20.98 -56.93
N ILE F 233 -15.35 -21.58 -55.86
CA ILE F 233 -15.70 -21.27 -54.47
C ILE F 233 -14.69 -20.29 -53.85
N VAL F 234 -13.42 -20.72 -53.78
CA VAL F 234 -12.33 -19.98 -53.13
C VAL F 234 -11.92 -18.68 -53.85
N LYS F 235 -11.99 -18.68 -55.18
CA LYS F 235 -11.60 -17.52 -55.98
C LYS F 235 -12.74 -16.53 -56.27
N GLU F 236 -13.85 -16.63 -55.49
CA GLU F 236 -15.00 -15.74 -55.62
C GLU F 236 -14.98 -14.65 -54.57
N HIS F 237 -15.15 -13.40 -55.00
CA HIS F 237 -15.31 -12.26 -54.10
C HIS F 237 -16.72 -11.80 -54.38
N PRO F 238 -17.65 -11.96 -53.41
CA PRO F 238 -19.03 -11.51 -53.65
C PRO F 238 -19.16 -9.99 -53.57
N PRO F 239 -20.36 -9.35 -53.74
CA PRO F 239 -20.41 -7.89 -53.66
C PRO F 239 -20.45 -7.40 -52.21
N SER F 240 -20.07 -8.26 -51.22
CA SER F 240 -20.05 -8.02 -49.75
C SER F 240 -21.43 -7.73 -49.14
N GLU F 241 -22.45 -7.49 -49.99
CA GLU F 241 -23.83 -7.21 -49.60
C GLU F 241 -24.32 -8.37 -48.75
N THR F 242 -24.79 -8.07 -47.51
CA THR F 242 -25.26 -9.08 -46.55
C THR F 242 -26.12 -10.10 -47.24
N GLU F 243 -25.72 -11.38 -47.10
CA GLU F 243 -26.32 -12.58 -47.66
C GLU F 243 -27.78 -12.40 -48.04
N GLU F 244 -28.07 -12.48 -49.34
CA GLU F 244 -29.46 -12.45 -49.82
C GLU F 244 -29.93 -13.81 -49.37
N LYS F 245 -30.83 -13.88 -48.38
CA LYS F 245 -31.32 -15.15 -47.82
C LYS F 245 -32.04 -15.99 -48.87
N ASN F 246 -32.77 -15.32 -49.78
CA ASN F 246 -33.56 -15.90 -50.85
C ASN F 246 -32.78 -16.75 -51.86
N LYS F 247 -31.60 -16.26 -52.29
CA LYS F 247 -30.72 -16.94 -53.26
C LYS F 247 -29.88 -18.13 -52.73
N ILE F 248 -30.24 -18.69 -51.56
CA ILE F 248 -29.53 -19.82 -50.99
C ILE F 248 -30.39 -21.10 -51.06
N THR F 249 -30.11 -21.93 -52.06
CA THR F 249 -30.81 -23.18 -52.31
C THR F 249 -30.18 -24.35 -51.51
N ALA F 250 -28.84 -24.48 -51.58
CA ALA F 250 -28.10 -25.59 -51.01
C ALA F 250 -26.87 -25.22 -50.16
N ALA F 251 -26.36 -26.21 -49.41
CA ALA F 251 -25.15 -26.10 -48.58
C ALA F 251 -24.13 -27.12 -49.07
N ILE F 252 -22.88 -26.66 -49.31
CA ILE F 252 -21.77 -27.48 -49.80
C ILE F 252 -20.63 -27.51 -48.78
N PHE F 253 -20.08 -28.72 -48.51
CA PHE F 253 -18.95 -28.92 -47.63
C PHE F 253 -17.67 -29.08 -48.48
N TYR F 254 -16.84 -28.03 -48.54
CA TYR F 254 -15.64 -28.05 -49.38
C TYR F 254 -14.28 -28.39 -48.71
N SER F 255 -14.24 -28.41 -47.37
CA SER F 255 -13.07 -28.77 -46.58
C SER F 255 -13.52 -29.33 -45.24
N ILE F 256 -12.89 -30.44 -44.84
CA ILE F 256 -13.08 -31.12 -43.57
C ILE F 256 -11.69 -31.54 -43.10
N SER F 257 -11.29 -31.03 -41.93
CA SER F 257 -9.98 -31.28 -41.34
C SER F 257 -10.00 -31.88 -39.96
N LEU F 258 -9.38 -33.06 -39.80
CA LEU F 258 -9.22 -33.65 -38.47
C LEU F 258 -7.91 -33.03 -37.92
N THR F 259 -8.00 -32.31 -36.79
CA THR F 259 -6.89 -31.59 -36.15
C THR F 259 -5.93 -32.50 -35.37
N GLN F 260 -6.46 -33.56 -34.76
CA GLN F 260 -5.64 -34.43 -33.95
C GLN F 260 -5.59 -35.82 -34.53
N GLN F 261 -4.38 -36.28 -34.83
CA GLN F 261 -4.18 -37.61 -35.40
C GLN F 261 -4.44 -38.77 -34.43
N GLY F 262 -4.51 -38.48 -33.13
CA GLY F 262 -4.82 -39.46 -32.09
C GLY F 262 -6.25 -39.99 -32.17
N LEU F 263 -7.17 -39.16 -32.69
CA LEU F 263 -8.59 -39.49 -32.85
C LEU F 263 -9.02 -40.08 -34.19
N GLN F 264 -8.06 -40.60 -34.99
CA GLN F 264 -8.32 -41.21 -36.31
C GLN F 264 -9.35 -42.36 -36.23
N GLY F 265 -10.52 -42.11 -36.81
CA GLY F 265 -11.64 -43.04 -36.88
C GLY F 265 -12.13 -43.65 -35.58
N VAL F 266 -12.32 -42.83 -34.52
CA VAL F 266 -12.87 -43.27 -33.22
C VAL F 266 -14.36 -42.97 -33.27
N GLU F 267 -14.66 -41.76 -33.80
CA GLU F 267 -15.97 -41.18 -34.01
C GLU F 267 -16.62 -41.86 -35.22
N LEU F 268 -17.77 -41.38 -35.68
CA LEU F 268 -18.44 -41.95 -36.84
C LEU F 268 -18.36 -40.94 -37.99
N GLY F 269 -18.87 -39.75 -37.74
CA GLY F 269 -18.90 -38.65 -38.70
C GLY F 269 -20.28 -38.07 -38.92
N THR F 270 -21.34 -38.91 -38.81
CA THR F 270 -22.76 -38.55 -38.96
C THR F 270 -23.09 -37.20 -38.30
N PHE F 271 -22.99 -37.17 -36.95
CA PHE F 271 -23.30 -35.99 -36.13
C PHE F 271 -22.55 -34.74 -36.55
N LEU F 272 -21.25 -34.88 -36.93
CA LEU F 272 -20.39 -33.77 -37.37
C LEU F 272 -21.14 -32.97 -38.42
N ILE F 273 -21.71 -33.68 -39.42
CA ILE F 273 -22.52 -33.11 -40.50
C ILE F 273 -23.88 -32.63 -39.98
N LYS F 274 -24.77 -33.58 -39.62
CA LYS F 274 -26.14 -33.34 -39.16
C LYS F 274 -26.34 -32.27 -38.10
N ARG F 275 -25.30 -32.02 -37.28
CA ARG F 275 -25.35 -30.98 -36.26
C ARG F 275 -25.15 -29.60 -36.85
N VAL F 276 -24.28 -29.50 -37.88
CA VAL F 276 -23.99 -28.26 -38.64
C VAL F 276 -25.23 -27.97 -39.49
N VAL F 277 -25.91 -29.05 -39.95
CA VAL F 277 -27.12 -29.00 -40.77
C VAL F 277 -28.26 -28.31 -40.02
N LYS F 278 -28.62 -28.80 -38.81
CA LYS F 278 -29.66 -28.25 -37.93
C LYS F 278 -29.31 -26.80 -37.61
N GLU F 279 -28.00 -26.56 -37.34
CA GLU F 279 -27.39 -25.26 -37.06
C GLU F 279 -27.65 -24.28 -38.20
N LEU F 280 -27.40 -24.70 -39.46
CA LEU F 280 -27.64 -23.89 -40.66
C LEU F 280 -29.13 -23.65 -40.81
N GLN F 281 -29.93 -24.74 -40.88
CA GLN F 281 -31.40 -24.77 -41.02
C GLN F 281 -32.15 -23.75 -40.18
N ARG F 282 -31.62 -23.44 -38.98
CA ARG F 282 -32.20 -22.46 -38.06
C ARG F 282 -32.22 -21.06 -38.71
N GLU F 283 -31.14 -20.72 -39.41
CA GLU F 283 -30.95 -19.46 -40.13
C GLU F 283 -31.64 -19.49 -41.50
N PHE F 284 -31.60 -20.66 -42.19
CA PHE F 284 -32.21 -20.84 -43.51
C PHE F 284 -33.22 -22.00 -43.47
N PRO F 285 -34.45 -21.76 -42.92
CA PRO F 285 -35.43 -22.85 -42.80
C PRO F 285 -35.72 -23.64 -44.08
N HIS F 286 -35.88 -22.93 -45.20
CA HIS F 286 -36.21 -23.49 -46.51
C HIS F 286 -35.00 -24.07 -47.29
N LEU F 287 -33.87 -24.25 -46.59
CA LEU F 287 -32.64 -24.83 -47.13
C LEU F 287 -32.78 -26.36 -46.98
N GLY F 288 -32.65 -27.10 -48.09
CA GLY F 288 -32.85 -28.53 -48.08
C GLY F 288 -31.90 -29.44 -48.84
N VAL F 289 -30.96 -28.89 -49.62
CA VAL F 289 -30.00 -29.71 -50.39
C VAL F 289 -28.63 -29.67 -49.71
N PHE F 290 -28.04 -30.85 -49.43
CA PHE F 290 -26.75 -30.96 -48.73
C PHE F 290 -25.80 -31.93 -49.38
N SER F 291 -24.56 -31.51 -49.58
CA SER F 291 -23.50 -32.33 -50.16
C SER F 291 -22.13 -31.76 -49.88
N SER F 292 -21.12 -32.61 -50.02
CA SER F 292 -19.74 -32.24 -49.87
C SER F 292 -19.15 -32.13 -51.27
N LEU F 293 -18.02 -31.44 -51.39
CA LEU F 293 -17.21 -31.34 -52.60
C LEU F 293 -15.84 -31.75 -52.11
N SER F 294 -15.64 -33.08 -52.14
CA SER F 294 -14.47 -33.75 -51.61
C SER F 294 -13.35 -34.03 -52.61
N PRO F 295 -12.07 -34.12 -52.15
CA PRO F 295 -11.00 -34.48 -53.07
C PRO F 295 -10.93 -36.01 -53.21
N ILE F 296 -10.07 -36.49 -54.10
CA ILE F 296 -9.85 -37.93 -54.28
C ILE F 296 -8.34 -38.24 -54.07
N PRO F 297 -7.77 -38.06 -52.84
CA PRO F 297 -6.34 -38.37 -52.66
C PRO F 297 -6.08 -39.87 -52.81
N GLY F 298 -4.96 -40.21 -53.43
CA GLY F 298 -4.57 -41.58 -53.71
C GLY F 298 -5.01 -42.08 -55.07
N PHE F 299 -5.69 -41.21 -55.86
CA PHE F 299 -6.16 -41.56 -57.20
C PHE F 299 -5.03 -41.67 -58.23
N THR F 300 -4.35 -40.55 -58.57
CA THR F 300 -3.26 -40.54 -59.57
C THR F 300 -2.21 -41.62 -59.31
N LYS F 301 -1.85 -41.85 -58.03
CA LYS F 301 -0.88 -42.89 -57.63
C LYS F 301 -1.40 -44.28 -58.00
N TRP F 302 -2.70 -44.55 -57.71
CA TRP F 302 -3.37 -45.82 -58.03
C TRP F 302 -3.39 -46.06 -59.54
N LEU F 303 -3.53 -44.98 -60.34
CA LEU F 303 -3.53 -45.09 -61.80
C LEU F 303 -2.16 -45.49 -62.30
N LEU F 304 -1.10 -44.74 -61.90
CA LEU F 304 0.29 -44.98 -62.26
C LEU F 304 0.76 -46.35 -61.79
N GLY F 305 0.30 -46.77 -60.62
CA GLY F 305 0.58 -48.08 -60.03
C GLY F 305 0.14 -49.20 -60.93
N LEU F 306 -1.06 -49.05 -61.52
CA LEU F 306 -1.64 -50.00 -62.48
C LEU F 306 -1.03 -49.83 -63.83
N LEU F 307 -0.82 -48.57 -64.28
CA LEU F 307 -0.19 -48.22 -65.55
C LEU F 307 1.24 -48.67 -65.45
N ASN F 308 1.41 -50.00 -65.44
CA ASN F 308 2.60 -50.80 -65.27
C ASN F 308 2.25 -52.30 -65.40
N SER F 309 2.59 -52.97 -66.53
CA SER F 309 3.28 -52.41 -67.70
C SER F 309 2.92 -53.19 -68.97
N ASN F 317 -2.60 -50.69 -72.34
CA ASN F 317 -3.70 -51.23 -73.12
C ASN F 317 -4.50 -52.20 -72.24
N GLU F 318 -5.44 -51.63 -71.45
CA GLU F 318 -6.33 -52.34 -70.52
C GLU F 318 -7.36 -51.42 -69.89
N LEU F 319 -6.97 -50.16 -69.63
CA LEU F 319 -7.84 -49.16 -69.03
C LEU F 319 -8.50 -48.29 -70.12
N PHE F 320 -8.16 -48.54 -71.38
CA PHE F 320 -8.61 -47.75 -72.53
C PHE F 320 -9.19 -48.60 -73.64
N THR F 321 -9.92 -47.94 -74.53
CA THR F 321 -10.54 -48.50 -75.73
C THR F 321 -9.41 -48.46 -76.77
N ASP F 322 -9.64 -49.08 -77.94
CA ASP F 322 -8.73 -49.02 -79.07
C ASP F 322 -8.87 -47.63 -79.68
N SER F 323 -10.13 -47.16 -79.87
CA SER F 323 -10.45 -45.83 -80.39
C SER F 323 -9.85 -44.71 -79.55
N GLU F 324 -9.77 -44.91 -78.22
CA GLU F 324 -9.15 -43.96 -77.29
C GLU F 324 -7.64 -44.09 -77.33
N CYS F 325 -7.13 -45.36 -77.47
CA CYS F 325 -5.70 -45.68 -77.56
C CYS F 325 -5.12 -45.06 -78.82
N LYS F 326 -5.84 -45.20 -79.96
CA LYS F 326 -5.47 -44.65 -81.27
C LYS F 326 -5.39 -43.13 -81.21
N GLU F 327 -6.34 -42.51 -80.49
CA GLU F 327 -6.46 -41.07 -80.31
C GLU F 327 -5.37 -40.43 -79.44
N ILE F 328 -5.23 -40.84 -78.15
CA ILE F 328 -4.23 -40.31 -77.20
C ILE F 328 -2.86 -40.24 -77.87
N SER F 329 -2.43 -41.38 -78.45
CA SER F 329 -1.16 -41.54 -79.16
C SER F 329 -1.05 -40.61 -80.37
N GLU F 330 -2.16 -40.39 -81.11
CA GLU F 330 -2.19 -39.46 -82.26
C GLU F 330 -1.97 -38.02 -81.76
N ILE F 331 -2.44 -37.71 -80.54
CA ILE F 331 -2.27 -36.40 -79.91
C ILE F 331 -0.83 -36.23 -79.42
N THR F 332 -0.31 -37.21 -78.67
CA THR F 332 1.02 -37.20 -78.08
C THR F 332 2.15 -37.40 -79.09
N GLY F 333 2.13 -38.52 -79.80
CA GLY F 333 3.13 -38.92 -80.78
C GLY F 333 3.78 -40.25 -80.48
N GLY F 334 3.68 -40.71 -79.23
CA GLY F 334 4.27 -41.95 -78.76
C GLY F 334 3.33 -43.09 -78.40
N PRO F 335 3.89 -44.33 -78.20
CA PRO F 335 3.07 -45.51 -77.84
C PRO F 335 1.70 -45.30 -77.17
N ILE F 336 1.65 -45.11 -75.81
CA ILE F 336 0.44 -44.93 -74.96
C ILE F 336 0.76 -45.31 -73.51
N ASN F 337 1.19 -46.58 -73.29
CA ASN F 337 1.51 -47.10 -71.97
C ASN F 337 2.85 -46.64 -71.40
N GLU F 338 3.60 -45.90 -72.23
CA GLU F 338 4.85 -45.23 -71.88
C GLU F 338 4.50 -43.75 -71.91
N THR F 339 3.61 -43.35 -72.86
CA THR F 339 3.12 -41.99 -73.02
C THR F 339 2.39 -41.48 -71.77
N LEU F 340 1.17 -42.01 -71.49
CA LEU F 340 0.33 -41.64 -70.33
C LEU F 340 1.15 -41.57 -69.07
N LYS F 341 1.90 -42.65 -68.77
CA LYS F 341 2.78 -42.82 -67.61
C LYS F 341 3.57 -41.53 -67.32
N LEU F 342 4.23 -40.97 -68.35
CA LEU F 342 5.04 -39.75 -68.30
C LEU F 342 4.25 -38.48 -68.00
N LEU F 343 3.42 -38.00 -68.95
CA LEU F 343 2.60 -36.80 -68.82
C LEU F 343 1.58 -36.76 -67.67
N LEU F 344 1.10 -37.94 -67.22
CA LEU F 344 0.18 -38.02 -66.06
C LEU F 344 0.95 -37.78 -64.77
N SER F 345 2.18 -38.35 -64.67
CA SER F 345 3.07 -38.16 -63.53
C SER F 345 3.98 -36.97 -63.87
N SER F 346 3.37 -35.80 -64.07
CA SER F 346 4.05 -34.57 -64.44
C SER F 346 3.23 -33.33 -64.13
N SER F 347 1.88 -33.43 -64.25
CA SER F 347 0.89 -32.36 -64.08
C SER F 347 0.98 -31.32 -65.22
N GLU F 348 1.56 -31.72 -66.36
CA GLU F 348 1.76 -30.86 -67.53
C GLU F 348 0.75 -31.12 -68.65
N TRP F 349 0.12 -32.33 -68.67
CA TRP F 349 -0.88 -32.76 -69.68
C TRP F 349 -2.05 -31.78 -69.86
N VAL F 350 -2.45 -31.10 -68.76
CA VAL F 350 -3.54 -30.14 -68.68
C VAL F 350 -3.47 -28.99 -69.68
N GLN F 351 -2.24 -28.63 -70.09
CA GLN F 351 -1.94 -27.56 -71.04
C GLN F 351 -2.47 -27.79 -72.45
N SER F 352 -2.60 -29.06 -72.87
CA SER F 352 -3.14 -29.38 -74.19
C SER F 352 -4.64 -29.64 -74.10
N GLU F 353 -5.44 -28.66 -74.54
CA GLU F 353 -6.92 -28.73 -74.55
C GLU F 353 -7.41 -29.93 -75.37
N LYS F 354 -6.67 -30.29 -76.44
CA LYS F 354 -6.88 -31.44 -77.35
C LYS F 354 -6.89 -32.73 -76.52
N LEU F 355 -5.88 -32.83 -75.61
CA LEU F 355 -5.63 -33.94 -74.69
C LEU F 355 -6.62 -33.96 -73.50
N VAL F 356 -6.95 -32.77 -72.91
CA VAL F 356 -7.90 -32.58 -71.80
C VAL F 356 -9.25 -33.23 -72.15
N ARG F 357 -9.73 -32.93 -73.38
CA ARG F 357 -10.98 -33.42 -73.94
C ARG F 357 -11.03 -34.92 -74.18
N ALA F 358 -9.99 -35.49 -74.83
CA ALA F 358 -9.91 -36.91 -75.14
C ALA F 358 -9.78 -37.77 -73.89
N LEU F 359 -8.97 -37.32 -72.89
CA LEU F 359 -8.75 -38.01 -71.61
C LEU F 359 -9.99 -38.06 -70.72
N GLN F 360 -10.98 -37.14 -70.95
CA GLN F 360 -12.23 -37.04 -70.18
C GLN F 360 -13.01 -38.34 -69.94
N THR F 361 -13.61 -38.93 -71.00
CA THR F 361 -14.38 -40.19 -70.94
C THR F 361 -13.68 -41.31 -70.13
N PRO F 362 -12.44 -41.76 -70.50
CA PRO F 362 -11.83 -42.89 -69.79
C PRO F 362 -11.41 -42.66 -68.35
N LEU F 363 -10.91 -41.46 -68.02
CA LEU F 363 -10.47 -41.12 -66.67
C LEU F 363 -11.65 -41.09 -65.73
N MET F 364 -12.79 -40.52 -66.20
CA MET F 364 -14.05 -40.48 -65.45
C MET F 364 -14.50 -41.90 -65.14
N ARG F 365 -14.43 -42.78 -66.15
CA ARG F 365 -14.73 -44.21 -66.08
C ARG F 365 -13.82 -44.92 -65.06
N LEU F 366 -12.50 -44.67 -65.14
CA LEU F 366 -11.47 -45.22 -64.24
C LEU F 366 -11.67 -44.83 -62.79
N CYS F 367 -11.96 -43.54 -62.55
CA CYS F 367 -12.22 -42.93 -61.25
C CYS F 367 -13.46 -43.56 -60.62
N ALA F 368 -14.56 -43.69 -61.40
CA ALA F 368 -15.82 -44.28 -60.98
C ALA F 368 -15.63 -45.69 -60.43
N TRP F 369 -14.65 -46.44 -60.97
CA TRP F 369 -14.30 -47.77 -60.49
C TRP F 369 -13.57 -47.61 -59.17
N TYR F 370 -12.45 -46.83 -59.18
CA TYR F 370 -11.60 -46.53 -58.02
C TYR F 370 -12.36 -46.24 -56.72
N LEU F 371 -13.52 -45.57 -56.79
CA LEU F 371 -14.33 -45.23 -55.61
C LEU F 371 -15.26 -46.37 -55.22
N TYR F 372 -16.08 -46.82 -56.19
CA TYR F 372 -17.14 -47.81 -56.07
C TYR F 372 -16.73 -49.30 -56.16
N GLY F 373 -15.79 -49.64 -57.04
CA GLY F 373 -15.34 -51.01 -57.27
C GLY F 373 -14.12 -51.44 -56.48
N GLU F 374 -13.13 -50.54 -56.33
CA GLU F 374 -11.90 -50.81 -55.59
C GLU F 374 -12.16 -50.77 -54.10
N LYS F 375 -11.81 -51.88 -53.41
CA LYS F 375 -12.06 -52.04 -51.97
C LYS F 375 -10.78 -52.33 -51.18
N HIS F 376 -10.85 -52.14 -49.86
CA HIS F 376 -9.78 -52.47 -48.90
C HIS F 376 -10.52 -53.12 -47.74
N ARG F 377 -10.47 -54.47 -47.69
CA ARG F 377 -11.17 -55.31 -46.71
C ARG F 377 -12.69 -55.09 -46.90
N GLY F 378 -13.07 -54.95 -48.18
CA GLY F 378 -14.43 -54.68 -48.66
C GLY F 378 -15.05 -53.39 -48.19
N TYR F 379 -14.23 -52.36 -47.86
CA TYR F 379 -14.74 -51.10 -47.33
C TYR F 379 -14.38 -49.82 -48.06
N ALA F 380 -14.22 -49.85 -49.40
CA ALA F 380 -13.80 -48.70 -50.23
C ALA F 380 -12.34 -48.35 -49.92
N LEU F 381 -11.49 -48.37 -50.95
CA LEU F 381 -10.07 -48.10 -50.81
C LEU F 381 -9.79 -46.64 -50.40
N ASN F 382 -10.53 -45.69 -51.02
CA ASN F 382 -10.38 -44.26 -50.77
C ASN F 382 -10.87 -43.77 -49.39
N PRO F 383 -9.96 -43.22 -48.55
CA PRO F 383 -10.34 -42.75 -47.20
C PRO F 383 -11.49 -41.76 -47.15
N VAL F 384 -11.47 -40.70 -48.02
CA VAL F 384 -12.51 -39.66 -48.08
C VAL F 384 -13.86 -40.29 -48.39
N ALA F 385 -13.87 -41.24 -49.36
CA ALA F 385 -15.05 -42.00 -49.77
C ALA F 385 -15.61 -42.72 -48.56
N ASN F 386 -14.77 -43.52 -47.85
CA ASN F 386 -15.16 -44.25 -46.63
C ASN F 386 -15.86 -43.33 -45.64
N PHE F 387 -15.22 -42.20 -45.28
CA PHE F 387 -15.75 -41.21 -44.34
C PHE F 387 -17.18 -40.79 -44.63
N HIS F 388 -17.46 -40.32 -45.86
CA HIS F 388 -18.79 -39.88 -46.27
C HIS F 388 -19.75 -41.05 -46.41
N LEU F 389 -19.26 -42.20 -46.93
CA LEU F 389 -20.04 -43.42 -47.08
C LEU F 389 -20.53 -43.93 -45.73
N GLN F 390 -19.64 -43.88 -44.72
CA GLN F 390 -19.87 -44.26 -43.31
C GLN F 390 -21.06 -43.50 -42.75
N ASN F 391 -21.08 -42.17 -43.00
CA ASN F 391 -22.07 -41.24 -42.49
C ASN F 391 -23.45 -41.40 -43.16
N GLY F 392 -23.50 -42.11 -44.29
CA GLY F 392 -24.72 -42.37 -45.02
C GLY F 392 -24.89 -41.53 -46.27
N ALA F 393 -23.80 -40.88 -46.74
CA ALA F 393 -23.83 -40.04 -47.94
C ALA F 393 -23.90 -40.90 -49.19
N VAL F 394 -24.49 -40.36 -50.26
CA VAL F 394 -24.62 -41.04 -51.54
C VAL F 394 -23.45 -40.57 -52.39
N LEU F 395 -22.76 -41.52 -53.05
CA LEU F 395 -21.70 -41.23 -54.01
C LEU F 395 -22.49 -40.66 -55.20
N TRP F 396 -22.78 -39.36 -55.11
CA TRP F 396 -23.64 -38.65 -56.03
C TRP F 396 -23.14 -38.29 -57.41
N ARG F 397 -21.96 -37.68 -57.53
CA ARG F 397 -21.49 -37.27 -58.86
C ARG F 397 -19.98 -37.12 -58.94
N ILE F 398 -19.41 -37.55 -60.06
CA ILE F 398 -17.99 -37.40 -60.37
C ILE F 398 -17.87 -36.16 -61.25
N ASN F 399 -16.87 -35.31 -60.95
CA ASN F 399 -16.68 -34.05 -61.66
C ASN F 399 -15.36 -33.93 -62.40
N TRP F 400 -15.44 -33.61 -63.70
CA TRP F 400 -14.27 -33.41 -64.56
C TRP F 400 -13.70 -32.03 -64.31
N MET F 401 -12.36 -31.84 -64.50
CA MET F 401 -11.61 -30.60 -64.27
C MET F 401 -12.24 -29.76 -63.16
N ALA F 402 -12.49 -30.44 -62.02
CA ALA F 402 -13.13 -29.83 -60.87
C ALA F 402 -12.12 -29.03 -60.09
N ASP F 403 -10.88 -29.56 -59.98
CA ASP F 403 -9.77 -28.91 -59.28
C ASP F 403 -8.55 -28.79 -60.19
N VAL F 404 -8.39 -27.61 -60.80
CA VAL F 404 -7.29 -27.29 -61.72
C VAL F 404 -6.05 -26.69 -61.05
N SER F 405 -5.94 -26.80 -59.71
CA SER F 405 -4.78 -26.32 -58.98
C SER F 405 -3.70 -27.37 -59.17
N LEU F 406 -2.43 -27.01 -58.92
CA LEU F 406 -1.31 -27.96 -59.08
C LEU F 406 -1.50 -29.18 -58.16
N ARG F 407 -2.01 -28.96 -56.94
CA ARG F 407 -2.28 -29.99 -55.92
C ARG F 407 -3.35 -30.99 -56.35
N GLY F 408 -4.42 -30.48 -56.98
CA GLY F 408 -5.54 -31.26 -57.49
C GLY F 408 -5.16 -32.17 -58.64
N ILE F 409 -4.54 -31.58 -59.71
CA ILE F 409 -4.07 -32.29 -60.92
C ILE F 409 -3.14 -33.45 -60.57
N THR F 410 -2.25 -33.23 -59.59
CA THR F 410 -1.31 -34.24 -59.12
C THR F 410 -2.02 -35.37 -58.41
N GLY F 411 -2.69 -35.05 -57.29
CA GLY F 411 -3.41 -36.00 -56.46
C GLY F 411 -4.51 -36.80 -57.12
N SER F 412 -5.36 -36.15 -57.93
CA SER F 412 -6.49 -36.84 -58.58
C SER F 412 -6.87 -36.31 -59.97
N CYS F 413 -5.89 -36.02 -60.85
CA CYS F 413 -6.11 -35.52 -62.21
C CYS F 413 -7.31 -34.54 -62.35
N GLY F 414 -7.41 -33.61 -61.41
CA GLY F 414 -8.47 -32.61 -61.34
C GLY F 414 -9.88 -33.11 -61.13
N LEU F 415 -10.04 -34.34 -60.63
CA LEU F 415 -11.37 -34.91 -60.36
C LEU F 415 -11.73 -34.69 -58.90
N MET F 416 -13.00 -34.38 -58.64
CA MET F 416 -13.56 -34.19 -57.29
C MET F 416 -14.90 -34.88 -57.28
N ALA F 417 -15.18 -35.65 -56.24
CA ALA F 417 -16.45 -36.36 -56.13
C ALA F 417 -17.43 -35.56 -55.30
N ASN F 418 -18.73 -35.83 -55.48
CA ASN F 418 -19.80 -35.19 -54.73
C ASN F 418 -20.45 -36.24 -53.85
N TYR F 419 -20.34 -36.06 -52.54
CA TYR F 419 -20.95 -36.98 -51.60
C TYR F 419 -22.16 -36.27 -51.07
N ARG F 420 -23.33 -36.71 -51.55
CA ARG F 420 -24.60 -36.10 -51.22
C ARG F 420 -25.32 -36.71 -50.03
N TYR F 421 -25.57 -35.87 -49.01
CA TYR F 421 -26.27 -36.26 -47.80
C TYR F 421 -27.76 -36.04 -47.93
N PHE F 422 -28.51 -37.13 -47.87
CA PHE F 422 -29.96 -37.05 -47.89
C PHE F 422 -30.39 -37.27 -46.47
N LEU F 423 -30.64 -36.15 -45.76
CA LEU F 423 -31.07 -36.04 -44.35
C LEU F 423 -31.86 -37.26 -43.91
N GLU F 424 -32.92 -37.57 -44.69
CA GLU F 424 -33.89 -38.65 -44.51
C GLU F 424 -33.31 -40.07 -44.62
N GLU F 425 -32.56 -40.41 -45.70
CA GLU F 425 -32.00 -41.76 -45.88
C GLU F 425 -30.60 -42.06 -45.28
N THR F 426 -29.99 -41.11 -44.50
CA THR F 426 -28.67 -41.29 -43.83
C THR F 426 -28.53 -42.48 -42.88
N GLY F 427 -29.57 -42.79 -42.12
CA GLY F 427 -29.59 -43.92 -41.19
C GLY F 427 -29.52 -45.24 -41.93
N PRO F 428 -30.52 -45.56 -42.80
CA PRO F 428 -30.46 -46.82 -43.57
C PRO F 428 -29.20 -46.95 -44.42
N ASN F 429 -28.79 -45.86 -45.11
CA ASN F 429 -27.61 -45.80 -45.98
C ASN F 429 -26.34 -46.15 -45.21
N SER F 430 -26.25 -45.69 -43.94
CA SER F 430 -25.14 -45.97 -43.04
C SER F 430 -25.10 -47.46 -42.71
N THR F 431 -26.24 -48.05 -42.24
CA THR F 431 -26.40 -49.48 -41.94
C THR F 431 -25.97 -50.32 -43.14
N SER F 432 -26.52 -49.98 -44.34
CA SER F 432 -26.21 -50.65 -45.61
C SER F 432 -24.72 -50.67 -45.85
N TYR F 433 -24.06 -49.50 -45.69
CA TYR F 433 -22.63 -49.36 -45.86
C TYR F 433 -21.78 -50.09 -44.81
N LEU F 434 -22.16 -49.99 -43.54
CA LEU F 434 -21.36 -50.60 -42.48
C LEU F 434 -21.56 -52.08 -42.28
N GLY F 435 -22.83 -52.50 -42.15
CA GLY F 435 -23.18 -53.90 -41.95
C GLY F 435 -22.95 -54.76 -43.17
N SER F 436 -23.54 -54.37 -44.32
CA SER F 436 -23.50 -55.09 -45.59
C SER F 436 -22.44 -54.66 -46.62
N LYS F 437 -21.60 -53.64 -46.30
CA LYS F 437 -20.53 -53.12 -47.19
C LYS F 437 -21.06 -52.65 -48.57
N ILE F 438 -22.30 -52.13 -48.59
CA ILE F 438 -23.04 -51.63 -49.76
C ILE F 438 -22.86 -50.12 -49.97
N ILE F 439 -22.65 -49.70 -51.22
CA ILE F 439 -22.51 -48.28 -51.58
C ILE F 439 -23.70 -47.78 -52.40
N LYS F 440 -24.41 -46.77 -51.88
CA LYS F 440 -25.50 -46.14 -52.64
C LYS F 440 -24.83 -45.16 -53.60
N ALA F 441 -25.09 -45.30 -54.91
CA ALA F 441 -24.49 -44.46 -55.95
C ALA F 441 -25.52 -43.96 -56.95
N SER F 442 -25.31 -42.75 -57.49
CA SER F 442 -26.15 -42.10 -58.49
C SER F 442 -26.15 -42.88 -59.79
N GLU F 443 -27.10 -42.55 -60.69
CA GLU F 443 -27.18 -43.14 -62.03
C GLU F 443 -25.95 -42.73 -62.82
N GLN F 444 -25.46 -41.47 -62.60
CA GLN F 444 -24.25 -40.90 -63.22
C GLN F 444 -23.01 -41.74 -62.91
N VAL F 445 -22.91 -42.24 -61.66
CA VAL F 445 -21.80 -43.06 -61.19
C VAL F 445 -21.95 -44.49 -61.72
N LEU F 446 -23.10 -45.14 -61.42
CA LEU F 446 -23.43 -46.51 -61.83
C LEU F 446 -23.16 -46.74 -63.31
N SER F 447 -23.54 -45.76 -64.16
CA SER F 447 -23.33 -45.73 -65.61
C SER F 447 -21.85 -45.93 -65.95
N LEU F 448 -20.97 -45.12 -65.34
CA LEU F 448 -19.53 -45.16 -65.54
C LEU F 448 -18.89 -46.47 -65.10
N VAL F 449 -19.35 -47.03 -63.97
CA VAL F 449 -18.88 -48.32 -63.44
C VAL F 449 -19.21 -49.38 -64.49
N ALA F 450 -20.49 -49.39 -64.97
CA ALA F 450 -20.98 -50.28 -66.02
C ALA F 450 -20.14 -50.18 -67.29
N GLN F 451 -19.64 -48.97 -67.61
CA GLN F 451 -18.76 -48.72 -68.75
C GLN F 451 -17.41 -49.38 -68.52
N PHE F 452 -16.87 -49.26 -67.27
CA PHE F 452 -15.60 -49.86 -66.85
C PHE F 452 -15.67 -51.38 -66.92
N GLN F 453 -16.78 -51.97 -66.42
CA GLN F 453 -17.08 -53.40 -66.39
C GLN F 453 -17.04 -54.04 -67.77
N LYS F 454 -17.43 -53.29 -68.83
CA LYS F 454 -17.40 -53.74 -70.23
C LYS F 454 -15.95 -53.97 -70.67
N ASN F 455 -15.00 -53.16 -70.15
CA ASN F 455 -13.59 -53.25 -70.54
C ASN F 455 -12.53 -52.98 -69.46
N SER F 456 -12.22 -53.98 -68.60
CA SER F 456 -11.18 -53.95 -67.55
C SER F 456 -11.28 -55.12 -66.55
N LYS F 457 -10.10 -55.54 -66.03
CA LYS F 457 -9.92 -56.64 -65.07
C LYS F 457 -8.51 -56.60 -64.48
N GLY G 3 -33.04 24.82 -58.49
CA GLY G 3 -33.10 23.39 -58.22
C GLY G 3 -33.52 23.07 -56.76
N ALA G 4 -33.52 21.76 -56.37
CA ALA G 4 -33.93 21.27 -55.05
C ALA G 4 -33.08 21.83 -53.91
N MET G 5 -31.98 21.15 -53.45
CA MET G 5 -31.06 21.53 -52.35
C MET G 5 -31.70 22.47 -51.31
N ASP G 6 -32.03 23.72 -51.74
CA ASP G 6 -32.76 24.75 -50.98
C ASP G 6 -34.17 24.28 -50.60
N GLU G 7 -34.95 23.74 -51.58
CA GLU G 7 -36.32 23.22 -51.38
C GLU G 7 -36.35 22.16 -50.27
N LEU G 8 -35.33 21.27 -50.24
CA LEU G 8 -35.25 20.28 -49.17
C LEU G 8 -35.05 20.96 -47.83
N LEU G 9 -33.92 21.70 -47.68
CA LEU G 9 -33.51 22.44 -46.48
C LEU G 9 -34.68 23.13 -45.78
N ARG G 10 -35.51 23.83 -46.57
CA ARG G 10 -36.69 24.55 -46.11
C ARG G 10 -37.82 23.70 -45.53
N ARG G 11 -37.96 22.43 -45.96
CA ARG G 11 -39.00 21.53 -45.45
C ARG G 11 -38.46 20.56 -44.40
N ALA G 12 -37.11 20.39 -44.34
CA ALA G 12 -36.43 19.49 -43.42
C ALA G 12 -36.10 20.20 -42.11
N VAL G 13 -35.44 21.38 -42.19
CA VAL G 13 -35.09 22.18 -41.01
C VAL G 13 -36.39 22.74 -40.44
N PRO G 14 -36.79 22.31 -39.22
CA PRO G 14 -38.03 22.85 -38.66
C PRO G 14 -37.93 24.36 -38.40
N PRO G 15 -39.06 25.09 -38.42
CA PRO G 15 -38.99 26.53 -38.09
C PRO G 15 -38.71 26.73 -36.60
N THR G 16 -38.22 27.92 -36.21
CA THR G 16 -37.95 28.17 -34.80
C THR G 16 -39.27 28.41 -34.06
N PRO G 17 -39.66 27.51 -33.12
CA PRO G 17 -40.93 27.73 -32.38
C PRO G 17 -40.93 29.10 -31.68
N ALA G 18 -42.10 29.81 -31.72
CA ALA G 18 -42.35 31.15 -31.16
C ALA G 18 -41.37 31.53 -30.04
N TYR G 19 -41.39 30.73 -28.96
CA TYR G 19 -40.57 30.79 -27.75
C TYR G 19 -41.23 29.88 -26.73
N GLU G 20 -42.48 30.18 -26.34
CA GLU G 20 -43.32 29.47 -25.36
C GLU G 20 -43.33 27.97 -25.64
N LEU G 21 -43.81 27.58 -26.83
CA LEU G 21 -43.90 26.19 -27.30
C LEU G 21 -42.57 25.56 -27.68
N ARG G 22 -41.45 26.08 -27.16
CA ARG G 22 -40.08 25.59 -27.39
C ARG G 22 -39.78 24.24 -26.72
N GLU G 23 -40.66 23.76 -25.82
CA GLU G 23 -40.48 22.54 -25.03
C GLU G 23 -41.08 21.29 -25.66
N ALA G 29 -41.67 17.78 -37.57
CA ALA G 29 -40.26 17.60 -37.20
C ALA G 29 -39.55 16.28 -36.70
N GLU G 30 -40.13 15.08 -36.78
CA GLU G 30 -39.41 13.84 -36.39
C GLU G 30 -39.21 13.09 -37.71
N GLY G 31 -40.24 13.19 -38.54
CA GLY G 31 -40.31 12.63 -39.88
C GLY G 31 -39.76 13.55 -40.94
N GLN G 32 -39.23 14.71 -40.52
CA GLN G 32 -38.61 15.72 -41.36
C GLN G 32 -37.12 15.47 -41.42
N CYS G 33 -36.52 14.99 -40.30
CA CYS G 33 -35.10 14.68 -40.13
C CYS G 33 -34.69 13.55 -41.04
N ALA G 34 -35.47 12.45 -41.09
CA ALA G 34 -35.22 11.30 -41.96
C ALA G 34 -35.12 11.76 -43.42
N ASP G 35 -35.91 12.79 -43.80
CA ASP G 35 -35.90 13.42 -45.12
C ASP G 35 -34.54 14.08 -45.45
N PHE G 36 -33.87 14.62 -44.41
CA PHE G 36 -32.55 15.26 -44.52
C PHE G 36 -31.42 14.22 -44.64
N VAL G 37 -31.37 13.26 -43.69
CA VAL G 37 -30.38 12.17 -43.61
C VAL G 37 -30.39 11.34 -44.91
N SER G 38 -31.61 10.95 -45.36
CA SER G 38 -31.89 10.18 -46.57
C SER G 38 -31.28 10.86 -47.80
N PHE G 39 -31.43 12.19 -47.88
CA PHE G 39 -30.95 13.01 -48.97
C PHE G 39 -29.43 13.18 -48.98
N TYR G 40 -28.85 13.54 -47.82
CA TYR G 40 -27.42 13.77 -47.61
C TYR G 40 -26.62 12.52 -47.97
N GLY G 41 -27.21 11.35 -47.65
CA GLY G 41 -26.66 10.04 -47.98
C GLY G 41 -26.67 9.80 -49.49
N GLY G 42 -27.73 10.29 -50.13
CA GLY G 42 -27.94 10.21 -51.58
C GLY G 42 -26.95 10.97 -52.45
N LEU G 43 -26.16 11.90 -51.85
CA LEU G 43 -25.15 12.69 -52.56
C LEU G 43 -23.80 11.95 -52.58
N ALA G 44 -23.22 11.77 -53.78
CA ALA G 44 -21.95 11.07 -53.95
C ALA G 44 -20.73 11.97 -53.66
N GLU G 45 -20.53 13.03 -54.47
CA GLU G 45 -19.42 13.98 -54.35
C GLU G 45 -19.39 14.74 -53.03
N THR G 46 -18.18 15.06 -52.53
CA THR G 46 -17.98 15.83 -51.31
C THR G 46 -18.38 17.27 -51.63
N ALA G 47 -18.03 17.72 -52.87
CA ALA G 47 -18.35 19.04 -53.39
C ALA G 47 -19.84 19.36 -53.25
N GLN G 48 -20.71 18.34 -53.39
CA GLN G 48 -22.16 18.46 -53.24
C GLN G 48 -22.55 18.61 -51.77
N ARG G 49 -21.91 17.80 -50.88
CA ARG G 49 -22.13 17.82 -49.42
C ARG G 49 -21.69 19.17 -48.85
N ALA G 50 -20.65 19.79 -49.48
CA ALA G 50 -20.12 21.10 -49.11
C ALA G 50 -21.16 22.19 -49.37
N GLU G 51 -21.71 22.27 -50.61
CA GLU G 51 -22.76 23.23 -51.00
C GLU G 51 -23.97 23.09 -50.08
N LEU G 52 -24.39 21.83 -49.79
CA LEU G 52 -25.52 21.58 -48.89
C LEU G 52 -25.26 22.07 -47.46
N LEU G 53 -24.10 21.72 -46.87
CA LEU G 53 -23.71 22.15 -45.53
C LEU G 53 -23.48 23.65 -45.47
N GLY G 54 -22.98 24.21 -46.57
CA GLY G 54 -22.69 25.63 -46.75
C GLY G 54 -23.95 26.47 -46.74
N ARG G 55 -24.98 26.04 -47.52
CA ARG G 55 -26.29 26.68 -47.61
C ARG G 55 -27.04 26.57 -46.29
N LEU G 56 -27.00 25.37 -45.65
CA LEU G 56 -27.63 25.12 -44.36
C LEU G 56 -27.08 26.12 -43.34
N ALA G 57 -25.73 26.15 -43.19
CA ALA G 57 -24.99 27.05 -42.29
C ALA G 57 -25.33 28.53 -42.50
N ARG G 58 -25.51 28.95 -43.76
CA ARG G 58 -25.82 30.33 -44.16
C ARG G 58 -27.26 30.75 -43.83
N GLY G 59 -28.23 30.10 -44.47
CA GLY G 59 -29.65 30.42 -44.34
C GLY G 59 -30.36 30.02 -43.06
N PHE G 60 -29.72 29.19 -42.22
CA PHE G 60 -30.37 28.68 -41.01
C PHE G 60 -29.61 28.90 -39.69
N GLY G 61 -28.96 30.06 -39.58
CA GLY G 61 -28.26 30.43 -38.37
C GLY G 61 -29.22 31.11 -37.42
N VAL G 62 -28.72 32.12 -36.71
CA VAL G 62 -29.51 32.91 -35.77
C VAL G 62 -30.32 33.97 -36.53
N ASP G 63 -31.28 34.56 -35.83
CA ASP G 63 -32.05 35.67 -36.35
C ASP G 63 -31.42 36.89 -35.69
N HIS G 64 -30.44 37.52 -36.38
CA HIS G 64 -29.70 38.69 -35.90
C HIS G 64 -30.60 39.84 -35.44
N GLY G 65 -31.82 39.88 -35.97
CA GLY G 65 -32.85 40.86 -35.63
C GLY G 65 -33.33 40.69 -34.19
N GLN G 66 -33.79 39.46 -33.86
CA GLN G 66 -34.28 39.06 -32.53
C GLN G 66 -33.19 39.14 -31.47
N VAL G 67 -31.95 38.67 -31.81
CA VAL G 67 -30.76 38.72 -30.95
C VAL G 67 -30.54 40.17 -30.54
N ALA G 68 -30.59 41.10 -31.52
CA ALA G 68 -30.45 42.54 -31.32
C ALA G 68 -31.58 43.11 -30.50
N GLU G 69 -32.80 42.61 -30.72
CA GLU G 69 -33.99 43.05 -30.01
C GLU G 69 -33.96 42.64 -28.55
N GLN G 70 -33.73 41.33 -28.26
CA GLN G 70 -33.65 40.77 -26.92
C GLN G 70 -32.50 41.38 -26.13
N SER G 71 -31.38 41.71 -26.81
CA SER G 71 -30.20 42.37 -26.23
C SER G 71 -30.65 43.70 -25.64
N ALA G 72 -31.35 44.53 -26.47
CA ALA G 72 -31.90 45.83 -26.09
C ALA G 72 -32.84 45.73 -24.88
N GLY G 73 -33.69 44.69 -24.89
CA GLY G 73 -34.64 44.37 -23.83
C GLY G 73 -34.02 44.04 -22.48
N VAL G 74 -32.73 43.62 -22.46
CA VAL G 74 -31.98 43.29 -21.24
C VAL G 74 -31.46 44.61 -20.63
N LEU G 75 -30.98 45.51 -21.50
CA LEU G 75 -30.45 46.81 -21.11
C LEU G 75 -31.55 47.74 -20.66
N HIS G 76 -32.77 47.54 -21.20
CA HIS G 76 -34.00 48.26 -20.86
C HIS G 76 -34.39 47.95 -19.41
N LEU G 77 -34.13 46.71 -18.96
CA LEU G 77 -34.43 46.21 -17.63
C LEU G 77 -33.39 46.52 -16.54
N ARG G 78 -32.12 46.73 -16.91
CA ARG G 78 -31.04 47.05 -15.97
C ARG G 78 -31.01 48.54 -15.57
N GLN G 79 -31.89 49.36 -16.20
CA GLN G 79 -32.02 50.79 -15.93
C GLN G 79 -33.00 51.05 -14.80
N GLN G 80 -33.81 50.04 -14.48
CA GLN G 80 -34.82 50.09 -13.43
C GLN G 80 -34.69 48.96 -12.42
N GLN G 81 -33.77 48.00 -12.67
CA GLN G 81 -33.54 46.77 -11.90
C GLN G 81 -34.73 46.29 -11.12
N ARG G 82 -35.47 45.45 -11.79
CA ARG G 82 -36.68 44.83 -11.31
C ARG G 82 -36.37 43.40 -11.08
N GLU G 83 -37.04 42.79 -10.08
CA GLU G 83 -37.01 41.38 -9.64
C GLU G 83 -35.99 40.48 -10.27
N ALA G 84 -35.49 39.50 -9.49
CA ALA G 84 -34.58 38.50 -10.04
C ALA G 84 -35.35 37.82 -11.19
N ALA G 85 -36.61 37.38 -10.88
CA ALA G 85 -37.59 36.73 -11.76
C ALA G 85 -37.68 37.30 -13.20
N VAL G 86 -38.16 38.55 -13.37
CA VAL G 86 -38.36 39.22 -14.67
C VAL G 86 -37.07 39.54 -15.44
N LEU G 87 -35.95 39.81 -14.74
CA LEU G 87 -34.65 40.05 -15.40
C LEU G 87 -34.14 38.72 -15.99
N LEU G 88 -34.28 37.65 -15.20
CA LEU G 88 -33.86 36.31 -15.59
C LEU G 88 -34.59 35.78 -16.84
N GLN G 89 -35.87 36.14 -17.04
CA GLN G 89 -36.59 35.72 -18.24
C GLN G 89 -36.05 36.48 -19.47
N ALA G 90 -35.78 37.80 -19.30
CA ALA G 90 -35.21 38.65 -20.35
C ALA G 90 -33.88 38.09 -20.83
N GLU G 91 -33.12 37.45 -19.91
CA GLU G 91 -31.86 36.78 -20.19
C GLU G 91 -32.08 35.47 -20.94
N ASP G 92 -33.11 34.67 -20.53
CA ASP G 92 -33.43 33.40 -21.18
C ASP G 92 -33.97 33.62 -22.59
N ARG G 93 -34.76 34.70 -22.80
CA ARG G 93 -35.30 35.09 -24.10
C ARG G 93 -34.15 35.38 -25.07
N LEU G 94 -33.07 36.01 -24.55
CA LEU G 94 -31.84 36.30 -25.31
C LEU G 94 -31.07 35.00 -25.61
N ARG G 95 -30.92 34.13 -24.58
CA ARG G 95 -30.26 32.82 -24.67
C ARG G 95 -30.90 32.00 -25.79
N TYR G 96 -32.25 32.05 -25.89
CA TYR G 96 -33.04 31.37 -26.90
C TYR G 96 -32.77 31.92 -28.30
N ALA G 97 -32.93 33.25 -28.52
CA ALA G 97 -32.68 33.92 -29.82
C ALA G 97 -31.30 33.58 -30.39
N LEU G 98 -30.32 33.37 -29.48
CA LEU G 98 -28.94 32.99 -29.80
C LEU G 98 -28.78 31.54 -30.23
N VAL G 99 -29.76 30.66 -29.91
CA VAL G 99 -29.72 29.26 -30.33
C VAL G 99 -29.92 29.21 -31.87
N PRO G 100 -28.88 28.84 -32.68
CA PRO G 100 -29.08 28.80 -34.12
C PRO G 100 -30.11 27.74 -34.57
N ARG G 101 -30.79 28.04 -35.68
CA ARG G 101 -31.85 27.21 -36.24
C ARG G 101 -31.45 25.77 -36.60
N TYR G 102 -30.23 25.56 -37.12
CA TYR G 102 -29.76 24.21 -37.46
C TYR G 102 -29.51 23.31 -36.25
N ARG G 103 -29.29 23.91 -35.04
CA ARG G 103 -29.11 23.15 -33.79
C ARG G 103 -30.32 22.27 -33.53
N GLY G 104 -31.51 22.79 -33.87
CA GLY G 104 -32.79 22.10 -33.79
C GLY G 104 -32.81 20.85 -34.65
N LEU G 105 -32.21 20.95 -35.87
CA LEU G 105 -32.11 19.83 -36.81
C LEU G 105 -31.23 18.72 -36.25
N PHE G 106 -30.02 19.07 -35.75
CA PHE G 106 -29.05 18.15 -35.20
C PHE G 106 -29.57 17.48 -33.94
N HIS G 107 -30.12 18.28 -33.01
CA HIS G 107 -30.72 17.82 -31.75
C HIS G 107 -31.74 16.70 -31.98
N HIS G 108 -32.64 16.89 -32.98
CA HIS G 108 -33.63 15.89 -33.36
C HIS G 108 -33.00 14.66 -34.00
N ILE G 109 -32.08 14.84 -35.01
CA ILE G 109 -31.36 13.74 -35.69
C ILE G 109 -30.71 12.80 -34.68
N SER G 110 -30.01 13.38 -33.68
CA SER G 110 -29.30 12.66 -32.61
C SER G 110 -30.20 11.67 -31.87
N LYS G 111 -31.51 11.98 -31.76
CA LYS G 111 -32.51 11.14 -31.08
C LYS G 111 -33.22 10.16 -32.04
N LEU G 112 -32.67 10.01 -33.26
CA LEU G 112 -33.13 9.07 -34.28
C LEU G 112 -32.12 7.92 -34.22
N ASP G 113 -32.39 6.79 -34.90
CA ASP G 113 -31.55 5.58 -34.85
C ASP G 113 -30.04 5.72 -35.16
N GLY G 114 -29.65 5.70 -36.44
CA GLY G 114 -28.27 5.89 -36.84
C GLY G 114 -27.82 7.34 -36.70
N GLY G 115 -28.43 8.02 -35.72
CA GLY G 115 -28.30 9.42 -35.34
C GLY G 115 -26.92 9.99 -35.09
N VAL G 116 -26.34 9.77 -33.87
CA VAL G 116 -25.03 10.30 -33.46
C VAL G 116 -23.92 9.87 -34.43
N ARG G 117 -24.02 8.65 -34.98
CA ARG G 117 -23.10 8.10 -35.98
C ARG G 117 -23.09 9.00 -37.23
N PHE G 118 -24.29 9.38 -37.70
CA PHE G 118 -24.52 10.27 -38.85
C PHE G 118 -23.92 11.66 -38.63
N LEU G 119 -24.11 12.23 -37.42
CA LEU G 119 -23.60 13.56 -37.07
C LEU G 119 -22.08 13.59 -37.00
N VAL G 120 -21.47 12.51 -36.43
CA VAL G 120 -20.01 12.33 -36.33
C VAL G 120 -19.47 12.35 -37.77
N GLN G 121 -20.18 11.65 -38.68
CA GLN G 121 -19.85 11.55 -40.09
C GLN G 121 -19.95 12.89 -40.79
N LEU G 122 -21.11 13.57 -40.61
CA LEU G 122 -21.39 14.89 -41.19
C LEU G 122 -20.29 15.89 -40.88
N ARG G 123 -19.87 16.00 -39.60
CA ARG G 123 -18.81 16.92 -39.18
C ARG G 123 -17.49 16.63 -39.89
N ALA G 124 -17.12 15.34 -40.06
CA ALA G 124 -15.92 14.93 -40.77
C ALA G 124 -16.01 15.44 -42.22
N ASP G 125 -17.21 15.38 -42.83
CA ASP G 125 -17.47 15.90 -44.17
C ASP G 125 -17.25 17.40 -44.21
N LEU G 126 -17.68 18.12 -43.14
CA LEU G 126 -17.51 19.56 -43.01
C LEU G 126 -16.03 19.95 -42.79
N LEU G 127 -15.31 19.22 -41.90
CA LEU G 127 -13.89 19.46 -41.59
C LEU G 127 -13.01 19.33 -42.83
N GLU G 128 -13.31 18.33 -43.67
CA GLU G 128 -12.61 18.06 -44.91
C GLU G 128 -12.88 19.16 -45.94
N ALA G 129 -14.14 19.61 -46.04
CA ALA G 129 -14.57 20.68 -46.96
C ALA G 129 -13.96 22.03 -46.57
N GLN G 130 -13.80 22.27 -45.25
CA GLN G 130 -13.18 23.48 -44.69
C GLN G 130 -11.71 23.57 -45.08
N ALA G 131 -10.92 22.49 -44.79
CA ALA G 131 -9.48 22.41 -45.10
C ALA G 131 -9.19 22.42 -46.61
N LEU G 132 -10.15 21.97 -47.44
CA LEU G 132 -10.04 21.95 -48.90
C LEU G 132 -10.47 23.27 -49.55
N LYS G 133 -10.97 24.22 -48.72
CA LYS G 133 -11.44 25.55 -49.11
C LYS G 133 -12.71 25.51 -50.02
N LEU G 134 -13.55 24.46 -49.84
CA LEU G 134 -14.82 24.29 -50.58
C LEU G 134 -15.89 25.14 -49.92
N VAL G 135 -15.84 25.21 -48.58
CA VAL G 135 -16.69 26.03 -47.73
C VAL G 135 -15.79 27.02 -47.02
N GLU G 136 -16.26 28.28 -46.95
CA GLU G 136 -15.53 29.38 -46.33
C GLU G 136 -16.44 30.12 -45.36
N GLY G 137 -16.08 31.35 -45.07
CA GLY G 137 -16.82 32.26 -44.20
C GLY G 137 -16.96 31.92 -42.73
N PRO G 138 -17.76 32.73 -42.02
CA PRO G 138 -17.93 32.52 -40.57
C PRO G 138 -19.14 31.67 -40.16
N ASP G 139 -20.08 31.40 -41.08
CA ASP G 139 -21.27 30.62 -40.81
C ASP G 139 -20.96 29.12 -40.75
N VAL G 140 -19.88 28.69 -41.45
CA VAL G 140 -19.42 27.30 -41.42
C VAL G 140 -18.63 27.07 -40.13
N ARG G 141 -17.85 28.10 -39.71
CA ARG G 141 -17.04 28.07 -38.51
C ARG G 141 -17.91 27.96 -37.29
N GLU G 142 -19.10 28.59 -37.31
CA GLU G 142 -20.08 28.53 -36.24
C GLU G 142 -20.70 27.13 -36.17
N MET G 143 -21.24 26.63 -37.31
CA MET G 143 -21.85 25.31 -37.44
C MET G 143 -20.91 24.22 -36.92
N ASN G 144 -19.59 24.38 -37.18
CA ASN G 144 -18.52 23.51 -36.73
C ASN G 144 -18.53 23.40 -35.19
N GLY G 145 -18.37 24.53 -34.51
CA GLY G 145 -18.40 24.65 -33.05
C GLY G 145 -19.64 24.04 -32.42
N VAL G 146 -20.82 24.32 -33.02
CA VAL G 146 -22.13 23.78 -32.61
C VAL G 146 -22.05 22.26 -32.57
N LEU G 147 -21.69 21.62 -33.72
CA LEU G 147 -21.50 20.17 -33.88
C LEU G 147 -20.47 19.64 -32.89
N LYS G 148 -19.35 20.38 -32.69
CA LYS G 148 -18.25 20.07 -31.76
C LYS G 148 -18.74 20.02 -30.31
N GLY G 149 -19.52 21.03 -29.91
CA GLY G 149 -20.13 21.14 -28.58
C GLY G 149 -21.05 19.97 -28.29
N MET G 150 -21.95 19.68 -29.25
CA MET G 150 -22.91 18.56 -29.21
C MET G 150 -22.18 17.22 -29.09
N LEU G 151 -21.06 17.07 -29.81
CA LEU G 151 -20.23 15.87 -29.81
C LEU G 151 -19.41 15.70 -28.53
N SER G 152 -18.94 16.81 -27.92
CA SER G 152 -18.15 16.80 -26.68
C SER G 152 -18.96 16.39 -25.44
N GLU G 153 -20.30 16.49 -25.51
CA GLU G 153 -21.19 16.09 -24.43
C GLU G 153 -21.56 14.62 -24.49
N TRP G 154 -21.60 14.05 -25.71
CA TRP G 154 -21.89 12.62 -25.94
C TRP G 154 -20.62 11.81 -25.87
N PHE G 155 -19.46 12.46 -26.05
CA PHE G 155 -18.15 11.82 -26.05
C PHE G 155 -17.21 12.24 -24.95
N SER G 156 -17.75 12.89 -23.89
CA SER G 156 -16.94 13.28 -22.74
C SER G 156 -16.36 11.99 -22.18
N SER G 157 -15.12 12.06 -21.66
CA SER G 157 -14.35 10.95 -21.10
C SER G 157 -15.17 9.90 -20.34
N GLY G 158 -16.11 10.38 -19.52
CA GLY G 158 -17.00 9.59 -18.68
C GLY G 158 -17.75 8.46 -19.38
N PHE G 159 -18.05 8.64 -20.68
CA PHE G 159 -18.79 7.69 -21.52
C PHE G 159 -17.92 6.80 -22.42
N LEU G 160 -16.59 6.92 -22.31
CA LEU G 160 -15.68 6.14 -23.14
C LEU G 160 -15.03 5.02 -22.34
N ASN G 161 -15.15 3.78 -22.84
CA ASN G 161 -14.52 2.63 -22.18
C ASN G 161 -13.13 2.45 -22.79
N LEU G 162 -12.12 2.21 -21.94
CA LEU G 162 -10.74 1.98 -22.37
C LEU G 162 -10.59 0.49 -22.68
N GLU G 163 -10.41 0.14 -23.95
CA GLU G 163 -10.25 -1.25 -24.38
C GLU G 163 -8.81 -1.56 -24.76
N ARG G 164 -8.33 -2.77 -24.41
CA ARG G 164 -6.98 -3.21 -24.75
C ARG G 164 -6.99 -4.24 -25.89
N VAL G 165 -6.09 -4.04 -26.86
CA VAL G 165 -5.94 -4.90 -28.04
C VAL G 165 -4.80 -5.87 -27.81
N THR G 166 -5.10 -7.14 -28.04
CA THR G 166 -4.18 -8.27 -27.92
C THR G 166 -4.49 -9.22 -29.10
N TRP G 167 -3.78 -10.36 -29.17
CA TRP G 167 -4.04 -11.36 -30.20
C TRP G 167 -5.31 -12.17 -29.92
N HIS G 168 -5.91 -11.99 -28.72
CA HIS G 168 -7.17 -12.62 -28.32
C HIS G 168 -8.37 -11.74 -28.75
N SER G 169 -8.08 -10.55 -29.30
CA SER G 169 -9.08 -9.60 -29.78
C SER G 169 -9.72 -10.03 -31.11
N PRO G 170 -10.95 -9.55 -31.45
CA PRO G 170 -11.57 -9.92 -32.72
C PRO G 170 -10.77 -9.41 -33.90
N CYS G 171 -10.76 -10.17 -35.02
CA CYS G 171 -10.07 -9.84 -36.26
C CYS G 171 -10.53 -8.50 -36.83
N GLU G 172 -11.83 -8.17 -36.64
CA GLU G 172 -12.47 -6.91 -37.06
C GLU G 172 -11.73 -5.72 -36.44
N VAL G 173 -11.31 -5.87 -35.17
CA VAL G 173 -10.60 -4.85 -34.38
C VAL G 173 -9.20 -4.64 -34.89
N LEU G 174 -8.42 -5.72 -35.08
CA LEU G 174 -7.04 -5.63 -35.61
C LEU G 174 -7.04 -4.96 -36.96
N GLN G 175 -7.96 -5.39 -37.87
CA GLN G 175 -8.14 -4.83 -39.20
C GLN G 175 -8.39 -3.32 -39.13
N LYS G 176 -9.39 -2.87 -38.32
CA LYS G 176 -9.74 -1.46 -38.12
C LYS G 176 -8.56 -0.65 -37.55
N ILE G 177 -7.79 -1.24 -36.60
CA ILE G 177 -6.61 -0.62 -35.98
C ILE G 177 -5.48 -0.42 -36.99
N SER G 178 -5.32 -1.36 -37.93
CA SER G 178 -4.28 -1.25 -38.96
C SER G 178 -4.75 -0.37 -40.12
N GLU G 179 -6.04 -0.47 -40.52
CA GLU G 179 -6.63 0.29 -41.61
C GLU G 179 -6.64 1.79 -41.39
N ALA G 180 -7.25 2.27 -40.29
CA ALA G 180 -7.26 3.71 -40.02
C ALA G 180 -6.00 4.17 -39.27
N GLU G 181 -4.94 3.31 -39.29
CA GLU G 181 -3.61 3.56 -38.68
C GLU G 181 -3.04 4.74 -39.44
N ALA G 182 -3.22 5.93 -38.86
CA ALA G 182 -2.84 7.18 -39.49
C ALA G 182 -1.53 7.75 -38.96
N VAL G 183 -0.42 6.98 -39.12
CA VAL G 183 0.99 7.32 -38.81
C VAL G 183 1.90 6.36 -39.62
N HIS G 184 2.09 5.11 -39.15
CA HIS G 184 2.99 4.12 -39.76
C HIS G 184 2.36 2.81 -40.27
N PRO G 185 2.45 2.50 -41.59
CA PRO G 185 1.90 1.25 -42.12
C PRO G 185 2.53 -0.01 -41.53
N VAL G 186 1.74 -1.08 -41.40
CA VAL G 186 2.11 -2.42 -40.91
C VAL G 186 2.21 -3.28 -42.20
N LYS G 187 3.26 -4.11 -42.34
CA LYS G 187 3.46 -4.91 -43.56
C LYS G 187 2.69 -6.23 -43.77
N ASN G 188 2.26 -6.93 -42.71
CA ASN G 188 1.54 -8.22 -42.81
C ASN G 188 0.91 -8.62 -41.47
N TRP G 189 0.15 -9.75 -41.42
CA TRP G 189 -0.44 -10.25 -40.17
C TRP G 189 0.68 -10.63 -39.22
N MET G 190 1.78 -11.20 -39.80
CA MET G 190 3.01 -11.64 -39.15
C MET G 190 3.54 -10.52 -38.25
N ASP G 191 3.38 -9.26 -38.70
CA ASP G 191 3.76 -8.03 -37.97
C ASP G 191 2.72 -7.61 -36.93
N MET G 192 1.41 -7.48 -37.31
CA MET G 192 0.36 -7.07 -36.37
C MET G 192 0.34 -7.90 -35.07
N LYS G 193 0.79 -9.19 -35.15
CA LYS G 193 0.94 -10.09 -34.00
C LYS G 193 2.00 -9.53 -33.05
N ARG G 194 3.13 -9.02 -33.61
CA ARG G 194 4.25 -8.40 -32.89
C ARG G 194 3.86 -7.06 -32.26
N ARG G 195 3.16 -6.19 -33.03
CA ARG G 195 2.70 -4.86 -32.64
C ARG G 195 1.83 -4.83 -31.39
N VAL G 196 1.05 -5.91 -31.15
CA VAL G 196 0.14 -6.09 -30.02
C VAL G 196 0.69 -7.15 -29.06
N GLY G 197 1.80 -7.75 -29.48
CA GLY G 197 2.46 -8.82 -28.73
C GLY G 197 3.19 -8.39 -27.47
N PRO G 198 4.12 -9.21 -26.98
CA PRO G 198 4.89 -8.83 -25.78
C PRO G 198 5.74 -7.57 -25.99
N TYR G 199 5.89 -6.77 -24.90
CA TYR G 199 6.63 -5.50 -24.82
C TYR G 199 5.93 -4.38 -25.59
N ARG G 200 4.65 -4.59 -25.90
CA ARG G 200 3.85 -3.63 -26.66
C ARG G 200 2.48 -3.52 -26.04
N ARG G 201 1.92 -2.31 -26.08
CA ARG G 201 0.58 -2.04 -25.59
C ARG G 201 -0.20 -1.26 -26.63
N CYS G 202 -1.37 -1.77 -27.01
CA CYS G 202 -2.24 -1.09 -27.93
C CYS G 202 -3.58 -0.92 -27.27
N TYR G 203 -3.87 0.32 -26.89
CA TYR G 203 -5.11 0.70 -26.23
C TYR G 203 -5.96 1.59 -27.09
N PHE G 204 -7.28 1.46 -26.96
CA PHE G 204 -8.22 2.31 -27.67
C PHE G 204 -9.43 2.69 -26.82
N PHE G 205 -10.20 3.66 -27.32
CA PHE G 205 -11.42 4.17 -26.69
C PHE G 205 -12.61 3.87 -27.55
N SER G 206 -13.66 3.35 -26.92
CA SER G 206 -14.93 3.08 -27.60
C SER G 206 -15.99 3.76 -26.78
N HIS G 207 -17.10 4.13 -27.40
CA HIS G 207 -18.22 4.72 -26.65
C HIS G 207 -18.85 3.58 -25.86
N CYS G 208 -19.45 3.88 -24.70
CA CYS G 208 -20.10 2.87 -23.87
C CYS G 208 -21.34 2.26 -24.56
N SER G 209 -21.88 2.96 -25.59
CA SER G 209 -23.03 2.52 -26.39
C SER G 209 -22.54 1.45 -27.37
N THR G 210 -21.46 1.77 -28.10
CA THR G 210 -20.83 0.95 -29.13
C THR G 210 -19.44 0.40 -28.73
N PRO G 211 -19.38 -0.76 -28.05
CA PRO G 211 -18.07 -1.32 -27.69
C PRO G 211 -17.40 -2.04 -28.86
N GLY G 212 -16.07 -2.11 -28.82
CA GLY G 212 -15.26 -2.73 -29.85
C GLY G 212 -15.17 -1.91 -31.12
N GLU G 213 -15.74 -0.69 -31.10
CA GLU G 213 -15.76 0.29 -32.18
C GLU G 213 -14.75 1.39 -31.80
N PRO G 214 -13.50 1.35 -32.30
CA PRO G 214 -12.50 2.36 -31.88
C PRO G 214 -12.71 3.75 -32.43
N LEU G 215 -12.59 4.76 -31.56
CA LEU G 215 -12.75 6.17 -31.88
C LEU G 215 -11.34 6.75 -32.01
N VAL G 216 -10.49 6.49 -31.00
CA VAL G 216 -9.09 6.89 -30.92
C VAL G 216 -8.23 5.69 -30.55
N VAL G 217 -7.04 5.60 -31.17
CA VAL G 217 -6.08 4.51 -31.01
C VAL G 217 -4.69 5.01 -30.58
N LEU G 218 -4.12 4.36 -29.56
CA LEU G 218 -2.77 4.66 -29.06
C LEU G 218 -1.91 3.39 -29.02
N HIS G 219 -0.64 3.52 -29.47
CA HIS G 219 0.38 2.47 -29.48
C HIS G 219 1.52 2.80 -28.50
N VAL G 220 1.91 1.80 -27.67
CA VAL G 220 2.95 1.93 -26.62
C VAL G 220 4.06 0.87 -26.76
N ALA G 221 5.32 1.31 -26.68
CA ALA G 221 6.47 0.43 -26.67
C ALA G 221 7.04 0.39 -25.25
N LEU G 222 7.02 -0.81 -24.62
CA LEU G 222 7.55 -1.01 -23.26
C LEU G 222 9.05 -1.22 -23.47
N THR G 223 9.85 -0.22 -23.04
CA THR G 223 11.29 -0.17 -23.33
C THR G 223 12.26 0.10 -22.16
N GLY G 224 13.57 -0.04 -22.47
CA GLY G 224 14.69 0.22 -21.56
C GLY G 224 14.92 1.71 -21.34
N ASP G 225 15.09 2.48 -22.43
CA ASP G 225 15.31 3.93 -22.35
C ASP G 225 14.47 4.66 -23.41
N ILE G 226 14.37 5.99 -23.30
CA ILE G 226 13.63 6.81 -24.26
C ILE G 226 14.19 6.61 -25.68
N SER G 227 13.35 6.05 -26.56
CA SER G 227 13.65 5.72 -27.95
C SER G 227 13.94 6.97 -28.80
N SER G 228 15.01 6.87 -29.61
CA SER G 228 15.49 7.92 -30.51
C SER G 228 15.37 7.49 -31.97
N ASN G 229 14.60 6.42 -32.25
CA ASN G 229 14.41 5.88 -33.60
C ASN G 229 13.15 5.04 -33.70
N ILE G 230 12.35 5.27 -34.76
CA ILE G 230 11.10 4.55 -35.03
C ILE G 230 11.31 3.18 -35.65
N GLN G 231 12.35 3.04 -36.51
CA GLN G 231 12.67 1.80 -37.19
C GLN G 231 13.06 0.75 -36.16
N ALA G 232 13.71 1.20 -35.06
CA ALA G 232 14.11 0.39 -33.91
C ALA G 232 12.89 -0.26 -33.25
N ILE G 233 11.71 0.41 -33.25
CA ILE G 233 10.47 -0.10 -32.68
C ILE G 233 9.70 -0.94 -33.71
N VAL G 234 9.31 -0.31 -34.84
CA VAL G 234 8.53 -0.94 -35.93
C VAL G 234 9.18 -2.23 -36.41
N LYS G 235 10.46 -2.15 -36.82
CA LYS G 235 11.23 -3.28 -37.35
C LYS G 235 12.01 -4.11 -36.33
N GLU G 236 11.54 -4.20 -35.09
CA GLU G 236 12.16 -5.04 -34.05
C GLU G 236 11.59 -6.48 -34.20
N HIS G 237 12.14 -7.40 -33.41
CA HIS G 237 11.67 -8.77 -33.25
C HIS G 237 11.68 -8.97 -31.72
N PRO G 238 10.76 -8.25 -31.01
CA PRO G 238 10.73 -8.33 -29.54
C PRO G 238 10.82 -9.80 -29.06
N PRO G 239 11.84 -10.12 -28.21
CA PRO G 239 12.12 -11.51 -27.83
C PRO G 239 11.08 -12.61 -27.90
N SER G 240 9.88 -12.39 -27.35
CA SER G 240 8.75 -13.34 -27.23
C SER G 240 8.95 -14.23 -26.00
N GLU G 241 10.06 -14.01 -25.26
CA GLU G 241 10.33 -14.69 -24.00
C GLU G 241 9.61 -13.80 -23.02
N THR G 242 8.27 -13.98 -22.87
CA THR G 242 7.29 -13.20 -22.08
C THR G 242 7.89 -12.10 -21.23
N GLU G 243 7.21 -10.95 -21.17
CA GLU G 243 7.70 -9.79 -20.42
C GLU G 243 8.29 -10.05 -19.06
N GLU G 244 9.49 -9.53 -18.88
CA GLU G 244 10.20 -9.51 -17.63
C GLU G 244 10.00 -8.06 -17.24
N LYS G 245 9.49 -7.83 -16.02
CA LYS G 245 9.20 -6.49 -15.51
C LYS G 245 10.46 -5.68 -15.27
N ASN G 246 11.57 -6.37 -14.92
CA ASN G 246 12.89 -5.83 -14.59
C ASN G 246 13.43 -4.86 -15.66
N LYS G 247 13.24 -5.19 -16.95
CA LYS G 247 13.72 -4.37 -18.07
C LYS G 247 12.68 -3.43 -18.73
N ILE G 248 11.52 -3.22 -18.09
CA ILE G 248 10.51 -2.27 -18.58
C ILE G 248 10.68 -1.04 -17.70
N THR G 249 11.36 -0.02 -18.23
CA THR G 249 11.64 1.19 -17.49
C THR G 249 11.03 2.42 -18.16
N ALA G 250 10.73 2.32 -19.45
CA ALA G 250 10.18 3.45 -20.18
C ALA G 250 9.01 3.06 -21.08
N ALA G 251 7.94 3.86 -21.01
CA ALA G 251 6.75 3.68 -21.82
C ALA G 251 6.84 4.71 -22.93
N ILE G 252 6.88 4.25 -24.20
CA ILE G 252 7.05 5.14 -25.36
C ILE G 252 5.81 5.11 -26.25
N PHE G 253 5.20 6.29 -26.45
CA PHE G 253 4.02 6.45 -27.30
C PHE G 253 4.47 6.66 -28.74
N TYR G 254 4.21 5.68 -29.62
CA TYR G 254 4.68 5.75 -30.99
C TYR G 254 3.68 6.00 -32.14
N SER G 255 2.41 5.60 -31.99
CA SER G 255 1.33 5.86 -32.93
C SER G 255 0.16 6.30 -32.08
N ILE G 256 -0.44 7.42 -32.46
CA ILE G 256 -1.60 8.01 -31.79
C ILE G 256 -2.38 8.67 -32.88
N SER G 257 -3.52 8.05 -33.19
CA SER G 257 -4.35 8.43 -34.31
C SER G 257 -5.85 8.29 -34.08
N LEU G 258 -6.62 9.24 -34.63
CA LEU G 258 -8.09 9.22 -34.61
C LEU G 258 -8.59 8.29 -35.71
N THR G 259 -9.62 7.48 -35.45
CA THR G 259 -10.22 6.58 -36.45
C THR G 259 -11.41 7.33 -37.07
N GLN G 260 -12.01 8.22 -36.29
CA GLN G 260 -13.16 9.00 -36.71
C GLN G 260 -12.83 10.47 -36.70
N GLN G 261 -12.48 11.02 -37.88
CA GLN G 261 -12.11 12.43 -38.08
C GLN G 261 -13.14 13.42 -37.58
N GLY G 262 -14.40 12.98 -37.49
CA GLY G 262 -15.52 13.77 -36.99
C GLY G 262 -15.34 14.27 -35.58
N LEU G 263 -14.49 13.58 -34.79
CA LEU G 263 -14.21 13.85 -33.39
C LEU G 263 -12.93 14.62 -33.05
N GLN G 264 -12.54 15.58 -33.90
CA GLN G 264 -11.36 16.42 -33.65
C GLN G 264 -11.67 17.46 -32.56
N GLY G 265 -10.62 17.97 -31.92
CA GLY G 265 -10.69 18.97 -30.85
C GLY G 265 -11.67 18.66 -29.73
N VAL G 266 -11.98 17.38 -29.51
CA VAL G 266 -12.90 16.91 -28.46
C VAL G 266 -12.04 16.30 -27.32
N GLU G 267 -10.74 16.65 -27.32
CA GLU G 267 -9.76 16.20 -26.34
C GLU G 267 -9.61 14.68 -26.20
N LEU G 268 -10.17 13.90 -27.18
CA LEU G 268 -10.13 12.43 -27.22
C LEU G 268 -8.73 11.89 -26.96
N GLY G 269 -7.73 12.46 -27.66
CA GLY G 269 -6.31 12.14 -27.53
C GLY G 269 -5.78 12.31 -26.13
N THR G 270 -5.85 13.55 -25.58
CA THR G 270 -5.40 13.92 -24.22
C THR G 270 -5.78 12.87 -23.17
N PHE G 271 -7.08 12.51 -23.12
CA PHE G 271 -7.61 11.54 -22.17
C PHE G 271 -7.16 10.14 -22.39
N LEU G 272 -6.97 9.72 -23.65
CA LEU G 272 -6.46 8.36 -23.93
C LEU G 272 -5.09 8.21 -23.30
N ILE G 273 -4.19 9.22 -23.45
CA ILE G 273 -2.86 9.25 -22.82
C ILE G 273 -3.02 9.22 -21.30
N LYS G 274 -3.82 10.14 -20.73
CA LYS G 274 -4.11 10.27 -19.29
C LYS G 274 -4.56 8.94 -18.70
N ARG G 275 -5.61 8.34 -19.31
CA ARG G 275 -6.21 7.06 -18.95
C ARG G 275 -5.21 5.90 -19.13
N VAL G 276 -4.47 5.85 -20.28
CA VAL G 276 -3.47 4.81 -20.58
C VAL G 276 -2.32 4.84 -19.57
N VAL G 277 -1.95 6.06 -19.08
CA VAL G 277 -0.90 6.20 -18.07
C VAL G 277 -1.36 5.49 -16.80
N LYS G 278 -2.52 5.92 -16.21
CA LYS G 278 -3.13 5.35 -14.99
C LYS G 278 -3.24 3.83 -15.07
N GLU G 279 -3.35 3.29 -16.32
CA GLU G 279 -3.38 1.85 -16.59
C GLU G 279 -2.00 1.24 -16.43
N LEU G 280 -0.98 1.78 -17.16
CA LEU G 280 0.40 1.32 -17.10
C LEU G 280 0.98 1.44 -15.70
N GLN G 281 0.60 2.52 -14.98
CA GLN G 281 1.02 2.77 -13.60
C GLN G 281 0.54 1.66 -12.67
N ARG G 282 -0.70 1.17 -12.90
CA ARG G 282 -1.34 0.08 -12.15
C ARG G 282 -0.59 -1.24 -12.39
N GLU G 283 -0.34 -1.59 -13.67
CA GLU G 283 0.34 -2.81 -14.10
C GLU G 283 1.83 -2.85 -13.71
N PHE G 284 2.55 -1.74 -13.91
CA PHE G 284 3.98 -1.62 -13.64
C PHE G 284 4.25 -0.53 -12.58
N PRO G 285 4.18 -0.86 -11.26
CA PRO G 285 4.38 0.17 -10.23
C PRO G 285 5.78 0.79 -10.16
N HIS G 286 6.80 0.19 -10.81
CA HIS G 286 8.17 0.72 -10.82
C HIS G 286 8.52 1.48 -12.11
N LEU G 287 7.48 1.83 -12.88
CA LEU G 287 7.59 2.55 -14.15
C LEU G 287 7.31 4.04 -13.96
N GLY G 288 8.34 4.87 -14.20
CA GLY G 288 8.24 6.32 -14.05
C GLY G 288 8.74 7.16 -15.21
N VAL G 289 9.01 6.54 -16.37
CA VAL G 289 9.47 7.26 -17.56
C VAL G 289 8.42 7.14 -18.65
N PHE G 290 7.75 8.27 -18.94
CA PHE G 290 6.69 8.36 -19.93
C PHE G 290 7.01 9.41 -20.97
N SER G 291 7.17 8.96 -22.22
CA SER G 291 7.51 9.84 -23.32
C SER G 291 6.94 9.36 -24.64
N SER G 292 6.90 10.25 -25.62
CA SER G 292 6.45 9.96 -26.96
C SER G 292 7.66 9.93 -27.87
N LEU G 293 7.52 9.33 -29.04
CA LEU G 293 8.47 9.36 -30.13
C LEU G 293 7.58 9.74 -31.30
N SER G 294 7.43 11.06 -31.47
CA SER G 294 6.53 11.66 -32.45
C SER G 294 7.18 12.17 -33.73
N PRO G 295 6.38 12.29 -34.83
CA PRO G 295 6.92 12.88 -36.06
C PRO G 295 6.84 14.41 -35.96
N ILE G 296 7.22 15.12 -37.04
CA ILE G 296 7.20 16.58 -37.16
C ILE G 296 6.55 16.92 -38.54
N PRO G 297 5.26 16.58 -38.79
CA PRO G 297 4.67 16.87 -40.11
C PRO G 297 4.52 18.35 -40.47
N GLY G 298 5.04 18.69 -41.63
CA GLY G 298 5.02 20.04 -42.19
C GLY G 298 6.35 20.75 -42.14
N PHE G 299 7.37 20.11 -41.52
CA PHE G 299 8.74 20.64 -41.38
C PHE G 299 9.40 20.87 -42.74
N THR G 300 9.37 19.87 -43.65
CA THR G 300 9.93 19.96 -45.01
C THR G 300 9.28 21.13 -45.75
N LYS G 301 7.93 21.18 -45.72
CA LYS G 301 7.09 22.21 -46.35
C LYS G 301 7.45 23.59 -45.83
N TRP G 302 7.77 23.69 -44.51
CA TRP G 302 8.19 24.93 -43.87
C TRP G 302 9.58 25.33 -44.38
N LEU G 303 10.53 24.38 -44.34
CA LEU G 303 11.91 24.56 -44.78
C LEU G 303 12.00 24.97 -46.25
N LEU G 304 11.32 24.20 -47.14
CA LEU G 304 11.27 24.46 -48.58
C LEU G 304 10.72 25.84 -48.86
N GLY G 305 9.59 26.15 -48.21
CA GLY G 305 8.91 27.45 -48.26
C GLY G 305 9.88 28.56 -47.93
N LEU G 306 10.63 28.40 -46.82
CA LEU G 306 11.67 29.33 -46.38
C LEU G 306 12.85 29.49 -47.33
N LEU G 307 12.94 28.65 -48.37
CA LEU G 307 13.98 28.77 -49.41
C LEU G 307 13.35 29.51 -50.61
N ASN G 308 12.62 30.61 -50.28
CA ASN G 308 11.90 31.52 -51.17
C ASN G 308 11.54 32.82 -50.42
N SER G 309 12.22 33.97 -50.70
CA SER G 309 13.30 34.14 -51.68
C SER G 309 14.29 35.26 -51.30
N GLN G 310 13.83 36.27 -50.53
CA GLN G 310 14.58 37.45 -50.02
C GLN G 310 15.61 38.03 -50.99
N GLU G 318 19.32 34.68 -44.19
CA GLU G 318 20.32 33.61 -44.22
C GLU G 318 20.07 32.60 -43.09
N LEU G 319 20.06 31.31 -43.46
CA LEU G 319 19.79 30.18 -42.56
C LEU G 319 21.04 29.31 -42.46
N PHE G 320 22.12 29.76 -43.11
CA PHE G 320 23.38 29.03 -43.24
C PHE G 320 24.57 29.97 -43.09
N THR G 321 25.57 29.54 -42.31
CA THR G 321 26.80 30.30 -42.13
C THR G 321 27.67 30.16 -43.38
N ASP G 322 28.69 31.05 -43.51
CA ASP G 322 29.65 31.07 -44.62
C ASP G 322 30.18 29.67 -44.89
N SER G 323 30.80 29.08 -43.84
CA SER G 323 31.37 27.72 -43.82
C SER G 323 30.36 26.67 -44.30
N GLU G 324 29.10 26.80 -43.84
CA GLU G 324 28.00 25.89 -44.17
C GLU G 324 27.55 25.94 -45.63
N CYS G 325 27.41 27.16 -46.21
CA CYS G 325 27.00 27.36 -47.61
C CYS G 325 28.01 26.81 -48.61
N LYS G 326 29.30 27.17 -48.47
CA LYS G 326 30.38 26.72 -49.35
C LYS G 326 30.50 25.20 -49.39
N GLU G 327 30.35 24.53 -48.22
CA GLU G 327 30.38 23.07 -48.09
C GLU G 327 29.22 22.42 -48.86
N ILE G 328 27.99 22.97 -48.73
CA ILE G 328 26.76 22.48 -49.39
C ILE G 328 26.89 22.49 -50.92
N SER G 329 27.13 23.69 -51.51
CA SER G 329 27.23 23.88 -52.95
C SER G 329 28.33 23.05 -53.59
N GLU G 330 29.45 22.83 -52.86
CA GLU G 330 30.52 21.96 -53.36
C GLU G 330 30.16 20.44 -53.19
N ILE G 331 28.85 20.14 -53.13
CA ILE G 331 28.30 18.80 -53.01
C ILE G 331 27.03 18.68 -53.90
N THR G 332 26.46 19.83 -54.34
CA THR G 332 25.22 19.84 -55.14
C THR G 332 25.28 20.37 -56.60
N GLY G 333 26.45 20.86 -57.03
CA GLY G 333 26.67 21.34 -58.40
C GLY G 333 26.16 22.70 -58.83
N GLY G 334 25.45 23.41 -57.96
CA GLY G 334 24.92 24.73 -58.30
C GLY G 334 24.71 25.62 -57.11
N PRO G 335 23.81 26.65 -57.22
CA PRO G 335 23.54 27.53 -56.05
C PRO G 335 22.96 26.74 -54.87
N ILE G 336 22.68 27.40 -53.74
CA ILE G 336 22.16 26.71 -52.56
C ILE G 336 20.64 26.45 -52.58
N ASN G 337 19.86 27.54 -52.77
CA ASN G 337 18.40 27.58 -52.72
C ASN G 337 17.71 26.72 -53.75
N GLU G 338 18.12 26.80 -55.03
CA GLU G 338 17.52 26.03 -56.12
C GLU G 338 17.87 24.54 -56.08
N THR G 339 19.13 24.20 -55.74
CA THR G 339 19.59 22.81 -55.65
C THR G 339 18.84 22.07 -54.56
N LEU G 340 18.90 22.57 -53.31
CA LEU G 340 18.26 21.96 -52.13
C LEU G 340 16.75 21.83 -52.28
N LYS G 341 16.07 22.92 -52.71
CA LYS G 341 14.63 22.98 -52.99
C LYS G 341 14.21 21.75 -53.81
N LEU G 342 15.04 21.41 -54.82
CA LEU G 342 14.85 20.29 -55.72
C LEU G 342 15.00 18.93 -55.02
N LEU G 343 16.18 18.64 -54.43
CA LEU G 343 16.46 17.34 -53.83
C LEU G 343 15.90 17.06 -52.43
N LEU G 344 15.59 18.11 -51.64
CA LEU G 344 15.00 17.97 -50.30
C LEU G 344 13.53 17.55 -50.32
N SER G 345 12.92 17.52 -51.52
CA SER G 345 11.53 17.12 -51.73
C SER G 345 11.46 15.80 -52.50
N SER G 346 12.63 15.17 -52.78
CA SER G 346 12.70 13.93 -53.55
C SER G 346 13.38 12.71 -52.90
N SER G 347 13.66 12.76 -51.58
CA SER G 347 14.27 11.67 -50.78
C SER G 347 15.52 10.95 -51.35
N GLU G 348 16.21 11.59 -52.33
CA GLU G 348 17.43 11.04 -52.96
C GLU G 348 18.65 11.39 -52.13
N TRP G 349 18.65 12.59 -51.52
CA TRP G 349 19.73 13.18 -50.72
C TRP G 349 20.31 12.33 -49.59
N VAL G 350 19.58 11.27 -49.18
CA VAL G 350 19.98 10.35 -48.11
C VAL G 350 21.11 9.41 -48.49
N GLN G 351 21.11 8.90 -49.73
CA GLN G 351 22.13 8.00 -50.24
C GLN G 351 23.46 8.68 -50.59
N SER G 352 23.54 10.02 -50.41
CA SER G 352 24.74 10.81 -50.63
C SER G 352 25.22 11.23 -49.23
N GLU G 353 25.92 10.31 -48.52
CA GLU G 353 26.41 10.47 -47.14
C GLU G 353 27.21 11.76 -46.84
N LYS G 354 27.80 12.40 -47.88
CA LYS G 354 28.54 13.65 -47.74
C LYS G 354 27.55 14.77 -47.41
N LEU G 355 26.42 14.81 -48.15
CA LEU G 355 25.34 15.77 -47.97
C LEU G 355 24.56 15.55 -46.66
N VAL G 356 24.55 14.31 -46.13
CA VAL G 356 23.87 14.00 -44.87
C VAL G 356 24.64 14.60 -43.70
N ARG G 357 25.93 14.20 -43.53
CA ARG G 357 26.78 14.71 -42.46
C ARG G 357 26.90 16.23 -42.49
N ALA G 358 26.90 16.80 -43.71
CA ALA G 358 26.92 18.25 -43.96
C ALA G 358 25.69 18.92 -43.34
N LEU G 359 24.48 18.41 -43.67
CA LEU G 359 23.18 18.91 -43.22
C LEU G 359 22.76 18.53 -41.79
N GLN G 360 23.60 17.83 -41.02
CA GLN G 360 23.23 17.43 -39.65
C GLN G 360 22.91 18.62 -38.72
N THR G 361 23.95 19.37 -38.33
CA THR G 361 23.90 20.53 -37.43
C THR G 361 22.89 21.63 -37.85
N PRO G 362 22.88 22.14 -39.12
CA PRO G 362 21.93 23.21 -39.46
C PRO G 362 20.46 22.78 -39.38
N LEU G 363 20.10 21.63 -40.00
CA LEU G 363 18.74 21.08 -39.97
C LEU G 363 18.22 20.97 -38.56
N MET G 364 18.96 20.23 -37.69
CA MET G 364 18.65 20.03 -36.27
C MET G 364 18.39 21.37 -35.58
N ARG G 365 19.25 22.39 -35.85
CA ARG G 365 19.10 23.73 -35.28
C ARG G 365 17.86 24.46 -35.79
N LEU G 366 17.59 24.41 -37.11
CA LEU G 366 16.40 25.01 -37.75
C LEU G 366 15.13 24.33 -37.26
N CYS G 367 15.20 22.99 -37.10
CA CYS G 367 14.13 22.10 -36.60
C CYS G 367 13.75 22.50 -35.21
N ALA G 368 14.77 22.74 -34.33
CA ALA G 368 14.57 23.17 -32.94
C ALA G 368 13.76 24.42 -32.95
N TRP G 369 14.17 25.38 -33.80
CA TRP G 369 13.50 26.64 -34.03
C TRP G 369 12.08 26.44 -34.57
N TYR G 370 11.90 25.55 -35.56
CA TYR G 370 10.60 25.28 -36.17
C TYR G 370 9.53 24.92 -35.12
N LEU G 371 9.91 24.12 -34.10
CA LEU G 371 9.02 23.70 -33.03
C LEU G 371 8.88 24.76 -31.96
N TYR G 372 10.03 25.24 -31.45
CA TYR G 372 10.13 26.22 -30.38
C TYR G 372 9.75 27.66 -30.76
N GLY G 373 10.50 28.25 -31.71
CA GLY G 373 10.36 29.64 -32.13
C GLY G 373 9.23 30.06 -33.03
N GLU G 374 8.88 29.23 -34.03
CA GLU G 374 7.79 29.55 -34.97
C GLU G 374 6.41 29.41 -34.35
N LYS G 375 5.59 30.47 -34.50
CA LYS G 375 4.27 30.57 -33.88
C LYS G 375 3.10 30.90 -34.82
N HIS G 376 1.95 30.25 -34.58
CA HIS G 376 0.68 30.47 -35.27
C HIS G 376 -0.29 30.88 -34.15
N ARG G 377 -0.51 32.20 -33.97
CA ARG G 377 -1.31 32.82 -32.91
C ARG G 377 -0.59 32.69 -31.54
N GLY G 378 0.74 32.49 -31.62
CA GLY G 378 1.65 32.35 -30.48
C GLY G 378 1.70 30.97 -29.85
N TYR G 379 1.05 29.97 -30.48
CA TYR G 379 0.98 28.61 -29.96
C TYR G 379 1.90 27.50 -30.45
N ALA G 380 2.58 27.63 -31.61
CA ALA G 380 3.52 26.62 -32.18
C ALA G 380 3.03 25.90 -33.42
N LEU G 381 2.95 26.63 -34.53
CA LEU G 381 2.61 26.16 -35.88
C LEU G 381 2.41 24.63 -36.05
N ASN G 382 3.44 23.82 -35.70
CA ASN G 382 3.41 22.35 -35.75
C ASN G 382 2.22 21.85 -34.90
N PRO G 383 1.16 21.32 -35.54
CA PRO G 383 -0.04 20.89 -34.77
C PRO G 383 0.20 19.75 -33.78
N VAL G 384 1.19 18.89 -34.06
CA VAL G 384 1.61 17.76 -33.20
C VAL G 384 2.29 18.38 -31.97
N ALA G 385 3.09 19.47 -32.19
CA ALA G 385 3.77 20.19 -31.11
C ALA G 385 2.73 20.76 -30.19
N ASN G 386 1.74 21.52 -30.74
CA ASN G 386 0.62 22.09 -29.98
C ASN G 386 -0.10 21.02 -29.16
N PHE G 387 -0.32 19.82 -29.76
CA PHE G 387 -0.97 18.68 -29.11
C PHE G 387 -0.29 18.24 -27.81
N HIS G 388 0.97 17.77 -27.87
CA HIS G 388 1.70 17.30 -26.70
C HIS G 388 1.95 18.40 -25.68
N LEU G 389 2.14 19.66 -26.14
CA LEU G 389 2.36 20.81 -25.26
C LEU G 389 1.11 21.22 -24.51
N GLN G 390 -0.07 21.15 -25.17
CA GLN G 390 -1.40 21.42 -24.59
C GLN G 390 -1.53 20.54 -23.36
N ASN G 391 -1.13 19.25 -23.52
CA ASN G 391 -1.15 18.19 -22.52
C ASN G 391 -0.11 18.36 -21.42
N GLY G 392 0.70 19.41 -21.53
CA GLY G 392 1.73 19.71 -20.55
C GLY G 392 3.00 18.93 -20.74
N ALA G 393 3.23 18.39 -21.96
CA ALA G 393 4.46 17.66 -22.26
C ALA G 393 5.61 18.64 -22.44
N VAL G 394 6.84 18.15 -22.33
CA VAL G 394 8.05 18.94 -22.49
C VAL G 394 8.63 18.55 -23.82
N LEU G 395 9.02 19.56 -24.62
CA LEU G 395 9.73 19.30 -25.85
C LEU G 395 11.11 18.94 -25.30
N TRP G 396 11.36 17.64 -25.22
CA TRP G 396 12.52 17.08 -24.55
C TRP G 396 13.77 16.76 -25.39
N ARG G 397 13.62 16.25 -26.62
CA ARG G 397 14.80 15.90 -27.45
C ARG G 397 14.45 15.81 -28.93
N ILE G 398 15.35 16.31 -29.78
CA ILE G 398 15.27 16.24 -31.24
C ILE G 398 16.20 15.10 -31.67
N ASN G 399 15.68 14.19 -32.50
CA ASN G 399 16.42 13.03 -32.97
C ASN G 399 16.72 12.99 -34.48
N TRP G 400 18.01 13.14 -34.83
CA TRP G 400 18.52 13.09 -36.21
C TRP G 400 18.30 11.69 -36.81
N MET G 401 17.95 11.64 -38.13
CA MET G 401 17.66 10.43 -38.92
C MET G 401 16.98 9.35 -38.08
N ALA G 402 15.80 9.69 -37.53
CA ALA G 402 15.04 8.81 -36.66
C ALA G 402 13.89 8.15 -37.43
N ASP G 403 13.60 8.67 -38.64
CA ASP G 403 12.57 8.15 -39.54
C ASP G 403 13.09 8.19 -40.97
N VAL G 404 13.65 7.06 -41.42
CA VAL G 404 14.22 6.91 -42.76
C VAL G 404 13.22 6.48 -43.85
N SER G 405 11.95 6.28 -43.47
CA SER G 405 10.89 5.88 -44.41
C SER G 405 10.56 7.04 -45.35
N LEU G 406 9.99 6.73 -46.54
CA LEU G 406 9.62 7.71 -47.56
C LEU G 406 8.84 8.89 -46.97
N ARG G 407 7.62 8.67 -46.40
CA ARG G 407 6.86 9.78 -45.79
C ARG G 407 7.67 10.55 -44.76
N GLY G 408 8.47 9.83 -43.96
CA GLY G 408 9.36 10.40 -42.95
C GLY G 408 10.38 11.37 -43.50
N ILE G 409 11.17 10.94 -44.51
CA ILE G 409 12.21 11.75 -45.18
C ILE G 409 11.61 13.01 -45.85
N THR G 410 10.63 12.83 -46.73
CA THR G 410 9.98 13.94 -47.42
C THR G 410 9.04 14.76 -46.55
N GLY G 411 8.63 14.19 -45.41
CA GLY G 411 7.75 14.85 -44.46
C GLY G 411 8.49 15.81 -43.55
N SER G 412 9.58 15.33 -42.94
CA SER G 412 10.39 16.13 -42.00
C SER G 412 11.90 15.83 -42.04
N CYS G 413 12.46 15.50 -43.23
CA CYS G 413 13.89 15.20 -43.43
C CYS G 413 14.48 14.16 -42.45
N GLY G 414 13.68 13.15 -42.11
CA GLY G 414 14.05 12.08 -41.18
C GLY G 414 14.00 12.39 -39.69
N LEU G 415 13.72 13.67 -39.34
CA LEU G 415 13.66 14.14 -37.96
C LEU G 415 12.41 13.76 -37.18
N MET G 416 12.62 13.14 -36.02
CA MET G 416 11.56 12.80 -35.08
C MET G 416 11.87 13.52 -33.79
N ALA G 417 10.82 13.91 -33.06
CA ALA G 417 10.96 14.65 -31.80
C ALA G 417 10.42 13.87 -30.62
N ASN G 418 11.04 14.06 -29.46
CA ASN G 418 10.62 13.40 -28.22
C ASN G 418 9.91 14.40 -27.32
N TYR G 419 8.63 14.11 -27.03
CA TYR G 419 7.81 14.91 -26.12
C TYR G 419 7.64 14.06 -24.88
N ARG G 420 8.31 14.50 -23.81
CA ARG G 420 8.30 13.78 -22.54
C ARG G 420 7.17 14.22 -21.61
N TYR G 421 6.65 13.26 -20.85
CA TYR G 421 5.59 13.45 -19.87
C TYR G 421 6.12 13.17 -18.47
N PHE G 422 6.31 14.26 -17.70
CA PHE G 422 6.72 14.19 -16.31
C PHE G 422 5.43 14.38 -15.58
N LEU G 423 4.90 13.28 -15.05
CA LEU G 423 3.59 13.17 -14.42
C LEU G 423 3.17 14.19 -13.39
N GLU G 424 4.05 14.55 -12.47
CA GLU G 424 3.74 15.50 -11.39
C GLU G 424 3.87 16.99 -11.78
N GLU G 425 4.16 17.26 -13.06
CA GLU G 425 4.24 18.62 -13.58
C GLU G 425 3.52 18.80 -14.95
N THR G 426 2.58 17.88 -15.29
CA THR G 426 1.80 18.01 -16.53
C THR G 426 0.74 19.10 -16.39
N GLY G 427 0.05 19.09 -15.25
CA GLY G 427 -0.98 20.04 -14.87
C GLY G 427 -0.58 21.50 -15.01
N PRO G 428 0.51 21.96 -14.36
CA PRO G 428 0.91 23.38 -14.51
C PRO G 428 1.50 23.71 -15.87
N ASN G 429 2.22 22.73 -16.50
CA ASN G 429 2.82 22.88 -17.83
C ASN G 429 1.74 23.12 -18.87
N SER G 430 0.54 22.55 -18.65
CA SER G 430 -0.65 22.73 -19.48
C SER G 430 -1.14 24.18 -19.33
N THR G 431 -1.27 24.68 -18.06
CA THR G 431 -1.70 26.04 -17.71
C THR G 431 -0.75 27.07 -18.32
N SER G 432 0.57 26.91 -18.05
CA SER G 432 1.62 27.81 -18.55
C SER G 432 1.63 27.89 -20.05
N TYR G 433 1.48 26.73 -20.72
CA TYR G 433 1.44 26.67 -22.17
C TYR G 433 0.18 27.33 -22.76
N LEU G 434 -0.99 27.10 -22.15
CA LEU G 434 -2.25 27.65 -22.64
C LEU G 434 -2.46 29.10 -22.22
N GLY G 435 -2.28 29.38 -20.93
CA GLY G 435 -2.46 30.72 -20.36
C GLY G 435 -1.43 31.73 -20.81
N SER G 436 -0.13 31.43 -20.54
CA SER G 436 1.00 32.31 -20.85
C SER G 436 1.73 32.09 -22.20
N LYS G 437 1.36 31.05 -22.97
CA LYS G 437 1.98 30.69 -24.27
C LYS G 437 3.47 30.28 -24.16
N ILE G 438 3.87 29.72 -22.99
CA ILE G 438 5.25 29.27 -22.68
C ILE G 438 5.48 27.83 -23.13
N ILE G 439 6.67 27.54 -23.68
CA ILE G 439 7.08 26.17 -24.01
C ILE G 439 8.20 25.76 -23.05
N LYS G 440 8.02 24.61 -22.39
CA LYS G 440 9.05 24.04 -21.52
C LYS G 440 9.89 23.13 -22.40
N ALA G 441 11.20 23.44 -22.52
CA ALA G 441 12.13 22.66 -23.34
C ALA G 441 13.39 22.28 -22.57
N SER G 442 13.93 21.09 -22.87
CA SER G 442 15.15 20.55 -22.26
C SER G 442 16.39 21.34 -22.70
N GLU G 443 17.51 21.18 -21.96
CA GLU G 443 18.80 21.83 -22.25
C GLU G 443 19.32 21.57 -23.67
N GLN G 444 19.07 20.35 -24.23
CA GLN G 444 19.48 19.96 -25.59
C GLN G 444 18.78 20.83 -26.65
N VAL G 445 17.44 21.01 -26.52
CA VAL G 445 16.61 21.80 -27.42
C VAL G 445 16.97 23.30 -27.33
N LEU G 446 17.08 23.84 -26.09
CA LEU G 446 17.44 25.24 -25.81
C LEU G 446 18.80 25.60 -26.40
N SER G 447 19.73 24.61 -26.46
CA SER G 447 21.07 24.77 -27.03
C SER G 447 21.00 24.93 -28.54
N LEU G 448 20.14 24.15 -29.21
CA LEU G 448 19.93 24.22 -30.66
C LEU G 448 19.28 25.54 -31.06
N VAL G 449 18.32 26.02 -30.23
CA VAL G 449 17.64 27.31 -30.40
C VAL G 449 18.70 28.39 -30.24
N ALA G 450 19.61 28.23 -29.23
CA ALA G 450 20.73 29.12 -28.96
C ALA G 450 21.67 29.21 -30.16
N GLN G 451 22.00 28.05 -30.79
CA GLN G 451 22.84 27.95 -32.00
C GLN G 451 22.23 28.76 -33.13
N PHE G 452 20.91 28.54 -33.36
CA PHE G 452 20.10 29.21 -34.38
C PHE G 452 20.08 30.73 -34.24
N GLN G 453 20.11 31.24 -32.98
CA GLN G 453 20.10 32.68 -32.69
C GLN G 453 21.36 33.41 -33.15
N LYS G 454 22.41 32.66 -33.51
CA LYS G 454 23.68 33.20 -33.97
C LYS G 454 23.71 33.52 -35.46
N ASN G 455 22.68 33.06 -36.21
CA ASN G 455 22.57 33.20 -37.67
C ASN G 455 21.09 33.07 -38.13
N SER G 456 20.28 34.10 -37.81
CA SER G 456 18.86 34.13 -38.18
C SER G 456 18.59 35.17 -39.26
N GLY H 3 -21.05 29.69 6.91
CA GLY H 3 -20.29 28.51 7.31
C GLY H 3 -19.14 28.20 6.32
N ALA H 4 -18.43 27.07 6.53
CA ALA H 4 -17.34 26.59 5.66
C ALA H 4 -17.90 26.08 4.33
N MET H 5 -19.25 26.06 4.23
CA MET H 5 -20.07 25.70 3.06
C MET H 5 -19.69 26.66 1.94
N ASP H 6 -19.68 27.97 2.28
CA ASP H 6 -19.31 29.08 1.39
C ASP H 6 -17.90 28.92 0.89
N GLU H 7 -16.95 28.62 1.81
CA GLU H 7 -15.53 28.43 1.51
C GLU H 7 -15.32 27.37 0.42
N LEU H 8 -15.81 26.11 0.65
CA LEU H 8 -15.69 25.01 -0.30
C LEU H 8 -16.11 25.45 -1.72
N LEU H 9 -17.31 26.06 -1.84
CA LEU H 9 -17.88 26.55 -3.10
C LEU H 9 -16.96 27.45 -3.91
N ARG H 10 -16.22 28.33 -3.23
CA ARG H 10 -15.31 29.29 -3.85
C ARG H 10 -13.96 28.70 -4.32
N ARG H 11 -13.64 27.46 -3.89
CA ARG H 11 -12.41 26.75 -4.27
C ARG H 11 -12.71 25.43 -5.00
N ALA H 12 -14.01 25.06 -5.06
CA ALA H 12 -14.49 23.83 -5.72
C ALA H 12 -15.19 24.04 -7.05
N VAL H 13 -16.06 25.06 -7.17
CA VAL H 13 -16.76 25.33 -8.44
C VAL H 13 -15.67 25.89 -9.37
N PRO H 14 -15.27 25.13 -10.42
CA PRO H 14 -14.23 25.63 -11.31
C PRO H 14 -14.54 27.01 -11.89
N PRO H 15 -13.53 27.88 -12.01
CA PRO H 15 -13.80 29.22 -12.54
C PRO H 15 -14.00 29.28 -14.04
N THR H 16 -14.91 30.18 -14.50
CA THR H 16 -15.18 30.39 -15.92
C THR H 16 -13.88 30.72 -16.67
N PRO H 17 -13.50 29.87 -17.64
CA PRO H 17 -12.28 30.16 -18.42
C PRO H 17 -12.49 31.34 -19.37
N ALA H 18 -11.36 31.94 -19.82
CA ALA H 18 -11.22 33.12 -20.69
C ALA H 18 -12.23 33.32 -21.84
N TYR H 19 -12.43 32.30 -22.70
CA TYR H 19 -13.28 32.23 -23.92
C TYR H 19 -12.45 31.57 -25.02
N GLU H 20 -11.18 31.96 -25.10
CA GLU H 20 -10.21 31.45 -26.06
C GLU H 20 -9.85 30.03 -25.61
N LEU H 21 -9.73 29.86 -24.28
CA LEU H 21 -9.47 28.59 -23.60
C LEU H 21 -10.80 27.89 -23.23
N ARG H 22 -11.92 28.25 -23.90
CA ARG H 22 -13.23 27.69 -23.60
C ARG H 22 -13.48 26.23 -24.02
N GLU H 23 -12.77 25.75 -25.06
CA GLU H 23 -12.98 24.39 -25.56
C GLU H 23 -11.95 23.40 -25.04
N LYS H 24 -11.16 23.85 -24.06
CA LYS H 24 -10.08 23.08 -23.47
C LYS H 24 -10.25 22.99 -21.97
N THR H 25 -10.22 21.75 -21.44
CA THR H 25 -10.36 21.56 -20.00
C THR H 25 -9.11 22.01 -19.29
N PRO H 26 -9.26 22.86 -18.25
CA PRO H 26 -8.07 23.23 -17.46
C PRO H 26 -7.69 22.03 -16.59
N ALA H 27 -6.43 21.92 -16.16
CA ALA H 27 -5.98 20.81 -15.33
C ALA H 27 -6.71 20.73 -13.96
N PRO H 28 -6.69 21.79 -13.08
CA PRO H 28 -7.34 21.69 -11.77
C PRO H 28 -8.83 21.36 -11.70
N ALA H 29 -9.54 21.31 -12.86
CA ALA H 29 -10.97 20.99 -12.95
C ALA H 29 -11.29 19.64 -12.32
N GLU H 30 -10.44 18.60 -12.60
CA GLU H 30 -10.56 17.25 -12.05
C GLU H 30 -10.53 17.26 -10.52
N GLY H 31 -9.52 17.93 -9.94
CA GLY H 31 -9.33 18.10 -8.50
C GLY H 31 -10.47 18.85 -7.82
N GLN H 32 -10.76 20.08 -8.32
CA GLN H 32 -11.81 20.98 -7.84
C GLN H 32 -13.18 20.30 -7.73
N CYS H 33 -13.56 19.48 -8.72
CA CYS H 33 -14.81 18.72 -8.78
C CYS H 33 -14.90 17.65 -7.70
N ALA H 34 -13.89 16.76 -7.63
CA ALA H 34 -13.81 15.68 -6.64
C ALA H 34 -14.02 16.22 -5.23
N ASP H 35 -13.50 17.44 -4.97
CA ASP H 35 -13.63 18.16 -3.70
C ASP H 35 -15.10 18.49 -3.44
N PHE H 36 -15.82 18.92 -4.48
CA PHE H 36 -17.25 19.24 -4.43
C PHE H 36 -18.07 17.97 -4.16
N VAL H 37 -17.74 16.85 -4.86
CA VAL H 37 -18.38 15.54 -4.73
C VAL H 37 -18.12 14.99 -3.32
N SER H 38 -16.86 15.13 -2.85
CA SER H 38 -16.40 14.71 -1.54
C SER H 38 -17.21 15.40 -0.47
N PHE H 39 -17.30 16.74 -0.55
CA PHE H 39 -18.04 17.56 0.40
C PHE H 39 -19.53 17.28 0.43
N TYR H 40 -20.22 17.41 -0.73
CA TYR H 40 -21.65 17.18 -0.88
C TYR H 40 -22.03 15.79 -0.34
N GLY H 41 -21.13 14.81 -0.60
CA GLY H 41 -21.25 13.44 -0.12
C GLY H 41 -21.20 13.37 1.40
N GLY H 42 -20.28 14.16 1.98
CA GLY H 42 -20.07 14.29 3.42
C GLY H 42 -21.24 14.87 4.19
N LEU H 43 -22.09 15.68 3.52
CA LEU H 43 -23.27 16.28 4.12
C LEU H 43 -24.39 15.24 4.28
N ALA H 44 -24.68 14.89 5.55
CA ALA H 44 -25.68 13.88 5.93
C ALA H 44 -27.15 14.33 5.85
N GLU H 45 -27.60 15.26 6.74
CA GLU H 45 -28.97 15.77 6.75
C GLU H 45 -29.20 16.58 5.47
N THR H 46 -30.34 16.35 4.78
CA THR H 46 -30.72 16.99 3.49
C THR H 46 -30.74 18.51 3.50
N ALA H 47 -31.27 19.13 4.58
CA ALA H 47 -31.40 20.59 4.70
C ALA H 47 -30.10 21.33 4.37
N GLN H 48 -28.95 20.74 4.75
CA GLN H 48 -27.61 21.25 4.46
C GLN H 48 -27.40 21.22 2.96
N ARG H 49 -27.63 20.04 2.32
CA ARG H 49 -27.53 19.82 0.86
C ARG H 49 -28.40 20.84 0.13
N ALA H 50 -29.63 21.09 0.65
CA ALA H 50 -30.59 22.07 0.12
C ALA H 50 -30.02 23.50 0.18
N GLU H 51 -29.37 23.88 1.30
CA GLU H 51 -28.78 25.21 1.46
C GLU H 51 -27.58 25.43 0.52
N LEU H 52 -26.70 24.41 0.42
CA LEU H 52 -25.53 24.42 -0.46
C LEU H 52 -25.96 24.57 -1.93
N LEU H 53 -27.06 23.90 -2.32
CA LEU H 53 -27.61 24.00 -3.67
C LEU H 53 -28.09 25.41 -3.94
N GLY H 54 -28.67 26.05 -2.92
CA GLY H 54 -29.13 27.43 -2.95
C GLY H 54 -27.96 28.37 -3.17
N ARG H 55 -26.89 28.16 -2.37
CA ARG H 55 -25.61 28.88 -2.40
C ARG H 55 -24.99 28.84 -3.80
N LEU H 56 -25.04 27.65 -4.44
CA LEU H 56 -24.51 27.39 -5.78
C LEU H 56 -25.28 28.13 -6.88
N ALA H 57 -26.64 27.99 -6.92
CA ALA H 57 -27.50 28.64 -7.92
C ALA H 57 -27.40 30.17 -7.86
N ARG H 58 -27.28 30.74 -6.65
CA ARG H 58 -27.16 32.18 -6.41
C ARG H 58 -25.81 32.71 -6.86
N GLY H 59 -24.74 32.20 -6.26
CA GLY H 59 -23.39 32.69 -6.52
C GLY H 59 -22.71 32.29 -7.80
N PHE H 60 -23.13 31.18 -8.43
CA PHE H 60 -22.43 30.60 -9.58
C PHE H 60 -23.26 30.44 -10.87
N GLY H 61 -24.15 31.39 -11.11
CA GLY H 61 -24.96 31.41 -12.32
C GLY H 61 -24.29 32.24 -13.40
N VAL H 62 -25.11 32.95 -14.19
CA VAL H 62 -24.64 33.85 -15.24
C VAL H 62 -23.97 35.05 -14.59
N ASP H 63 -22.90 35.56 -15.23
CA ASP H 63 -22.26 36.78 -14.77
C ASP H 63 -23.09 37.88 -15.41
N HIS H 64 -23.94 38.54 -14.61
CA HIS H 64 -24.86 39.60 -15.05
C HIS H 64 -24.18 40.85 -15.61
N GLY H 65 -22.97 41.14 -15.14
CA GLY H 65 -22.18 42.28 -15.60
C GLY H 65 -21.69 42.10 -17.03
N GLN H 66 -21.00 40.96 -17.27
CA GLN H 66 -20.46 40.53 -18.56
C GLN H 66 -21.55 40.43 -19.65
N VAL H 67 -22.78 40.03 -19.28
CA VAL H 67 -23.94 39.90 -20.17
C VAL H 67 -24.38 41.24 -20.72
N ALA H 68 -24.74 42.20 -19.83
CA ALA H 68 -25.18 43.56 -20.17
C ALA H 68 -24.15 44.28 -21.00
N GLU H 69 -22.84 44.01 -20.74
CA GLU H 69 -21.70 44.56 -21.47
C GLU H 69 -21.69 44.06 -22.92
N GLN H 70 -21.70 42.71 -23.13
CA GLN H 70 -21.72 42.08 -24.45
C GLN H 70 -22.97 42.38 -25.28
N SER H 71 -24.10 42.68 -24.59
CA SER H 71 -25.39 43.06 -25.21
C SER H 71 -25.21 44.42 -25.85
N ALA H 72 -24.57 45.36 -25.11
CA ALA H 72 -24.22 46.70 -25.60
C ALA H 72 -23.22 46.54 -26.74
N GLY H 73 -22.34 45.52 -26.62
CA GLY H 73 -21.36 45.13 -27.61
C GLY H 73 -22.00 44.87 -28.97
N VAL H 74 -22.99 43.94 -29.01
CA VAL H 74 -23.77 43.55 -30.19
C VAL H 74 -24.59 44.74 -30.73
N LEU H 75 -25.09 45.61 -29.84
CA LEU H 75 -25.87 46.79 -30.23
C LEU H 75 -25.01 47.87 -30.86
N HIS H 76 -23.89 48.23 -30.19
CA HIS H 76 -22.92 49.23 -30.65
C HIS H 76 -22.34 48.92 -32.02
N LEU H 77 -22.39 47.63 -32.46
CA LEU H 77 -21.88 47.20 -33.77
C LEU H 77 -22.94 47.27 -34.86
N ARG H 78 -24.21 47.02 -34.51
CA ARG H 78 -25.33 47.08 -35.44
C ARG H 78 -25.74 48.52 -35.82
N GLN H 79 -25.16 49.51 -35.13
CA GLN H 79 -25.36 50.95 -35.38
C GLN H 79 -24.40 51.39 -36.49
N GLN H 80 -23.40 50.55 -36.76
CA GLN H 80 -22.32 50.79 -37.72
C GLN H 80 -22.12 49.63 -38.70
N GLN H 81 -23.21 48.89 -39.01
CA GLN H 81 -23.27 47.75 -39.93
C GLN H 81 -21.92 47.15 -40.27
N ARG H 82 -21.36 46.38 -39.33
CA ARG H 82 -20.05 45.78 -39.56
C ARG H 82 -20.23 44.42 -40.24
N GLU H 83 -19.14 43.89 -40.79
CA GLU H 83 -19.08 42.60 -41.49
C GLU H 83 -19.59 41.47 -40.60
N ALA H 84 -20.28 40.48 -41.20
CA ALA H 84 -20.82 39.29 -40.54
C ALA H 84 -19.73 38.65 -39.70
N ALA H 85 -18.49 38.64 -40.25
CA ALA H 85 -17.25 38.15 -39.61
C ALA H 85 -17.12 38.67 -38.18
N VAL H 86 -17.40 39.98 -37.97
CA VAL H 86 -17.33 40.70 -36.68
C VAL H 86 -18.58 40.52 -35.81
N LEU H 87 -19.78 40.65 -36.42
CA LEU H 87 -21.06 40.52 -35.70
C LEU H 87 -21.23 39.16 -35.04
N LEU H 88 -20.87 38.08 -35.77
CA LEU H 88 -20.93 36.70 -35.28
C LEU H 88 -20.02 36.47 -34.08
N GLN H 89 -18.82 37.08 -34.10
CA GLN H 89 -17.82 37.02 -33.02
C GLN H 89 -18.37 37.64 -31.74
N ALA H 90 -18.94 38.87 -31.83
CA ALA H 90 -19.55 39.60 -30.72
C ALA H 90 -20.80 38.88 -30.19
N GLU H 91 -21.57 38.21 -31.08
CA GLU H 91 -22.76 37.44 -30.73
C GLU H 91 -22.38 36.21 -29.92
N ASP H 92 -21.29 35.52 -30.34
CA ASP H 92 -20.78 34.30 -29.71
C ASP H 92 -20.27 34.50 -28.29
N ARG H 93 -19.54 35.61 -28.02
CA ARG H 93 -19.03 35.95 -26.70
C ARG H 93 -20.19 36.23 -25.75
N LEU H 94 -21.30 36.78 -26.28
CA LEU H 94 -22.52 37.04 -25.54
C LEU H 94 -23.22 35.72 -25.18
N ARG H 95 -23.19 34.74 -26.11
CA ARG H 95 -23.77 33.40 -25.95
C ARG H 95 -22.98 32.61 -24.92
N TYR H 96 -21.63 32.75 -24.94
CA TYR H 96 -20.74 32.11 -23.99
C TYR H 96 -20.93 32.79 -22.64
N ALA H 97 -20.94 34.14 -22.59
CA ALA H 97 -21.16 34.92 -21.37
C ALA H 97 -22.51 34.61 -20.70
N LEU H 98 -23.47 34.03 -21.46
CA LEU H 98 -24.80 33.64 -20.99
C LEU H 98 -24.88 32.22 -20.40
N VAL H 99 -23.89 31.36 -20.69
CA VAL H 99 -23.81 30.02 -20.13
C VAL H 99 -23.42 30.16 -18.64
N PRO H 100 -24.26 29.71 -17.69
CA PRO H 100 -23.88 29.88 -16.28
C PRO H 100 -22.67 29.03 -15.85
N ARG H 101 -22.01 29.49 -14.76
CA ARG H 101 -20.83 28.86 -14.19
C ARG H 101 -21.07 27.44 -13.67
N TYR H 102 -22.26 27.15 -13.10
CA TYR H 102 -22.55 25.79 -12.60
C TYR H 102 -22.57 24.70 -13.66
N ARG H 103 -22.67 25.08 -14.96
CA ARG H 103 -22.64 24.11 -16.06
C ARG H 103 -21.29 23.41 -16.09
N GLY H 104 -20.21 24.18 -15.93
CA GLY H 104 -18.83 23.72 -15.86
C GLY H 104 -18.61 22.69 -14.77
N LEU H 105 -19.18 22.96 -13.57
CA LEU H 105 -19.15 22.08 -12.40
C LEU H 105 -19.76 20.74 -12.77
N PHE H 106 -21.03 20.75 -13.27
CA PHE H 106 -21.80 19.59 -13.72
C PHE H 106 -21.09 18.81 -14.80
N HIS H 107 -20.59 19.52 -15.82
CA HIS H 107 -19.86 18.93 -16.94
C HIS H 107 -18.60 18.23 -16.43
N HIS H 108 -17.77 18.95 -15.66
CA HIS H 108 -16.55 18.40 -15.09
C HIS H 108 -16.76 17.30 -14.05
N ILE H 109 -17.98 17.22 -13.45
CA ILE H 109 -18.32 16.16 -12.49
C ILE H 109 -18.67 14.89 -13.28
N SER H 110 -19.31 15.05 -14.46
CA SER H 110 -19.70 13.94 -15.34
C SER H 110 -18.55 13.02 -15.72
N LYS H 111 -17.36 13.61 -16.01
CA LYS H 111 -16.11 12.92 -16.38
C LYS H 111 -15.54 12.07 -15.25
N LEU H 112 -15.87 12.41 -13.98
CA LEU H 112 -15.41 11.71 -12.77
C LEU H 112 -15.76 10.23 -12.73
N ASP H 113 -15.10 9.49 -11.82
CA ASP H 113 -15.25 8.04 -11.64
C ASP H 113 -16.65 7.50 -11.26
N GLY H 114 -17.53 8.37 -10.75
CA GLY H 114 -18.89 8.02 -10.37
C GLY H 114 -19.85 9.19 -10.50
N GLY H 115 -19.41 10.17 -11.31
CA GLY H 115 -20.06 11.43 -11.62
C GLY H 115 -21.51 11.46 -12.06
N VAL H 116 -21.86 10.77 -13.18
CA VAL H 116 -23.23 10.75 -13.73
C VAL H 116 -24.23 10.23 -12.67
N ARG H 117 -23.85 9.15 -11.96
CA ARG H 117 -24.61 8.58 -10.85
C ARG H 117 -24.85 9.70 -9.83
N PHE H 118 -23.75 10.33 -9.34
CA PHE H 118 -23.73 11.46 -8.40
C PHE H 118 -24.67 12.59 -8.83
N LEU H 119 -24.60 12.99 -10.12
CA LEU H 119 -25.41 14.07 -10.68
C LEU H 119 -26.90 13.77 -10.67
N VAL H 120 -27.28 12.48 -10.84
CA VAL H 120 -28.66 11.99 -10.77
C VAL H 120 -29.16 12.20 -9.34
N GLN H 121 -28.40 11.68 -8.35
CA GLN H 121 -28.68 11.80 -6.91
C GLN H 121 -28.78 13.26 -6.48
N LEU H 122 -27.95 14.14 -7.09
CA LEU H 122 -27.96 15.59 -6.84
C LEU H 122 -29.30 16.21 -7.28
N ARG H 123 -29.77 15.85 -8.50
CA ARG H 123 -31.04 16.32 -9.06
C ARG H 123 -32.19 15.93 -8.14
N ALA H 124 -32.22 14.65 -7.70
CA ALA H 124 -33.24 14.11 -6.79
C ALA H 124 -33.39 15.06 -5.59
N ASP H 125 -32.25 15.47 -4.98
CA ASP H 125 -32.18 16.38 -3.84
C ASP H 125 -32.73 17.76 -4.17
N LEU H 126 -32.43 18.28 -5.37
CA LEU H 126 -32.89 19.59 -5.85
C LEU H 126 -34.42 19.60 -6.04
N LEU H 127 -34.99 18.47 -6.52
CA LEU H 127 -36.44 18.32 -6.69
C LEU H 127 -37.14 18.14 -5.36
N GLU H 128 -36.47 17.50 -4.38
CA GLU H 128 -36.95 17.30 -3.01
C GLU H 128 -36.93 18.64 -2.30
N ALA H 129 -35.76 19.34 -2.34
CA ALA H 129 -35.54 20.64 -1.75
C ALA H 129 -36.59 21.66 -2.21
N GLN H 130 -37.08 21.53 -3.45
CA GLN H 130 -38.14 22.38 -3.97
C GLN H 130 -39.50 21.94 -3.43
N ALA H 131 -39.86 20.63 -3.56
CA ALA H 131 -41.11 20.02 -3.09
C ALA H 131 -41.34 20.10 -1.56
N LEU H 132 -40.36 20.65 -0.82
CA LEU H 132 -40.39 20.84 0.62
C LEU H 132 -40.13 22.31 0.96
N LYS H 133 -40.36 23.21 -0.04
CA LYS H 133 -40.14 24.67 0.02
C LYS H 133 -38.88 25.01 0.84
N LEU H 134 -37.81 24.21 0.63
CA LEU H 134 -36.52 24.37 1.31
C LEU H 134 -35.61 25.31 0.55
N VAL H 135 -35.88 25.50 -0.76
CA VAL H 135 -35.17 26.38 -1.69
C VAL H 135 -36.14 26.92 -2.74
N GLU H 136 -36.51 28.19 -2.61
CA GLU H 136 -37.40 28.89 -3.54
C GLU H 136 -36.51 29.80 -4.37
N GLY H 137 -37.06 30.36 -5.45
CA GLY H 137 -36.31 31.29 -6.27
C GLY H 137 -36.07 30.92 -7.72
N PRO H 138 -36.02 31.94 -8.60
CA PRO H 138 -35.73 31.71 -10.02
C PRO H 138 -34.33 31.16 -10.32
N ASP H 139 -33.36 31.35 -9.40
CA ASP H 139 -31.98 30.89 -9.54
C ASP H 139 -31.90 29.37 -9.46
N VAL H 140 -32.62 28.77 -8.48
CA VAL H 140 -32.70 27.31 -8.31
C VAL H 140 -33.48 26.73 -9.49
N ARG H 141 -34.49 27.51 -9.97
CA ARG H 141 -35.33 27.18 -11.11
C ARG H 141 -34.49 27.12 -12.36
N GLU H 142 -33.60 28.12 -12.55
CA GLU H 142 -32.63 28.21 -13.65
C GLU H 142 -31.70 27.00 -13.61
N MET H 143 -31.09 26.75 -12.43
CA MET H 143 -30.16 25.64 -12.16
C MET H 143 -30.79 24.26 -12.39
N ASN H 144 -32.09 24.12 -12.08
CA ASN H 144 -32.82 22.86 -12.26
C ASN H 144 -32.92 22.51 -13.74
N GLY H 145 -33.39 23.48 -14.53
CA GLY H 145 -33.55 23.37 -15.98
C GLY H 145 -32.27 23.06 -16.72
N VAL H 146 -31.13 23.59 -16.23
CA VAL H 146 -29.80 23.40 -16.81
C VAL H 146 -29.34 21.95 -16.54
N LEU H 147 -29.62 21.44 -15.32
CA LEU H 147 -29.24 20.08 -14.93
C LEU H 147 -30.06 19.02 -15.66
N LYS H 148 -31.38 19.28 -15.84
CA LYS H 148 -32.32 18.41 -16.56
C LYS H 148 -31.84 18.20 -17.98
N GLY H 149 -31.60 19.31 -18.69
CA GLY H 149 -31.09 19.37 -20.07
C GLY H 149 -29.81 18.58 -20.27
N MET H 150 -28.87 18.70 -19.31
CA MET H 150 -27.62 17.94 -19.32
C MET H 150 -27.94 16.46 -19.19
N LEU H 151 -28.74 16.09 -18.16
CA LEU H 151 -29.19 14.71 -17.91
C LEU H 151 -30.01 14.09 -19.05
N SER H 152 -30.70 14.92 -19.87
CA SER H 152 -31.50 14.48 -21.01
C SER H 152 -30.63 13.93 -22.15
N GLU H 153 -29.42 14.50 -22.31
CA GLU H 153 -28.49 14.06 -23.35
C GLU H 153 -27.75 12.78 -22.96
N TRP H 154 -27.51 12.58 -21.66
CA TRP H 154 -26.82 11.41 -21.13
C TRP H 154 -27.72 10.20 -20.94
N PHE H 155 -29.03 10.41 -20.98
CA PHE H 155 -30.01 9.35 -20.81
C PHE H 155 -30.99 9.35 -21.98
N SER H 156 -30.46 9.52 -23.19
CA SER H 156 -31.24 9.49 -24.41
C SER H 156 -31.12 8.10 -24.94
N SER H 157 -32.24 7.49 -25.36
CA SER H 157 -32.37 6.16 -25.95
C SER H 157 -31.03 5.47 -26.28
N GLY H 158 -30.24 6.12 -27.15
CA GLY H 158 -28.92 5.68 -27.59
C GLY H 158 -27.88 5.51 -26.51
N PHE H 159 -28.21 5.81 -25.25
CA PHE H 159 -27.38 5.69 -24.05
C PHE H 159 -27.93 4.64 -23.11
N LEU H 160 -28.97 3.91 -23.54
CA LEU H 160 -29.62 2.91 -22.70
C LEU H 160 -29.65 1.53 -23.34
N ASN H 161 -29.59 0.47 -22.52
CA ASN H 161 -29.64 -0.91 -22.98
C ASN H 161 -31.02 -1.44 -22.76
N LEU H 162 -31.44 -2.37 -23.60
CA LEU H 162 -32.73 -3.01 -23.41
C LEU H 162 -32.44 -4.41 -22.93
N GLU H 163 -32.53 -4.60 -21.60
CA GLU H 163 -32.26 -5.90 -21.00
C GLU H 163 -33.54 -6.64 -20.75
N ARG H 164 -33.49 -7.96 -20.92
CA ARG H 164 -34.65 -8.81 -20.69
C ARG H 164 -34.45 -9.63 -19.43
N VAL H 165 -35.52 -9.77 -18.66
CA VAL H 165 -35.56 -10.57 -17.43
C VAL H 165 -36.32 -11.83 -17.79
N THR H 166 -35.75 -12.97 -17.42
CA THR H 166 -36.34 -14.28 -17.58
C THR H 166 -36.03 -15.03 -16.28
N TRP H 167 -36.36 -16.31 -16.22
CA TRP H 167 -36.04 -17.16 -15.09
C TRP H 167 -34.56 -17.56 -15.09
N HIS H 168 -33.88 -17.36 -16.24
CA HIS H 168 -32.44 -17.62 -16.39
C HIS H 168 -31.62 -16.44 -15.84
N SER H 169 -32.27 -15.27 -15.65
CA SER H 169 -31.64 -14.09 -15.07
C SER H 169 -31.22 -14.35 -13.61
N PRO H 170 -30.17 -13.67 -13.10
CA PRO H 170 -29.76 -13.89 -11.70
C PRO H 170 -30.84 -13.47 -10.71
N CYS H 171 -30.79 -14.02 -9.48
CA CYS H 171 -31.71 -13.72 -8.39
C CYS H 171 -31.62 -12.26 -8.01
N GLU H 172 -30.37 -11.75 -7.90
CA GLU H 172 -30.03 -10.35 -7.59
C GLU H 172 -30.91 -9.41 -8.43
N VAL H 173 -30.99 -9.67 -9.75
CA VAL H 173 -31.79 -8.95 -10.76
C VAL H 173 -33.29 -9.03 -10.46
N LEU H 174 -33.81 -10.23 -10.16
CA LEU H 174 -35.23 -10.45 -9.86
C LEU H 174 -35.64 -9.73 -8.58
N GLN H 175 -34.72 -9.70 -7.60
CA GLN H 175 -34.91 -9.00 -6.33
C GLN H 175 -35.00 -7.49 -6.57
N LYS H 176 -34.17 -6.94 -7.50
CA LYS H 176 -34.18 -5.52 -7.87
C LYS H 176 -35.52 -5.14 -8.51
N ILE H 177 -36.04 -5.98 -9.44
CA ILE H 177 -37.34 -5.77 -10.11
C ILE H 177 -38.53 -5.84 -9.15
N SER H 178 -38.47 -6.78 -8.19
CA SER H 178 -39.53 -6.94 -7.18
C SER H 178 -39.60 -5.67 -6.34
N GLU H 179 -38.46 -5.23 -5.79
CA GLU H 179 -38.32 -4.03 -4.98
C GLU H 179 -38.81 -2.78 -5.71
N ALA H 180 -38.29 -2.52 -6.93
CA ALA H 180 -38.66 -1.36 -7.75
C ALA H 180 -40.05 -1.47 -8.44
N GLU H 181 -40.85 -2.50 -8.08
CA GLU H 181 -42.21 -2.70 -8.60
C GLU H 181 -43.18 -1.62 -8.07
N ALA H 182 -43.65 -0.73 -8.99
CA ALA H 182 -44.48 0.44 -8.68
C ALA H 182 -45.99 0.47 -9.00
N VAL H 183 -46.48 -0.33 -9.96
CA VAL H 183 -47.91 -0.27 -10.34
C VAL H 183 -48.80 -1.32 -9.62
N HIS H 184 -48.36 -2.59 -9.60
CA HIS H 184 -49.06 -3.70 -8.95
C HIS H 184 -48.06 -4.60 -8.19
N PRO H 185 -47.79 -4.33 -6.88
CA PRO H 185 -46.82 -5.16 -6.12
C PRO H 185 -46.90 -6.69 -6.29
N VAL H 186 -45.72 -7.32 -6.53
CA VAL H 186 -45.58 -8.77 -6.73
C VAL H 186 -45.92 -9.54 -5.44
N LYS H 187 -46.93 -10.44 -5.55
CA LYS H 187 -47.44 -11.27 -4.46
C LYS H 187 -46.44 -12.22 -3.77
N ASN H 188 -45.91 -13.24 -4.47
CA ASN H 188 -44.95 -14.20 -3.92
C ASN H 188 -43.93 -14.59 -5.00
N TRP H 189 -42.96 -15.49 -4.70
CA TRP H 189 -41.96 -15.90 -5.68
C TRP H 189 -42.57 -16.71 -6.80
N MET H 190 -43.47 -17.68 -6.46
CA MET H 190 -44.21 -18.53 -7.42
C MET H 190 -44.91 -17.61 -8.42
N ASP H 191 -45.27 -16.38 -7.96
CA ASP H 191 -45.85 -15.33 -8.79
C ASP H 191 -44.79 -14.71 -9.70
N MET H 192 -43.63 -14.28 -9.15
CA MET H 192 -42.54 -13.68 -9.95
C MET H 192 -42.16 -14.57 -11.14
N LYS H 193 -42.09 -15.92 -10.94
CA LYS H 193 -41.80 -16.90 -12.00
C LYS H 193 -42.82 -16.78 -13.14
N ARG H 194 -44.12 -16.59 -12.81
CA ARG H 194 -45.21 -16.42 -13.78
C ARG H 194 -45.06 -15.15 -14.62
N ARG H 195 -44.68 -14.02 -13.97
CA ARG H 195 -44.52 -12.70 -14.60
C ARG H 195 -43.40 -12.59 -15.65
N VAL H 196 -42.47 -13.56 -15.66
CA VAL H 196 -41.32 -13.64 -16.59
C VAL H 196 -41.36 -15.00 -17.34
N GLY H 197 -42.52 -15.64 -17.33
CA GLY H 197 -42.70 -16.95 -17.95
C GLY H 197 -43.42 -16.94 -19.28
N PRO H 198 -44.11 -18.05 -19.63
CA PRO H 198 -44.85 -18.09 -20.90
C PRO H 198 -45.98 -17.06 -20.94
N TYR H 199 -46.13 -16.37 -22.10
CA TYR H 199 -47.12 -15.32 -22.38
C TYR H 199 -46.88 -13.99 -21.65
N ARG H 200 -45.71 -13.84 -21.00
CA ARG H 200 -45.35 -12.62 -20.26
C ARG H 200 -43.91 -12.24 -20.56
N ARG H 201 -43.68 -10.95 -20.84
CA ARG H 201 -42.33 -10.43 -21.10
C ARG H 201 -42.02 -9.29 -20.14
N CYS H 202 -40.82 -9.32 -19.58
CA CYS H 202 -40.35 -8.33 -18.62
C CYS H 202 -39.02 -7.75 -19.08
N TYR H 203 -39.01 -6.42 -19.28
CA TYR H 203 -37.83 -5.68 -19.73
C TYR H 203 -37.50 -4.51 -18.85
N PHE H 204 -36.26 -4.03 -18.98
CA PHE H 204 -35.77 -2.84 -18.31
C PHE H 204 -34.71 -2.16 -19.13
N PHE H 205 -34.57 -0.86 -18.90
CA PHE H 205 -33.57 -0.03 -19.54
C PHE H 205 -32.52 0.33 -18.52
N SER H 206 -31.27 0.06 -18.86
CA SER H 206 -30.12 0.35 -18.01
C SER H 206 -29.21 1.32 -18.72
N HIS H 207 -28.49 2.16 -17.98
CA HIS H 207 -27.53 3.04 -18.65
C HIS H 207 -26.38 2.15 -19.10
N CYS H 208 -25.88 2.36 -20.34
CA CYS H 208 -24.79 1.59 -20.94
C CYS H 208 -23.61 1.46 -20.00
N SER H 209 -23.23 2.56 -19.32
CA SER H 209 -22.12 2.64 -18.35
C SER H 209 -22.29 1.77 -17.11
N THR H 210 -23.52 1.73 -16.55
CA THR H 210 -23.88 0.87 -15.42
C THR H 210 -24.90 -0.16 -15.92
N PRO H 211 -24.50 -1.15 -16.76
CA PRO H 211 -25.48 -2.16 -17.19
C PRO H 211 -25.87 -3.08 -16.02
N GLY H 212 -27.11 -3.52 -16.03
CA GLY H 212 -27.62 -4.36 -14.95
C GLY H 212 -28.33 -3.56 -13.88
N GLU H 213 -27.99 -2.26 -13.72
CA GLU H 213 -28.65 -1.37 -12.78
C GLU H 213 -29.85 -0.78 -13.53
N PRO H 214 -31.09 -1.24 -13.21
CA PRO H 214 -32.28 -0.78 -13.96
C PRO H 214 -32.79 0.61 -13.63
N LEU H 215 -33.35 1.28 -14.63
CA LEU H 215 -33.87 2.63 -14.49
C LEU H 215 -35.38 2.67 -14.67
N VAL H 216 -35.90 1.72 -15.45
CA VAL H 216 -37.32 1.62 -15.79
C VAL H 216 -37.71 0.19 -16.18
N VAL H 217 -38.69 -0.40 -15.46
CA VAL H 217 -39.18 -1.76 -15.65
C VAL H 217 -40.51 -1.80 -16.41
N LEU H 218 -40.56 -2.54 -17.51
CA LEU H 218 -41.75 -2.67 -18.35
C LEU H 218 -42.20 -4.13 -18.32
N HIS H 219 -43.44 -4.36 -17.90
CA HIS H 219 -44.04 -5.69 -17.87
C HIS H 219 -45.04 -5.75 -19.00
N VAL H 220 -45.00 -6.85 -19.79
CA VAL H 220 -45.84 -7.03 -20.96
C VAL H 220 -46.59 -8.36 -20.95
N ALA H 221 -47.90 -8.32 -21.24
CA ALA H 221 -48.74 -9.51 -21.35
C ALA H 221 -49.05 -9.77 -22.83
N LEU H 222 -48.65 -10.95 -23.33
CA LEU H 222 -48.88 -11.40 -24.71
C LEU H 222 -50.25 -12.05 -24.73
N THR H 223 -51.14 -11.53 -25.60
CA THR H 223 -52.55 -11.90 -25.60
C THR H 223 -53.26 -12.09 -26.96
N GLY H 224 -54.54 -12.48 -26.88
CA GLY H 224 -55.46 -12.68 -27.99
C GLY H 224 -56.33 -11.47 -28.33
N ASP H 225 -56.38 -10.44 -27.44
CA ASP H 225 -57.17 -9.21 -27.60
C ASP H 225 -56.65 -8.07 -26.72
N ILE H 226 -57.25 -6.87 -26.82
CA ILE H 226 -56.86 -5.77 -25.94
C ILE H 226 -57.47 -6.01 -24.56
N SER H 227 -56.62 -6.33 -23.56
CA SER H 227 -57.03 -6.60 -22.17
C SER H 227 -57.79 -5.45 -21.52
N SER H 228 -58.72 -5.81 -20.62
CA SER H 228 -59.61 -4.88 -19.94
C SER H 228 -59.69 -5.11 -18.43
N ASN H 229 -59.04 -6.17 -17.95
CA ASN H 229 -59.05 -6.53 -16.53
C ASN H 229 -57.64 -6.92 -16.08
N ILE H 230 -57.14 -6.25 -15.03
CA ILE H 230 -55.81 -6.50 -14.47
C ILE H 230 -55.70 -7.87 -13.80
N GLN H 231 -56.72 -8.28 -13.03
CA GLN H 231 -56.76 -9.56 -12.32
C GLN H 231 -56.64 -10.70 -13.32
N ALA H 232 -57.33 -10.56 -14.49
CA ALA H 232 -57.30 -11.52 -15.61
C ALA H 232 -55.88 -11.76 -16.16
N ILE H 233 -54.90 -10.90 -15.78
CA ILE H 233 -53.50 -11.04 -16.20
C ILE H 233 -52.68 -11.76 -15.11
N VAL H 234 -52.57 -11.13 -13.92
CA VAL H 234 -51.75 -11.57 -12.80
C VAL H 234 -52.21 -12.89 -12.15
N LYS H 235 -53.53 -13.10 -12.08
CA LYS H 235 -54.10 -14.30 -11.44
C LYS H 235 -54.30 -15.49 -12.40
N GLU H 236 -53.62 -15.46 -13.57
CA GLU H 236 -53.69 -16.53 -14.58
C GLU H 236 -52.45 -17.41 -14.50
N HIS H 237 -52.68 -18.73 -14.45
CA HIS H 237 -51.61 -19.71 -14.53
C HIS H 237 -51.89 -20.42 -15.84
N PRO H 238 -51.02 -20.25 -16.86
CA PRO H 238 -51.27 -20.93 -18.14
C PRO H 238 -50.94 -22.44 -18.04
N PRO H 239 -51.10 -23.27 -19.10
CA PRO H 239 -50.78 -24.68 -18.94
C PRO H 239 -49.26 -24.95 -19.02
N SER H 240 -48.42 -23.89 -18.89
CA SER H 240 -46.95 -23.91 -18.97
C SER H 240 -46.38 -24.29 -20.36
N GLU H 241 -47.23 -24.83 -21.25
CA GLU H 241 -46.90 -25.24 -22.61
C GLU H 241 -46.27 -24.05 -23.32
N THR H 242 -45.03 -24.23 -23.85
CA THR H 242 -44.27 -23.17 -24.54
C THR H 242 -45.16 -22.41 -25.48
N GLU H 243 -45.22 -21.09 -25.28
CA GLU H 243 -46.02 -20.10 -26.01
C GLU H 243 -46.46 -20.55 -27.38
N GLU H 244 -47.76 -20.74 -27.57
CA GLU H 244 -48.33 -21.07 -28.88
C GLU H 244 -48.17 -19.72 -29.59
N LYS H 245 -47.25 -19.64 -30.56
CA LYS H 245 -46.95 -18.39 -31.29
C LYS H 245 -48.17 -17.85 -32.04
N ASN H 246 -48.99 -18.77 -32.58
CA ASN H 246 -50.19 -18.48 -33.36
C ASN H 246 -51.28 -17.70 -32.62
N LYS H 247 -51.55 -18.05 -31.34
CA LYS H 247 -52.59 -17.41 -30.52
C LYS H 247 -52.21 -16.03 -29.90
N ILE H 248 -51.16 -15.36 -30.42
CA ILE H 248 -50.73 -14.05 -29.93
C ILE H 248 -51.08 -12.94 -30.95
N THR H 249 -52.19 -12.23 -30.69
CA THR H 249 -52.70 -11.14 -31.51
C THR H 249 -52.06 -9.80 -31.14
N ALA H 250 -52.03 -9.48 -29.83
CA ALA H 250 -51.58 -8.19 -29.33
C ALA H 250 -50.63 -8.22 -28.12
N ALA H 251 -50.01 -7.07 -27.83
CA ALA H 251 -49.12 -6.86 -26.70
C ALA H 251 -49.68 -5.78 -25.78
N ILE H 252 -49.82 -6.10 -24.47
CA ILE H 252 -50.36 -5.20 -23.45
C ILE H 252 -49.29 -4.84 -22.42
N PHE H 253 -49.16 -3.53 -22.12
CA PHE H 253 -48.25 -3.01 -21.10
C PHE H 253 -49.05 -2.80 -19.81
N TYR H 254 -48.88 -3.68 -18.81
CA TYR H 254 -49.63 -3.61 -17.55
C TYR H 254 -48.95 -2.96 -16.33
N SER H 255 -47.63 -2.71 -16.41
CA SER H 255 -46.85 -2.04 -15.37
C SER H 255 -45.64 -1.37 -16.00
N ILE H 256 -45.41 -0.12 -15.60
CA ILE H 256 -44.27 0.71 -16.00
C ILE H 256 -43.79 1.39 -14.72
N SER H 257 -42.52 1.12 -14.36
CA SER H 257 -41.91 1.65 -13.15
C SER H 257 -40.64 2.45 -13.38
N LEU H 258 -40.64 3.72 -12.96
CA LEU H 258 -39.43 4.53 -13.00
C LEU H 258 -38.70 4.21 -11.68
N THR H 259 -37.45 3.70 -11.76
CA THR H 259 -36.63 3.27 -10.63
C THR H 259 -35.93 4.41 -9.88
N GLN H 260 -35.57 5.48 -10.59
CA GLN H 260 -34.85 6.57 -9.97
C GLN H 260 -35.61 7.87 -10.07
N GLN H 261 -35.98 8.44 -8.92
CA GLN H 261 -36.72 9.69 -8.85
C GLN H 261 -35.94 10.92 -9.36
N GLY H 262 -34.62 10.79 -9.50
CA GLY H 262 -33.74 11.82 -10.04
C GLY H 262 -34.03 12.12 -11.50
N LEU H 263 -34.46 11.10 -12.26
CA LEU H 263 -34.79 11.19 -13.69
C LEU H 263 -36.26 11.48 -14.07
N GLN H 264 -37.06 12.05 -13.14
CA GLN H 264 -38.47 12.41 -13.36
C GLN H 264 -38.65 13.37 -14.55
N GLY H 265 -39.28 12.86 -15.60
CA GLY H 265 -39.58 13.58 -16.84
C GLY H 265 -38.46 14.31 -17.52
N VAL H 266 -37.28 13.66 -17.68
CA VAL H 266 -36.13 14.22 -18.41
C VAL H 266 -36.24 13.67 -19.82
N GLU H 267 -36.53 12.35 -19.90
CA GLU H 267 -36.75 11.54 -21.09
C GLU H 267 -38.10 11.91 -21.72
N LEU H 268 -38.53 11.17 -22.76
CA LEU H 268 -39.81 11.42 -23.40
C LEU H 268 -40.78 10.29 -23.09
N GLY H 269 -40.39 9.06 -23.41
CA GLY H 269 -41.21 7.89 -23.16
C GLY H 269 -41.37 6.98 -24.35
N THR H 270 -41.67 7.58 -25.53
CA THR H 270 -41.86 6.90 -26.83
C THR H 270 -40.96 5.67 -27.00
N PHE H 271 -39.62 5.88 -26.95
CA PHE H 271 -38.59 4.84 -27.12
C PHE H 271 -38.66 3.73 -26.08
N LEU H 272 -39.24 3.99 -24.90
CA LEU H 272 -39.36 2.95 -23.87
C LEU H 272 -40.29 1.91 -24.48
N ILE H 273 -41.43 2.37 -25.01
CA ILE H 273 -42.45 1.54 -25.70
C ILE H 273 -41.95 1.06 -27.06
N LYS H 274 -41.78 1.98 -28.04
CA LYS H 274 -41.38 1.69 -29.43
C LYS H 274 -40.12 0.84 -29.60
N ARG H 275 -39.25 0.82 -28.57
CA ARG H 275 -38.05 0.00 -28.57
C ARG H 275 -38.36 -1.42 -28.14
N VAL H 276 -39.32 -1.58 -27.20
CA VAL H 276 -39.80 -2.87 -26.68
C VAL H 276 -40.66 -3.49 -27.79
N VAL H 277 -41.34 -2.62 -28.57
CA VAL H 277 -42.20 -2.99 -29.69
C VAL H 277 -41.41 -3.70 -30.79
N LYS H 278 -40.34 -3.05 -31.31
CA LYS H 278 -39.42 -3.60 -32.33
C LYS H 278 -38.84 -4.91 -31.81
N GLU H 279 -38.42 -4.89 -30.52
CA GLU H 279 -37.88 -6.00 -29.75
C GLU H 279 -38.83 -7.20 -29.80
N LEU H 280 -40.14 -6.98 -29.49
CA LEU H 280 -41.16 -8.01 -29.54
C LEU H 280 -41.34 -8.49 -30.97
N GLN H 281 -41.66 -7.55 -31.90
CA GLN H 281 -41.87 -7.74 -33.35
C GLN H 281 -40.89 -8.69 -34.02
N ARG H 282 -39.65 -8.74 -33.54
CA ARG H 282 -38.59 -9.62 -34.05
C ARG H 282 -38.99 -11.09 -33.83
N GLU H 283 -39.55 -11.39 -32.65
CA GLU H 283 -40.02 -12.72 -32.25
C GLU H 283 -41.41 -13.04 -32.81
N PHE H 284 -42.29 -12.03 -32.89
CA PHE H 284 -43.65 -12.19 -33.41
C PHE H 284 -43.88 -11.19 -34.57
N PRO H 285 -43.35 -11.49 -35.79
CA PRO H 285 -43.47 -10.55 -36.92
C PRO H 285 -44.89 -10.03 -37.19
N HIS H 286 -45.87 -10.94 -37.22
CA HIS H 286 -47.28 -10.67 -37.53
C HIS H 286 -48.08 -10.07 -36.34
N LEU H 287 -47.39 -9.62 -35.28
CA LEU H 287 -47.97 -8.98 -34.10
C LEU H 287 -48.11 -7.48 -34.45
N GLY H 288 -49.33 -6.95 -34.38
CA GLY H 288 -49.59 -5.57 -34.76
C GLY H 288 -50.42 -4.66 -33.87
N VAL H 289 -51.05 -5.19 -32.80
CA VAL H 289 -51.90 -4.39 -31.90
C VAL H 289 -51.14 -4.10 -30.60
N PHE H 290 -51.07 -2.81 -30.18
CA PHE H 290 -50.32 -2.41 -28.98
C PHE H 290 -51.08 -1.42 -28.13
N SER H 291 -51.14 -1.70 -26.82
CA SER H 291 -51.80 -0.84 -25.85
C SER H 291 -51.35 -1.15 -24.44
N SER H 292 -51.63 -0.21 -23.54
CA SER H 292 -51.35 -0.35 -22.12
C SER H 292 -52.66 -0.61 -21.41
N LEU H 293 -52.58 -1.16 -20.20
CA LEU H 293 -53.72 -1.32 -19.32
C LEU H 293 -53.25 -0.63 -18.07
N SER H 294 -53.52 0.69 -18.04
CA SER H 294 -53.07 1.60 -17.01
C SER H 294 -54.06 1.87 -15.89
N PRO H 295 -53.58 2.21 -14.67
CA PRO H 295 -54.51 2.56 -13.60
C PRO H 295 -54.92 4.02 -13.74
N ILE H 296 -55.83 4.49 -12.88
CA ILE H 296 -56.26 5.88 -12.85
C ILE H 296 -56.05 6.44 -11.42
N PRO H 297 -54.80 6.54 -10.90
CA PRO H 297 -54.61 7.07 -9.54
C PRO H 297 -55.03 8.54 -9.46
N GLY H 298 -55.65 8.93 -8.36
CA GLY H 298 -56.14 10.29 -8.16
C GLY H 298 -57.59 10.47 -8.55
N PHE H 299 -58.24 9.40 -9.07
CA PHE H 299 -59.65 9.44 -9.46
C PHE H 299 -60.62 9.52 -8.28
N THR H 300 -60.72 8.46 -7.43
CA THR H 300 -61.63 8.43 -6.27
C THR H 300 -61.54 9.68 -5.39
N LYS H 301 -60.29 10.18 -5.16
CA LYS H 301 -60.06 11.41 -4.37
C LYS H 301 -60.71 12.61 -5.05
N TRP H 302 -60.53 12.74 -6.38
CA TRP H 302 -61.11 13.81 -7.20
C TRP H 302 -62.64 13.78 -7.14
N LEU H 303 -63.22 12.58 -7.08
CA LEU H 303 -64.67 12.43 -6.99
C LEU H 303 -65.17 12.94 -5.66
N LEU H 304 -64.60 12.42 -4.54
CA LEU H 304 -64.92 12.80 -3.16
C LEU H 304 -64.71 14.28 -2.90
N GLY H 305 -63.65 14.83 -3.51
CA GLY H 305 -63.31 16.25 -3.45
C GLY H 305 -64.45 17.12 -3.95
N LEU H 306 -65.07 16.70 -5.08
CA LEU H 306 -66.21 17.38 -5.69
C LEU H 306 -67.50 17.03 -5.01
N LEU H 307 -67.72 15.72 -4.75
CA LEU H 307 -68.90 15.16 -4.08
C LEU H 307 -68.90 15.56 -2.61
N ASN H 308 -68.94 16.86 -2.39
CA ASN H 308 -68.95 17.57 -1.10
C ASN H 308 -69.45 18.96 -1.44
N SER H 309 -68.80 19.58 -2.46
CA SER H 309 -69.09 20.91 -3.00
C SER H 309 -70.48 20.89 -3.64
N GLN H 310 -70.64 20.10 -4.73
CA GLN H 310 -71.90 19.94 -5.47
C GLN H 310 -72.94 19.09 -4.73
N GLU H 318 -77.12 17.10 -9.57
CA GLU H 318 -76.00 17.91 -10.05
C GLU H 318 -75.00 17.10 -10.90
N LEU H 319 -74.27 16.15 -10.28
CA LEU H 319 -73.29 15.25 -10.90
C LEU H 319 -73.96 14.00 -11.49
N PHE H 320 -75.19 13.71 -11.00
CA PHE H 320 -76.00 12.55 -11.37
C PHE H 320 -77.32 13.02 -11.96
N THR H 321 -78.06 12.10 -12.62
CA THR H 321 -79.38 12.38 -13.16
C THR H 321 -80.34 12.27 -11.97
N ASP H 322 -81.63 12.60 -12.19
CA ASP H 322 -82.68 12.45 -11.20
C ASP H 322 -82.99 10.97 -11.11
N SER H 323 -83.14 10.28 -12.27
CA SER H 323 -83.40 8.85 -12.39
C SER H 323 -82.32 7.99 -11.71
N GLU H 324 -81.07 8.48 -11.72
CA GLU H 324 -79.93 7.82 -11.07
C GLU H 324 -79.94 8.17 -9.59
N CYS H 325 -80.26 9.46 -9.25
CA CYS H 325 -80.36 9.96 -7.88
C CYS H 325 -81.43 9.20 -7.12
N LYS H 326 -82.62 9.01 -7.74
CA LYS H 326 -83.76 8.28 -7.19
C LYS H 326 -83.39 6.81 -6.92
N GLU H 327 -82.61 6.20 -7.83
CA GLU H 327 -82.15 4.82 -7.77
C GLU H 327 -81.12 4.52 -6.69
N ILE H 328 -79.93 5.20 -6.70
CA ILE H 328 -78.85 5.00 -5.72
C ILE H 328 -79.43 5.01 -4.31
N SER H 329 -80.20 6.07 -3.98
CA SER H 329 -80.87 6.28 -2.70
C SER H 329 -81.86 5.17 -2.39
N GLU H 330 -82.60 4.66 -3.40
CA GLU H 330 -83.53 3.53 -3.22
C GLU H 330 -82.75 2.26 -2.83
N ILE H 331 -81.51 2.12 -3.35
CA ILE H 331 -80.63 0.98 -3.05
C ILE H 331 -80.04 1.13 -1.63
N THR H 332 -79.49 2.30 -1.32
CA THR H 332 -78.84 2.57 -0.04
C THR H 332 -79.81 2.76 1.12
N GLY H 333 -80.72 3.73 1.00
CA GLY H 333 -81.70 4.07 2.01
C GLY H 333 -81.64 5.53 2.44
N GLY H 334 -80.50 6.16 2.20
CA GLY H 334 -80.27 7.56 2.57
C GLY H 334 -80.20 8.60 1.47
N PRO H 335 -80.23 9.92 1.84
CA PRO H 335 -80.16 11.01 0.84
C PRO H 335 -79.54 10.76 -0.53
N ILE H 336 -78.18 10.79 -0.69
CA ILE H 336 -77.38 10.62 -1.93
C ILE H 336 -76.02 11.32 -1.79
N ASN H 337 -76.04 12.64 -1.55
CA ASN H 337 -74.83 13.45 -1.41
C ASN H 337 -74.10 13.32 -0.07
N GLU H 338 -74.73 12.56 0.86
CA GLU H 338 -74.19 12.17 2.15
C GLU H 338 -73.93 10.68 1.99
N THR H 339 -74.85 9.96 1.27
CA THR H 339 -74.75 8.54 0.98
C THR H 339 -73.47 8.18 0.24
N LEU H 340 -73.36 8.56 -1.06
CA LEU H 340 -72.20 8.30 -1.93
C LEU H 340 -70.90 8.62 -1.23
N LYS H 341 -70.81 9.83 -0.63
CA LYS H 341 -69.66 10.34 0.13
C LYS H 341 -69.08 9.26 1.05
N LEU H 342 -69.95 8.62 1.86
CA LEU H 342 -69.62 7.55 2.80
C LEU H 342 -69.10 6.27 2.18
N LEU H 343 -69.96 5.53 1.45
CA LEU H 343 -69.64 4.26 0.79
C LEU H 343 -68.55 4.28 -0.27
N LEU H 344 -68.36 5.44 -0.93
CA LEU H 344 -67.29 5.59 -1.93
C LEU H 344 -65.94 5.72 -1.23
N SER H 345 -65.89 6.48 -0.11
CA SER H 345 -64.71 6.63 0.72
C SER H 345 -64.76 5.54 1.80
N SER H 346 -64.78 4.28 1.36
CA SER H 346 -64.86 3.12 2.25
C SER H 346 -64.36 1.86 1.58
N SER H 347 -64.53 1.76 0.24
CA SER H 347 -64.19 0.59 -0.60
C SER H 347 -65.08 -0.62 -0.30
N GLU H 348 -66.26 -0.39 0.29
CA GLU H 348 -67.21 -1.42 0.68
C GLU H 348 -68.39 -1.53 -0.27
N TRP H 349 -68.70 -0.44 -1.02
CA TRP H 349 -69.81 -0.36 -1.99
C TRP H 349 -69.85 -1.50 -3.00
N VAL H 350 -68.65 -2.04 -3.36
CA VAL H 350 -68.44 -3.12 -4.33
C VAL H 350 -69.17 -4.42 -4.01
N GLN H 351 -69.45 -4.64 -2.72
CA GLN H 351 -70.15 -5.82 -2.20
C GLN H 351 -71.60 -5.94 -2.64
N SER H 352 -72.26 -4.82 -2.96
CA SER H 352 -73.64 -4.84 -3.42
C SER H 352 -73.67 -4.79 -4.93
N GLU H 353 -73.97 -5.94 -5.57
CA GLU H 353 -74.06 -6.07 -7.03
C GLU H 353 -75.11 -5.14 -7.63
N LYS H 354 -76.20 -4.90 -6.86
CA LYS H 354 -77.32 -3.99 -7.14
C LYS H 354 -76.76 -2.58 -7.38
N LEU H 355 -75.84 -2.16 -6.47
CA LEU H 355 -75.15 -0.88 -6.44
C LEU H 355 -74.03 -0.79 -7.49
N VAL H 356 -73.26 -1.87 -7.71
CA VAL H 356 -72.18 -1.98 -8.71
C VAL H 356 -72.74 -1.62 -10.10
N ARG H 357 -73.90 -2.23 -10.45
CA ARG H 357 -74.61 -2.05 -11.72
C ARG H 357 -75.16 -0.65 -11.94
N ALA H 358 -75.84 -0.07 -10.93
CA ALA H 358 -76.42 1.27 -11.01
C ALA H 358 -75.35 2.36 -11.11
N LEU H 359 -74.25 2.22 -10.35
CA LEU H 359 -73.12 3.17 -10.32
C LEU H 359 -72.31 3.19 -11.61
N GLN H 360 -72.40 2.12 -12.43
CA GLN H 360 -71.65 1.99 -13.69
C GLN H 360 -71.74 3.16 -14.66
N THR H 361 -72.92 3.41 -15.28
CA THR H 361 -73.18 4.53 -16.22
C THR H 361 -72.59 5.86 -15.72
N PRO H 362 -72.97 6.37 -14.50
CA PRO H 362 -72.45 7.68 -14.08
C PRO H 362 -70.97 7.77 -13.74
N LEU H 363 -70.41 6.71 -13.12
CA LEU H 363 -69.00 6.67 -12.74
C LEU H 363 -68.10 6.67 -13.96
N MET H 364 -68.50 5.89 -14.99
CA MET H 364 -67.79 5.80 -16.27
C MET H 364 -67.80 7.17 -16.92
N ARG H 365 -68.98 7.83 -16.90
CA ARG H 365 -69.20 9.17 -17.40
C ARG H 365 -68.29 10.17 -16.67
N LEU H 366 -68.30 10.15 -15.32
CA LEU H 366 -67.48 11.00 -14.44
C LEU H 366 -65.99 10.86 -14.67
N CYS H 367 -65.52 9.60 -14.82
CA CYS H 367 -64.12 9.23 -15.09
C CYS H 367 -63.68 9.77 -16.42
N ALA H 368 -64.51 9.59 -17.48
CA ALA H 368 -64.26 10.05 -18.84
C ALA H 368 -63.99 11.55 -18.87
N TRP H 369 -64.63 12.32 -17.96
CA TRP H 369 -64.39 13.76 -17.83
C TRP H 369 -63.03 13.94 -17.17
N TYR H 370 -62.84 13.37 -15.96
CA TYR H 370 -61.62 13.43 -15.15
C TYR H 370 -60.33 13.27 -15.97
N LEU H 371 -60.32 12.40 -16.99
CA LEU H 371 -59.14 12.20 -17.83
C LEU H 371 -59.03 13.27 -18.92
N TYR H 372 -60.07 13.35 -19.77
CA TYR H 372 -60.21 14.20 -20.95
C TYR H 372 -60.56 15.69 -20.73
N GLY H 373 -61.47 15.98 -19.80
CA GLY H 373 -61.92 17.35 -19.51
C GLY H 373 -61.16 18.10 -18.43
N GLU H 374 -60.80 17.40 -17.34
CA GLU H 374 -60.07 17.97 -16.20
C GLU H 374 -58.61 18.17 -16.55
N LYS H 375 -58.12 19.42 -16.42
CA LYS H 375 -56.76 19.81 -16.78
C LYS H 375 -56.00 20.45 -15.61
N HIS H 376 -54.66 20.48 -15.70
CA HIS H 376 -53.74 21.12 -14.77
C HIS H 376 -52.77 21.87 -15.67
N ARG H 377 -52.98 23.20 -15.81
CA ARG H 377 -52.22 24.10 -16.70
C ARG H 377 -52.42 23.62 -18.15
N GLY H 378 -53.66 23.19 -18.42
CA GLY H 378 -54.14 22.65 -19.70
C GLY H 378 -53.45 21.39 -20.18
N TYR H 379 -52.90 20.57 -19.26
CA TYR H 379 -52.16 19.36 -19.63
C TYR H 379 -52.63 18.03 -19.06
N ALA H 380 -53.93 17.85 -18.78
CA ALA H 380 -54.51 16.65 -18.16
C ALA H 380 -54.07 16.55 -16.70
N LEU H 381 -55.04 16.52 -15.79
CA LEU H 381 -54.80 16.47 -14.34
C LEU H 381 -54.10 15.17 -13.92
N ASN H 382 -54.55 14.03 -14.47
CA ASN H 382 -54.00 12.71 -14.14
C ASN H 382 -52.57 12.44 -14.66
N PRO H 383 -51.62 12.18 -13.74
CA PRO H 383 -50.21 11.93 -14.13
C PRO H 383 -50.03 10.80 -15.14
N VAL H 384 -50.69 9.62 -14.92
CA VAL H 384 -50.59 8.44 -15.80
C VAL H 384 -51.06 8.81 -17.20
N ALA H 385 -52.21 9.54 -17.29
CA ALA H 385 -52.80 10.04 -18.53
C ALA H 385 -51.77 10.86 -19.27
N ASN H 386 -51.18 11.89 -18.58
CA ASN H 386 -50.15 12.77 -19.14
C ASN H 386 -49.03 11.96 -19.79
N PHE H 387 -48.41 11.04 -19.03
CA PHE H 387 -47.32 10.17 -19.47
C PHE H 387 -47.60 9.51 -20.82
N HIS H 388 -48.70 8.75 -20.93
CA HIS H 388 -49.09 8.06 -22.16
C HIS H 388 -49.51 9.03 -23.25
N LEU H 389 -50.20 10.12 -22.87
CA LEU H 389 -50.62 11.17 -23.82
C LEU H 389 -49.42 11.84 -24.46
N GLN H 390 -48.37 12.13 -23.66
CA GLN H 390 -47.08 12.71 -24.04
C GLN H 390 -46.43 11.91 -25.16
N ASN H 391 -46.43 10.58 -24.99
CA ASN H 391 -45.80 9.62 -25.89
C ASN H 391 -46.56 9.43 -27.21
N GLY H 392 -47.79 9.93 -27.27
CA GLY H 392 -48.63 9.87 -28.45
C GLY H 392 -49.70 8.80 -28.41
N ALA H 393 -49.94 8.18 -27.23
CA ALA H 393 -50.97 7.15 -27.06
C ALA H 393 -52.35 7.77 -27.17
N VAL H 394 -53.34 6.97 -27.60
CA VAL H 394 -54.73 7.38 -27.71
C VAL H 394 -55.40 6.95 -26.42
N LEU H 395 -56.26 7.83 -25.86
CA LEU H 395 -57.08 7.51 -24.70
C LEU H 395 -58.16 6.60 -25.29
N TRP H 396 -57.81 5.32 -25.45
CA TRP H 396 -58.63 4.33 -26.13
C TRP H 396 -59.90 3.82 -25.47
N ARG H 397 -59.86 3.37 -24.22
CA ARG H 397 -61.07 2.79 -23.61
C ARG H 397 -61.04 2.84 -22.10
N ILE H 398 -62.19 3.15 -21.50
CA ILE H 398 -62.40 3.16 -20.06
C ILE H 398 -63.05 1.82 -19.70
N ASN H 399 -62.52 1.17 -18.65
CA ASN H 399 -62.98 -0.14 -18.22
C ASN H 399 -63.63 -0.19 -16.85
N TRP H 400 -64.84 -0.78 -16.79
CA TRP H 400 -65.60 -0.97 -15.55
C TRP H 400 -65.08 -2.19 -14.81
N MET H 401 -65.17 -2.21 -13.45
CA MET H 401 -64.67 -3.28 -12.57
C MET H 401 -63.43 -3.94 -13.14
N ALA H 402 -62.48 -3.09 -13.57
CA ALA H 402 -61.25 -3.55 -14.20
C ALA H 402 -60.26 -4.03 -13.15
N ASP H 403 -60.21 -3.33 -12.00
CA ASP H 403 -59.35 -3.70 -10.87
C ASP H 403 -60.19 -3.81 -9.61
N VAL H 404 -60.52 -5.05 -9.23
CA VAL H 404 -61.32 -5.36 -8.05
C VAL H 404 -60.50 -5.63 -6.79
N SER H 405 -59.21 -5.25 -6.79
CA SER H 405 -58.36 -5.41 -5.61
C SER H 405 -58.71 -4.26 -4.68
N LEU H 406 -58.36 -4.38 -3.39
CA LEU H 406 -58.65 -3.33 -2.42
C LEU H 406 -57.99 -2.01 -2.83
N ARG H 407 -56.76 -2.08 -3.39
CA ARG H 407 -55.96 -0.94 -3.85
C ARG H 407 -56.61 -0.20 -5.03
N GLY H 408 -57.20 -0.97 -5.95
CA GLY H 408 -57.89 -0.48 -7.14
C GLY H 408 -59.17 0.26 -6.82
N ILE H 409 -60.07 -0.39 -6.03
CA ILE H 409 -61.37 0.15 -5.60
C ILE H 409 -61.22 1.50 -4.90
N THR H 410 -60.21 1.59 -4.00
CA THR H 410 -59.89 2.79 -3.24
C THR H 410 -59.46 3.92 -4.16
N GLY H 411 -58.32 3.75 -4.84
CA GLY H 411 -57.73 4.74 -5.74
C GLY H 411 -58.59 5.22 -6.89
N SER H 412 -59.26 4.30 -7.62
CA SER H 412 -60.08 4.66 -8.78
C SER H 412 -61.36 3.83 -8.99
N CYS H 413 -62.11 3.52 -7.91
CA CYS H 413 -63.37 2.75 -7.96
C CYS H 413 -63.36 1.58 -8.97
N GLY H 414 -62.23 0.88 -9.05
CA GLY H 414 -62.01 -0.24 -9.95
C GLY H 414 -61.97 0.07 -11.43
N LEU H 415 -61.71 1.34 -11.79
CA LEU H 415 -61.63 1.74 -13.20
C LEU H 415 -60.19 1.72 -13.65
N MET H 416 -59.95 1.28 -14.88
CA MET H 416 -58.63 1.23 -15.50
C MET H 416 -58.77 1.69 -16.93
N ALA H 417 -57.92 2.60 -17.35
CA ALA H 417 -57.96 3.14 -18.70
C ALA H 417 -57.03 2.38 -19.62
N ASN H 418 -57.33 2.40 -20.93
CA ASN H 418 -56.53 1.78 -21.97
C ASN H 418 -55.90 2.86 -22.81
N TYR H 419 -54.58 2.97 -22.74
CA TYR H 419 -53.85 3.93 -23.53
C TYR H 419 -53.27 3.13 -24.66
N ARG H 420 -53.85 3.32 -25.85
CA ARG H 420 -53.47 2.59 -27.05
C ARG H 420 -52.46 3.32 -27.91
N TYR H 421 -51.31 2.65 -28.14
CA TYR H 421 -50.23 3.17 -28.96
C TYR H 421 -50.39 2.74 -30.40
N PHE H 422 -50.53 3.71 -31.30
CA PHE H 422 -50.61 3.41 -32.72
C PHE H 422 -49.27 3.83 -33.28
N LEU H 423 -48.35 2.83 -33.40
CA LEU H 423 -46.97 2.91 -33.91
C LEU H 423 -46.82 4.06 -34.89
N GLU H 424 -47.68 4.05 -35.93
CA GLU H 424 -47.74 4.99 -37.05
C GLU H 424 -48.10 6.43 -36.67
N GLU H 425 -49.18 6.67 -35.89
CA GLU H 425 -49.60 8.03 -35.52
C GLU H 425 -49.00 8.65 -34.23
N THR H 426 -48.04 7.96 -33.54
CA THR H 426 -47.37 8.46 -32.31
C THR H 426 -46.67 9.82 -32.40
N GLY H 427 -46.03 10.10 -33.53
CA GLY H 427 -45.33 11.37 -33.78
C GLY H 427 -46.32 12.52 -33.82
N PRO H 428 -47.27 12.52 -34.79
CA PRO H 428 -48.27 13.62 -34.85
C PRO H 428 -49.07 13.77 -33.54
N ASN H 429 -49.54 12.65 -32.95
CA ASN H 429 -50.31 12.61 -31.70
C ASN H 429 -49.57 13.25 -30.54
N SER H 430 -48.23 13.06 -30.49
CA SER H 430 -47.34 13.64 -29.49
C SER H 430 -47.32 15.16 -29.66
N THR H 431 -47.02 15.65 -30.89
CA THR H 431 -47.01 17.07 -31.24
C THR H 431 -48.33 17.72 -30.85
N SER H 432 -49.48 17.12 -31.31
CA SER H 432 -50.84 17.58 -31.02
C SER H 432 -51.00 17.78 -29.53
N TYR H 433 -50.62 16.76 -28.73
CA TYR H 433 -50.70 16.81 -27.27
C TYR H 433 -49.78 17.83 -26.62
N LEU H 434 -48.52 17.91 -27.07
CA LEU H 434 -47.56 18.81 -26.43
C LEU H 434 -47.67 20.26 -26.85
N GLY H 435 -47.64 20.50 -28.15
CA GLY H 435 -47.73 21.85 -28.71
C GLY H 435 -49.09 22.49 -28.51
N SER H 436 -50.16 21.81 -28.97
CA SER H 436 -51.54 22.28 -28.94
C SER H 436 -52.42 21.84 -27.75
N LYS H 437 -51.88 21.02 -26.83
CA LYS H 437 -52.60 20.50 -25.64
C LYS H 437 -53.87 19.68 -25.99
N ILE H 438 -53.87 19.04 -27.19
CA ILE H 438 -54.96 18.22 -27.74
C ILE H 438 -54.86 16.73 -27.33
N ILE H 439 -56.00 16.12 -26.97
CA ILE H 439 -56.08 14.70 -26.61
C ILE H 439 -56.84 13.90 -27.68
N LYS H 440 -56.17 12.89 -28.29
CA LYS H 440 -56.84 12.01 -29.24
C LYS H 440 -57.56 10.96 -28.39
N ALA H 441 -58.88 10.85 -28.53
CA ALA H 441 -59.71 9.94 -27.75
C ALA H 441 -60.65 9.11 -28.63
N SER H 442 -60.91 7.86 -28.20
CA SER H 442 -61.80 6.92 -28.88
C SER H 442 -63.24 7.44 -28.88
N GLU H 443 -64.08 6.82 -29.72
CA GLU H 443 -65.51 7.10 -29.81
C GLU H 443 -66.15 6.76 -28.47
N GLN H 444 -65.70 5.62 -27.86
CA GLN H 444 -66.15 5.12 -26.54
C GLN H 444 -65.94 6.18 -25.45
N VAL H 445 -64.81 6.91 -25.50
CA VAL H 445 -64.46 7.96 -24.53
C VAL H 445 -65.24 9.23 -24.84
N LEU H 446 -65.15 9.73 -26.10
CA LEU H 446 -65.83 10.93 -26.58
C LEU H 446 -67.32 10.90 -26.23
N SER H 447 -67.96 9.73 -26.44
CA SER H 447 -69.37 9.47 -26.11
C SER H 447 -69.69 9.82 -24.66
N LEU H 448 -68.86 9.32 -23.72
CA LEU H 448 -69.04 9.52 -22.29
C LEU H 448 -68.83 10.95 -21.84
N VAL H 449 -67.87 11.67 -22.46
CA VAL H 449 -67.59 13.08 -22.20
C VAL H 449 -68.85 13.86 -22.60
N ALA H 450 -69.43 13.57 -23.80
CA ALA H 450 -70.65 14.17 -24.35
C ALA H 450 -71.82 14.03 -23.40
N GLN H 451 -71.90 12.86 -22.74
CA GLN H 451 -72.91 12.53 -21.76
C GLN H 451 -72.74 13.39 -20.52
N PHE H 452 -71.47 13.59 -20.09
CA PHE H 452 -71.11 14.44 -18.94
C PHE H 452 -71.47 15.88 -19.23
N GLN H 453 -71.17 16.36 -20.46
CA GLN H 453 -71.39 17.72 -20.94
C GLN H 453 -72.78 18.29 -20.74
N LYS H 454 -73.82 17.44 -20.56
CA LYS H 454 -75.20 17.89 -20.30
C LYS H 454 -75.25 18.46 -18.90
N ASN H 455 -74.57 17.76 -17.96
CA ASN H 455 -74.55 18.00 -16.53
C ASN H 455 -73.15 18.06 -15.88
#